data_6V8Z
#
_entry.id   6V8Z
#
_cell.length_a   1.00
_cell.length_b   1.00
_cell.length_c   1.00
_cell.angle_alpha   90.00
_cell.angle_beta   90.00
_cell.angle_gamma   90.00
#
_symmetry.space_group_name_H-M   'P 1'
#
loop_
_entity.id
_entity.type
_entity.pdbx_description
1 polymer 'Envelope glycoprotein gp120'
2 polymer 'envelope glycoprotein gp41'
3 polymer '10-1074 Fab Heavy Chain'
4 polymer '10-1074 Fab Light Chain'
5 polymer 'VRC03 Fab Heavy Chain'
6 polymer 'VRC03 Fab Light Chain'
7 branched 2-acetamido-2-deoxy-beta-D-glucopyranose-(1-4)-2-acetamido-2-deoxy-beta-D-glucopyranose
8 branched beta-D-mannopyranose-(1-4)-2-acetamido-2-deoxy-beta-D-glucopyranose-(1-4)-2-acetamido-2-deoxy-beta-D-glucopyranose
9 branched alpha-D-mannopyranose-(1-2)-alpha-D-mannopyranose-(1-2)-alpha-D-mannopyranose-(1-3)-[alpha-D-mannopyranose-(1-6)-alpha-D-mannopyranose-(1-6)]beta-D-mannopyranose-(1-4)-2-acetamido-2-deoxy-beta-D-glucopyranose-(1-4)-2-acetamido-2-deoxy-beta-D-glucopyranose
10 branched alpha-D-mannopyranose-(1-3)-beta-D-mannopyranose-(1-4)-2-acetamido-2-deoxy-beta-D-glucopyranose-(1-4)-2-acetamido-2-deoxy-beta-D-glucopyranose
11 non-polymer 2-acetamido-2-deoxy-beta-D-glucopyranose
#
loop_
_entity_poly.entity_id
_entity_poly.type
_entity_poly.pdbx_seq_one_letter_code
_entity_poly.pdbx_strand_id
1 'polypeptide(L)'
;ENLWVTVYYGVPVWKDAETTLFCASDAKAYETEKHNIWATHACVPTDPNPQEIHLENVTEEFNMWKNNMVEQMHTDIISL
WDQSLKPCVKLTPLCVTLQCTNVTNAITDDMRGELKNCSFNMTTELRDKKQKVYSLFYRLDVVQINENQGNRSNNSNKEY
RLINCNTSAITMVCPKLSFEPIPIHYCAPAGFAILKCKDKKFNGTGPCPSVSTVQCTHGIKPVLSTQLLLNGSLAEEEVM
IRSENITNNAKNILVQFNTPVQINCTRPLNLTRKSIRIGPGQAFYAMGDIIGDIRQAHCNVSKATWNETLGKVVKQLRKH
FGNNTIIRFANSSGGDLEVTTHSFNCGGEFFYCNTSGLFNSTWISNTSVQGSNSTGSNDSITLPCRIKMIINMWQRIGQA
MYAPPIQGVIRCVSNITGLILTRDGGSTNSTTETFRPGGGDMRDNWRSELYKYKVVKIEPLGVAPTRCKRRV
;
A,G,M
2 'polypeptide(L)'
;VFLGFLGAAGSTMGAASMTLTVQARNLLSGIVQQQSNLLRAPEAQQHLLKLTVWGIKQLQARVLAVERYLRDQQLLGIWG
CSGKLICCTNVPWNSSWSNRNLSEIWDNMTWLQWDKEISNYTQIIYGLLEESQNQQEKNEQDLLALD
;
B,H,N
3 'polypeptide(L)'
;QVQLQESGPGLVKPSETLSVTCSVSGDSMNNYYWTWIRQSPGKGLEWIGYISDRESATYNPSLNSRVVISRDTSKNQLSL
KLNSVTPADTAVYYCATARRGQRIYGVVSFGEFFYYYSMDVWGKGTTVTVSSASTKGPSVFPLAPSSKSTSGGTAALGCL
VKDYFPEPVTVSWNSGALTSGVHTFPAVLQSSGLYSLSSVVTVPSSSLGTQTYICNVNHKPSNTKVDKRVEPKSC
;
D,J,P
4 'polypeptide(L)'
;VRPLSVALGETARISCGRQALGSRAVQWYQHRPGQAPILLIYNNQDRPSGIPERFSGTPDINFGTRATLTISGVEAGDEA
DYYCHMWDSRSGFSWSFGGATRLTVLGQPKAAPSVTLFPPSSEELQANKATLVCLISDFYPGAVTVAWKADSSPVKAGVE
TTTPSKQSNNKYAASSYLSLTPEQWKSHRSYSCQVTHEGSTVEKTVAPTEC
;
E,K,Q
5 'polypeptide(L)'
;QVQLVQSGAVIKTPGSSVKISCRASGYNFRDYSIHWVRLIPDKGFEWIGWIKPLWGAVSYARQLQGRVSMTRQLSQDPDD
PDWGVAYMEFSGLTPADTAEYFCVRRGSCDYCGDFPWQYWCQGTVVVVSSASTKGPSVFPLAPSSKSTSGGTAALGCLVK
DYFPEPVTVSWNSGALTSGVHTFPAVLQSSGLYSLSSVVTVPSSSLGTQTYICNVNHKPSNTKVDKKVEPK
;
C,I,O
6 'polypeptide(L)'
;EIVLTQSPGILSLSPGETATLFCKASQGGNAMTWYQKRRGQVPRLLIYDTSRRASGVPDRFVGSGSGTDFFLTINKLDRE
DFAVYYCQQFEFFGLGSELEVHRTVAAPSVFIFPPSDEQLKSGTASVVCLLNNFYPREAKVQWKVDNALQSGNSQESVTE
QDSKDSTYSLSSTLTLSKADYEKHKVYACEVTHQGLSSPVTKSFNRGE
;
F,L,R
#
loop_
_chem_comp.id
_chem_comp.type
_chem_comp.name
_chem_comp.formula
BMA D-saccharide, beta linking beta-D-mannopyranose 'C6 H12 O6'
MAN D-saccharide, alpha linking alpha-D-mannopyranose 'C6 H12 O6'
NAG D-saccharide, beta linking 2-acetamido-2-deoxy-beta-D-glucopyranose 'C8 H15 N O6'
#
# COMPACT_ATOMS: atom_id res chain seq x y z
N GLU A 1 -19.74 -62.21 -47.96
CA GLU A 1 -19.45 -61.37 -49.12
C GLU A 1 -18.08 -60.74 -48.97
N ASN A 2 -17.32 -60.72 -50.06
CA ASN A 2 -15.94 -60.21 -49.99
C ASN A 2 -15.98 -58.70 -50.25
N LEU A 3 -15.75 -57.94 -49.19
CA LEU A 3 -15.82 -56.49 -49.26
C LEU A 3 -14.51 -55.86 -48.81
N TRP A 4 -14.37 -54.56 -49.04
CA TRP A 4 -13.14 -53.85 -48.72
C TRP A 4 -13.47 -52.53 -48.04
N VAL A 5 -12.68 -52.19 -47.00
CA VAL A 5 -12.93 -50.99 -46.20
C VAL A 5 -12.77 -49.75 -47.07
N THR A 6 -13.70 -48.81 -46.94
CA THR A 6 -13.51 -47.47 -47.46
C THR A 6 -13.54 -46.50 -46.30
N VAL A 7 -12.93 -45.34 -46.49
CA VAL A 7 -12.70 -44.38 -45.41
C VAL A 7 -13.36 -43.06 -45.76
N TYR A 8 -14.21 -42.57 -44.87
CA TYR A 8 -15.02 -41.39 -45.08
C TYR A 8 -14.68 -40.33 -44.05
N TYR A 9 -14.49 -39.10 -44.50
CA TYR A 9 -14.13 -38.00 -43.61
C TYR A 9 -15.18 -36.90 -43.75
N GLY A 10 -15.73 -36.48 -42.62
CA GLY A 10 -16.80 -35.52 -42.57
C GLY A 10 -18.14 -36.09 -42.20
N VAL A 11 -18.17 -37.31 -41.69
CA VAL A 11 -19.41 -38.03 -41.39
C VAL A 11 -20.06 -37.43 -40.15
N PRO A 12 -21.35 -37.09 -40.19
CA PRO A 12 -22.03 -36.43 -39.06
C PRO A 12 -22.34 -37.36 -37.90
N VAL A 13 -21.34 -37.64 -37.07
CA VAL A 13 -21.57 -38.39 -35.83
C VAL A 13 -20.96 -37.61 -34.68
N TRP A 14 -21.36 -38.00 -33.46
CA TRP A 14 -21.12 -37.25 -32.24
C TRP A 14 -20.59 -38.18 -31.16
N LYS A 15 -19.91 -37.59 -30.18
CA LYS A 15 -19.74 -38.20 -28.87
C LYS A 15 -19.99 -37.10 -27.85
N ASP A 16 -20.39 -37.47 -26.65
CA ASP A 16 -20.61 -36.48 -25.62
C ASP A 16 -19.28 -35.95 -25.14
N ALA A 17 -19.25 -34.69 -24.69
CA ALA A 17 -17.98 -34.09 -24.35
C ALA A 17 -18.14 -33.08 -23.23
N GLU A 18 -17.00 -32.62 -22.76
CA GLU A 18 -16.89 -31.59 -21.73
C GLU A 18 -15.86 -30.59 -22.20
N THR A 19 -16.24 -29.31 -22.25
CA THR A 19 -15.29 -28.28 -22.65
C THR A 19 -15.66 -26.94 -22.05
N THR A 20 -14.82 -25.96 -22.32
CA THR A 20 -15.00 -24.61 -21.84
C THR A 20 -15.48 -23.74 -23.00
N LEU A 21 -16.57 -23.02 -22.79
CA LEU A 21 -17.19 -22.25 -23.84
C LEU A 21 -16.71 -20.80 -23.84
N PHE A 22 -17.16 -20.09 -24.85
CA PHE A 22 -16.84 -18.69 -25.19
C PHE A 22 -17.77 -17.74 -24.49
N CYS A 23 -17.31 -16.64 -23.90
CA CYS A 23 -18.32 -15.77 -23.27
C CYS A 23 -19.27 -15.21 -24.33
N ALA A 24 -18.76 -14.61 -25.40
CA ALA A 24 -19.54 -14.07 -26.53
C ALA A 24 -20.71 -13.13 -26.20
N SER A 25 -20.46 -11.95 -25.65
CA SER A 25 -21.54 -10.96 -25.38
C SER A 25 -21.86 -10.14 -26.63
N ASP A 26 -22.97 -9.40 -26.59
CA ASP A 26 -23.37 -8.45 -27.66
C ASP A 26 -22.54 -7.17 -27.55
N ALA A 27 -22.41 -6.37 -28.62
CA ALA A 27 -21.53 -5.18 -28.46
C ALA A 27 -21.96 -4.03 -29.38
N LYS A 28 -21.65 -2.80 -28.96
CA LYS A 28 -21.94 -1.59 -29.70
C LYS A 28 -20.68 -0.77 -29.74
N ALA A 29 -20.81 0.52 -30.06
CA ALA A 29 -19.67 1.42 -29.97
C ALA A 29 -19.21 1.57 -28.53
N TYR A 30 -20.12 1.98 -27.62
CA TYR A 30 -19.85 2.24 -26.21
C TYR A 30 -18.71 3.25 -26.03
N GLU A 31 -18.83 4.39 -26.70
CA GLU A 31 -17.76 5.39 -26.70
C GLU A 31 -17.74 6.21 -25.41
N THR A 32 -18.91 6.40 -24.78
CA THR A 32 -19.00 7.13 -23.52
C THR A 32 -19.50 6.23 -22.39
N GLU A 33 -19.86 4.99 -22.71
CA GLU A 33 -20.43 4.09 -21.74
C GLU A 33 -19.34 3.64 -20.79
N LYS A 34 -19.71 3.56 -19.51
CA LYS A 34 -18.75 3.32 -18.41
C LYS A 34 -18.25 1.88 -18.48
N HIS A 35 -17.04 1.52 -18.09
CA HIS A 35 -16.67 0.09 -18.27
C HIS A 35 -17.70 -0.75 -17.55
N ASN A 36 -18.28 -1.80 -18.13
CA ASN A 36 -19.33 -2.57 -17.40
C ASN A 36 -18.79 -3.92 -16.98
N ILE A 37 -18.78 -4.21 -15.69
CA ILE A 37 -18.15 -5.45 -15.17
C ILE A 37 -18.63 -6.75 -15.84
N TRP A 38 -19.90 -6.93 -16.21
CA TRP A 38 -20.34 -8.22 -16.79
C TRP A 38 -19.66 -8.56 -18.12
N ALA A 39 -19.47 -7.60 -19.01
CA ALA A 39 -18.79 -7.86 -20.31
C ALA A 39 -17.46 -7.13 -20.28
N THR A 40 -17.05 -6.49 -21.37
CA THR A 40 -15.77 -5.72 -21.46
C THR A 40 -14.60 -6.65 -21.10
N HIS A 41 -13.59 -6.75 -21.96
CA HIS A 41 -12.38 -7.58 -21.70
C HIS A 41 -12.78 -8.97 -21.22
N ALA A 42 -13.60 -9.68 -21.98
CA ALA A 42 -14.01 -11.04 -21.60
C ALA A 42 -14.79 -11.59 -22.78
N CYS A 43 -15.57 -10.71 -23.40
CA CYS A 43 -16.48 -11.06 -24.50
C CYS A 43 -15.99 -10.51 -25.82
N VAL A 44 -16.59 -10.99 -26.91
CA VAL A 44 -16.32 -10.53 -28.29
C VAL A 44 -17.68 -10.25 -28.94
N PRO A 45 -17.83 -9.28 -29.85
CA PRO A 45 -19.13 -9.00 -30.51
C PRO A 45 -19.77 -10.22 -31.19
N THR A 46 -21.07 -10.38 -30.97
CA THR A 46 -21.88 -11.58 -31.31
C THR A 46 -22.20 -11.85 -32.80
N ASP A 47 -22.09 -13.12 -33.23
CA ASP A 47 -22.58 -13.44 -34.56
C ASP A 47 -23.99 -12.87 -34.63
N PRO A 48 -24.28 -11.99 -35.59
CA PRO A 48 -25.63 -11.40 -35.65
C PRO A 48 -26.68 -12.34 -36.23
N ASN A 49 -26.30 -13.51 -36.71
CA ASN A 49 -27.25 -14.43 -37.38
C ASN A 49 -27.02 -15.86 -36.92
N PRO A 50 -27.65 -16.26 -35.81
CA PRO A 50 -27.66 -17.68 -35.46
C PRO A 50 -28.58 -18.46 -36.38
N GLN A 51 -28.13 -19.64 -36.79
CA GLN A 51 -28.89 -20.50 -37.69
C GLN A 51 -29.28 -21.76 -36.93
N GLU A 52 -30.57 -22.02 -36.82
CA GLU A 52 -31.04 -23.15 -36.02
C GLU A 52 -31.41 -24.28 -36.99
N ILE A 53 -30.43 -25.11 -37.31
CA ILE A 53 -30.59 -26.18 -38.29
C ILE A 53 -31.34 -27.34 -37.65
N HIS A 54 -32.61 -27.48 -37.99
CA HIS A 54 -33.46 -28.50 -37.40
C HIS A 54 -33.10 -29.89 -37.92
N LEU A 55 -32.81 -30.81 -37.02
CA LEU A 55 -32.44 -32.16 -37.40
C LEU A 55 -33.67 -33.02 -37.58
N GLU A 56 -33.57 -34.01 -38.46
CA GLU A 56 -34.62 -34.99 -38.64
C GLU A 56 -34.25 -36.23 -37.84
N ASN A 57 -35.26 -36.91 -37.29
CA ASN A 57 -35.17 -38.29 -36.82
C ASN A 57 -34.25 -38.52 -35.61
N VAL A 58 -33.57 -37.47 -35.14
CA VAL A 58 -32.58 -37.57 -34.08
C VAL A 58 -33.32 -37.54 -32.74
N THR A 59 -32.95 -38.44 -31.84
CA THR A 59 -33.51 -38.52 -30.50
C THR A 59 -32.37 -38.66 -29.51
N GLU A 60 -32.08 -37.60 -28.75
CA GLU A 60 -30.94 -37.56 -27.85
C GLU A 60 -31.39 -37.50 -26.41
N GLU A 61 -30.53 -37.97 -25.52
CA GLU A 61 -30.77 -37.95 -24.09
C GLU A 61 -30.07 -36.76 -23.44
N PHE A 62 -30.84 -35.91 -22.78
CA PHE A 62 -30.33 -34.77 -22.05
C PHE A 62 -30.45 -35.02 -20.57
N ASN A 63 -29.74 -34.21 -19.78
CA ASN A 63 -29.81 -34.30 -18.32
C ASN A 63 -29.40 -32.94 -17.78
N MET A 64 -30.34 -32.24 -17.14
CA MET A 64 -30.05 -30.92 -16.62
C MET A 64 -29.46 -30.96 -15.21
N TRP A 65 -29.41 -32.12 -14.59
CA TRP A 65 -28.94 -32.19 -13.22
C TRP A 65 -27.48 -32.62 -13.13
N LYS A 66 -26.84 -32.90 -14.27
CA LYS A 66 -25.43 -33.22 -14.33
C LYS A 66 -24.71 -32.36 -15.37
N ASN A 67 -25.29 -31.22 -15.72
CA ASN A 67 -24.76 -30.36 -16.77
C ASN A 67 -23.55 -29.62 -16.22
N ASN A 68 -22.61 -29.29 -17.10
CA ASN A 68 -21.42 -28.54 -16.69
C ASN A 68 -21.53 -27.06 -17.00
N MET A 69 -22.48 -26.66 -17.84
CA MET A 69 -22.63 -25.24 -18.18
C MET A 69 -23.11 -24.46 -16.97
N VAL A 70 -23.91 -25.10 -16.11
CA VAL A 70 -24.32 -24.50 -14.86
C VAL A 70 -23.15 -24.45 -13.89
N GLU A 71 -22.26 -25.43 -13.98
CA GLU A 71 -21.17 -25.54 -13.02
C GLU A 71 -20.03 -24.61 -13.37
N GLN A 72 -19.91 -24.21 -14.64
CA GLN A 72 -18.86 -23.23 -14.95
C GLN A 72 -19.43 -21.83 -15.05
N MET A 73 -20.74 -21.69 -15.10
CA MET A 73 -21.28 -20.33 -15.03
C MET A 73 -21.12 -19.78 -13.64
N HIS A 74 -21.20 -20.64 -12.63
CA HIS A 74 -21.00 -20.22 -11.25
C HIS A 74 -19.54 -19.96 -10.95
N THR A 75 -18.63 -20.53 -11.75
CA THR A 75 -17.22 -20.25 -11.53
C THR A 75 -16.80 -18.98 -12.26
N ASP A 76 -17.37 -18.71 -13.44
CA ASP A 76 -17.03 -17.49 -14.16
C ASP A 76 -17.54 -16.26 -13.43
N ILE A 77 -18.69 -16.37 -12.76
CA ILE A 77 -19.28 -15.21 -12.10
C ILE A 77 -18.41 -14.77 -10.94
N ILE A 78 -17.82 -15.70 -10.21
CA ILE A 78 -16.87 -15.34 -9.16
C ILE A 78 -15.60 -14.76 -9.79
N SER A 79 -15.20 -15.26 -10.95
CA SER A 79 -13.97 -14.78 -11.54
C SER A 79 -14.16 -13.47 -12.29
N LEU A 80 -15.39 -13.13 -12.65
CA LEU A 80 -15.63 -11.83 -13.27
C LEU A 80 -15.61 -10.72 -12.24
N TRP A 81 -16.12 -10.99 -11.04
CA TRP A 81 -16.06 -9.97 -10.00
C TRP A 81 -14.66 -9.85 -9.41
N ASP A 82 -13.95 -10.96 -9.30
CA ASP A 82 -12.69 -10.93 -8.57
C ASP A 82 -11.57 -10.35 -9.44
N GLN A 83 -11.80 -10.23 -10.74
CA GLN A 83 -10.77 -9.64 -11.59
C GLN A 83 -11.03 -8.17 -11.84
N SER A 84 -12.27 -7.71 -11.66
CA SER A 84 -12.56 -6.29 -11.86
C SER A 84 -12.16 -5.48 -10.63
N LEU A 85 -12.24 -6.07 -9.45
CA LEU A 85 -12.00 -5.37 -8.20
C LEU A 85 -10.56 -5.41 -7.75
N LYS A 86 -9.60 -5.56 -8.66
CA LYS A 86 -8.20 -5.43 -8.27
C LYS A 86 -7.76 -3.97 -8.11
N PRO A 87 -7.97 -3.08 -9.08
CA PRO A 87 -7.62 -1.67 -8.93
C PRO A 87 -8.34 -0.82 -7.86
N CYS A 88 -9.54 -1.21 -7.45
CA CYS A 88 -10.41 -0.41 -6.54
C CYS A 88 -9.81 -0.11 -5.17
N VAL A 89 -10.14 1.06 -4.60
CA VAL A 89 -9.64 1.63 -3.36
C VAL A 89 -10.11 0.80 -2.18
N LYS A 90 -9.22 0.54 -1.23
CA LYS A 90 -9.61 -0.07 0.04
C LYS A 90 -10.06 1.01 1.01
N LEU A 91 -11.10 0.71 1.80
CA LEU A 91 -11.58 1.64 2.82
C LEU A 91 -10.99 1.28 4.19
N THR A 92 -9.68 1.18 4.23
CA THR A 92 -9.00 0.95 5.52
C THR A 92 -9.00 2.13 6.51
N PRO A 93 -9.05 3.41 6.13
CA PRO A 93 -9.10 4.45 7.17
C PRO A 93 -10.38 4.49 7.98
N LEU A 94 -11.50 3.97 7.47
CA LEU A 94 -12.78 4.14 8.13
C LEU A 94 -13.04 3.15 9.26
N CYS A 95 -12.01 2.49 9.77
CA CYS A 95 -12.18 1.63 10.94
C CYS A 95 -11.79 2.43 12.17
N VAL A 96 -12.63 3.43 12.48
CA VAL A 96 -12.37 4.34 13.58
C VAL A 96 -13.58 4.41 14.49
N THR A 97 -13.50 5.28 15.48
CA THR A 97 -14.58 5.41 16.45
C THR A 97 -15.56 6.49 16.00
N LEU A 98 -16.85 6.17 16.04
CA LEU A 98 -17.90 7.04 15.52
C LEU A 98 -18.73 7.62 16.66
N GLN A 99 -18.82 8.94 16.73
CA GLN A 99 -19.70 9.63 17.66
C GLN A 99 -21.03 9.86 16.97
N CYS A 100 -21.98 8.95 17.16
CA CYS A 100 -23.20 8.93 16.36
C CYS A 100 -24.39 9.29 17.24
N THR A 101 -25.53 9.48 16.58
CA THR A 101 -26.80 9.75 17.25
C THR A 101 -27.96 9.47 16.30
N ASN A 102 -29.17 9.54 16.87
CA ASN A 102 -30.40 9.37 16.12
C ASN A 102 -30.61 10.53 15.17
N VAL A 103 -31.48 10.35 14.16
CA VAL A 103 -31.80 11.44 13.26
C VAL A 103 -33.09 12.16 13.63
N THR A 104 -34.15 11.43 13.95
CA THR A 104 -35.43 12.02 14.30
C THR A 104 -35.45 12.43 15.77
N ASN A 105 -36.52 13.13 16.16
CA ASN A 105 -36.75 13.47 17.55
C ASN A 105 -37.89 12.67 18.18
N ALA A 106 -38.62 11.91 17.38
CA ALA A 106 -39.74 11.12 17.88
C ALA A 106 -39.77 9.80 17.13
N ILE A 107 -39.53 8.72 17.86
CA ILE A 107 -39.40 7.37 17.30
C ILE A 107 -40.79 6.76 17.14
N THR A 108 -41.08 6.29 15.94
CA THR A 108 -42.32 5.57 15.65
C THR A 108 -42.10 4.07 15.50
N ASP A 109 -41.00 3.66 14.87
CA ASP A 109 -40.66 2.26 14.65
C ASP A 109 -39.17 2.16 14.33
N GLY A 113 -35.57 4.17 14.75
CA GLY A 113 -35.18 4.85 13.53
C GLY A 113 -34.47 3.96 12.54
N GLU A 114 -34.21 4.51 11.35
CA GLU A 114 -33.52 3.74 10.31
C GLU A 114 -32.09 4.24 10.10
N LEU A 115 -31.91 5.51 9.80
CA LEU A 115 -30.60 6.10 9.59
C LEU A 115 -29.99 6.52 10.91
N LYS A 116 -28.66 6.69 10.92
CA LYS A 116 -27.93 7.19 12.06
C LYS A 116 -26.96 8.25 11.55
N ASN A 117 -26.71 9.27 12.37
CA ASN A 117 -25.89 10.40 11.97
C ASN A 117 -24.57 10.40 12.75
N CYS A 118 -23.46 10.26 12.04
CA CYS A 118 -22.19 9.93 12.68
C CYS A 118 -21.20 11.08 12.57
N SER A 119 -20.01 10.87 13.12
CA SER A 119 -18.95 11.87 13.13
C SER A 119 -17.60 11.21 13.35
N PHE A 120 -16.59 11.64 12.60
CA PHE A 120 -15.27 11.00 12.62
C PHE A 120 -14.21 11.95 12.08
N ASN A 121 -12.95 11.57 12.26
CA ASN A 121 -11.84 12.35 11.71
C ASN A 121 -11.46 11.84 10.32
N MET A 122 -10.93 12.74 9.52
CA MET A 122 -10.48 12.41 8.18
C MET A 122 -9.37 13.36 7.77
N THR A 123 -8.36 12.81 7.12
CA THR A 123 -7.21 13.53 6.63
C THR A 123 -7.61 14.52 5.54
N THR A 124 -7.00 15.71 5.58
CA THR A 124 -7.10 16.68 4.51
C THR A 124 -6.15 16.29 3.37
N GLU A 125 -5.84 17.26 2.52
CA GLU A 125 -4.84 17.05 1.48
C GLU A 125 -3.49 16.67 2.08
N LEU A 126 -2.96 17.53 2.94
CA LEU A 126 -1.72 17.26 3.64
C LEU A 126 -1.98 16.23 4.72
N ARG A 127 -1.23 15.13 4.70
CA ARG A 127 -1.56 13.97 5.54
C ARG A 127 -0.88 14.09 6.91
N ASP A 128 -1.13 15.22 7.57
CA ASP A 128 -0.77 15.37 8.97
C ASP A 128 -1.84 16.15 9.72
N LYS A 129 -2.84 16.62 8.99
CA LYS A 129 -3.92 17.42 9.55
C LYS A 129 -5.23 16.66 9.48
N LYS A 130 -6.00 16.73 10.57
CA LYS A 130 -7.21 15.94 10.74
C LYS A 130 -8.40 16.86 10.93
N GLN A 131 -9.53 16.50 10.33
CA GLN A 131 -10.73 17.33 10.39
C GLN A 131 -11.95 16.48 10.70
N LYS A 132 -13.00 17.11 11.22
CA LYS A 132 -14.23 16.38 11.52
C LYS A 132 -15.11 16.29 10.28
N VAL A 133 -15.53 15.06 9.96
CA VAL A 133 -16.45 14.81 8.87
C VAL A 133 -17.61 13.99 9.45
N TYR A 134 -18.77 14.07 8.80
CA TYR A 134 -19.92 13.26 9.16
C TYR A 134 -20.41 12.50 7.94
N SER A 135 -21.40 11.63 8.15
CA SER A 135 -22.05 10.81 7.13
C SER A 135 -23.36 10.29 7.72
N LEU A 136 -24.11 9.52 6.93
CA LEU A 136 -25.41 9.01 7.35
C LEU A 136 -25.51 7.52 7.11
N PHE A 137 -25.07 6.71 8.05
CA PHE A 137 -25.07 5.28 7.85
C PHE A 137 -26.37 4.64 8.32
N TYR A 138 -26.78 3.58 7.61
CA TYR A 138 -27.92 2.77 8.03
C TYR A 138 -27.59 2.03 9.31
N ARG A 139 -28.63 1.61 10.04
CA ARG A 139 -28.36 1.01 11.34
C ARG A 139 -27.94 -0.45 11.24
N LEU A 140 -28.20 -1.11 10.11
CA LEU A 140 -27.70 -2.46 9.91
C LEU A 140 -26.20 -2.50 9.73
N ASP A 141 -25.60 -1.41 9.27
CA ASP A 141 -24.18 -1.40 8.93
C ASP A 141 -23.32 -0.78 10.02
N VAL A 142 -23.87 -0.64 11.22
CA VAL A 142 -23.20 -0.03 12.35
C VAL A 142 -23.49 -0.88 13.59
N VAL A 143 -22.43 -1.28 14.29
CA VAL A 143 -22.55 -2.06 15.52
C VAL A 143 -21.91 -1.25 16.64
N GLN A 144 -22.14 -1.67 17.89
CA GLN A 144 -21.72 -0.93 19.06
C GLN A 144 -20.44 -1.51 19.65
N ILE A 145 -19.52 -0.64 20.05
CA ILE A 145 -18.29 -1.08 20.70
C ILE A 145 -18.58 -1.36 22.17
N ASN A 146 -18.94 -0.30 22.90
CA ASN A 146 -19.18 -0.41 24.35
C ASN A 146 -20.30 0.51 24.81
N ASN A 157 -20.56 9.10 21.93
CA ASN A 157 -21.67 9.06 22.88
C ASN A 157 -23.03 8.60 22.26
N LYS A 158 -23.19 7.30 22.01
CA LYS A 158 -22.20 6.25 22.24
C LYS A 158 -21.25 6.11 21.07
N GLU A 159 -20.24 5.26 21.23
CA GLU A 159 -19.19 5.09 20.24
C GLU A 159 -19.46 3.83 19.43
N TYR A 160 -19.52 3.99 18.13
CA TYR A 160 -19.88 2.93 17.20
C TYR A 160 -18.73 2.68 16.24
N ARG A 161 -18.87 1.66 15.40
CA ARG A 161 -17.95 1.38 14.31
C ARG A 161 -18.63 0.50 13.29
N LEU A 162 -17.94 0.24 12.18
CA LEU A 162 -18.53 -0.53 11.09
C LEU A 162 -18.65 -2.00 11.45
N ILE A 163 -19.37 -2.75 10.62
CA ILE A 163 -19.82 -4.09 11.01
C ILE A 163 -18.69 -5.10 10.91
N ASN A 164 -17.63 -4.80 10.16
CA ASN A 164 -16.57 -5.76 9.89
C ASN A 164 -15.17 -5.18 9.99
N CYS A 165 -14.81 -4.54 11.12
CA CYS A 165 -13.42 -4.15 11.32
C CYS A 165 -12.57 -5.26 11.91
N ASN A 166 -13.15 -6.41 12.27
CA ASN A 166 -12.33 -7.51 12.74
C ASN A 166 -11.57 -8.18 11.61
N THR A 167 -12.30 -8.66 10.59
CA THR A 167 -11.74 -9.66 9.70
C THR A 167 -11.58 -9.20 8.27
N SER A 168 -12.34 -8.20 7.84
CA SER A 168 -12.51 -7.96 6.42
C SER A 168 -11.92 -6.64 5.99
N ALA A 169 -11.46 -6.61 4.75
CA ALA A 169 -11.01 -5.38 4.11
C ALA A 169 -12.09 -4.93 3.14
N ILE A 170 -12.86 -3.91 3.53
CA ILE A 170 -14.00 -3.47 2.76
C ILE A 170 -13.49 -2.68 1.57
N THR A 171 -13.59 -3.28 0.39
CA THR A 171 -13.08 -2.69 -0.85
C THR A 171 -14.20 -1.87 -1.47
N MET A 172 -13.99 -0.57 -1.58
CA MET A 172 -15.00 0.30 -2.18
C MET A 172 -15.11 0.01 -3.67
N VAL A 173 -16.32 -0.35 -4.13
CA VAL A 173 -16.51 -0.67 -5.58
C VAL A 173 -16.23 0.60 -6.37
N CYS A 174 -15.44 0.56 -7.44
CA CYS A 174 -15.09 1.83 -8.13
C CYS A 174 -16.36 2.55 -8.57
N PRO A 175 -16.36 3.89 -8.66
CA PRO A 175 -17.54 4.67 -9.09
C PRO A 175 -17.73 4.65 -10.62
N LYS A 176 -16.64 4.39 -11.35
CA LYS A 176 -16.64 4.31 -12.83
C LYS A 176 -17.21 2.94 -13.20
N LEU A 177 -17.64 2.16 -12.21
CA LEU A 177 -18.15 0.86 -12.61
C LEU A 177 -19.66 0.90 -12.82
N SER A 178 -20.18 -0.17 -13.38
CA SER A 178 -21.63 -0.34 -13.54
C SER A 178 -21.95 -1.81 -13.57
N PHE A 179 -22.74 -2.26 -12.61
CA PHE A 179 -23.20 -3.64 -12.59
C PHE A 179 -24.67 -3.68 -13.00
N GLU A 180 -25.00 -4.55 -13.94
CA GLU A 180 -26.24 -4.45 -14.69
C GLU A 180 -26.40 -5.73 -15.51
N PRO A 181 -27.60 -6.26 -15.59
CA PRO A 181 -27.82 -7.41 -16.47
C PRO A 181 -27.67 -7.11 -17.96
N ILE A 182 -26.73 -7.78 -18.62
CA ILE A 182 -26.49 -7.67 -20.06
C ILE A 182 -26.35 -9.07 -20.63
N PRO A 183 -27.11 -9.38 -21.70
CA PRO A 183 -27.21 -10.78 -22.15
C PRO A 183 -25.94 -11.44 -22.68
N ILE A 184 -25.46 -12.47 -21.99
CA ILE A 184 -24.29 -13.23 -22.39
C ILE A 184 -24.72 -14.44 -23.22
N HIS A 185 -24.09 -14.62 -24.38
CA HIS A 185 -24.36 -15.75 -25.26
C HIS A 185 -23.19 -16.73 -25.15
N TYR A 186 -23.45 -17.95 -24.69
CA TYR A 186 -22.40 -18.95 -24.55
C TYR A 186 -22.20 -19.70 -25.86
N CYS A 187 -20.99 -19.60 -26.41
CA CYS A 187 -20.67 -20.15 -27.72
C CYS A 187 -19.60 -21.23 -27.59
N ALA A 188 -19.61 -22.16 -28.53
CA ALA A 188 -18.64 -23.25 -28.54
C ALA A 188 -17.58 -22.99 -29.60
N PRO A 189 -16.30 -23.24 -29.33
CA PRO A 189 -15.28 -23.10 -30.38
C PRO A 189 -15.34 -24.28 -31.36
N ALA A 190 -14.48 -24.24 -32.36
CA ALA A 190 -14.51 -25.19 -33.47
C ALA A 190 -14.25 -26.60 -32.98
N GLY A 191 -14.94 -27.58 -33.58
CA GLY A 191 -14.87 -28.94 -33.13
C GLY A 191 -15.91 -29.30 -32.09
N PHE A 192 -16.70 -28.33 -31.64
CA PHE A 192 -17.72 -28.53 -30.63
C PHE A 192 -19.03 -27.93 -31.10
N ALA A 193 -20.12 -28.45 -30.57
CA ALA A 193 -21.44 -27.96 -30.94
C ALA A 193 -22.36 -28.05 -29.73
N ILE A 194 -23.42 -27.24 -29.76
CA ILE A 194 -24.41 -27.18 -28.69
C ILE A 194 -25.76 -27.60 -29.26
N LEU A 195 -26.48 -28.46 -28.55
CA LEU A 195 -27.76 -28.99 -29.01
C LEU A 195 -28.88 -28.48 -28.13
N LYS A 196 -29.97 -28.03 -28.75
CA LYS A 196 -31.09 -27.44 -28.04
C LYS A 196 -32.33 -28.31 -28.17
N CYS A 197 -32.96 -28.62 -27.04
CA CYS A 197 -34.23 -29.32 -27.06
C CYS A 197 -35.35 -28.37 -27.43
N LYS A 198 -36.32 -28.89 -28.16
CA LYS A 198 -37.51 -28.09 -28.45
C LYS A 198 -38.79 -28.76 -28.00
N ASP A 199 -38.71 -29.89 -27.29
CA ASP A 199 -39.89 -30.56 -26.77
C ASP A 199 -40.50 -29.68 -25.69
N LYS A 200 -41.82 -29.55 -25.70
CA LYS A 200 -42.48 -28.66 -24.76
C LYS A 200 -42.92 -29.36 -23.48
N LYS A 201 -42.70 -30.66 -23.36
CA LYS A 201 -42.97 -31.36 -22.12
C LYS A 201 -41.71 -31.82 -21.41
N PHE A 202 -40.58 -31.18 -21.66
CA PHE A 202 -39.30 -31.65 -21.17
C PHE A 202 -39.13 -31.38 -19.68
N ASN A 203 -39.28 -32.40 -18.84
CA ASN A 203 -39.13 -32.17 -17.41
C ASN A 203 -37.67 -32.14 -16.97
N GLY A 204 -36.74 -32.49 -17.85
CA GLY A 204 -35.35 -32.29 -17.50
C GLY A 204 -34.45 -33.50 -17.64
N THR A 205 -35.02 -34.64 -18.03
CA THR A 205 -34.21 -35.83 -18.14
C THR A 205 -34.82 -36.75 -19.18
N GLY A 206 -33.96 -37.60 -19.76
CA GLY A 206 -34.40 -38.58 -20.69
C GLY A 206 -34.38 -38.09 -22.12
N PRO A 207 -35.03 -38.83 -23.01
CA PRO A 207 -34.93 -38.52 -24.45
C PRO A 207 -35.74 -37.29 -24.85
N CYS A 208 -35.13 -36.49 -25.72
CA CYS A 208 -35.80 -35.34 -26.33
C CYS A 208 -36.00 -35.61 -27.81
N PRO A 209 -37.23 -35.86 -28.25
CA PRO A 209 -37.43 -36.32 -29.64
C PRO A 209 -37.31 -35.23 -30.69
N SER A 210 -36.96 -33.99 -30.32
CA SER A 210 -36.83 -32.90 -31.26
C SER A 210 -35.60 -32.07 -30.91
N VAL A 211 -34.52 -32.26 -31.67
CA VAL A 211 -33.20 -31.72 -31.37
C VAL A 211 -32.75 -30.88 -32.56
N SER A 212 -32.14 -29.72 -32.29
CA SER A 212 -31.57 -28.88 -33.35
C SER A 212 -30.26 -28.27 -32.89
N THR A 213 -29.25 -28.35 -33.75
CA THR A 213 -27.94 -27.79 -33.43
C THR A 213 -27.99 -26.28 -33.51
N VAL A 214 -27.31 -25.63 -32.57
CA VAL A 214 -27.29 -24.19 -32.46
C VAL A 214 -25.83 -23.76 -32.37
N GLN A 215 -25.47 -22.65 -33.03
CA GLN A 215 -24.16 -22.07 -32.78
C GLN A 215 -24.03 -21.48 -31.39
N CYS A 216 -24.92 -20.56 -31.01
CA CYS A 216 -24.83 -19.84 -29.75
C CYS A 216 -26.21 -19.72 -29.11
N THR A 217 -26.28 -19.93 -27.80
CA THR A 217 -27.54 -19.87 -27.09
C THR A 217 -28.10 -18.45 -27.02
N HIS A 218 -29.35 -18.37 -26.58
CA HIS A 218 -30.00 -17.08 -26.47
C HIS A 218 -29.39 -16.28 -25.33
N GLY A 219 -29.69 -15.00 -25.30
CA GLY A 219 -28.99 -14.15 -24.37
C GLY A 219 -29.57 -14.17 -22.99
N ILE A 220 -28.94 -14.90 -22.08
CA ILE A 220 -29.34 -14.81 -20.69
C ILE A 220 -28.61 -13.65 -20.03
N LYS A 221 -29.37 -12.83 -19.32
CA LYS A 221 -29.30 -11.69 -18.44
C LYS A 221 -28.92 -12.14 -17.04
N PRO A 222 -27.68 -11.95 -16.62
CA PRO A 222 -27.29 -12.46 -15.31
C PRO A 222 -27.82 -11.62 -14.16
N VAL A 223 -28.82 -12.13 -13.46
CA VAL A 223 -29.40 -11.47 -12.30
C VAL A 223 -29.28 -12.40 -11.11
N LEU A 224 -28.76 -11.89 -10.00
CA LEU A 224 -28.46 -12.68 -8.82
C LEU A 224 -29.52 -12.42 -7.76
N SER A 225 -30.47 -13.32 -7.63
CA SER A 225 -31.57 -13.13 -6.70
C SER A 225 -31.79 -14.45 -5.96
N THR A 226 -32.62 -14.38 -4.92
CA THR A 226 -32.99 -15.53 -4.12
C THR A 226 -34.50 -15.55 -4.00
N GLN A 227 -35.04 -16.76 -3.85
CA GLN A 227 -36.44 -17.11 -3.63
C GLN A 227 -37.39 -16.85 -4.79
N LEU A 228 -36.98 -16.07 -5.78
CA LEU A 228 -37.81 -15.67 -6.90
C LEU A 228 -36.92 -15.33 -8.08
N LEU A 229 -37.35 -15.72 -9.27
CA LEU A 229 -36.52 -15.62 -10.47
C LEU A 229 -37.02 -14.46 -11.31
N LEU A 230 -36.22 -13.40 -11.39
CA LEU A 230 -36.63 -12.16 -12.05
C LEU A 230 -36.07 -12.11 -13.47
N ASN A 231 -36.89 -11.58 -14.38
CA ASN A 231 -36.56 -11.37 -15.79
C ASN A 231 -36.11 -12.64 -16.49
N GLY A 232 -36.72 -13.77 -16.11
CA GLY A 232 -36.34 -15.06 -16.61
C GLY A 232 -36.98 -15.37 -17.95
N SER A 233 -36.87 -16.64 -18.34
CA SER A 233 -37.54 -17.11 -19.54
C SER A 233 -38.78 -17.89 -19.19
N LEU A 234 -39.84 -17.66 -19.95
CA LEU A 234 -41.15 -18.21 -19.66
C LEU A 234 -41.30 -19.62 -20.20
N ALA A 235 -42.38 -20.27 -19.77
CA ALA A 235 -42.77 -21.55 -20.33
C ALA A 235 -43.55 -21.34 -21.63
N GLU A 236 -44.15 -22.42 -22.10
CA GLU A 236 -44.82 -22.41 -23.41
C GLU A 236 -46.31 -22.61 -23.32
N GLU A 237 -46.79 -23.68 -22.69
CA GLU A 237 -48.23 -23.84 -22.57
C GLU A 237 -48.72 -23.70 -21.14
N GLU A 238 -48.20 -24.52 -20.25
CA GLU A 238 -48.66 -24.52 -18.87
C GLU A 238 -47.51 -24.25 -17.92
N VAL A 239 -47.82 -24.27 -16.63
CA VAL A 239 -46.81 -24.13 -15.61
C VAL A 239 -45.98 -25.41 -15.54
N MET A 240 -44.65 -25.26 -15.47
CA MET A 240 -43.75 -26.40 -15.48
C MET A 240 -43.09 -26.56 -14.12
N ILE A 241 -43.48 -27.59 -13.38
CA ILE A 241 -42.89 -27.91 -12.09
C ILE A 241 -41.79 -28.93 -12.33
N ARG A 242 -40.65 -28.76 -11.66
CA ARG A 242 -39.41 -29.37 -12.08
C ARG A 242 -38.47 -29.57 -10.91
N SER A 243 -38.18 -30.82 -10.57
CA SER A 243 -37.31 -31.14 -9.45
C SER A 243 -36.57 -32.43 -9.73
N GLU A 244 -35.65 -32.77 -8.83
CA GLU A 244 -34.76 -33.88 -9.11
C GLU A 244 -35.29 -35.22 -8.62
N ASN A 245 -35.49 -35.36 -7.32
CA ASN A 245 -35.97 -36.59 -6.70
C ASN A 245 -37.18 -36.37 -5.83
N ILE A 246 -38.29 -35.89 -6.40
CA ILE A 246 -39.41 -35.16 -5.79
C ILE A 246 -39.75 -35.53 -4.34
N THR A 247 -39.63 -36.81 -3.99
CA THR A 247 -39.87 -37.30 -2.64
C THR A 247 -38.75 -36.96 -1.65
N ASN A 248 -37.62 -36.49 -2.14
CA ASN A 248 -36.51 -36.10 -1.29
C ASN A 248 -36.79 -34.69 -0.78
N ASN A 249 -36.62 -34.46 0.52
CA ASN A 249 -36.85 -33.12 1.07
C ASN A 249 -35.77 -32.12 0.69
N ALA A 250 -34.51 -32.49 0.69
CA ALA A 250 -33.42 -31.54 0.57
C ALA A 250 -33.26 -30.97 -0.84
N LYS A 251 -34.07 -31.41 -1.79
CA LYS A 251 -34.05 -30.95 -3.16
C LYS A 251 -35.02 -29.79 -3.36
N ASN A 252 -34.56 -28.75 -4.03
CA ASN A 252 -35.41 -27.61 -4.31
C ASN A 252 -36.33 -27.89 -5.48
N ILE A 253 -37.45 -27.19 -5.52
CA ILE A 253 -38.50 -27.37 -6.51
C ILE A 253 -38.55 -26.13 -7.38
N LEU A 254 -38.14 -26.27 -8.64
CA LEU A 254 -38.12 -25.16 -9.58
C LEU A 254 -39.47 -25.02 -10.26
N VAL A 255 -40.03 -23.81 -10.22
CA VAL A 255 -41.33 -23.50 -10.79
C VAL A 255 -41.09 -22.49 -11.90
N GLN A 256 -41.77 -22.64 -13.03
CA GLN A 256 -41.61 -21.74 -14.18
C GLN A 256 -42.96 -21.37 -14.76
N PHE A 257 -43.20 -20.08 -14.92
CA PHE A 257 -44.51 -19.55 -15.31
C PHE A 257 -44.63 -19.42 -16.82
N ASN A 258 -45.86 -19.43 -17.31
CA ASN A 258 -46.10 -19.12 -18.71
C ASN A 258 -46.51 -17.68 -18.95
N THR A 259 -46.81 -16.94 -17.88
CA THR A 259 -47.17 -15.54 -18.01
C THR A 259 -46.47 -14.74 -16.92
N PRO A 260 -45.89 -13.59 -17.25
CA PRO A 260 -45.11 -12.85 -16.26
C PRO A 260 -46.00 -12.16 -15.24
N VAL A 261 -45.50 -12.07 -14.01
CA VAL A 261 -46.16 -11.39 -12.91
C VAL A 261 -45.34 -10.16 -12.56
N GLN A 262 -45.93 -8.98 -12.76
CA GLN A 262 -45.18 -7.73 -12.72
C GLN A 262 -44.96 -7.29 -11.28
N ILE A 263 -43.90 -6.50 -11.05
CA ILE A 263 -43.61 -5.95 -9.73
C ILE A 263 -43.17 -4.50 -9.92
N ASN A 264 -43.37 -3.67 -8.90
CA ASN A 264 -42.98 -2.26 -8.93
C ASN A 264 -42.30 -1.89 -7.63
N CYS A 265 -41.06 -1.43 -7.71
CA CYS A 265 -40.25 -1.21 -6.52
C CYS A 265 -39.68 0.19 -6.54
N THR A 266 -39.51 0.76 -5.34
CA THR A 266 -38.97 2.11 -5.25
C THR A 266 -38.33 2.35 -3.90
N ARG A 267 -37.44 3.34 -3.87
CA ARG A 267 -36.90 3.91 -2.63
C ARG A 267 -37.36 5.36 -2.54
N PRO A 268 -38.38 5.65 -1.80
CA PRO A 268 -39.03 6.95 -1.95
C PRO A 268 -38.40 8.11 -1.21
N LEU A 269 -37.16 7.98 -0.73
CA LEU A 269 -36.50 9.11 -0.09
C LEU A 269 -35.36 9.58 -0.97
N ASN A 270 -35.10 10.88 -0.93
CA ASN A 270 -34.16 11.51 -1.85
C ASN A 270 -32.83 11.75 -1.14
N LEU A 271 -31.73 11.51 -1.83
CA LEU A 271 -30.41 11.60 -1.21
C LEU A 271 -29.40 12.20 -2.16
N THR A 272 -28.33 12.75 -1.58
CA THR A 272 -27.20 13.31 -2.32
C THR A 272 -25.91 12.64 -1.86
N ARG A 273 -24.80 13.12 -2.41
CA ARG A 273 -23.51 12.52 -2.12
C ARG A 273 -22.53 13.57 -1.62
N LYS A 274 -21.80 13.19 -0.58
CA LYS A 274 -20.63 13.95 -0.14
C LYS A 274 -19.43 13.49 -0.94
N SER A 275 -18.28 14.13 -0.74
CA SER A 275 -17.10 13.79 -1.51
C SER A 275 -15.88 13.78 -0.61
N ILE A 276 -16.01 13.10 0.53
CA ILE A 276 -14.97 13.04 1.56
C ILE A 276 -13.74 12.34 1.00
N ARG A 277 -12.64 13.08 0.83
CA ARG A 277 -11.50 12.46 0.18
C ARG A 277 -10.77 11.53 1.14
N ILE A 278 -9.98 10.64 0.57
CA ILE A 278 -9.13 9.71 1.32
C ILE A 278 -7.66 9.99 1.07
N GLY A 279 -7.23 9.93 -0.19
CA GLY A 279 -5.85 10.14 -0.54
C GLY A 279 -5.72 10.93 -1.83
N PRO A 280 -4.49 11.06 -2.32
CA PRO A 280 -4.29 11.84 -3.55
C PRO A 280 -4.84 11.11 -4.77
N GLY A 281 -6.00 11.57 -5.24
CA GLY A 281 -6.67 10.98 -6.36
C GLY A 281 -7.72 9.95 -6.03
N GLN A 282 -7.92 9.62 -4.75
CA GLN A 282 -8.89 8.59 -4.36
C GLN A 282 -9.84 9.15 -3.30
N ALA A 283 -11.10 9.32 -3.68
CA ALA A 283 -12.11 9.88 -2.81
C ALA A 283 -12.98 8.76 -2.23
N PHE A 284 -14.10 9.14 -1.62
CA PHE A 284 -15.02 8.24 -0.96
C PHE A 284 -16.38 8.92 -0.92
N TYR A 285 -17.42 8.17 -1.25
CA TYR A 285 -18.78 8.71 -1.30
C TYR A 285 -19.56 8.25 -0.09
N ALA A 286 -20.40 9.13 0.45
CA ALA A 286 -21.23 8.80 1.58
C ALA A 286 -22.55 9.55 1.48
N MET A 287 -23.49 9.16 2.34
CA MET A 287 -24.79 9.79 2.37
C MET A 287 -24.75 11.14 3.09
N GLY A 288 -25.31 12.16 2.47
CA GLY A 288 -25.22 13.48 3.05
C GLY A 288 -26.44 14.07 3.71
N ASP A 289 -27.60 14.06 3.06
CA ASP A 289 -28.77 14.79 3.54
C ASP A 289 -30.06 14.11 3.08
N ILE A 290 -31.12 14.28 3.87
CA ILE A 290 -32.43 13.78 3.48
C ILE A 290 -33.25 14.98 3.02
N ILE A 291 -33.24 15.24 1.72
CA ILE A 291 -33.90 16.41 1.17
C ILE A 291 -35.34 16.00 0.91
N GLY A 292 -36.18 16.18 1.91
CA GLY A 292 -37.55 15.73 1.78
C GLY A 292 -38.04 15.09 3.06
N ASP A 293 -38.46 13.84 2.98
CA ASP A 293 -39.08 13.18 4.11
C ASP A 293 -38.65 11.71 4.15
N ILE A 294 -38.56 11.17 5.36
CA ILE A 294 -38.09 9.81 5.58
C ILE A 294 -39.23 8.85 5.27
N ARG A 295 -39.00 7.93 4.34
CA ARG A 295 -39.99 6.95 3.93
C ARG A 295 -39.34 5.58 3.73
N GLN A 296 -40.09 4.52 4.01
CA GLN A 296 -39.58 3.15 3.90
C GLN A 296 -39.62 2.67 2.45
N ALA A 297 -38.56 1.98 2.02
CA ALA A 297 -38.53 1.39 0.70
C ALA A 297 -39.42 0.15 0.65
N HIS A 298 -40.17 -0.01 -0.43
CA HIS A 298 -41.21 -1.04 -0.49
C HIS A 298 -41.40 -1.50 -1.93
N CYS A 299 -42.11 -2.61 -2.08
CA CYS A 299 -42.43 -3.19 -3.37
C CYS A 299 -43.87 -3.67 -3.43
N ASN A 300 -44.50 -3.50 -4.60
CA ASN A 300 -45.89 -3.90 -4.80
C ASN A 300 -45.96 -5.11 -5.69
N VAL A 301 -46.78 -6.07 -5.30
CA VAL A 301 -47.21 -7.17 -6.15
C VAL A 301 -48.72 -7.08 -6.19
N SER A 302 -49.31 -7.24 -7.38
CA SER A 302 -50.75 -7.23 -7.46
C SER A 302 -51.31 -8.50 -6.83
N LYS A 303 -52.55 -8.42 -6.34
CA LYS A 303 -53.10 -9.53 -5.57
C LYS A 303 -53.92 -10.48 -6.42
N ALA A 304 -54.68 -9.94 -7.38
CA ALA A 304 -55.52 -10.80 -8.22
C ALA A 304 -54.70 -11.58 -9.23
N THR A 305 -53.51 -11.10 -9.57
CA THR A 305 -52.65 -11.84 -10.47
C THR A 305 -51.83 -12.87 -9.71
N TRP A 306 -51.45 -12.56 -8.49
CA TRP A 306 -50.74 -13.51 -7.65
C TRP A 306 -51.65 -14.64 -7.17
N ASN A 307 -52.92 -14.36 -6.89
CA ASN A 307 -53.81 -15.42 -6.49
C ASN A 307 -54.25 -16.30 -7.65
N GLU A 308 -54.10 -15.84 -8.89
CA GLU A 308 -54.37 -16.74 -10.00
C GLU A 308 -53.12 -17.49 -10.42
N THR A 309 -51.95 -16.92 -10.20
CA THR A 309 -50.72 -17.62 -10.53
C THR A 309 -50.46 -18.75 -9.53
N LEU A 310 -50.99 -18.64 -8.31
CA LEU A 310 -50.94 -19.78 -7.41
C LEU A 310 -52.02 -20.80 -7.72
N GLY A 311 -53.02 -20.40 -8.52
CA GLY A 311 -54.05 -21.36 -8.93
C GLY A 311 -53.54 -22.37 -9.92
N LYS A 312 -52.34 -22.16 -10.46
CA LYS A 312 -51.78 -23.09 -11.44
C LYS A 312 -50.71 -23.96 -10.81
N VAL A 313 -49.94 -23.40 -9.86
CA VAL A 313 -48.88 -24.14 -9.18
C VAL A 313 -49.48 -25.22 -8.29
N VAL A 314 -50.63 -24.93 -7.68
CA VAL A 314 -51.34 -25.94 -6.90
C VAL A 314 -51.91 -27.02 -7.80
N LYS A 315 -52.37 -26.63 -9.00
CA LYS A 315 -53.04 -27.56 -9.89
C LYS A 315 -52.12 -28.68 -10.37
N GLN A 316 -50.87 -28.33 -10.66
CA GLN A 316 -49.95 -29.34 -11.16
C GLN A 316 -48.97 -29.83 -10.11
N LEU A 317 -49.08 -29.35 -8.87
CA LEU A 317 -48.47 -30.08 -7.76
C LEU A 317 -49.26 -31.34 -7.46
N ARG A 318 -50.58 -31.29 -7.69
CA ARG A 318 -51.41 -32.41 -7.29
C ARG A 318 -51.29 -33.59 -8.24
N LYS A 319 -50.65 -33.42 -9.40
CA LYS A 319 -50.39 -34.59 -10.21
C LYS A 319 -49.18 -35.36 -9.71
N HIS A 320 -48.35 -34.73 -8.87
CA HIS A 320 -47.20 -35.40 -8.29
C HIS A 320 -47.46 -35.99 -6.90
N PHE A 321 -48.52 -35.56 -6.21
CA PHE A 321 -48.77 -35.99 -4.85
C PHE A 321 -50.12 -36.67 -4.67
N GLY A 322 -51.18 -36.16 -5.27
CA GLY A 322 -52.49 -36.74 -5.11
C GLY A 322 -53.56 -35.70 -5.33
N ASN A 323 -54.73 -36.12 -5.79
CA ASN A 323 -55.81 -35.16 -6.07
C ASN A 323 -56.41 -34.60 -4.78
N ASN A 324 -56.74 -35.47 -3.85
CA ASN A 324 -57.52 -35.09 -2.67
C ASN A 324 -56.69 -34.55 -1.53
N THR A 325 -55.50 -34.01 -1.80
CA THR A 325 -54.63 -33.46 -0.76
C THR A 325 -54.87 -31.97 -0.59
N ILE A 326 -54.41 -31.45 0.55
CA ILE A 326 -54.50 -30.05 0.91
C ILE A 326 -53.12 -29.45 0.73
N ILE A 327 -53.02 -28.37 -0.04
CA ILE A 327 -51.73 -27.73 -0.31
C ILE A 327 -51.72 -26.36 0.33
N ARG A 328 -50.72 -26.12 1.17
CA ARG A 328 -50.60 -24.92 1.99
C ARG A 328 -49.25 -24.26 1.70
N PHE A 329 -49.15 -22.95 1.90
CA PHE A 329 -47.88 -22.24 1.81
C PHE A 329 -47.57 -21.57 3.14
N ALA A 330 -46.37 -21.80 3.66
CA ALA A 330 -45.85 -21.12 4.85
C ALA A 330 -44.80 -20.11 4.40
N ASN A 331 -44.07 -19.49 5.33
CA ASN A 331 -43.20 -18.39 4.91
C ASN A 331 -41.70 -18.67 5.04
N SER A 332 -41.16 -18.93 6.24
CA SER A 332 -39.76 -19.29 6.40
C SER A 332 -39.57 -19.89 7.79
N SER A 333 -38.33 -20.28 8.08
CA SER A 333 -38.01 -20.85 9.37
C SER A 333 -36.66 -20.41 9.91
N GLY A 334 -35.97 -19.50 9.26
CA GLY A 334 -34.80 -18.90 9.88
C GLY A 334 -33.69 -18.68 8.87
N GLY A 335 -32.62 -18.10 9.36
CA GLY A 335 -31.45 -17.83 8.55
C GLY A 335 -31.04 -16.37 8.58
N ASP A 336 -30.17 -16.05 7.64
CA ASP A 336 -29.62 -14.71 7.45
C ASP A 336 -30.58 -13.90 6.57
N LEU A 337 -30.23 -12.65 6.24
CA LEU A 337 -31.11 -11.89 5.35
C LEU A 337 -31.03 -12.37 3.91
N GLU A 338 -30.02 -13.15 3.57
CA GLU A 338 -29.87 -13.57 2.19
C GLU A 338 -30.81 -14.72 1.84
N VAL A 339 -31.36 -15.40 2.83
CA VAL A 339 -32.16 -16.61 2.59
C VAL A 339 -33.52 -16.57 3.28
N THR A 340 -33.80 -15.59 4.12
CA THR A 340 -35.13 -15.42 4.66
C THR A 340 -35.97 -14.46 3.84
N THR A 341 -35.35 -13.68 2.96
CA THR A 341 -36.00 -12.60 2.25
C THR A 341 -35.70 -12.69 0.76
N HIS A 342 -36.20 -11.69 0.04
CA HIS A 342 -36.02 -11.61 -1.41
C HIS A 342 -34.97 -10.56 -1.70
N SER A 343 -33.86 -10.99 -2.30
CA SER A 343 -32.75 -10.11 -2.63
C SER A 343 -32.90 -9.58 -4.04
N PHE A 344 -32.44 -8.35 -4.26
CA PHE A 344 -32.36 -7.77 -5.59
C PHE A 344 -30.93 -7.40 -5.93
N ASN A 345 -30.82 -6.77 -7.08
CA ASN A 345 -29.72 -5.90 -7.47
C ASN A 345 -30.34 -4.97 -8.49
N CYS A 346 -30.96 -3.88 -8.05
CA CYS A 346 -31.56 -2.99 -9.02
C CYS A 346 -31.11 -1.58 -8.76
N GLY A 347 -30.81 -0.85 -9.83
CA GLY A 347 -30.51 0.55 -9.74
C GLY A 347 -29.21 0.91 -9.06
N GLY A 348 -28.38 -0.06 -8.69
CA GLY A 348 -27.16 0.21 -7.96
C GLY A 348 -27.24 -0.01 -6.47
N GLU A 349 -28.41 -0.38 -5.94
CA GLU A 349 -28.55 -0.67 -4.53
C GLU A 349 -29.08 -2.09 -4.33
N PHE A 350 -29.08 -2.50 -3.06
CA PHE A 350 -29.25 -3.90 -2.67
C PHE A 350 -30.43 -4.02 -1.72
N PHE A 351 -31.58 -4.42 -2.23
CA PHE A 351 -32.82 -4.46 -1.46
C PHE A 351 -33.08 -5.86 -0.93
N TYR A 352 -33.59 -5.98 0.30
CA TYR A 352 -33.91 -7.26 0.94
C TYR A 352 -35.35 -7.24 1.43
N CYS A 353 -36.29 -7.61 0.57
CA CYS A 353 -37.69 -7.35 0.90
C CYS A 353 -38.30 -8.50 1.70
N ASN A 354 -39.21 -8.15 2.61
CA ASN A 354 -39.89 -9.12 3.46
C ASN A 354 -41.07 -9.69 2.72
N THR A 355 -41.00 -10.97 2.37
CA THR A 355 -42.03 -11.64 1.59
C THR A 355 -42.88 -12.58 2.41
N SER A 356 -43.28 -12.19 3.61
CA SER A 356 -44.16 -13.04 4.39
C SER A 356 -45.61 -12.79 4.05
N GLY A 357 -45.89 -11.87 3.13
CA GLY A 357 -47.24 -11.58 2.71
C GLY A 357 -47.65 -12.24 1.41
N LEU A 358 -46.70 -12.78 0.66
CA LEU A 358 -47.05 -13.51 -0.55
C LEU A 358 -47.29 -14.99 -0.28
N PHE A 359 -46.36 -15.63 0.42
CA PHE A 359 -46.41 -17.05 0.70
C PHE A 359 -47.20 -17.31 1.96
N ASN A 360 -48.51 -17.09 1.92
CA ASN A 360 -49.37 -17.27 3.07
C ASN A 360 -50.81 -17.49 2.61
N SER A 361 -51.21 -18.77 2.51
CA SER A 361 -52.55 -19.20 2.08
C SER A 361 -52.74 -20.70 2.24
N THR A 362 -53.99 -21.19 2.15
CA THR A 362 -54.22 -22.62 2.00
C THR A 362 -55.05 -22.88 0.76
N TRP A 363 -55.01 -24.13 0.30
CA TRP A 363 -55.77 -24.60 -0.85
C TRP A 363 -56.36 -25.97 -0.51
N ILE A 364 -57.65 -26.13 -0.79
CA ILE A 364 -58.46 -27.19 -0.21
C ILE A 364 -59.09 -28.11 -1.24
N SER A 365 -58.75 -27.93 -2.52
CA SER A 365 -59.31 -28.70 -3.65
C SER A 365 -60.84 -28.60 -3.73
N ASN A 366 -61.34 -27.37 -3.59
CA ASN A 366 -62.74 -27.01 -3.79
C ASN A 366 -63.72 -27.71 -2.87
N SER A 377 -59.42 -6.59 -8.55
CA SER A 377 -59.22 -5.46 -9.44
C SER A 377 -57.84 -4.86 -9.27
N ASN A 378 -57.74 -3.83 -8.44
CA ASN A 378 -56.51 -3.04 -8.39
C ASN A 378 -55.76 -3.10 -7.07
N ASP A 379 -56.25 -3.87 -6.09
CA ASP A 379 -55.62 -3.87 -4.76
C ASP A 379 -54.28 -4.59 -4.77
N SER A 380 -53.20 -3.87 -4.56
CA SER A 380 -51.88 -4.47 -4.58
C SER A 380 -51.41 -4.84 -3.17
N ILE A 381 -50.53 -5.83 -3.13
CA ILE A 381 -49.88 -6.27 -1.90
C ILE A 381 -48.61 -5.45 -1.75
N THR A 382 -48.43 -4.84 -0.58
CA THR A 382 -47.25 -4.05 -0.26
C THR A 382 -46.26 -4.93 0.48
N LEU A 383 -44.98 -4.79 0.16
CA LEU A 383 -43.93 -5.57 0.81
C LEU A 383 -42.92 -4.64 1.44
N PRO A 384 -42.74 -4.61 2.75
CA PRO A 384 -41.70 -3.76 3.34
C PRO A 384 -40.31 -4.27 3.04
N CYS A 385 -39.34 -3.35 3.01
CA CYS A 385 -38.05 -3.69 2.40
C CYS A 385 -36.91 -2.94 3.09
N ARG A 386 -35.83 -3.67 3.39
CA ARG A 386 -34.64 -3.11 4.05
C ARG A 386 -33.56 -2.81 3.04
N ILE A 387 -32.59 -1.99 3.44
CA ILE A 387 -31.46 -1.58 2.61
C ILE A 387 -30.20 -1.70 3.44
N LYS A 388 -29.16 -2.33 2.88
CA LYS A 388 -27.83 -2.21 3.47
C LYS A 388 -26.79 -2.09 2.36
N MET A 389 -25.66 -1.45 2.69
CA MET A 389 -24.65 -1.13 1.70
C MET A 389 -23.28 -1.72 1.97
N ILE A 390 -23.15 -2.62 2.91
CA ILE A 390 -21.91 -3.39 3.08
C ILE A 390 -22.32 -4.85 2.96
N ILE A 391 -22.21 -5.39 1.75
CA ILE A 391 -22.66 -6.75 1.48
C ILE A 391 -21.44 -7.65 1.37
N ASN A 392 -21.64 -8.92 1.67
CA ASN A 392 -20.64 -9.95 1.46
C ASN A 392 -21.32 -11.05 0.67
N MET A 393 -21.04 -11.09 -0.62
CA MET A 393 -21.61 -12.08 -1.52
C MET A 393 -20.66 -13.25 -1.63
N TRP A 394 -21.23 -14.45 -1.52
CA TRP A 394 -20.65 -15.79 -1.44
C TRP A 394 -19.90 -16.04 -0.14
N GLN A 395 -19.86 -15.12 0.82
CA GLN A 395 -19.40 -15.35 2.19
C GLN A 395 -17.94 -15.81 2.25
N ARG A 396 -17.10 -15.18 1.48
CA ARG A 396 -15.67 -15.50 1.52
C ARG A 396 -15.06 -14.88 2.76
N ILE A 397 -14.06 -15.56 3.33
CA ILE A 397 -13.53 -15.16 4.62
C ILE A 397 -12.73 -13.88 4.48
N GLY A 398 -13.13 -12.86 5.23
CA GLY A 398 -12.39 -11.62 5.27
C GLY A 398 -12.52 -10.73 4.07
N GLN A 399 -13.58 -10.89 3.28
CA GLN A 399 -13.81 -10.02 2.12
C GLN A 399 -15.21 -9.43 2.19
N ALA A 400 -15.33 -8.19 1.71
CA ALA A 400 -16.61 -7.48 1.74
C ALA A 400 -16.57 -6.40 0.67
N MET A 401 -17.76 -6.01 0.19
CA MET A 401 -17.87 -4.98 -0.83
C MET A 401 -18.51 -3.76 -0.23
N TYR A 402 -18.71 -2.75 -1.08
CA TYR A 402 -19.37 -1.51 -0.67
C TYR A 402 -19.98 -0.85 -1.89
N ALA A 403 -21.26 -0.50 -1.81
CA ALA A 403 -21.94 0.12 -2.94
C ALA A 403 -22.05 1.61 -2.71
N PRO A 404 -21.54 2.45 -3.60
CA PRO A 404 -21.63 3.89 -3.40
C PRO A 404 -23.05 4.37 -3.58
N PRO A 405 -23.46 5.43 -2.87
CA PRO A 405 -24.86 5.83 -2.89
C PRO A 405 -25.26 6.42 -4.23
N ILE A 406 -26.54 6.26 -4.57
CA ILE A 406 -27.05 6.79 -5.83
C ILE A 406 -27.77 8.11 -5.57
N GLN A 407 -27.42 9.12 -6.36
CA GLN A 407 -27.98 10.46 -6.24
C GLN A 407 -29.36 10.51 -6.89
N GLY A 408 -30.39 10.70 -6.07
CA GLY A 408 -31.76 10.71 -6.52
C GLY A 408 -32.51 9.45 -6.11
N VAL A 409 -33.83 9.50 -6.29
CA VAL A 409 -34.66 8.36 -5.94
C VAL A 409 -34.51 7.27 -7.01
N ILE A 410 -34.82 6.04 -6.64
CA ILE A 410 -34.63 4.88 -7.51
C ILE A 410 -35.99 4.29 -7.88
N ARG A 411 -36.11 3.82 -9.12
CA ARG A 411 -37.33 3.24 -9.66
C ARG A 411 -36.97 1.96 -10.41
N CYS A 412 -37.80 0.93 -10.25
CA CYS A 412 -37.57 -0.35 -10.92
C CYS A 412 -38.90 -0.98 -11.29
N VAL A 413 -38.92 -1.70 -12.42
CA VAL A 413 -40.06 -2.49 -12.86
C VAL A 413 -39.51 -3.85 -13.31
N SER A 414 -40.12 -4.94 -12.85
CA SER A 414 -39.63 -6.26 -13.18
C SER A 414 -40.79 -7.25 -13.26
N ASN A 415 -40.51 -8.40 -13.87
CA ASN A 415 -41.45 -9.51 -13.95
C ASN A 415 -40.98 -10.62 -13.04
N ILE A 416 -41.91 -11.38 -12.48
CA ILE A 416 -41.56 -12.58 -11.71
C ILE A 416 -41.90 -13.79 -12.54
N THR A 417 -40.89 -14.53 -12.99
CA THR A 417 -41.10 -15.72 -13.80
C THR A 417 -40.50 -16.91 -13.06
N GLY A 418 -41.21 -17.43 -12.07
CA GLY A 418 -40.73 -18.60 -11.37
C GLY A 418 -40.43 -18.44 -9.90
N LEU A 419 -40.39 -19.56 -9.19
CA LEU A 419 -40.16 -19.68 -7.76
C LEU A 419 -39.14 -20.78 -7.48
N ILE A 420 -38.63 -20.82 -6.26
CA ILE A 420 -37.84 -21.95 -5.79
C ILE A 420 -38.42 -22.42 -4.47
N LEU A 421 -39.31 -23.41 -4.52
CA LEU A 421 -39.91 -23.90 -3.30
C LEU A 421 -39.07 -24.98 -2.68
N THR A 422 -39.42 -25.36 -1.46
CA THR A 422 -38.91 -26.59 -0.86
C THR A 422 -39.97 -27.17 0.05
N ARG A 423 -39.87 -28.48 0.26
CA ARG A 423 -40.90 -29.28 0.89
C ARG A 423 -40.40 -29.73 2.26
N ASP A 424 -41.29 -29.75 3.26
CA ASP A 424 -40.82 -30.07 4.61
C ASP A 424 -40.74 -31.57 4.86
N GLY A 425 -41.88 -32.26 4.88
CA GLY A 425 -41.89 -33.71 4.98
C GLY A 425 -41.31 -34.43 6.20
N GLY A 426 -41.92 -34.31 7.37
CA GLY A 426 -41.62 -35.25 8.43
C GLY A 426 -42.47 -36.49 8.30
N SER A 427 -42.25 -37.45 9.19
CA SER A 427 -43.00 -38.72 9.11
C SER A 427 -44.26 -38.63 9.96
N THR A 428 -45.33 -38.05 9.41
CA THR A 428 -46.65 -38.14 10.01
C THR A 428 -47.60 -38.67 8.96
N ASN A 429 -48.87 -38.80 9.34
CA ASN A 429 -49.86 -39.37 8.46
C ASN A 429 -50.80 -38.36 7.83
N SER A 430 -50.52 -37.06 7.96
CA SER A 430 -51.48 -36.05 7.52
C SER A 430 -51.49 -35.90 6.00
N THR A 431 -52.60 -35.37 5.49
CA THR A 431 -52.82 -35.13 4.07
C THR A 431 -52.57 -33.67 3.68
N THR A 432 -51.70 -32.97 4.39
CA THR A 432 -51.49 -31.54 4.22
C THR A 432 -50.02 -31.26 3.93
N GLU A 433 -49.70 -30.96 2.67
CA GLU A 433 -48.35 -30.61 2.26
C GLU A 433 -48.15 -29.12 2.48
N THR A 434 -46.91 -28.71 2.74
CA THR A 434 -46.58 -27.31 2.92
C THR A 434 -45.30 -26.97 2.17
N PHE A 435 -45.35 -25.92 1.37
CA PHE A 435 -44.26 -25.55 0.49
C PHE A 435 -43.77 -24.16 0.82
N ARG A 436 -42.46 -24.01 0.97
CA ARG A 436 -41.80 -22.78 1.39
C ARG A 436 -40.81 -22.32 0.34
N PRO A 437 -40.62 -21.02 0.18
CA PRO A 437 -39.59 -20.53 -0.74
C PRO A 437 -38.19 -20.79 -0.20
N GLY A 438 -37.26 -20.99 -1.12
CA GLY A 438 -35.91 -21.37 -0.76
C GLY A 438 -34.91 -20.43 -1.37
N GLY A 439 -33.75 -20.35 -0.74
CA GLY A 439 -32.79 -19.33 -1.09
C GLY A 439 -31.42 -19.73 -1.61
N GLY A 440 -30.48 -19.82 -0.69
CA GLY A 440 -29.07 -19.57 -0.97
C GLY A 440 -28.23 -20.63 -1.64
N ASP A 441 -28.44 -20.82 -2.94
CA ASP A 441 -27.47 -21.48 -3.81
C ASP A 441 -27.70 -20.96 -5.21
N MET A 442 -26.70 -20.31 -5.78
CA MET A 442 -26.86 -19.65 -7.07
C MET A 442 -27.02 -20.62 -8.23
N ARG A 443 -26.74 -21.92 -8.03
CA ARG A 443 -26.82 -22.85 -9.14
C ARG A 443 -28.28 -23.16 -9.51
N ASP A 444 -29.23 -22.77 -8.67
CA ASP A 444 -30.63 -22.90 -9.05
C ASP A 444 -31.09 -21.75 -9.93
N ASN A 445 -30.36 -20.64 -9.95
CA ASN A 445 -30.70 -19.56 -10.87
C ASN A 445 -30.26 -19.92 -12.29
N TRP A 446 -29.18 -20.69 -12.41
CA TRP A 446 -28.60 -20.92 -13.73
C TRP A 446 -29.08 -22.24 -14.29
N ARG A 447 -29.37 -23.20 -13.43
CA ARG A 447 -29.83 -24.50 -13.88
C ARG A 447 -31.25 -24.44 -14.37
N SER A 448 -31.98 -23.38 -14.03
CA SER A 448 -33.33 -23.14 -14.48
C SER A 448 -33.38 -22.42 -15.81
N GLU A 449 -32.25 -22.21 -16.45
CA GLU A 449 -32.20 -21.50 -17.71
C GLU A 449 -31.48 -22.28 -18.81
N LEU A 450 -30.43 -22.99 -18.47
CA LEU A 450 -29.62 -23.76 -19.40
C LEU A 450 -29.98 -25.24 -19.32
N TYR A 451 -31.26 -25.54 -19.20
CA TYR A 451 -31.66 -26.93 -19.00
C TYR A 451 -31.79 -27.68 -20.31
N LYS A 452 -32.05 -26.98 -21.40
CA LYS A 452 -32.31 -27.62 -22.67
C LYS A 452 -31.08 -27.77 -23.55
N TYR A 453 -29.89 -27.77 -22.98
CA TYR A 453 -28.66 -27.78 -23.77
C TYR A 453 -27.78 -28.98 -23.45
N LYS A 454 -26.91 -29.32 -24.40
CA LYS A 454 -25.85 -30.28 -24.22
C LYS A 454 -24.80 -30.01 -25.28
N VAL A 455 -23.54 -30.16 -24.90
CA VAL A 455 -22.41 -29.94 -25.80
C VAL A 455 -21.97 -31.29 -26.33
N VAL A 456 -21.72 -31.38 -27.63
CA VAL A 456 -21.28 -32.61 -28.26
C VAL A 456 -20.00 -32.37 -29.04
N LYS A 457 -19.27 -33.46 -29.30
CA LYS A 457 -18.03 -33.46 -30.03
C LYS A 457 -18.29 -34.04 -31.42
N ILE A 458 -17.53 -33.60 -32.41
CA ILE A 458 -17.75 -34.00 -33.79
C ILE A 458 -16.55 -34.85 -34.23
N GLU A 459 -16.79 -36.15 -34.45
CA GLU A 459 -15.71 -37.05 -34.88
C GLU A 459 -15.80 -37.33 -36.36
N PRO A 460 -14.92 -36.78 -37.19
CA PRO A 460 -15.10 -36.88 -38.64
C PRO A 460 -14.74 -38.20 -39.31
N LEU A 461 -13.74 -38.96 -38.85
CA LEU A 461 -13.37 -40.18 -39.54
C LEU A 461 -14.37 -41.32 -39.31
N GLY A 462 -14.55 -42.16 -40.33
CA GLY A 462 -15.39 -43.32 -40.20
C GLY A 462 -15.02 -44.36 -41.24
N VAL A 463 -15.41 -45.61 -40.96
CA VAL A 463 -15.10 -46.75 -41.81
C VAL A 463 -16.37 -47.50 -42.14
N ALA A 464 -16.45 -48.04 -43.35
CA ALA A 464 -17.63 -48.77 -43.76
C ALA A 464 -17.26 -49.75 -44.85
N PRO A 465 -17.86 -50.94 -44.88
CA PRO A 465 -17.52 -51.90 -45.92
C PRO A 465 -18.20 -51.57 -47.23
N THR A 466 -17.49 -51.83 -48.33
CA THR A 466 -18.02 -51.62 -49.67
C THR A 466 -17.27 -52.48 -50.67
N ARG A 467 -17.44 -52.17 -51.96
CA ARG A 467 -16.77 -52.86 -53.06
C ARG A 467 -16.00 -51.81 -53.89
N CYS A 468 -14.80 -51.45 -53.42
CA CYS A 468 -14.09 -50.33 -54.02
C CYS A 468 -12.72 -50.72 -54.60
N LYS A 469 -11.83 -51.35 -53.81
CA LYS A 469 -10.57 -51.91 -54.31
C LYS A 469 -9.59 -50.94 -54.96
N ARG A 470 -8.66 -50.38 -54.15
CA ARG A 470 -7.68 -49.33 -54.45
C ARG A 470 -7.13 -49.30 -55.89
N ARG A 471 -7.15 -50.43 -56.61
CA ARG A 471 -6.63 -50.63 -57.96
C ARG A 471 -5.11 -50.44 -57.96
N VAL A 472 -4.45 -51.43 -57.37
CA VAL A 472 -3.03 -51.76 -57.46
C VAL A 472 -2.16 -50.96 -58.44
N VAL B 1 -28.41 -30.95 -52.05
CA VAL B 1 -28.92 -29.90 -51.17
C VAL B 1 -28.07 -29.85 -49.90
N PHE B 2 -27.77 -28.63 -49.44
CA PHE B 2 -26.98 -28.42 -48.23
C PHE B 2 -27.90 -27.86 -47.16
N LEU B 3 -28.13 -28.64 -46.11
CA LEU B 3 -29.02 -28.28 -45.02
C LEU B 3 -28.33 -27.52 -43.91
N GLY B 4 -27.05 -27.21 -44.07
CA GLY B 4 -26.29 -26.62 -42.98
C GLY B 4 -25.52 -27.67 -42.21
N PHE B 5 -24.88 -27.20 -41.15
CA PHE B 5 -23.98 -28.03 -40.37
C PHE B 5 -24.75 -29.10 -39.61
N LEU B 6 -24.31 -30.35 -39.74
CA LEU B 6 -24.90 -31.56 -39.14
C LEU B 6 -26.32 -31.83 -39.55
N GLY B 7 -26.79 -31.26 -40.68
CA GLY B 7 -28.18 -31.45 -41.05
C GLY B 7 -28.53 -32.88 -41.43
N ALA B 8 -27.55 -33.64 -41.89
CA ALA B 8 -27.76 -35.02 -42.28
C ALA B 8 -27.46 -35.99 -41.16
N ALA B 9 -27.68 -35.58 -39.91
CA ALA B 9 -27.41 -36.45 -38.77
C ALA B 9 -28.48 -37.52 -38.60
N GLY B 10 -29.69 -37.26 -39.08
CA GLY B 10 -30.74 -38.26 -39.01
C GLY B 10 -30.99 -39.03 -40.28
N SER B 11 -30.32 -38.71 -41.37
CA SER B 11 -30.50 -39.40 -42.63
C SER B 11 -29.76 -40.72 -42.63
N THR B 12 -29.88 -41.45 -43.75
CA THR B 12 -29.22 -42.74 -43.87
C THR B 12 -27.73 -42.56 -44.14
N MET B 13 -27.00 -43.68 -44.09
CA MET B 13 -25.63 -43.67 -44.55
C MET B 13 -25.56 -43.40 -46.04
N GLY B 14 -26.60 -43.79 -46.78
CA GLY B 14 -26.63 -43.52 -48.20
C GLY B 14 -26.93 -42.06 -48.51
N ALA B 15 -27.87 -41.47 -47.79
CA ALA B 15 -28.31 -40.11 -48.11
C ALA B 15 -27.51 -39.07 -47.36
N ALA B 16 -26.74 -39.46 -46.35
CA ALA B 16 -25.92 -38.47 -45.67
C ALA B 16 -24.49 -38.45 -46.18
N SER B 17 -24.13 -39.34 -47.10
CA SER B 17 -22.80 -39.28 -47.72
C SER B 17 -22.73 -38.25 -48.83
N MET B 18 -23.77 -37.46 -49.03
CA MET B 18 -23.76 -36.34 -49.95
C MET B 18 -23.16 -35.09 -49.33
N THR B 19 -23.07 -35.04 -47.99
CA THR B 19 -22.83 -33.80 -47.27
C THR B 19 -21.51 -33.80 -46.50
N LEU B 20 -20.44 -34.34 -47.05
CA LEU B 20 -19.24 -34.52 -46.25
C LEU B 20 -18.40 -33.26 -46.17
N THR B 21 -18.54 -32.34 -47.12
CA THR B 21 -17.77 -31.10 -47.07
C THR B 21 -18.28 -30.13 -46.03
N VAL B 22 -19.47 -30.36 -45.47
CA VAL B 22 -20.03 -29.43 -44.49
C VAL B 22 -19.38 -29.59 -43.13
N GLN B 23 -19.27 -30.83 -42.66
CA GLN B 23 -18.64 -31.05 -41.36
C GLN B 23 -17.13 -30.99 -41.44
N ALA B 24 -16.55 -30.75 -42.62
CA ALA B 24 -15.11 -30.56 -42.70
C ALA B 24 -14.74 -29.09 -42.63
N ARG B 25 -15.49 -28.22 -43.32
CA ARG B 25 -15.14 -26.82 -43.31
C ARG B 25 -15.59 -26.14 -42.02
N ASN B 26 -16.60 -26.71 -41.36
CA ASN B 26 -17.06 -26.15 -40.10
C ASN B 26 -16.35 -26.80 -38.94
N LEU B 27 -15.36 -27.64 -39.25
CA LEU B 27 -14.51 -28.21 -38.20
C LEU B 27 -13.30 -27.32 -37.98
N LEU B 28 -12.94 -26.53 -38.97
CA LEU B 28 -11.88 -25.54 -38.86
C LEU B 28 -12.35 -24.12 -39.12
N SER B 29 -12.99 -23.87 -40.27
CA SER B 29 -13.33 -22.52 -40.66
C SER B 29 -14.64 -22.03 -40.05
N GLY B 30 -15.08 -22.65 -38.94
CA GLY B 30 -16.00 -22.00 -38.03
C GLY B 30 -15.28 -21.09 -37.05
N ILE B 31 -13.96 -21.00 -37.17
CA ILE B 31 -13.11 -20.11 -36.38
C ILE B 31 -13.23 -18.66 -36.84
N VAL B 32 -13.94 -18.41 -37.95
CA VAL B 32 -14.11 -17.05 -38.44
C VAL B 32 -14.92 -16.21 -37.45
N GLN B 33 -15.67 -16.85 -36.56
CA GLN B 33 -16.36 -16.19 -35.47
C GLN B 33 -15.46 -15.95 -34.26
N GLN B 34 -14.24 -16.47 -34.29
CA GLN B 34 -13.28 -16.26 -33.23
C GLN B 34 -12.18 -15.28 -33.62
N GLN B 35 -12.03 -14.94 -34.90
CA GLN B 35 -11.00 -13.98 -35.26
C GLN B 35 -11.34 -12.55 -34.81
N SER B 36 -12.51 -12.35 -34.20
CA SER B 36 -12.83 -11.10 -33.55
C SER B 36 -12.00 -10.86 -32.29
N ASN B 37 -11.19 -11.84 -31.88
CA ASN B 37 -10.31 -11.74 -30.72
C ASN B 37 -9.29 -10.61 -30.83
N LEU B 38 -8.99 -10.13 -32.03
CA LEU B 38 -8.32 -8.84 -32.18
C LEU B 38 -9.39 -7.81 -31.87
N LEU B 39 -9.43 -7.37 -30.61
CA LEU B 39 -10.56 -6.62 -30.09
C LEU B 39 -10.53 -5.17 -30.53
N ARG B 40 -11.49 -4.40 -30.02
CA ARG B 40 -11.53 -2.96 -30.22
C ARG B 40 -10.39 -2.30 -29.45
N ALA B 41 -10.11 -1.05 -29.81
CA ALA B 41 -9.01 -0.29 -29.23
C ALA B 41 -9.25 -0.10 -27.74
N PRO B 42 -8.44 -0.73 -26.88
CA PRO B 42 -8.72 -0.66 -25.44
C PRO B 42 -8.36 0.70 -24.87
N GLU B 43 -8.99 1.00 -23.75
CA GLU B 43 -8.70 2.21 -23.02
C GLU B 43 -7.42 2.04 -22.20
N ALA B 44 -7.29 2.89 -21.19
CA ALA B 44 -6.11 3.03 -20.34
C ALA B 44 -6.00 1.83 -19.40
N GLN B 45 -5.38 2.05 -18.24
CA GLN B 45 -5.11 1.03 -17.19
C GLN B 45 -6.46 0.71 -16.50
N GLN B 46 -6.46 0.15 -15.28
CA GLN B 46 -7.66 -0.25 -14.56
C GLN B 46 -8.37 -1.35 -15.33
N HIS B 47 -7.92 -2.62 -15.12
CA HIS B 47 -8.24 -3.90 -15.80
C HIS B 47 -7.33 -4.20 -16.97
N LEU B 48 -6.07 -3.77 -16.93
CA LEU B 48 -5.13 -4.23 -17.94
C LEU B 48 -4.77 -5.69 -17.70
N LEU B 49 -4.93 -6.18 -16.48
CA LEU B 49 -4.67 -7.59 -16.20
C LEU B 49 -5.83 -8.45 -16.67
N LYS B 50 -7.06 -7.97 -16.55
CA LYS B 50 -8.21 -8.74 -17.00
C LYS B 50 -8.19 -8.94 -18.51
N LEU B 51 -7.46 -8.09 -19.22
CA LEU B 51 -7.40 -8.19 -20.67
C LEU B 51 -6.57 -9.38 -21.12
N THR B 52 -5.61 -9.82 -20.30
CA THR B 52 -4.74 -10.91 -20.73
C THR B 52 -5.07 -12.23 -20.03
N VAL B 53 -5.75 -12.17 -18.88
CA VAL B 53 -6.18 -13.43 -18.25
C VAL B 53 -7.26 -14.08 -19.10
N TRP B 54 -8.17 -13.28 -19.62
CA TRP B 54 -9.17 -13.80 -20.55
C TRP B 54 -8.64 -13.90 -21.97
N GLY B 55 -7.38 -13.53 -22.19
CA GLY B 55 -6.82 -13.66 -23.52
C GLY B 55 -6.31 -15.06 -23.79
N ILE B 56 -5.89 -15.76 -22.75
CA ILE B 56 -5.35 -17.11 -22.91
C ILE B 56 -6.49 -18.10 -23.11
N LYS B 57 -7.60 -17.90 -22.39
CA LYS B 57 -8.75 -18.80 -22.52
C LYS B 57 -9.39 -18.70 -23.91
N GLN B 58 -9.20 -17.55 -24.57
CA GLN B 58 -9.63 -17.46 -25.97
C GLN B 58 -8.64 -18.14 -26.89
N LEU B 59 -7.37 -18.24 -26.48
CA LEU B 59 -6.35 -18.71 -27.41
C LEU B 59 -6.06 -20.19 -27.22
N GLN B 60 -6.46 -20.76 -26.09
CA GLN B 60 -6.33 -22.19 -25.93
C GLN B 60 -7.34 -22.92 -26.80
N ALA B 61 -8.48 -22.30 -27.06
CA ALA B 61 -9.48 -22.93 -27.90
C ALA B 61 -9.19 -22.68 -29.37
N ARG B 62 -8.34 -21.71 -29.67
CA ARG B 62 -7.88 -21.54 -31.05
C ARG B 62 -6.81 -22.56 -31.39
N VAL B 63 -5.81 -22.71 -30.50
CA VAL B 63 -4.68 -23.60 -30.75
C VAL B 63 -5.13 -25.06 -30.66
N LEU B 64 -6.00 -25.36 -29.70
CA LEU B 64 -6.47 -26.73 -29.51
C LEU B 64 -7.34 -27.19 -30.69
N ALA B 65 -8.02 -26.25 -31.35
CA ALA B 65 -8.81 -26.62 -32.52
C ALA B 65 -7.92 -26.91 -33.72
N VAL B 66 -6.74 -26.29 -33.76
CA VAL B 66 -5.83 -26.49 -34.89
C VAL B 66 -5.07 -27.79 -34.73
N GLU B 67 -4.56 -28.06 -33.54
CA GLU B 67 -3.64 -29.19 -33.42
C GLU B 67 -4.38 -30.47 -33.07
N ARG B 68 -5.70 -30.44 -33.01
CA ARG B 68 -6.47 -31.68 -33.08
C ARG B 68 -6.92 -31.95 -34.51
N TYR B 69 -6.81 -30.95 -35.37
CA TYR B 69 -7.23 -31.09 -36.76
C TYR B 69 -6.13 -31.73 -37.58
N LEU B 70 -4.88 -31.36 -37.33
CA LEU B 70 -3.79 -31.84 -38.18
C LEU B 70 -3.50 -33.32 -37.95
N ARG B 71 -3.72 -33.82 -36.74
CA ARG B 71 -3.34 -35.20 -36.49
C ARG B 71 -4.38 -36.16 -37.04
N ASP B 72 -5.56 -35.66 -37.40
CA ASP B 72 -6.53 -36.50 -38.08
C ASP B 72 -6.43 -36.35 -39.58
N GLN B 73 -5.78 -35.29 -40.05
CA GLN B 73 -5.53 -35.15 -41.48
C GLN B 73 -4.26 -35.89 -41.87
N GLN B 74 -3.28 -35.92 -40.97
CA GLN B 74 -2.04 -36.64 -41.21
C GLN B 74 -2.28 -38.15 -41.26
N LEU B 75 -3.20 -38.64 -40.45
CA LEU B 75 -3.46 -40.08 -40.38
C LEU B 75 -3.96 -40.62 -41.71
N LEU B 76 -4.59 -39.77 -42.52
CA LEU B 76 -4.95 -40.20 -43.86
C LEU B 76 -3.73 -40.30 -44.77
N GLY B 77 -2.64 -39.63 -44.40
CA GLY B 77 -1.43 -39.76 -45.19
C GLY B 77 -0.67 -41.02 -44.89
N ILE B 78 -0.89 -41.58 -43.69
CA ILE B 78 -0.29 -42.86 -43.33
C ILE B 78 -0.95 -43.99 -44.11
N TRP B 79 -2.24 -43.89 -44.34
CA TRP B 79 -3.01 -44.93 -45.04
C TRP B 79 -2.87 -44.88 -46.49
N GLY B 80 -2.29 -43.81 -47.03
CA GLY B 80 -2.04 -43.75 -48.44
C GLY B 80 -2.96 -42.85 -49.23
N CYS B 81 -3.91 -42.19 -48.58
CA CYS B 81 -4.90 -41.39 -49.28
C CYS B 81 -5.04 -40.04 -48.58
N SER B 82 -4.26 -39.06 -49.04
CA SER B 82 -4.27 -37.71 -48.48
C SER B 82 -4.98 -36.79 -49.45
N GLY B 83 -5.75 -35.85 -48.92
CA GLY B 83 -6.51 -34.96 -49.76
C GLY B 83 -7.93 -35.45 -50.00
N LYS B 84 -8.07 -36.71 -50.40
CA LYS B 84 -9.38 -37.21 -50.81
C LYS B 84 -10.31 -37.37 -49.63
N LEU B 85 -11.52 -36.85 -49.78
CA LEU B 85 -12.59 -37.06 -48.82
C LEU B 85 -13.23 -38.42 -48.94
N ILE B 86 -13.01 -39.14 -50.04
CA ILE B 86 -13.38 -40.54 -50.15
C ILE B 86 -12.20 -41.31 -50.70
N CYS B 87 -11.64 -42.24 -49.92
CA CYS B 87 -10.61 -43.10 -50.48
C CYS B 87 -10.97 -44.56 -50.20
N CYS B 88 -10.29 -45.47 -50.88
CA CYS B 88 -10.56 -46.89 -50.78
C CYS B 88 -9.26 -47.64 -50.52
N THR B 89 -9.24 -48.46 -49.48
CA THR B 89 -7.96 -48.86 -48.93
C THR B 89 -7.51 -50.30 -49.15
N ASN B 90 -8.33 -51.13 -49.80
CA ASN B 90 -7.98 -52.49 -50.23
C ASN B 90 -7.57 -53.38 -49.05
N VAL B 91 -8.41 -53.43 -48.04
CA VAL B 91 -8.26 -54.28 -46.87
C VAL B 91 -9.54 -55.10 -46.76
N PRO B 92 -9.46 -56.43 -46.71
CA PRO B 92 -10.68 -57.24 -46.72
C PRO B 92 -11.49 -57.09 -45.45
N TRP B 93 -12.79 -56.90 -45.63
CA TRP B 93 -13.74 -56.75 -44.53
C TRP B 93 -13.93 -58.12 -43.90
N ASN B 94 -13.28 -58.33 -42.78
CA ASN B 94 -13.43 -59.55 -42.01
C ASN B 94 -14.86 -59.63 -41.49
N SER B 95 -15.45 -60.81 -41.63
CA SER B 95 -16.87 -60.95 -41.30
C SER B 95 -17.08 -61.24 -39.82
N SER B 96 -16.03 -61.10 -39.01
CA SER B 96 -16.22 -61.14 -37.57
C SER B 96 -16.38 -59.73 -37.00
N TRP B 97 -15.95 -58.72 -37.76
CA TRP B 97 -16.11 -57.33 -37.34
C TRP B 97 -17.57 -56.98 -37.21
N SER B 98 -18.35 -57.25 -38.25
CA SER B 98 -19.76 -56.92 -38.22
C SER B 98 -20.55 -57.95 -39.01
N ASN B 99 -21.62 -57.50 -39.61
CA ASN B 99 -22.82 -58.30 -39.80
C ASN B 99 -23.44 -58.06 -41.15
N ARG B 100 -24.75 -57.90 -41.14
CA ARG B 100 -25.76 -58.49 -42.02
C ARG B 100 -25.29 -58.68 -43.46
N ASN B 101 -25.49 -57.72 -44.38
CA ASN B 101 -25.01 -57.77 -45.76
C ASN B 101 -25.20 -56.46 -46.52
N LEU B 102 -24.25 -55.51 -46.46
CA LEU B 102 -24.01 -54.52 -47.52
C LEU B 102 -25.16 -53.60 -47.95
N SER B 103 -26.39 -53.92 -47.59
CA SER B 103 -27.55 -53.39 -48.30
C SER B 103 -28.65 -53.01 -47.34
N GLU B 104 -28.59 -53.58 -46.14
CA GLU B 104 -29.37 -53.07 -45.03
C GLU B 104 -28.53 -52.11 -44.22
N ILE B 105 -27.31 -51.82 -44.68
CA ILE B 105 -26.48 -50.83 -44.00
C ILE B 105 -26.68 -49.45 -44.61
N TRP B 106 -26.73 -49.38 -45.94
CA TRP B 106 -26.75 -48.07 -46.59
C TRP B 106 -28.17 -47.57 -46.78
N ASP B 107 -29.18 -48.38 -46.45
CA ASP B 107 -30.54 -48.00 -46.75
C ASP B 107 -31.39 -47.69 -45.53
N ASN B 108 -31.19 -48.38 -44.40
CA ASN B 108 -31.96 -48.06 -43.21
C ASN B 108 -31.11 -48.13 -41.95
N MET B 109 -29.91 -47.55 -41.99
CA MET B 109 -29.14 -47.27 -40.79
C MET B 109 -28.56 -45.87 -40.90
N THR B 110 -28.38 -45.23 -39.74
CA THR B 110 -27.70 -43.95 -39.67
C THR B 110 -26.25 -44.16 -39.27
N TRP B 111 -25.45 -43.11 -39.44
CA TRP B 111 -24.03 -43.23 -39.09
C TRP B 111 -23.82 -43.32 -37.60
N LEU B 112 -24.74 -42.76 -36.80
CA LEU B 112 -24.52 -42.76 -35.36
C LEU B 112 -24.65 -44.17 -34.79
N GLN B 113 -25.70 -44.89 -35.18
CA GLN B 113 -25.86 -46.24 -34.65
C GLN B 113 -24.94 -47.21 -35.35
N TRP B 114 -24.46 -46.87 -36.55
CA TRP B 114 -23.41 -47.66 -37.20
C TRP B 114 -22.10 -47.51 -36.48
N ASP B 115 -21.81 -46.30 -36.00
CA ASP B 115 -20.57 -46.05 -35.28
C ASP B 115 -20.53 -46.79 -33.96
N LYS B 116 -21.69 -47.06 -33.36
CA LYS B 116 -21.76 -47.80 -32.12
C LYS B 116 -21.27 -49.24 -32.30
N GLU B 117 -21.72 -49.90 -33.39
CA GLU B 117 -21.38 -51.31 -33.57
C GLU B 117 -19.92 -51.49 -33.92
N ILE B 118 -19.33 -50.52 -34.63
CA ILE B 118 -18.00 -50.75 -35.17
C ILE B 118 -16.96 -50.03 -34.32
N SER B 119 -17.39 -49.36 -33.23
CA SER B 119 -16.46 -48.68 -32.35
C SER B 119 -15.61 -49.66 -31.55
N ASN B 120 -16.08 -50.89 -31.43
CA ASN B 120 -15.42 -51.85 -30.56
C ASN B 120 -14.23 -52.45 -31.28
N TYR B 121 -14.18 -52.26 -32.59
CA TYR B 121 -13.21 -52.88 -33.48
C TYR B 121 -12.43 -51.84 -34.26
N THR B 122 -12.45 -50.59 -33.84
CA THR B 122 -11.91 -49.53 -34.66
C THR B 122 -10.38 -49.51 -34.60
N GLN B 123 -9.81 -49.95 -33.48
CA GLN B 123 -8.36 -49.94 -33.35
C GLN B 123 -7.73 -51.12 -34.07
N ILE B 124 -8.52 -52.11 -34.47
CA ILE B 124 -7.95 -53.19 -35.27
C ILE B 124 -8.25 -52.99 -36.74
N ILE B 125 -9.30 -52.22 -37.06
CA ILE B 125 -9.51 -51.81 -38.45
C ILE B 125 -8.48 -50.77 -38.85
N TYR B 126 -8.09 -49.89 -37.91
CA TYR B 126 -7.02 -48.95 -38.21
C TYR B 126 -5.66 -49.62 -38.23
N GLY B 127 -5.58 -50.85 -37.74
CA GLY B 127 -4.30 -51.54 -37.75
C GLY B 127 -3.94 -52.10 -39.11
N LEU B 128 -4.93 -52.55 -39.86
CA LEU B 128 -4.63 -53.13 -41.17
C LEU B 128 -4.46 -52.06 -42.24
N LEU B 129 -4.93 -50.84 -41.97
CA LEU B 129 -4.83 -49.81 -43.00
C LEU B 129 -3.38 -49.35 -43.18
N GLU B 130 -2.61 -49.33 -42.09
CA GLU B 130 -1.21 -48.90 -42.22
C GLU B 130 -0.32 -50.06 -42.63
N GLU B 131 -0.88 -51.24 -42.85
CA GLU B 131 -0.07 -52.37 -43.28
C GLU B 131 -0.29 -52.71 -44.74
N SER B 132 -1.47 -52.41 -45.29
CA SER B 132 -1.67 -52.68 -46.70
C SER B 132 -1.20 -51.49 -47.54
N GLN B 133 -0.73 -50.44 -46.87
CA GLN B 133 -0.11 -49.33 -47.59
C GLN B 133 1.41 -49.42 -47.54
N ASN B 134 1.97 -49.85 -46.41
CA ASN B 134 3.42 -50.02 -46.32
C ASN B 134 3.92 -51.10 -47.27
N GLN B 135 3.11 -52.12 -47.51
CA GLN B 135 3.53 -53.19 -48.42
C GLN B 135 3.54 -52.69 -49.86
N GLN B 136 2.77 -51.63 -50.13
CA GLN B 136 2.70 -51.11 -51.49
C GLN B 136 3.77 -50.06 -51.74
N GLU B 137 4.11 -49.26 -50.74
CA GLU B 137 4.96 -48.10 -51.00
C GLU B 137 6.43 -48.49 -51.04
N LYS B 138 6.87 -49.37 -50.13
CA LYS B 138 8.30 -49.68 -50.05
C LYS B 138 8.63 -50.94 -50.85
N ASN B 139 7.65 -51.83 -51.04
CA ASN B 139 7.95 -53.05 -51.76
C ASN B 139 7.57 -52.93 -53.22
N GLU B 140 6.30 -52.63 -53.49
CA GLU B 140 5.78 -52.76 -54.85
C GLU B 140 6.31 -51.67 -55.76
N GLN B 141 6.34 -50.42 -55.27
CA GLN B 141 6.63 -49.33 -56.18
C GLN B 141 8.10 -49.28 -56.54
N ASP B 142 8.98 -49.68 -55.62
CA ASP B 142 10.41 -49.74 -55.95
C ASP B 142 10.76 -51.01 -56.72
N LEU B 143 9.86 -52.00 -56.75
CA LEU B 143 10.10 -53.14 -57.64
C LEU B 143 9.54 -52.88 -59.02
N LEU B 144 8.41 -52.18 -59.11
CA LEU B 144 7.85 -51.90 -60.43
C LEU B 144 8.56 -50.75 -61.12
N ALA B 145 9.43 -50.04 -60.39
CA ALA B 145 10.33 -49.10 -61.03
C ALA B 145 11.40 -49.83 -61.83
N LEU B 146 12.20 -50.65 -61.16
CA LEU B 146 13.34 -51.29 -61.79
C LEU B 146 12.97 -52.49 -62.64
N ASP B 147 11.72 -52.97 -62.55
CA ASP B 147 11.25 -54.05 -63.40
C ASP B 147 10.00 -53.56 -64.12
N GLN C 1 -73.15 27.92 15.74
CA GLN C 1 -73.53 26.59 16.19
C GLN C 1 -73.09 26.38 17.63
N VAL C 2 -71.81 26.62 17.88
CA VAL C 2 -71.23 26.52 19.21
C VAL C 2 -70.93 27.93 19.71
N GLN C 3 -71.42 28.25 20.90
CA GLN C 3 -71.27 29.58 21.48
C GLN C 3 -70.46 29.50 22.77
N LEU C 4 -69.45 30.36 22.87
CA LEU C 4 -68.47 30.28 23.94
C LEU C 4 -68.36 31.61 24.67
N GLN C 5 -68.58 31.54 25.98
CA GLN C 5 -68.51 32.68 26.88
C GLN C 5 -67.46 32.39 27.95
N GLU C 6 -66.59 33.35 28.20
CA GLU C 6 -65.56 33.18 29.21
C GLU C 6 -65.94 33.87 30.52
N SER C 7 -65.63 33.19 31.61
CA SER C 7 -65.89 33.69 32.97
C SER C 7 -64.59 33.55 33.74
N GLY C 8 -64.43 34.38 34.78
CA GLY C 8 -63.23 34.36 35.56
C GLY C 8 -63.05 35.64 36.36
N PRO C 9 -62.59 35.51 37.61
CA PRO C 9 -62.43 36.68 38.48
C PRO C 9 -61.30 37.61 38.02
N GLY C 10 -61.57 38.91 38.06
CA GLY C 10 -60.63 39.93 37.63
C GLY C 10 -59.35 40.03 38.43
N LEU C 11 -59.41 39.86 39.75
CA LEU C 11 -58.21 39.84 40.57
C LEU C 11 -58.17 38.57 41.39
N VAL C 12 -57.02 37.90 41.38
CA VAL C 12 -56.71 36.84 42.33
C VAL C 12 -55.39 37.18 43.00
N LYS C 13 -55.19 36.62 44.17
CA LYS C 13 -53.94 36.83 44.89
C LYS C 13 -52.87 35.88 44.39
N PRO C 14 -51.60 36.31 44.44
CA PRO C 14 -50.50 35.40 44.08
C PRO C 14 -50.39 34.20 45.01
N SER C 15 -49.76 33.15 44.48
CA SER C 15 -49.67 31.81 45.07
C SER C 15 -51.05 31.27 45.44
N GLU C 16 -51.92 31.11 44.45
CA GLU C 16 -53.28 30.64 44.67
C GLU C 16 -53.73 29.94 43.39
N THR C 17 -54.53 28.89 43.56
CA THR C 17 -55.11 28.12 42.46
C THR C 17 -56.05 29.00 41.65
N LEU C 18 -55.71 29.22 40.40
CA LEU C 18 -56.56 29.98 39.48
C LEU C 18 -57.63 29.08 38.90
N SER C 19 -58.76 29.67 38.54
CA SER C 19 -59.89 28.93 37.98
C SER C 19 -60.56 29.77 36.91
N VAL C 20 -60.59 29.25 35.69
CA VAL C 20 -61.28 29.85 34.57
C VAL C 20 -62.23 28.82 33.99
N THR C 21 -63.51 29.12 34.03
CA THR C 21 -64.54 28.18 33.61
C THR C 21 -65.13 28.66 32.28
N CYS C 22 -65.35 27.72 31.38
CA CYS C 22 -65.81 27.99 30.02
C CYS C 22 -67.27 27.58 29.88
N SER C 23 -68.15 28.56 29.73
CA SER C 23 -69.56 28.31 29.52
C SER C 23 -69.79 27.89 28.07
N VAL C 24 -70.40 26.72 27.88
CA VAL C 24 -70.53 26.10 26.56
C VAL C 24 -72.01 25.80 26.31
N SER C 25 -72.53 26.23 25.17
CA SER C 25 -73.83 25.78 24.70
C SER C 25 -73.65 24.85 23.51
N GLY C 26 -74.78 24.46 22.92
CA GLY C 26 -74.80 23.62 21.74
C GLY C 26 -74.71 22.13 22.00
N ASP C 27 -73.95 21.72 23.02
CA ASP C 27 -73.77 20.34 23.48
C ASP C 27 -73.07 19.45 22.45
N SER C 28 -72.49 20.04 21.41
CA SER C 28 -71.69 19.32 20.42
C SER C 28 -70.22 19.25 20.83
N MET C 29 -69.95 19.35 22.14
CA MET C 29 -68.61 19.41 22.69
C MET C 29 -67.92 18.05 22.67
N ASN C 30 -68.67 16.98 22.50
CA ASN C 30 -68.08 15.65 22.46
C ASN C 30 -67.74 15.20 21.04
N ASN C 31 -67.72 16.11 20.07
CA ASN C 31 -67.12 15.87 18.77
C ASN C 31 -65.78 16.59 18.60
N TYR C 32 -65.30 17.29 19.63
CA TYR C 32 -64.16 18.18 19.50
C TYR C 32 -63.07 17.87 20.52
N TYR C 33 -61.88 18.44 20.30
CA TYR C 33 -60.79 18.44 21.29
C TYR C 33 -60.55 19.84 21.81
N TRP C 34 -60.59 20.01 23.12
CA TRP C 34 -60.64 21.33 23.74
C TRP C 34 -59.28 21.78 24.27
N THR C 35 -59.03 23.09 24.19
CA THR C 35 -57.75 23.66 24.54
C THR C 35 -57.90 25.10 25.01
N TRP C 36 -56.79 25.63 25.51
CA TRP C 36 -56.70 27.02 25.96
C TRP C 36 -55.46 27.67 25.37
N ILE C 37 -55.57 28.92 24.94
CA ILE C 37 -54.42 29.69 24.48
C ILE C 37 -54.39 30.99 25.29
N ARG C 38 -53.20 31.58 25.43
CA ARG C 38 -53.10 32.81 26.20
C ARG C 38 -52.07 33.76 25.62
N GLN C 39 -52.26 35.04 25.90
CA GLN C 39 -51.36 36.10 25.47
C GLN C 39 -50.97 36.92 26.69
N SER C 40 -49.78 36.69 27.20
CA SER C 40 -49.20 37.60 28.17
C SER C 40 -48.93 38.92 27.46
N PRO C 41 -49.35 40.04 28.06
CA PRO C 41 -49.31 41.33 27.35
C PRO C 41 -47.90 41.73 26.95
N GLY C 42 -47.73 42.11 25.69
CA GLY C 42 -46.44 42.42 25.12
C GLY C 42 -45.81 41.30 24.33
N LYS C 43 -46.44 40.13 24.26
CA LYS C 43 -45.93 38.98 23.54
C LYS C 43 -46.94 38.52 22.51
N GLY C 44 -46.58 37.50 21.76
CA GLY C 44 -47.50 36.77 20.89
C GLY C 44 -48.34 35.77 21.67
N LEU C 45 -48.89 34.81 20.94
CA LEU C 45 -49.74 33.82 21.57
C LEU C 45 -49.01 32.53 21.90
N GLU C 46 -49.57 31.78 22.84
CA GLU C 46 -49.02 30.52 23.31
C GLU C 46 -50.14 29.59 23.73
N TRP C 47 -50.08 28.33 23.30
CA TRP C 47 -51.06 27.32 23.72
C TRP C 47 -50.84 26.91 25.17
N ILE C 48 -51.76 26.10 25.68
CA ILE C 48 -51.64 25.62 27.06
C ILE C 48 -51.72 24.10 27.13
N GLY C 49 -52.75 23.49 26.57
CA GLY C 49 -52.79 22.04 26.61
C GLY C 49 -54.09 21.48 26.08
N TYR C 50 -54.08 20.17 25.87
CA TYR C 50 -55.19 19.52 25.20
C TYR C 50 -55.90 18.58 26.16
N ILE C 51 -57.21 18.58 26.05
CA ILE C 51 -58.07 17.59 26.66
C ILE C 51 -58.83 16.94 25.49
N SER C 52 -58.96 15.63 25.52
CA SER C 52 -59.63 14.99 24.41
C SER C 52 -61.09 14.70 24.77
N ASP C 53 -61.71 13.84 23.96
CA ASP C 53 -63.02 13.30 24.34
C ASP C 53 -62.88 12.10 25.25
N ARG C 54 -61.82 11.31 25.07
CA ARG C 54 -61.50 10.17 25.92
C ARG C 54 -60.60 10.57 27.07
N GLU C 55 -60.41 11.90 27.26
CA GLU C 55 -59.55 12.50 28.29
C GLU C 55 -58.09 12.05 28.18
N SER C 56 -57.42 12.38 27.08
CA SER C 56 -55.98 12.20 27.01
C SER C 56 -55.29 13.52 27.37
N ALA C 57 -54.54 13.52 28.48
CA ALA C 57 -54.07 14.79 29.05
C ALA C 57 -52.64 15.08 28.63
N THR C 58 -52.49 16.12 27.82
CA THR C 58 -51.17 16.65 27.47
C THR C 58 -51.13 18.14 27.76
N TYR C 59 -49.91 18.66 27.95
CA TYR C 59 -49.70 20.09 28.20
C TYR C 59 -48.32 20.50 27.69
N ASN C 60 -48.11 21.82 27.61
CA ASN C 60 -46.97 22.38 26.91
C ASN C 60 -45.69 22.23 27.73
N PRO C 61 -44.61 21.68 27.16
CA PRO C 61 -43.34 21.60 27.88
C PRO C 61 -42.57 22.92 27.83
N SER C 62 -43.29 23.99 28.12
CA SER C 62 -42.74 25.31 28.39
C SER C 62 -43.37 25.87 29.65
N LEU C 63 -44.34 25.17 30.21
CA LEU C 63 -44.82 25.38 31.57
C LEU C 63 -44.43 24.14 32.37
N ASN C 64 -44.56 24.21 33.69
CA ASN C 64 -44.23 23.05 34.49
C ASN C 64 -45.48 22.20 34.70
N SER C 65 -45.39 21.29 35.68
CA SER C 65 -46.45 20.33 35.93
C SER C 65 -47.64 20.95 36.65
N ARG C 66 -47.62 22.26 36.88
CA ARG C 66 -48.63 22.98 37.64
C ARG C 66 -49.85 23.34 36.82
N VAL C 67 -50.09 22.67 35.70
CA VAL C 67 -51.26 22.93 34.86
C VAL C 67 -52.14 21.69 34.90
N VAL C 68 -53.44 21.89 35.09
CA VAL C 68 -54.44 20.81 35.07
C VAL C 68 -55.68 21.31 34.33
N ILE C 69 -56.18 20.49 33.39
CA ILE C 69 -57.47 20.72 32.74
C ILE C 69 -58.45 19.67 33.25
N SER C 70 -59.67 20.10 33.59
CA SER C 70 -60.79 19.19 33.77
C SER C 70 -61.86 19.55 32.75
N ARG C 71 -62.66 18.56 32.36
CA ARG C 71 -63.80 18.80 31.47
C ARG C 71 -65.03 18.08 32.01
N ASP C 72 -66.14 18.81 32.10
CA ASP C 72 -67.41 18.23 32.49
C ASP C 72 -68.27 18.08 31.24
N THR C 73 -68.95 16.94 31.15
CA THR C 73 -69.93 16.67 30.10
C THR C 73 -71.35 16.82 30.59
N SER C 74 -71.54 16.98 31.89
CA SER C 74 -72.88 17.06 32.46
C SER C 74 -73.40 18.49 32.45
N LYS C 75 -72.67 19.39 33.10
CA LYS C 75 -72.96 20.81 33.03
C LYS C 75 -72.36 21.44 31.76
N ASN C 76 -71.56 20.67 31.01
CA ASN C 76 -70.88 21.09 29.78
C ASN C 76 -69.95 22.26 30.06
N GLN C 77 -69.16 22.14 31.12
CA GLN C 77 -68.32 23.23 31.63
C GLN C 77 -66.87 22.78 31.64
N LEU C 78 -66.04 23.45 30.86
CA LEU C 78 -64.61 23.22 30.86
C LEU C 78 -64.01 24.05 31.99
N SER C 79 -62.86 23.61 32.50
CA SER C 79 -62.20 24.27 33.61
C SER C 79 -60.71 24.35 33.32
N LEU C 80 -60.11 25.49 33.66
CA LEU C 80 -58.67 25.69 33.59
C LEU C 80 -58.18 26.09 34.98
N LYS C 81 -57.16 25.39 35.47
CA LYS C 81 -56.65 25.57 36.82
C LYS C 81 -55.14 25.63 36.81
N LEU C 82 -54.62 26.85 36.85
CA LEU C 82 -53.19 27.11 36.96
C LEU C 82 -52.86 27.09 38.45
N ASN C 83 -52.10 26.09 38.88
CA ASN C 83 -51.78 25.96 40.29
C ASN C 83 -50.49 26.71 40.60
N SER C 84 -50.42 27.23 41.83
CA SER C 84 -49.30 28.03 42.35
C SER C 84 -49.02 29.23 41.43
N VAL C 85 -50.02 30.13 41.36
CA VAL C 85 -49.97 31.19 40.38
C VAL C 85 -48.99 32.27 40.82
N THR C 86 -48.36 32.92 39.86
CA THR C 86 -47.41 33.99 40.06
C THR C 86 -47.84 35.18 39.21
N PRO C 87 -47.16 36.35 39.34
CA PRO C 87 -47.39 37.43 38.38
C PRO C 87 -46.96 37.12 36.95
N ALA C 88 -46.22 36.03 36.73
CA ALA C 88 -45.92 35.58 35.37
C ALA C 88 -47.15 35.04 34.66
N ASP C 89 -48.21 34.75 35.40
CA ASP C 89 -49.45 34.25 34.87
C ASP C 89 -50.47 35.35 34.64
N THR C 90 -50.01 36.53 34.25
CA THR C 90 -50.89 37.64 33.92
C THR C 90 -51.16 37.68 32.42
N ALA C 91 -52.38 37.30 32.03
CA ALA C 91 -52.65 37.14 30.62
C ALA C 91 -54.15 37.18 30.35
N VAL C 92 -54.50 36.94 29.09
CA VAL C 92 -55.87 36.95 28.60
C VAL C 92 -56.21 35.55 28.08
N TYR C 93 -57.31 34.98 28.57
CA TYR C 93 -57.57 33.56 28.38
C TYR C 93 -58.69 33.30 27.36
N TYR C 94 -58.33 32.60 26.29
CA TYR C 94 -59.26 32.19 25.25
C TYR C 94 -59.51 30.70 25.34
N CYS C 95 -60.79 30.33 25.38
CA CYS C 95 -61.24 28.94 25.32
C CYS C 95 -61.54 28.62 23.86
N ALA C 96 -61.10 27.44 23.39
CA ALA C 96 -61.16 27.13 21.97
C ALA C 96 -61.33 25.64 21.76
N THR C 97 -61.93 25.28 20.62
CA THR C 97 -62.05 23.91 20.17
C THR C 97 -61.22 23.74 18.92
N ALA C 98 -60.91 22.49 18.57
CA ALA C 98 -60.17 22.21 17.35
C ALA C 98 -60.55 20.86 16.78
N ARG C 99 -60.61 20.80 15.46
CA ARG C 99 -60.76 19.55 14.74
C ARG C 99 -59.41 18.89 14.52
N ARG C 100 -59.45 17.73 13.89
CA ARG C 100 -58.27 16.94 13.57
C ARG C 100 -58.13 16.94 12.06
N GLY C 101 -56.91 16.87 11.56
CA GLY C 101 -56.64 16.54 10.19
C GLY C 101 -55.47 15.57 10.13
N GLN C 102 -55.24 15.01 8.95
CA GLN C 102 -54.03 14.25 8.75
C GLN C 102 -53.49 14.47 7.35
N ARG C 103 -52.23 14.86 7.27
CA ARG C 103 -51.55 15.09 6.01
C ARG C 103 -50.77 13.83 5.66
N ILE C 104 -51.37 13.01 4.79
CA ILE C 104 -50.73 11.79 4.34
C ILE C 104 -49.68 12.15 3.31
N TYR C 105 -48.48 11.62 3.47
CA TYR C 105 -47.41 11.90 2.52
C TYR C 105 -46.86 10.63 1.89
N GLY C 106 -47.49 9.48 2.16
CA GLY C 106 -46.98 8.21 1.68
C GLY C 106 -47.94 7.07 1.92
N VAL C 107 -47.41 5.90 2.29
CA VAL C 107 -48.25 4.71 2.41
C VAL C 107 -48.93 4.69 3.77
N VAL C 108 -50.26 4.66 3.76
CA VAL C 108 -51.05 4.50 4.96
C VAL C 108 -50.94 3.02 5.32
N SER C 109 -50.94 2.73 6.63
CA SER C 109 -50.65 1.46 7.30
C SER C 109 -49.17 1.11 7.26
N PHE C 110 -48.35 2.04 6.81
CA PHE C 110 -46.94 2.08 7.21
C PHE C 110 -46.68 3.21 8.19
N GLY C 111 -47.67 4.05 8.45
CA GLY C 111 -47.54 5.15 9.37
C GLY C 111 -46.91 6.39 8.78
N GLU C 112 -47.08 6.63 7.48
CA GLU C 112 -46.46 7.77 6.82
C GLU C 112 -47.48 8.90 6.70
N PHE C 113 -47.73 9.56 7.82
CA PHE C 113 -48.58 10.73 7.92
C PHE C 113 -48.29 11.40 9.25
N PHE C 114 -49.10 12.41 9.57
CA PHE C 114 -49.08 13.12 10.84
C PHE C 114 -50.37 13.89 10.93
N TYR C 115 -50.67 14.40 12.13
CA TYR C 115 -51.91 15.09 12.39
C TYR C 115 -51.65 16.59 12.47
N TYR C 116 -52.67 17.38 12.13
CA TYR C 116 -52.63 18.82 12.18
C TYR C 116 -53.98 19.31 12.64
N TYR C 117 -54.00 20.35 13.47
CA TYR C 117 -55.23 20.84 14.06
C TYR C 117 -55.50 22.26 13.58
N SER C 118 -56.72 22.74 13.78
CA SER C 118 -57.07 24.13 13.50
C SER C 118 -58.28 24.52 14.33
N MET C 119 -58.39 25.81 14.63
CA MET C 119 -59.41 26.27 15.57
C MET C 119 -60.56 26.96 14.84
N ASP C 120 -61.77 26.74 15.32
CA ASP C 120 -62.99 27.04 14.58
C ASP C 120 -63.97 27.94 15.32
N VAL C 121 -64.01 27.88 16.65
CA VAL C 121 -64.84 28.78 17.44
C VAL C 121 -63.92 29.67 18.25
N TRP C 122 -64.13 30.98 18.18
CA TRP C 122 -63.39 31.89 19.04
C TRP C 122 -64.30 32.46 20.11
N GLY C 123 -63.79 32.45 21.34
CA GLY C 123 -64.52 32.92 22.49
C GLY C 123 -64.40 34.42 22.70
N LYS C 124 -64.71 34.83 23.93
CA LYS C 124 -64.83 36.25 24.24
C LYS C 124 -63.72 36.78 25.13
N GLY C 125 -62.91 35.91 25.70
CA GLY C 125 -61.77 36.32 26.49
C GLY C 125 -62.13 36.74 27.91
N THR C 126 -61.31 36.34 28.87
CA THR C 126 -61.38 36.85 30.23
C THR C 126 -60.00 37.32 30.66
N THR C 127 -59.97 38.47 31.32
CA THR C 127 -58.73 39.10 31.76
C THR C 127 -58.58 38.87 33.26
N VAL C 128 -57.40 38.38 33.66
CA VAL C 128 -57.09 38.08 35.05
C VAL C 128 -55.72 38.67 35.36
N THR C 129 -55.60 39.36 36.50
CA THR C 129 -54.30 39.78 36.99
C THR C 129 -54.05 39.21 38.38
N VAL C 130 -52.79 39.30 38.79
CA VAL C 130 -52.31 38.77 40.05
C VAL C 130 -51.64 39.90 40.84
N SER C 131 -52.10 40.10 42.07
CA SER C 131 -51.59 41.14 42.96
C SER C 131 -52.10 40.83 44.37
N SER C 132 -51.42 41.41 45.36
CA SER C 132 -51.87 41.29 46.75
C SER C 132 -52.92 42.34 47.12
N ALA C 133 -53.33 43.18 46.16
CA ALA C 133 -54.33 44.20 46.43
C ALA C 133 -55.71 43.58 46.60
N SER C 134 -56.67 44.41 47.00
CA SER C 134 -58.04 43.96 47.18
C SER C 134 -58.98 44.72 46.25
N THR C 135 -60.16 44.16 46.07
CA THR C 135 -61.13 44.73 45.13
C THR C 135 -61.83 45.92 45.77
N LYS C 136 -61.94 46.99 44.99
CA LYS C 136 -62.48 48.25 45.48
C LYS C 136 -63.77 48.56 44.74
N GLY C 137 -64.85 48.75 45.51
CA GLY C 137 -66.11 49.18 44.96
C GLY C 137 -65.97 50.54 44.31
N PRO C 138 -66.73 50.79 43.24
CA PRO C 138 -66.59 52.04 42.50
C PRO C 138 -67.28 53.21 43.21
N SER C 139 -67.14 54.37 42.60
CA SER C 139 -67.90 55.56 42.99
C SER C 139 -68.46 56.14 41.69
N VAL C 140 -69.71 55.81 41.40
CA VAL C 140 -70.30 56.02 40.10
C VAL C 140 -71.16 57.28 40.16
N PHE C 141 -70.93 58.21 39.23
CA PHE C 141 -71.70 59.42 39.15
C PHE C 141 -72.13 59.66 37.70
N PRO C 142 -73.42 59.60 37.40
CA PRO C 142 -73.85 59.87 36.02
C PRO C 142 -73.64 61.32 35.64
N LEU C 143 -73.25 61.53 34.38
CA LEU C 143 -72.94 62.86 33.83
C LEU C 143 -74.17 63.36 33.06
N ALA C 144 -74.51 64.63 33.26
CA ALA C 144 -75.76 65.17 32.73
C ALA C 144 -75.61 65.54 31.24
N PRO C 145 -76.72 65.65 30.51
CA PRO C 145 -76.62 66.08 29.09
C PRO C 145 -76.25 67.54 28.92
N SER C 146 -75.74 67.87 27.73
CA SER C 146 -75.57 69.23 27.28
C SER C 146 -76.59 69.55 26.19
N SER C 147 -76.69 70.82 25.84
CA SER C 147 -77.71 71.27 24.88
C SER C 147 -77.14 71.24 23.46
N LYS C 148 -76.89 70.00 23.00
CA LYS C 148 -76.25 69.69 21.72
C LYS C 148 -74.93 70.44 21.48
N THR C 154 -75.56 63.88 18.62
CA THR C 154 -76.29 65.11 18.86
C THR C 154 -75.94 65.62 20.25
N ALA C 155 -76.63 65.08 21.26
CA ALA C 155 -76.42 65.45 22.66
C ALA C 155 -75.45 64.48 23.30
N ALA C 156 -74.87 64.92 24.42
CA ALA C 156 -73.70 64.26 25.01
C ALA C 156 -74.06 63.59 26.33
N LEU C 157 -74.56 62.37 26.24
CA LEU C 157 -74.83 61.59 27.44
C LEU C 157 -73.56 60.92 27.93
N GLY C 158 -73.34 60.93 29.23
CA GLY C 158 -72.10 60.41 29.74
C GLY C 158 -72.24 59.82 31.12
N CYS C 159 -71.15 59.17 31.57
CA CYS C 159 -71.12 58.55 32.88
C CYS C 159 -69.68 58.46 33.36
N LEU C 160 -69.50 58.52 34.67
CA LEU C 160 -68.18 58.41 35.28
C LEU C 160 -68.18 57.28 36.30
N VAL C 161 -67.21 56.38 36.17
CA VAL C 161 -66.94 55.37 37.17
C VAL C 161 -65.56 55.71 37.73
N LYS C 162 -65.55 56.44 38.85
CA LYS C 162 -64.32 56.77 39.52
C LYS C 162 -63.99 55.65 40.49
N ASP C 163 -62.70 55.50 40.77
CA ASP C 163 -62.17 54.68 41.85
C ASP C 163 -62.51 53.20 41.65
N TYR C 164 -62.05 52.64 40.54
CA TYR C 164 -62.27 51.23 40.29
C TYR C 164 -60.99 50.48 39.95
N PHE C 165 -60.83 49.29 40.55
CA PHE C 165 -59.76 48.31 40.35
C PHE C 165 -60.25 47.06 41.07
N PRO C 166 -60.14 45.87 40.46
CA PRO C 166 -59.53 45.49 39.17
C PRO C 166 -60.35 45.77 37.92
N GLU C 167 -59.68 46.40 36.95
CA GLU C 167 -60.16 46.87 35.65
C GLU C 167 -60.39 45.66 34.74
N PRO C 168 -61.14 45.77 33.62
CA PRO C 168 -61.91 46.86 32.97
C PRO C 168 -63.27 47.12 33.60
N VAL C 169 -64.02 48.04 33.00
CA VAL C 169 -65.36 48.42 33.46
C VAL C 169 -66.34 48.24 32.31
N THR C 170 -67.51 47.67 32.60
CA THR C 170 -68.62 47.59 31.67
C THR C 170 -69.65 48.66 32.00
N VAL C 171 -69.97 49.52 31.04
CA VAL C 171 -71.01 50.54 31.21
C VAL C 171 -72.00 50.47 30.05
N SER C 172 -73.28 50.22 30.36
CA SER C 172 -74.37 50.18 29.38
C SER C 172 -75.44 51.20 29.76
N TRP C 173 -76.59 51.17 29.08
CA TRP C 173 -77.59 52.22 29.28
C TRP C 173 -79.02 51.72 29.08
N ASN C 174 -79.96 52.42 29.73
CA ASN C 174 -81.38 52.03 29.85
C ASN C 174 -81.52 50.57 30.26
N SER C 175 -80.88 50.21 31.39
CA SER C 175 -80.84 48.84 31.93
C SER C 175 -80.38 47.83 30.89
N GLY C 176 -79.46 48.25 30.01
CA GLY C 176 -78.94 47.40 28.95
C GLY C 176 -79.66 47.54 27.63
N ALA C 177 -80.84 48.17 27.62
CA ALA C 177 -81.69 48.15 26.43
C ALA C 177 -81.22 49.15 25.38
N LEU C 178 -80.38 50.11 25.75
CA LEU C 178 -79.89 51.12 24.81
C LEU C 178 -78.53 50.68 24.28
N THR C 179 -78.48 50.32 23.01
CA THR C 179 -77.26 49.94 22.32
C THR C 179 -76.89 50.86 21.17
N SER C 180 -77.81 51.69 20.69
CA SER C 180 -77.50 52.65 19.64
C SER C 180 -76.72 53.81 20.22
N GLY C 181 -75.59 54.15 19.59
CA GLY C 181 -74.79 55.27 20.01
C GLY C 181 -74.06 55.09 21.33
N VAL C 182 -73.75 53.86 21.71
CA VAL C 182 -73.12 53.59 23.00
C VAL C 182 -71.68 53.17 22.74
N HIS C 183 -70.73 53.90 23.33
CA HIS C 183 -69.32 53.64 23.13
C HIS C 183 -68.54 54.05 24.37
N THR C 184 -67.58 53.23 24.75
CA THR C 184 -66.55 53.62 25.71
C THR C 184 -65.18 53.39 25.09
N PHE C 185 -64.22 54.18 25.54
CA PHE C 185 -62.82 54.57 25.51
C PHE C 185 -62.07 53.92 26.69
N PRO C 186 -60.74 53.85 26.66
CA PRO C 186 -60.00 53.28 27.81
C PRO C 186 -60.17 54.09 29.08
N ALA C 187 -60.44 53.36 30.17
CA ALA C 187 -60.49 53.94 31.51
C ALA C 187 -59.10 54.44 31.92
N VAL C 188 -59.02 55.73 32.21
CA VAL C 188 -57.74 56.41 32.29
C VAL C 188 -57.06 56.08 33.62
N LEU C 189 -55.80 55.65 33.53
CA LEU C 189 -55.01 55.18 34.65
C LEU C 189 -54.76 56.28 35.66
N GLN C 190 -55.25 56.09 36.88
CA GLN C 190 -54.93 57.02 37.95
C GLN C 190 -53.54 56.75 38.50
N SER C 191 -52.96 57.78 39.12
CA SER C 191 -51.68 57.64 39.80
C SER C 191 -51.80 56.85 41.09
N SER C 192 -53.02 56.72 41.64
CA SER C 192 -53.26 55.97 42.86
C SER C 192 -53.39 54.47 42.63
N GLY C 193 -53.09 53.98 41.42
CA GLY C 193 -53.27 52.60 41.08
C GLY C 193 -54.66 52.25 40.65
N LEU C 194 -55.55 53.23 40.56
CA LEU C 194 -56.94 53.04 40.17
C LEU C 194 -57.19 53.49 38.74
N TYR C 195 -58.47 53.47 38.34
CA TYR C 195 -58.89 53.75 36.98
C TYR C 195 -60.21 54.50 36.97
N SER C 196 -60.38 55.42 36.02
CA SER C 196 -61.60 56.20 35.91
C SER C 196 -62.18 56.09 34.50
N LEU C 197 -63.22 55.28 34.34
CA LEU C 197 -63.91 55.20 33.06
C LEU C 197 -64.74 56.44 32.86
N SER C 198 -64.77 56.92 31.62
CA SER C 198 -65.66 57.99 31.20
C SER C 198 -66.41 57.49 29.96
N SER C 199 -67.72 57.62 29.97
CA SER C 199 -68.56 57.08 28.91
C SER C 199 -68.97 58.21 27.97
N VAL C 200 -69.35 57.83 26.75
CA VAL C 200 -69.94 58.76 25.78
C VAL C 200 -71.01 58.02 24.98
N VAL C 201 -72.22 58.60 24.94
CA VAL C 201 -73.37 58.02 24.26
C VAL C 201 -74.08 59.13 23.49
N THR C 202 -74.30 58.93 22.19
CA THR C 202 -75.03 59.89 21.37
C THR C 202 -76.52 59.53 21.35
N VAL C 203 -77.33 60.45 21.84
CA VAL C 203 -78.80 60.38 21.87
C VAL C 203 -79.27 61.74 21.33
N PRO C 204 -80.35 61.81 20.55
CA PRO C 204 -80.93 63.11 20.21
C PRO C 204 -81.47 63.84 21.44
N SER C 205 -81.36 65.18 21.41
CA SER C 205 -81.77 65.99 22.55
C SER C 205 -83.28 66.05 22.68
N SER C 206 -84.01 65.85 21.58
CA SER C 206 -85.47 65.79 21.65
C SER C 206 -85.95 64.53 22.36
N SER C 207 -85.09 63.51 22.45
CA SER C 207 -85.34 62.29 23.21
C SER C 207 -84.58 62.23 24.52
N LEU C 208 -83.43 62.90 24.63
CA LEU C 208 -82.56 62.69 25.79
C LEU C 208 -83.16 63.30 27.05
N GLY C 209 -83.99 64.32 26.89
CA GLY C 209 -84.72 64.86 28.03
C GLY C 209 -86.05 64.20 28.28
N THR C 210 -86.29 63.01 27.73
CA THR C 210 -87.58 62.35 27.85
C THR C 210 -87.51 61.00 28.56
N GLN C 211 -86.65 60.09 28.13
CA GLN C 211 -86.65 58.73 28.67
C GLN C 211 -85.75 58.64 29.91
N THR C 212 -85.72 57.44 30.49
CA THR C 212 -85.16 57.23 31.83
C THR C 212 -83.72 56.73 31.73
N TYR C 213 -82.83 57.66 31.38
CA TYR C 213 -81.42 57.34 31.13
C TYR C 213 -80.71 57.08 32.46
N ILE C 214 -80.58 55.81 32.79
CA ILE C 214 -79.80 55.35 33.92
C ILE C 214 -78.45 54.87 33.40
N CYS C 215 -77.38 55.31 34.04
CA CYS C 215 -76.08 54.70 33.81
C CYS C 215 -76.10 53.30 34.40
N ASN C 216 -76.09 52.29 33.54
CA ASN C 216 -76.03 50.90 33.98
C ASN C 216 -74.58 50.44 33.94
N VAL C 217 -74.08 49.95 35.07
CA VAL C 217 -72.74 49.38 35.16
C VAL C 217 -72.88 47.96 35.69
N ASN C 218 -71.94 47.08 35.32
CA ASN C 218 -71.74 45.78 35.94
C ASN C 218 -70.32 45.71 36.51
N HIS C 219 -70.16 45.05 37.67
CA HIS C 219 -68.86 44.78 38.29
C HIS C 219 -68.86 43.42 39.00
N LYS C 220 -68.37 42.40 38.31
CA LYS C 220 -68.19 41.08 38.92
C LYS C 220 -67.05 41.01 39.96
N PRO C 221 -65.83 41.55 39.74
CA PRO C 221 -64.76 41.33 40.74
C PRO C 221 -65.01 41.97 42.09
N SER C 222 -65.69 43.12 42.17
CA SER C 222 -66.03 43.71 43.46
C SER C 222 -67.39 43.25 43.97
N ASN C 223 -68.15 42.50 43.15
CA ASN C 223 -69.52 42.05 43.45
C ASN C 223 -70.46 43.23 43.74
N THR C 224 -70.69 44.07 42.73
CA THR C 224 -71.62 45.19 42.86
C THR C 224 -72.35 45.46 41.53
N LYS C 225 -73.65 45.75 41.61
CA LYS C 225 -74.41 46.25 40.46
C LYS C 225 -74.88 47.66 40.79
N VAL C 226 -74.91 48.54 39.79
CA VAL C 226 -75.16 49.97 39.97
C VAL C 226 -76.23 50.40 38.98
N ASP C 227 -77.17 51.23 39.43
CA ASP C 227 -78.14 51.92 38.58
C ASP C 227 -78.44 53.31 39.15
N LYS C 228 -77.84 54.35 38.56
CA LYS C 228 -78.02 55.73 39.02
C LYS C 228 -78.52 56.60 37.88
N ARG C 229 -79.48 57.48 38.19
CA ARG C 229 -80.18 58.26 37.18
C ARG C 229 -79.40 59.51 36.77
N VAL C 230 -79.34 59.77 35.46
CA VAL C 230 -78.69 60.95 34.92
C VAL C 230 -79.61 62.14 35.16
N GLU C 231 -79.05 63.23 35.64
CA GLU C 231 -79.96 64.35 35.85
C GLU C 231 -79.73 65.45 34.82
N PRO C 232 -80.79 66.12 34.37
CA PRO C 232 -80.61 67.22 33.42
C PRO C 232 -79.97 68.44 34.04
N LYS C 233 -79.28 69.21 33.19
CA LYS C 233 -78.47 70.37 33.58
C LYS C 233 -78.47 71.36 32.42
N SER C 234 -78.14 72.62 32.71
CA SER C 234 -78.26 73.70 31.74
C SER C 234 -76.96 74.03 31.02
N CYS C 235 -76.13 73.04 30.70
CA CYS C 235 -74.96 73.29 29.85
C CYS C 235 -75.39 73.76 28.45
N VAL D 1 -45.28 42.41 16.49
CA VAL D 1 -43.95 41.84 16.63
C VAL D 1 -43.05 42.27 15.48
N ARG D 2 -43.51 42.01 14.26
CA ARG D 2 -42.81 42.42 13.08
C ARG D 2 -43.75 43.37 12.35
N PRO D 3 -43.27 44.52 11.89
CA PRO D 3 -44.13 45.38 11.08
C PRO D 3 -44.22 44.86 9.66
N LEU D 4 -45.15 45.44 8.93
CA LEU D 4 -45.22 45.31 7.48
C LEU D 4 -46.03 46.52 7.04
N SER D 5 -45.85 46.95 5.80
CA SER D 5 -46.48 48.18 5.33
C SER D 5 -46.65 48.16 3.83
N VAL D 6 -47.91 48.28 3.39
CA VAL D 6 -48.22 48.48 1.98
C VAL D 6 -49.23 49.62 1.90
N ALA D 7 -49.50 50.07 0.68
CA ALA D 7 -50.54 51.06 0.47
C ALA D 7 -51.90 50.39 0.46
N LEU D 8 -52.95 51.19 0.61
CA LEU D 8 -54.31 50.67 0.59
C LEU D 8 -54.66 50.23 -0.82
N GLY D 9 -54.90 48.94 -0.98
CA GLY D 9 -55.12 48.36 -2.28
C GLY D 9 -53.95 47.57 -2.82
N GLU D 10 -52.75 47.77 -2.28
CA GLU D 10 -51.57 47.11 -2.81
C GLU D 10 -51.49 45.68 -2.27
N THR D 11 -51.02 44.78 -3.13
CA THR D 11 -50.97 43.37 -2.81
C THR D 11 -49.91 43.09 -1.76
N ALA D 12 -50.35 42.67 -0.59
CA ALA D 12 -49.47 42.26 0.49
C ALA D 12 -49.01 40.83 0.26
N ARG D 13 -47.76 40.56 0.65
CA ARG D 13 -47.13 39.25 0.53
C ARG D 13 -46.46 38.94 1.86
N ILE D 14 -46.89 37.89 2.53
CA ILE D 14 -46.35 37.51 3.84
C ILE D 14 -45.70 36.14 3.70
N SER D 15 -44.37 36.11 3.67
CA SER D 15 -43.67 34.85 3.83
C SER D 15 -43.70 34.48 5.30
N CYS D 16 -43.64 33.18 5.58
CA CYS D 16 -43.78 32.73 6.96
C CYS D 16 -42.52 32.99 7.77
N GLY D 17 -41.40 32.42 7.35
CA GLY D 17 -40.22 32.42 8.19
C GLY D 17 -39.98 31.12 8.92
N ARG D 18 -40.71 30.07 8.58
CA ARG D 18 -40.49 28.73 9.10
C ARG D 18 -39.90 27.92 7.94
N GLN D 19 -38.63 27.56 8.06
CA GLN D 19 -37.96 26.75 7.04
C GLN D 19 -38.53 25.35 7.15
N ALA D 20 -39.60 25.12 6.39
CA ALA D 20 -40.35 23.89 6.49
C ALA D 20 -39.59 22.74 5.85
N LEU D 21 -39.70 21.58 6.48
CA LEU D 21 -39.07 20.36 6.00
C LEU D 21 -40.12 19.31 5.72
N GLY D 22 -39.92 18.58 4.64
CA GLY D 22 -40.84 17.51 4.29
C GLY D 22 -42.17 18.05 3.82
N SER D 23 -43.23 17.43 4.34
CA SER D 23 -44.59 17.78 3.98
C SER D 23 -45.17 18.67 5.08
N ARG D 24 -46.03 19.60 4.70
CA ARG D 24 -46.42 20.67 5.60
C ARG D 24 -47.92 20.87 5.57
N ALA D 25 -48.44 21.65 6.51
CA ALA D 25 -49.85 22.03 6.56
C ALA D 25 -49.96 23.38 7.26
N VAL D 26 -49.95 24.46 6.48
CA VAL D 26 -49.79 25.81 7.03
C VAL D 26 -51.17 26.37 7.33
N GLN D 27 -51.24 27.23 8.34
CA GLN D 27 -52.46 27.92 8.74
C GLN D 27 -52.11 29.37 9.03
N TRP D 28 -52.97 30.29 8.63
CA TRP D 28 -52.76 31.72 8.77
C TRP D 28 -53.94 32.30 9.53
N TYR D 29 -53.68 33.21 10.45
CA TYR D 29 -54.77 33.80 11.22
C TYR D 29 -54.87 35.30 10.97
N GLN D 30 -56.04 35.85 11.29
CA GLN D 30 -56.22 37.29 11.43
C GLN D 30 -56.47 37.61 12.90
N HIS D 31 -55.46 38.19 13.54
CA HIS D 31 -55.61 38.63 14.92
C HIS D 31 -55.71 40.15 14.92
N ARG D 32 -56.96 40.62 14.94
CA ARG D 32 -57.31 42.02 14.83
C ARG D 32 -57.42 42.62 16.23
N PRO D 33 -56.56 43.58 16.59
CA PRO D 33 -56.45 44.01 17.98
C PRO D 33 -57.73 44.62 18.53
N GLY D 34 -58.16 44.12 19.68
CA GLY D 34 -59.47 44.40 20.21
C GLY D 34 -60.40 43.20 20.14
N GLN D 35 -60.05 42.19 19.36
CA GLN D 35 -60.82 40.97 19.18
C GLN D 35 -59.88 39.77 19.24
N ALA D 36 -60.47 38.56 19.01
CA ALA D 36 -59.84 37.24 19.05
C ALA D 36 -59.33 36.84 17.66
N PRO D 37 -58.36 35.91 17.58
CA PRO D 37 -57.86 35.48 16.27
C PRO D 37 -58.93 34.84 15.39
N ILE D 38 -58.69 34.83 14.08
CA ILE D 38 -59.63 34.31 13.09
C ILE D 38 -58.90 33.38 12.15
N LEU D 39 -59.35 32.14 12.04
CA LEU D 39 -58.70 31.17 11.14
C LEU D 39 -58.94 31.55 9.68
N LEU D 40 -57.93 32.10 9.02
CA LEU D 40 -58.12 32.49 7.63
C LEU D 40 -57.97 31.32 6.66
N ILE D 41 -56.79 30.73 6.61
CA ILE D 41 -56.47 29.66 5.67
C ILE D 41 -56.36 28.39 6.49
N TYR D 42 -57.02 27.34 6.02
CA TYR D 42 -57.04 26.04 6.66
C TYR D 42 -56.52 24.99 5.69
N ASN D 43 -55.52 24.23 6.12
CA ASN D 43 -54.96 23.11 5.37
C ASN D 43 -54.45 23.57 3.99
N ASN D 44 -53.73 24.69 4.00
CA ASN D 44 -53.07 25.40 2.91
C ASN D 44 -54.03 26.12 1.97
N GLN D 45 -55.32 25.81 1.99
CA GLN D 45 -56.16 26.24 0.87
C GLN D 45 -57.62 26.53 1.20
N ASP D 46 -58.09 26.08 2.35
CA ASP D 46 -59.50 26.24 2.64
C ASP D 46 -59.78 27.58 3.31
N ARG D 47 -60.71 28.33 2.73
CA ARG D 47 -61.23 29.57 3.29
C ARG D 47 -62.62 29.27 3.81
N PRO D 48 -62.81 29.12 5.12
CA PRO D 48 -64.15 28.82 5.64
C PRO D 48 -65.13 29.98 5.51
N SER D 49 -66.36 29.74 5.95
CA SER D 49 -67.38 30.77 5.92
C SER D 49 -67.08 31.84 6.96
N GLY D 50 -67.39 33.08 6.60
CA GLY D 50 -67.04 34.22 7.43
C GLY D 50 -65.72 34.85 7.08
N ILE D 51 -64.96 34.24 6.18
CA ILE D 51 -63.70 34.80 5.71
C ILE D 51 -63.92 35.35 4.31
N PRO D 52 -63.57 36.60 4.03
CA PRO D 52 -63.79 37.14 2.68
C PRO D 52 -62.85 36.52 1.66
N GLU D 53 -63.27 36.56 0.40
CA GLU D 53 -62.56 35.91 -0.70
C GLU D 53 -61.34 36.68 -1.16
N ARG D 54 -61.01 37.81 -0.52
CA ARG D 54 -59.80 38.55 -0.88
C ARG D 54 -58.55 37.94 -0.27
N PHE D 55 -58.70 36.86 0.49
CA PHE D 55 -57.60 36.19 1.15
C PHE D 55 -57.45 34.81 0.53
N SER D 56 -56.22 34.43 0.18
CA SER D 56 -56.01 33.10 -0.37
C SER D 56 -54.58 32.67 -0.12
N GLY D 57 -54.43 31.43 0.34
CA GLY D 57 -53.15 30.77 0.46
C GLY D 57 -52.65 30.25 -0.86
N THR D 58 -51.87 29.17 -0.82
CA THR D 58 -51.20 28.64 -2.00
C THR D 58 -51.59 27.18 -2.24
N PRO D 59 -52.64 26.93 -3.00
CA PRO D 59 -53.05 25.54 -3.27
C PRO D 59 -52.22 24.83 -4.33
N ASP D 60 -51.56 25.55 -5.22
CA ASP D 60 -50.97 24.96 -6.42
C ASP D 60 -49.48 24.62 -6.28
N ILE D 61 -48.92 24.71 -5.08
CA ILE D 61 -47.49 24.51 -4.94
C ILE D 61 -47.17 23.02 -4.83
N ASN D 62 -46.12 22.61 -5.55
CA ASN D 62 -45.49 21.30 -5.54
C ASN D 62 -44.66 21.17 -4.25
N PHE D 63 -43.56 20.43 -4.30
CA PHE D 63 -42.78 20.24 -3.07
C PHE D 63 -42.09 21.49 -2.57
N GLY D 64 -41.21 22.08 -3.37
CA GLY D 64 -40.19 22.95 -2.80
C GLY D 64 -40.32 24.44 -2.98
N THR D 65 -41.51 25.03 -3.00
CA THR D 65 -41.68 26.47 -3.12
C THR D 65 -42.26 27.04 -1.83
N ARG D 66 -41.73 28.18 -1.40
CA ARG D 66 -42.06 28.78 -0.10
C ARG D 66 -43.51 29.25 -0.04
N ALA D 67 -44.20 28.88 1.03
CA ALA D 67 -45.57 29.32 1.21
C ALA D 67 -45.62 30.77 1.66
N THR D 68 -46.47 31.54 0.99
CA THR D 68 -46.61 32.96 1.23
C THR D 68 -48.09 33.31 1.12
N LEU D 69 -48.55 34.20 2.00
CA LEU D 69 -49.94 34.65 2.00
C LEU D 69 -50.12 35.80 1.01
N THR D 70 -51.20 35.75 0.24
CA THR D 70 -51.47 36.78 -0.76
C THR D 70 -52.81 37.44 -0.46
N ILE D 71 -52.75 38.66 0.09
CA ILE D 71 -53.93 39.50 0.24
C ILE D 71 -54.04 40.30 -1.04
N SER D 72 -55.19 40.26 -1.69
CA SER D 72 -55.32 40.96 -2.97
C SER D 72 -55.47 42.46 -2.79
N GLY D 73 -56.52 42.91 -2.12
CA GLY D 73 -56.76 44.33 -1.93
C GLY D 73 -57.18 44.61 -0.51
N VAL D 74 -56.53 45.58 0.13
CA VAL D 74 -56.69 45.78 1.55
C VAL D 74 -57.74 46.85 1.80
N GLU D 75 -58.67 46.54 2.69
CA GLU D 75 -59.66 47.47 3.22
C GLU D 75 -59.12 48.06 4.53
N ALA D 76 -59.71 49.19 4.97
CA ALA D 76 -59.23 49.89 6.15
C ALA D 76 -59.18 49.02 7.40
N GLY D 77 -60.15 48.11 7.55
CA GLY D 77 -60.21 47.27 8.74
C GLY D 77 -59.30 46.05 8.73
N ASP D 78 -58.27 46.04 7.91
CA ASP D 78 -57.46 44.84 7.74
C ASP D 78 -56.10 44.96 8.42
N GLU D 79 -55.88 45.97 9.25
CA GLU D 79 -54.64 46.07 10.02
C GLU D 79 -54.74 45.12 11.20
N ALA D 80 -53.85 44.14 11.21
CA ALA D 80 -53.89 43.03 12.16
C ALA D 80 -52.57 42.29 12.12
N ASP D 81 -52.43 41.30 13.00
CA ASP D 81 -51.20 40.51 13.01
C ASP D 81 -51.48 39.13 12.40
N TYR D 82 -50.54 38.68 11.57
CA TYR D 82 -50.80 37.61 10.63
C TYR D 82 -49.87 36.44 10.90
N TYR D 83 -50.27 35.57 11.82
CA TYR D 83 -49.36 34.55 12.30
C TYR D 83 -49.33 33.41 11.29
N CYS D 84 -48.15 32.88 11.05
CA CYS D 84 -47.96 31.73 10.19
C CYS D 84 -47.74 30.52 11.06
N HIS D 85 -48.68 29.58 11.00
CA HIS D 85 -48.64 28.42 11.85
C HIS D 85 -48.35 27.19 10.99
N MET D 86 -47.17 26.60 11.18
CA MET D 86 -46.56 25.75 10.17
C MET D 86 -46.11 24.43 10.79
N TRP D 87 -46.75 23.33 10.43
CA TRP D 87 -46.33 22.04 10.97
C TRP D 87 -45.60 21.25 9.90
N ASP D 88 -44.74 20.33 10.33
CA ASP D 88 -43.82 19.66 9.43
C ASP D 88 -43.79 18.17 9.72
N SER D 89 -42.96 17.45 8.95
CA SER D 89 -42.82 16.02 9.15
C SER D 89 -41.48 15.68 9.79
N ARG D 90 -40.47 16.49 9.54
CA ARG D 90 -39.17 16.30 10.19
C ARG D 90 -39.04 17.08 11.48
N SER D 91 -40.15 17.40 12.15
CA SER D 91 -40.12 18.03 13.45
C SER D 91 -41.10 17.34 14.37
N GLY D 92 -41.08 17.74 15.63
CA GLY D 92 -41.97 17.20 16.62
C GLY D 92 -43.33 17.86 16.54
N PHE D 93 -44.11 17.63 17.59
CA PHE D 93 -45.44 18.22 17.67
C PHE D 93 -45.30 19.70 17.94
N SER D 94 -45.86 20.52 17.06
CA SER D 94 -45.45 21.92 16.92
C SER D 94 -46.35 22.84 17.73
N TRP D 95 -45.76 23.51 18.74
CA TRP D 95 -46.45 24.37 19.67
C TRP D 95 -45.92 25.81 19.71
N SER D 96 -45.19 26.23 18.68
CA SER D 96 -44.62 27.57 18.60
C SER D 96 -45.22 28.27 17.40
N PHE D 97 -45.75 29.48 17.60
CA PHE D 97 -46.46 30.16 16.52
C PHE D 97 -45.48 30.82 15.54
N GLY D 98 -44.65 31.73 16.03
CA GLY D 98 -43.62 32.32 15.19
C GLY D 98 -43.87 33.72 14.65
N GLY D 99 -44.22 34.68 15.50
CA GLY D 99 -44.23 36.07 15.07
C GLY D 99 -45.34 36.95 15.61
N ALA D 100 -45.99 37.75 14.75
CA ALA D 100 -45.67 37.85 13.32
C ALA D 100 -45.80 39.24 12.70
N THR D 101 -45.86 39.22 11.37
CA THR D 101 -45.95 40.43 10.55
C THR D 101 -47.26 41.17 10.75
N ARG D 102 -47.16 42.49 10.88
CA ARG D 102 -48.29 43.38 11.04
C ARG D 102 -48.49 44.22 9.79
N LEU D 103 -49.50 43.89 9.01
CA LEU D 103 -49.80 44.68 7.83
C LEU D 103 -50.39 46.02 8.26
N THR D 104 -49.53 47.04 8.36
CA THR D 104 -49.94 48.40 8.68
C THR D 104 -50.07 49.16 7.36
N VAL D 105 -51.30 49.54 7.01
CA VAL D 105 -51.52 50.13 5.69
C VAL D 105 -51.30 51.63 5.70
N LEU D 106 -50.87 52.15 4.56
CA LEU D 106 -50.61 53.57 4.37
C LEU D 106 -51.62 54.14 3.39
N GLY D 107 -51.75 55.46 3.39
CA GLY D 107 -52.73 56.11 2.54
C GLY D 107 -54.13 56.09 3.10
N GLN D 108 -54.27 56.21 4.41
CA GLN D 108 -55.57 56.16 5.07
C GLN D 108 -56.00 57.57 5.49
N PRO D 109 -57.21 58.00 5.17
CA PRO D 109 -57.71 59.30 5.64
C PRO D 109 -58.49 59.17 6.95
N LYS D 110 -58.84 60.31 7.59
CA LYS D 110 -58.30 61.69 7.55
C LYS D 110 -58.64 62.30 8.91
N ALA D 111 -57.75 63.11 9.49
CA ALA D 111 -58.00 63.67 10.81
C ALA D 111 -59.04 64.79 10.77
N ALA D 112 -60.21 64.50 11.34
CA ALA D 112 -61.33 65.44 11.40
C ALA D 112 -61.90 65.50 12.82
N PRO D 113 -61.39 66.36 13.69
CA PRO D 113 -61.63 66.21 15.13
C PRO D 113 -63.00 66.70 15.59
N SER D 114 -63.30 66.35 16.83
CA SER D 114 -64.42 66.90 17.59
C SER D 114 -64.13 66.72 19.07
N VAL D 115 -64.72 67.58 19.90
CA VAL D 115 -64.69 67.43 21.35
C VAL D 115 -66.12 67.31 21.86
N THR D 116 -66.35 66.30 22.71
CA THR D 116 -67.61 66.12 23.43
C THR D 116 -67.42 66.70 24.83
N LEU D 117 -68.39 67.49 25.29
CA LEU D 117 -68.25 68.30 26.51
C LEU D 117 -69.10 67.78 27.67
N PHE D 118 -68.52 67.82 28.89
CA PHE D 118 -69.22 67.15 29.98
C PHE D 118 -69.18 67.96 31.28
N PRO D 119 -70.25 67.92 32.08
CA PRO D 119 -70.49 69.00 33.01
C PRO D 119 -69.70 68.80 34.29
N PRO D 120 -69.63 69.82 35.14
CA PRO D 120 -69.49 69.57 36.58
C PRO D 120 -70.76 68.95 37.15
N SER D 121 -70.72 67.65 37.42
CA SER D 121 -71.94 66.95 37.84
C SER D 121 -72.26 67.28 39.29
N SER D 122 -73.46 67.85 39.48
CA SER D 122 -73.85 68.42 40.76
C SER D 122 -74.08 67.37 41.85
N GLU D 123 -74.03 66.07 41.52
CA GLU D 123 -74.15 65.04 42.54
C GLU D 123 -72.85 64.88 43.34
N GLU D 124 -71.70 65.20 42.73
CA GLU D 124 -70.45 65.11 43.48
C GLU D 124 -69.68 66.42 43.57
N LEU D 125 -70.27 67.56 43.20
CA LEU D 125 -69.68 68.84 43.58
C LEU D 125 -69.79 69.04 45.08
N GLN D 126 -70.80 68.41 45.71
CA GLN D 126 -70.92 68.39 47.16
C GLN D 126 -69.86 67.50 47.80
N ALA D 127 -69.28 66.57 47.04
CA ALA D 127 -68.20 65.73 47.52
C ALA D 127 -66.82 66.26 47.09
N ASN D 128 -66.78 67.51 46.62
CA ASN D 128 -65.56 68.27 46.37
C ASN D 128 -64.69 67.65 45.28
N LYS D 129 -65.32 67.34 44.13
CA LYS D 129 -64.63 66.89 42.92
C LYS D 129 -65.31 67.51 41.69
N ALA D 130 -64.59 67.53 40.56
CA ALA D 130 -65.16 68.08 39.33
C ALA D 130 -65.14 67.06 38.19
N THR D 131 -66.26 66.97 37.48
CA THR D 131 -66.37 66.03 36.37
C THR D 131 -66.21 66.73 35.03
N LEU D 132 -65.16 67.56 34.94
CA LEU D 132 -64.79 68.19 33.68
C LEU D 132 -64.05 67.15 32.86
N VAL D 133 -64.70 66.67 31.80
CA VAL D 133 -64.23 65.55 30.98
C VAL D 133 -64.36 65.94 29.52
N CYS D 134 -63.26 65.77 28.79
CA CYS D 134 -63.33 65.85 27.30
C CYS D 134 -63.20 64.39 26.85
N LEU D 135 -63.89 64.03 25.77
CA LEU D 135 -63.78 62.73 25.12
C LEU D 135 -63.60 62.97 23.61
N ILE D 136 -62.43 62.57 23.09
CA ILE D 136 -61.90 63.05 21.81
C ILE D 136 -61.78 61.85 20.87
N SER D 137 -62.09 62.03 19.58
CA SER D 137 -61.89 60.96 18.60
C SER D 137 -61.79 61.49 17.18
N ASP D 138 -61.94 60.54 16.24
CA ASP D 138 -62.08 60.77 14.79
C ASP D 138 -60.81 61.27 14.12
N PHE D 139 -59.76 60.45 14.18
CA PHE D 139 -58.44 60.81 13.67
C PHE D 139 -57.96 59.86 12.57
N TYR D 140 -57.03 60.38 11.75
CA TYR D 140 -55.95 59.60 11.16
C TYR D 140 -54.86 60.59 10.78
N PRO D 141 -53.62 60.44 11.27
CA PRO D 141 -53.11 59.56 12.34
C PRO D 141 -53.60 59.97 13.73
N GLY D 142 -53.40 59.10 14.73
CA GLY D 142 -53.98 59.29 16.03
C GLY D 142 -53.08 59.77 17.15
N ALA D 143 -51.80 60.03 16.86
CA ALA D 143 -50.88 60.59 17.85
C ALA D 143 -51.24 62.06 18.08
N VAL D 144 -52.03 62.27 19.14
CA VAL D 144 -52.72 63.55 19.35
C VAL D 144 -52.47 64.03 20.78
N THR D 145 -52.51 65.35 20.97
CA THR D 145 -52.23 66.00 22.24
C THR D 145 -53.52 66.60 22.81
N VAL D 146 -53.70 66.49 24.14
CA VAL D 146 -54.78 67.15 24.86
C VAL D 146 -54.15 68.08 25.88
N ALA D 147 -54.77 69.24 26.11
CA ALA D 147 -54.20 70.27 26.96
C ALA D 147 -55.30 71.07 27.66
N TRP D 148 -54.94 71.73 28.76
CA TRP D 148 -55.88 72.39 29.67
C TRP D 148 -55.25 73.61 30.31
N LYS D 149 -55.63 74.79 29.84
CA LYS D 149 -55.06 76.05 30.31
C LYS D 149 -55.96 76.71 31.34
N ALA D 150 -55.36 77.49 32.25
CA ALA D 150 -56.10 78.35 33.17
C ALA D 150 -56.11 79.77 32.61
N ASP D 151 -56.81 79.94 31.49
CA ASP D 151 -57.13 81.16 30.73
C ASP D 151 -55.94 81.73 29.95
N SER D 152 -54.71 81.43 30.36
CA SER D 152 -53.50 81.65 29.56
C SER D 152 -52.38 80.75 30.06
N SER D 153 -52.63 80.03 31.16
CA SER D 153 -51.56 79.45 31.96
C SER D 153 -51.65 77.93 31.93
N PRO D 154 -50.64 77.23 31.42
CA PRO D 154 -50.73 75.76 31.32
C PRO D 154 -50.64 75.07 32.67
N VAL D 155 -51.59 74.18 32.92
CA VAL D 155 -51.66 73.37 34.14
C VAL D 155 -51.46 71.92 33.69
N LYS D 156 -50.76 71.14 34.51
CA LYS D 156 -50.65 69.70 34.27
C LYS D 156 -51.08 68.85 35.46
N ALA D 157 -51.46 69.45 36.59
CA ALA D 157 -51.72 68.68 37.80
C ALA D 157 -53.15 68.15 37.79
N GLY D 158 -53.33 66.94 38.33
CA GLY D 158 -54.64 66.33 38.39
C GLY D 158 -55.11 65.71 37.10
N VAL D 159 -54.24 65.57 36.11
CA VAL D 159 -54.62 65.12 34.77
C VAL D 159 -54.03 63.72 34.59
N GLU D 160 -54.81 62.81 34.03
CA GLU D 160 -54.40 61.44 33.79
C GLU D 160 -55.00 60.97 32.46
N THR D 161 -54.13 60.58 31.52
CA THR D 161 -54.60 59.96 30.28
C THR D 161 -53.99 58.58 30.13
N THR D 162 -54.35 57.95 29.02
CA THR D 162 -53.70 56.78 28.44
C THR D 162 -52.91 57.20 27.21
N THR D 163 -52.47 56.19 26.47
CA THR D 163 -51.95 56.37 25.13
C THR D 163 -53.11 56.43 24.14
N PRO D 164 -52.90 56.95 22.93
CA PRO D 164 -53.93 56.82 21.91
C PRO D 164 -54.17 55.37 21.51
N SER D 165 -55.38 55.13 20.99
CA SER D 165 -55.85 53.78 20.67
C SER D 165 -56.99 53.91 19.67
N LYS D 166 -57.24 52.84 18.93
CA LYS D 166 -58.22 52.88 17.86
C LYS D 166 -59.66 52.72 18.37
N GLN D 167 -60.60 53.21 17.55
CA GLN D 167 -62.01 52.90 17.71
C GLN D 167 -62.38 51.71 16.83
N SER D 168 -63.69 51.49 16.73
CA SER D 168 -64.20 50.47 15.83
C SER D 168 -64.27 50.97 14.39
N ASN D 169 -64.33 52.28 14.17
CA ASN D 169 -64.52 52.83 12.84
C ASN D 169 -63.21 53.18 12.14
N ASN D 170 -62.11 52.49 12.49
CA ASN D 170 -60.80 52.60 11.86
C ASN D 170 -60.19 53.99 11.96
N LYS D 171 -60.64 54.79 12.93
CA LYS D 171 -60.02 56.04 13.30
C LYS D 171 -59.59 55.93 14.75
N TYR D 172 -58.72 56.85 15.16
CA TYR D 172 -58.12 56.79 16.48
C TYR D 172 -58.96 57.51 17.52
N ALA D 173 -58.39 57.68 18.72
CA ALA D 173 -59.09 58.29 19.84
C ALA D 173 -58.08 58.79 20.85
N ALA D 174 -58.56 59.66 21.75
CA ALA D 174 -57.83 60.09 22.94
C ALA D 174 -58.82 60.54 24.00
N SER D 175 -58.63 60.04 25.22
CA SER D 175 -59.50 60.37 26.34
C SER D 175 -58.65 60.80 27.54
N SER D 176 -59.29 61.50 28.48
CA SER D 176 -58.59 62.14 29.59
C SER D 176 -59.55 62.34 30.76
N TYR D 177 -59.07 62.13 31.99
CA TYR D 177 -59.80 62.51 33.20
C TYR D 177 -59.02 63.59 33.96
N LEU D 178 -59.75 64.52 34.58
CA LEU D 178 -59.19 65.65 35.32
C LEU D 178 -59.60 65.61 36.79
N SER D 179 -58.64 65.60 37.70
CA SER D 179 -58.94 65.66 39.13
C SER D 179 -58.85 67.11 39.61
N LEU D 180 -59.79 67.91 39.13
CA LEU D 180 -60.01 69.25 39.64
C LEU D 180 -61.08 69.19 40.74
N THR D 181 -61.15 70.25 41.53
CA THR D 181 -62.11 70.36 42.64
C THR D 181 -62.72 71.75 42.59
N PRO D 182 -63.85 71.96 43.29
CA PRO D 182 -64.42 73.33 43.36
C PRO D 182 -63.56 74.39 44.05
N GLU D 183 -62.43 74.03 44.66
CA GLU D 183 -61.48 75.06 45.06
C GLU D 183 -60.63 75.49 43.88
N GLN D 184 -60.43 74.58 42.93
CA GLN D 184 -59.53 74.82 41.80
C GLN D 184 -60.29 75.37 40.60
N TRP D 185 -61.62 75.19 40.58
CA TRP D 185 -62.45 75.87 39.59
C TRP D 185 -62.52 77.37 39.84
N LYS D 186 -62.92 77.76 41.05
CA LYS D 186 -63.36 79.13 41.26
C LYS D 186 -62.18 80.10 41.38
N SER D 187 -60.95 79.58 41.42
CA SER D 187 -59.77 80.44 41.41
C SER D 187 -59.57 81.14 40.08
N HIS D 188 -59.99 80.54 38.98
CA HIS D 188 -59.89 81.13 37.65
C HIS D 188 -61.28 81.25 37.06
N ARG D 189 -61.44 82.21 36.13
CA ARG D 189 -62.75 82.48 35.56
C ARG D 189 -63.23 81.35 34.66
N SER D 190 -62.32 80.61 34.04
CA SER D 190 -62.66 79.56 33.09
C SER D 190 -61.44 78.67 32.87
N TYR D 191 -61.72 77.42 32.49
CA TYR D 191 -60.74 76.52 31.91
C TYR D 191 -61.09 76.32 30.44
N SER D 192 -60.14 75.84 29.64
CA SER D 192 -60.40 75.60 28.23
C SER D 192 -59.73 74.32 27.75
N CYS D 193 -60.53 73.50 27.07
CA CYS D 193 -60.12 72.22 26.46
C CYS D 193 -59.34 72.54 25.19
N GLN D 194 -58.16 71.94 25.04
CA GLN D 194 -57.41 72.12 23.81
C GLN D 194 -57.01 70.76 23.24
N VAL D 195 -57.24 70.59 21.94
CA VAL D 195 -56.87 69.40 21.17
C VAL D 195 -56.06 69.90 19.98
N THR D 196 -54.87 69.33 19.78
CA THR D 196 -54.09 69.66 18.60
C THR D 196 -53.95 68.44 17.70
N HIS D 197 -54.07 68.65 16.39
CA HIS D 197 -53.64 67.65 15.43
C HIS D 197 -52.78 68.35 14.39
N GLU D 198 -51.53 67.89 14.28
CA GLU D 198 -50.59 68.28 13.20
C GLU D 198 -50.26 69.77 13.18
N GLY D 199 -50.38 70.43 14.34
CA GLY D 199 -50.17 71.85 14.44
C GLY D 199 -51.43 72.69 14.60
N SER D 200 -52.60 72.15 14.27
CA SER D 200 -53.85 72.88 14.39
C SER D 200 -54.52 72.56 15.73
N THR D 201 -55.16 73.58 16.31
CA THR D 201 -55.63 73.51 17.69
C THR D 201 -57.13 73.79 17.74
N VAL D 202 -57.87 72.95 18.46
CA VAL D 202 -59.29 73.16 18.72
C VAL D 202 -59.39 73.83 20.09
N GLU D 203 -60.16 74.92 20.18
CA GLU D 203 -60.32 75.57 21.48
C GLU D 203 -61.78 75.62 21.87
N LYS D 204 -62.08 75.04 23.02
CA LYS D 204 -63.39 75.02 23.64
C LYS D 204 -63.25 75.51 25.07
N THR D 205 -64.21 76.32 25.52
CA THR D 205 -64.14 76.94 26.84
C THR D 205 -65.31 76.50 27.70
N VAL D 206 -65.07 76.41 29.02
CA VAL D 206 -66.07 76.08 30.01
C VAL D 206 -65.99 77.05 31.17
N ALA D 207 -66.97 76.97 32.06
CA ALA D 207 -67.06 77.81 33.25
C ALA D 207 -68.01 77.12 34.22
N PRO D 208 -68.04 77.54 35.49
CA PRO D 208 -69.07 77.01 36.40
C PRO D 208 -70.48 77.45 36.04
N THR D 209 -70.64 78.58 35.34
CA THR D 209 -71.96 79.07 34.98
C THR D 209 -72.25 78.90 33.50
N GLU D 210 -71.30 78.36 32.73
CA GLU D 210 -71.52 78.09 31.32
C GLU D 210 -70.73 76.85 30.94
N CYS D 211 -71.36 75.70 31.13
CA CYS D 211 -70.77 74.40 30.81
C CYS D 211 -71.35 73.84 29.52
N GLN E 1 -8.83 -36.01 9.34
CA GLN E 1 -9.92 -36.97 9.48
C GLN E 1 -11.22 -36.25 9.84
N VAL E 2 -12.34 -36.74 9.30
CA VAL E 2 -13.63 -36.08 9.48
C VAL E 2 -14.15 -36.35 10.89
N GLN E 3 -13.96 -35.39 11.77
CA GLN E 3 -14.33 -35.50 13.17
C GLN E 3 -15.59 -34.71 13.44
N LEU E 4 -16.42 -35.25 14.34
CA LEU E 4 -17.67 -34.62 14.73
C LEU E 4 -17.83 -34.80 16.23
N VAL E 5 -17.49 -33.77 17.01
CA VAL E 5 -17.43 -33.85 18.46
C VAL E 5 -18.67 -33.17 19.03
N GLN E 6 -19.54 -33.96 19.65
CA GLN E 6 -20.81 -33.51 20.16
C GLN E 6 -20.81 -33.50 21.68
N SER E 7 -21.34 -32.43 22.25
CA SER E 7 -21.36 -32.29 23.70
C SER E 7 -22.67 -31.62 24.11
N GLY E 8 -23.25 -32.06 25.22
CA GLY E 8 -22.76 -33.15 26.06
C GLY E 8 -23.90 -33.71 26.90
N ALA E 9 -23.58 -34.55 27.89
CA ALA E 9 -24.61 -35.21 28.67
C ALA E 9 -25.31 -34.23 29.59
N VAL E 10 -26.65 -34.23 29.53
CA VAL E 10 -27.47 -33.24 30.24
C VAL E 10 -28.57 -33.98 30.98
N ILE E 11 -28.83 -33.53 32.21
CA ILE E 11 -30.01 -33.92 32.98
C ILE E 11 -30.83 -32.65 33.21
N LYS E 12 -32.09 -32.65 32.81
CA LYS E 12 -32.94 -31.50 33.03
C LYS E 12 -34.31 -31.90 33.56
N THR E 13 -35.04 -30.91 34.01
CA THR E 13 -36.40 -31.09 34.48
C THR E 13 -37.37 -30.90 33.32
N PRO E 14 -38.58 -31.44 33.41
CA PRO E 14 -39.59 -31.14 32.38
C PRO E 14 -39.94 -29.67 32.34
N GLY E 15 -40.30 -29.20 31.15
CA GLY E 15 -40.57 -27.81 30.91
C GLY E 15 -39.37 -27.00 30.44
N SER E 16 -38.17 -27.52 30.61
CA SER E 16 -36.97 -26.78 30.28
C SER E 16 -36.63 -26.85 28.80
N SER E 17 -35.39 -26.49 28.49
CA SER E 17 -34.88 -26.45 27.13
C SER E 17 -33.37 -26.62 27.16
N VAL E 18 -32.85 -27.32 26.15
CA VAL E 18 -31.44 -27.68 26.10
C VAL E 18 -30.84 -27.19 24.80
N LYS E 19 -29.57 -26.79 24.86
CA LYS E 19 -28.79 -26.43 23.67
C LYS E 19 -27.62 -27.39 23.57
N ILE E 20 -27.47 -28.03 22.43
CA ILE E 20 -26.48 -29.08 22.22
C ILE E 20 -25.58 -28.66 21.07
N SER E 21 -24.27 -28.71 21.29
CA SER E 21 -23.31 -28.23 20.30
C SER E 21 -22.63 -29.41 19.62
N CYS E 22 -22.04 -29.12 18.46
CA CYS E 22 -21.51 -30.15 17.58
C CYS E 22 -20.37 -29.52 16.81
N ARG E 23 -19.13 -29.80 17.21
CA ARG E 23 -17.98 -29.18 16.58
C ARG E 23 -17.46 -30.09 15.48
N ALA E 24 -17.22 -29.50 14.31
CA ALA E 24 -16.73 -30.23 13.15
C ALA E 24 -15.35 -29.73 12.77
N SER E 25 -14.57 -30.62 12.16
CA SER E 25 -13.22 -30.27 11.70
C SER E 25 -12.82 -31.23 10.60
N GLY E 26 -11.72 -30.91 9.94
CA GLY E 26 -11.17 -31.76 8.92
C GLY E 26 -11.76 -31.61 7.54
N TYR E 27 -12.71 -30.70 7.36
CA TYR E 27 -13.30 -30.46 6.05
C TYR E 27 -13.70 -28.99 5.98
N ASN E 28 -14.02 -28.54 4.77
CA ASN E 28 -14.53 -27.19 4.61
C ASN E 28 -15.95 -27.13 5.15
N PHE E 29 -16.15 -26.37 6.22
CA PHE E 29 -17.42 -26.41 6.94
C PHE E 29 -18.54 -25.70 6.16
N ARG E 30 -18.18 -24.90 5.17
CA ARG E 30 -19.18 -24.14 4.44
C ARG E 30 -19.75 -24.88 3.24
N ASP E 31 -19.70 -26.21 3.20
CA ASP E 31 -20.04 -26.88 1.96
C ASP E 31 -21.06 -28.00 2.09
N TYR E 32 -21.25 -28.55 3.28
CA TYR E 32 -21.94 -29.83 3.43
C TYR E 32 -23.04 -29.73 4.47
N SER E 33 -24.16 -30.40 4.20
CA SER E 33 -25.31 -30.32 5.09
C SER E 33 -25.06 -31.15 6.34
N ILE E 34 -25.76 -30.81 7.42
CA ILE E 34 -25.60 -31.50 8.70
C ILE E 34 -26.97 -31.92 9.23
N HIS E 35 -27.21 -33.21 9.29
CA HIS E 35 -28.48 -33.71 9.76
C HIS E 35 -28.46 -33.83 11.27
N TRP E 36 -29.64 -33.84 11.86
CA TRP E 36 -29.82 -34.09 13.28
C TRP E 36 -30.82 -35.23 13.43
N VAL E 37 -30.43 -36.28 14.13
CA VAL E 37 -31.29 -37.44 14.30
C VAL E 37 -31.34 -37.81 15.77
N ARG E 38 -32.44 -38.43 16.19
CA ARG E 38 -32.71 -38.79 17.57
C ARG E 38 -33.03 -40.27 17.64
N LEU E 39 -32.47 -40.98 18.62
CA LEU E 39 -32.62 -42.43 18.71
C LEU E 39 -33.36 -42.81 19.97
N ILE E 40 -34.67 -43.03 19.83
CA ILE E 40 -35.57 -43.35 20.92
C ILE E 40 -35.18 -44.75 21.43
N PRO E 41 -35.24 -45.01 22.73
CA PRO E 41 -34.92 -46.38 23.20
C PRO E 41 -35.95 -47.44 22.82
N ASP E 42 -37.19 -47.08 22.50
CA ASP E 42 -38.19 -48.07 22.16
C ASP E 42 -38.99 -47.74 20.90
N LYS E 43 -38.57 -46.74 20.14
CA LYS E 43 -39.22 -46.40 18.89
C LYS E 43 -38.27 -46.34 17.70
N GLY E 44 -36.98 -46.43 17.93
CA GLY E 44 -36.02 -46.31 16.85
C GLY E 44 -35.75 -44.87 16.51
N PHE E 45 -35.04 -44.68 15.40
CA PHE E 45 -34.58 -43.38 14.93
C PHE E 45 -35.71 -42.42 14.62
N GLU E 46 -35.39 -41.13 14.64
CA GLU E 46 -36.34 -40.08 14.29
C GLU E 46 -35.59 -38.84 13.82
N TRP E 47 -35.85 -38.41 12.60
CA TRP E 47 -35.13 -37.30 12.02
C TRP E 47 -35.65 -35.96 12.54
N ILE E 48 -34.79 -35.24 13.26
CA ILE E 48 -35.11 -33.94 13.84
C ILE E 48 -35.12 -32.84 12.81
N GLY E 49 -34.01 -32.65 12.11
CA GLY E 49 -33.89 -31.50 11.24
C GLY E 49 -32.66 -31.60 10.38
N TRP E 50 -32.28 -30.46 9.82
CA TRP E 50 -31.36 -30.38 8.71
C TRP E 50 -30.87 -28.96 8.58
N ILE E 51 -29.57 -28.72 8.71
CA ILE E 51 -29.03 -27.37 8.55
C ILE E 51 -27.98 -27.38 7.44
N LYS E 52 -28.03 -26.39 6.60
CA LYS E 52 -27.08 -26.16 5.54
C LYS E 52 -26.24 -24.94 5.85
N PRO E 53 -24.95 -25.07 6.08
CA PRO E 53 -24.11 -23.89 6.26
C PRO E 53 -23.94 -23.08 4.98
N LEU E 54 -23.07 -22.06 5.07
CA LEU E 54 -22.76 -20.97 4.15
C LEU E 54 -23.83 -19.88 4.14
N TRP E 55 -25.06 -20.22 4.51
CA TRP E 55 -26.08 -19.21 4.75
C TRP E 55 -26.93 -19.50 5.96
N GLY E 56 -27.02 -20.75 6.38
CA GLY E 56 -27.79 -21.08 7.56
C GLY E 56 -29.21 -21.48 7.30
N ALA E 57 -29.55 -21.94 6.09
CA ALA E 57 -30.92 -22.30 5.79
C ALA E 57 -31.28 -23.62 6.45
N VAL E 58 -32.44 -23.66 7.10
CA VAL E 58 -32.83 -24.81 7.92
C VAL E 58 -34.18 -25.36 7.48
N SER E 59 -34.40 -26.64 7.77
CA SER E 59 -35.72 -27.24 7.71
C SER E 59 -35.84 -28.30 8.77
N TYR E 60 -37.07 -28.54 9.22
CA TYR E 60 -37.33 -29.39 10.36
C TYR E 60 -38.28 -30.50 9.96
N ALA E 61 -38.57 -31.39 10.91
CA ALA E 61 -39.69 -32.28 10.78
C ALA E 61 -40.99 -31.51 10.98
N ARG E 62 -42.11 -32.15 10.67
CA ARG E 62 -43.37 -31.46 10.85
C ARG E 62 -44.06 -31.87 12.15
N GLN E 63 -43.55 -32.88 12.83
CA GLN E 63 -44.05 -33.17 14.16
C GLN E 63 -43.28 -32.43 15.23
N LEU E 64 -42.17 -31.80 14.87
CA LEU E 64 -41.35 -31.04 15.80
C LEU E 64 -41.39 -29.55 15.51
N GLN E 65 -42.46 -29.07 14.87
CA GLN E 65 -42.64 -27.65 14.65
C GLN E 65 -42.80 -26.91 15.97
N GLY E 66 -42.36 -25.65 16.00
CA GLY E 66 -42.57 -24.78 17.12
C GLY E 66 -41.72 -25.06 18.34
N ARG E 67 -40.78 -26.00 18.27
CA ARG E 67 -39.96 -26.38 19.40
C ARG E 67 -38.47 -26.37 19.12
N VAL E 68 -38.05 -26.79 17.93
CA VAL E 68 -36.64 -26.96 17.62
C VAL E 68 -36.19 -25.71 16.89
N SER E 69 -34.88 -25.46 16.91
CA SER E 69 -34.25 -24.32 16.25
C SER E 69 -32.75 -24.59 16.24
N MET E 70 -32.09 -24.32 15.10
CA MET E 70 -30.67 -24.62 15.00
C MET E 70 -29.96 -23.61 14.10
N THR E 71 -28.72 -23.34 14.45
CA THR E 71 -27.89 -22.37 13.76
C THR E 71 -26.44 -22.85 13.83
N ARG E 72 -25.52 -22.02 13.32
CA ARG E 72 -24.14 -22.43 13.17
C ARG E 72 -23.22 -21.26 13.49
N GLN E 73 -21.92 -21.54 13.43
CA GLN E 73 -20.88 -20.53 13.67
C GLN E 73 -19.75 -20.74 12.68
N LEU E 74 -19.60 -19.82 11.74
CA LEU E 74 -18.63 -19.98 10.68
C LEU E 74 -17.26 -19.47 11.13
N SER E 75 -16.24 -20.26 10.89
CA SER E 75 -14.88 -19.82 11.17
C SER E 75 -14.47 -18.73 10.19
N GLN E 76 -13.99 -17.61 10.73
CA GLN E 76 -13.50 -16.50 9.93
C GLN E 76 -12.01 -16.35 10.17
N ASP E 77 -11.23 -17.13 9.44
CA ASP E 77 -9.78 -17.03 9.46
C ASP E 77 -9.28 -17.28 8.04
N PRO E 78 -8.59 -16.32 7.42
CA PRO E 78 -8.07 -16.57 6.07
C PRO E 78 -6.98 -17.62 6.00
N ASP E 79 -6.45 -18.06 7.15
CA ASP E 79 -5.40 -19.06 7.22
C ASP E 79 -5.83 -20.29 7.99
N ASP E 80 -7.15 -20.51 8.15
CA ASP E 80 -7.69 -21.72 8.78
C ASP E 80 -9.17 -21.89 8.45
N PRO E 81 -9.53 -22.45 7.30
CA PRO E 81 -10.95 -22.54 6.92
C PRO E 81 -11.64 -23.85 7.31
N ASP E 82 -10.94 -24.80 7.91
CA ASP E 82 -11.37 -26.19 7.90
C ASP E 82 -12.15 -26.60 9.15
N TRP E 83 -12.53 -25.67 10.02
CA TRP E 83 -13.30 -26.05 11.20
C TRP E 83 -14.59 -25.25 11.26
N GLY E 84 -15.44 -25.61 12.21
CA GLY E 84 -16.73 -24.96 12.38
C GLY E 84 -17.49 -25.62 13.51
N VAL E 85 -18.51 -24.90 13.99
CA VAL E 85 -19.31 -25.32 15.15
C VAL E 85 -20.78 -25.21 14.79
N ALA E 86 -21.53 -26.29 14.97
CA ALA E 86 -22.99 -26.25 14.83
C ALA E 86 -23.66 -26.28 16.19
N TYR E 87 -24.94 -25.90 16.23
CA TYR E 87 -25.72 -25.85 17.46
C TYR E 87 -27.10 -26.46 17.20
N MET E 88 -27.84 -26.70 18.26
CA MET E 88 -29.24 -27.10 18.19
C MET E 88 -29.91 -26.80 19.51
N GLU E 89 -31.04 -26.11 19.49
CA GLU E 89 -31.82 -25.86 20.69
C GLU E 89 -33.14 -26.58 20.59
N PHE E 90 -33.42 -27.46 21.54
CA PHE E 90 -34.59 -28.32 21.51
C PHE E 90 -35.45 -28.00 22.73
N SER E 91 -36.34 -27.04 22.59
CA SER E 91 -37.12 -26.55 23.72
C SER E 91 -38.34 -27.42 23.96
N GLY E 92 -39.06 -27.09 25.03
CA GLY E 92 -40.28 -27.79 25.40
C GLY E 92 -40.09 -29.22 25.83
N LEU E 93 -39.12 -29.48 26.70
CA LEU E 93 -38.81 -30.84 27.08
C LEU E 93 -39.86 -31.43 28.00
N THR E 94 -40.10 -32.71 27.82
CA THR E 94 -40.98 -33.56 28.62
C THR E 94 -40.18 -34.82 28.91
N PRO E 95 -40.61 -35.65 29.87
CA PRO E 95 -39.85 -36.89 30.13
C PRO E 95 -39.82 -37.86 28.96
N ALA E 96 -40.76 -37.77 28.01
CA ALA E 96 -40.75 -38.66 26.86
C ALA E 96 -39.78 -38.21 25.78
N ASP E 97 -39.02 -37.15 26.01
CA ASP E 97 -37.96 -36.73 25.10
C ASP E 97 -36.60 -37.28 25.49
N THR E 98 -36.53 -38.16 26.49
CA THR E 98 -35.24 -38.70 26.89
C THR E 98 -34.78 -39.72 25.87
N ALA E 99 -33.65 -39.41 25.22
CA ALA E 99 -32.99 -40.29 24.26
C ALA E 99 -31.58 -39.76 24.05
N GLU E 100 -30.98 -40.23 22.97
CA GLU E 100 -29.58 -40.02 22.65
C GLU E 100 -29.48 -39.30 21.32
N TYR E 101 -28.89 -38.12 21.31
CA TYR E 101 -28.95 -37.25 20.12
C TYR E 101 -27.66 -37.37 19.33
N PHE E 102 -27.77 -37.32 18.01
CA PHE E 102 -26.64 -37.47 17.12
C PHE E 102 -26.59 -36.34 16.11
N CYS E 103 -25.42 -36.14 15.52
CA CYS E 103 -25.14 -34.99 14.67
C CYS E 103 -24.34 -35.49 13.47
N VAL E 104 -25.05 -35.84 12.39
CA VAL E 104 -24.58 -36.81 11.41
C VAL E 104 -24.29 -36.14 10.08
N ARG E 105 -23.13 -36.44 9.51
CA ARG E 105 -22.66 -35.87 8.25
C ARG E 105 -22.62 -36.96 7.20
N ARG E 106 -22.82 -36.59 5.93
CA ARG E 106 -22.67 -37.57 4.87
C ARG E 106 -21.22 -37.68 4.40
N GLY E 107 -21.00 -38.49 3.37
CA GLY E 107 -19.68 -38.67 2.81
C GLY E 107 -19.54 -38.13 1.40
N SER E 108 -18.31 -38.15 0.91
CA SER E 108 -18.03 -37.70 -0.45
C SER E 108 -18.56 -38.73 -1.45
N CYS E 109 -19.09 -38.25 -2.56
CA CYS E 109 -19.91 -39.12 -3.40
C CYS E 109 -19.89 -38.63 -4.84
N ASP E 110 -20.32 -39.51 -5.74
CA ASP E 110 -20.57 -39.15 -7.12
C ASP E 110 -22.00 -39.47 -7.55
N TYR E 111 -22.47 -40.67 -7.19
CA TYR E 111 -23.79 -41.13 -7.59
C TYR E 111 -24.49 -41.67 -6.35
N CYS E 112 -25.14 -40.76 -5.60
CA CYS E 112 -25.94 -41.09 -4.43
C CYS E 112 -26.80 -39.91 -4.01
N GLY E 113 -27.38 -39.99 -2.80
CA GLY E 113 -28.22 -38.94 -2.28
C GLY E 113 -27.62 -38.29 -1.04
N ASP E 114 -28.47 -37.51 -0.38
CA ASP E 114 -28.03 -36.72 0.76
C ASP E 114 -28.09 -37.47 2.08
N PHE E 115 -29.11 -38.26 2.30
CA PHE E 115 -29.29 -38.97 3.56
C PHE E 115 -28.35 -40.12 3.93
N PRO E 116 -27.68 -40.84 3.02
CA PRO E 116 -26.67 -41.82 3.46
C PRO E 116 -25.60 -41.22 4.35
N TRP E 117 -25.54 -41.71 5.58
CA TRP E 117 -24.80 -41.10 6.68
C TRP E 117 -23.53 -41.88 6.98
N GLN E 118 -22.39 -41.27 6.70
CA GLN E 118 -21.10 -41.94 6.84
C GLN E 118 -20.38 -41.63 8.13
N TYR E 119 -20.19 -40.36 8.45
CA TYR E 119 -19.45 -39.96 9.64
C TYR E 119 -20.43 -39.71 10.77
N TRP E 120 -20.19 -40.33 11.90
CA TRP E 120 -21.08 -40.27 13.04
C TRP E 120 -20.35 -39.74 14.26
N CYS E 121 -20.99 -38.81 14.93
CA CYS E 121 -20.55 -38.32 16.22
C CYS E 121 -20.82 -39.36 17.29
N GLN E 122 -20.27 -39.14 18.48
CA GLN E 122 -20.44 -40.11 19.55
C GLN E 122 -21.81 -40.05 20.20
N GLY E 123 -22.52 -38.94 20.06
CA GLY E 123 -23.83 -38.91 20.68
C GLY E 123 -23.80 -38.40 22.09
N THR E 124 -24.97 -37.94 22.56
CA THR E 124 -25.15 -37.52 23.93
C THR E 124 -26.59 -37.73 24.38
N VAL E 125 -26.72 -38.08 25.65
CA VAL E 125 -27.98 -38.47 26.26
C VAL E 125 -28.55 -37.28 26.99
N VAL E 126 -29.80 -36.95 26.71
CA VAL E 126 -30.52 -35.86 27.35
C VAL E 126 -31.61 -36.48 28.22
N VAL E 127 -31.44 -36.42 29.54
CA VAL E 127 -32.38 -37.02 30.48
C VAL E 127 -33.34 -35.95 30.94
N VAL E 128 -34.63 -36.24 30.92
CA VAL E 128 -35.63 -35.32 31.46
C VAL E 128 -36.39 -36.05 32.55
N SER E 129 -36.15 -35.64 33.78
CA SER E 129 -36.68 -36.35 34.93
C SER E 129 -36.89 -35.36 36.06
N SER E 130 -38.05 -35.42 36.69
CA SER E 130 -38.31 -34.50 37.80
C SER E 130 -37.72 -34.98 39.12
N ALA E 131 -37.11 -36.16 39.14
CA ALA E 131 -36.47 -36.65 40.35
C ALA E 131 -35.20 -35.87 40.66
N SER E 132 -34.90 -35.73 41.94
CA SER E 132 -33.67 -35.08 42.38
C SER E 132 -32.64 -36.13 42.80
N THR E 133 -31.40 -35.67 42.91
CA THR E 133 -30.25 -36.53 43.23
C THR E 133 -30.39 -37.13 44.63
N LYS E 134 -30.29 -38.45 44.69
CA LYS E 134 -30.57 -39.21 45.91
C LYS E 134 -29.65 -40.42 45.93
N GLY E 135 -29.15 -40.77 47.10
CA GLY E 135 -28.26 -41.89 47.22
C GLY E 135 -28.96 -43.23 47.25
N PRO E 136 -28.23 -44.29 46.93
CA PRO E 136 -28.78 -45.64 47.10
C PRO E 136 -28.52 -46.17 48.49
N SER E 137 -29.50 -46.90 48.99
CA SER E 137 -29.33 -47.77 50.15
C SER E 137 -28.89 -49.14 49.64
N VAL E 138 -28.74 -50.08 50.56
CA VAL E 138 -28.35 -51.44 50.22
C VAL E 138 -28.98 -52.42 51.21
N PHE E 139 -29.45 -53.55 50.68
CA PHE E 139 -30.24 -54.55 51.39
C PHE E 139 -29.77 -55.94 50.98
N PRO E 140 -29.44 -56.81 51.95
CA PRO E 140 -28.80 -58.07 51.61
C PRO E 140 -29.76 -59.11 51.04
N LEU E 141 -29.18 -60.13 50.41
CA LEU E 141 -29.93 -61.23 49.80
C LEU E 141 -29.14 -62.52 49.93
N ALA E 142 -29.79 -63.59 50.42
CA ALA E 142 -29.13 -64.85 50.73
C ALA E 142 -30.20 -65.91 50.98
N PRO E 143 -29.84 -67.20 51.03
CA PRO E 143 -30.74 -68.22 51.56
C PRO E 143 -30.56 -68.36 53.07
N SER E 144 -31.37 -69.26 53.64
CA SER E 144 -31.30 -69.51 55.08
C SER E 144 -30.07 -70.31 55.50
N SER E 145 -29.64 -71.28 54.70
CA SER E 145 -28.48 -72.09 55.03
C SER E 145 -27.57 -72.24 53.82
N GLY E 150 -24.18 -78.16 49.29
CA GLY E 150 -24.23 -78.82 48.00
C GLY E 150 -24.45 -77.88 46.83
N GLY E 151 -25.69 -77.82 46.35
CA GLY E 151 -26.04 -77.03 45.18
C GLY E 151 -25.88 -75.54 45.40
N THR E 152 -25.56 -74.85 44.31
CA THR E 152 -25.23 -73.44 44.31
C THR E 152 -26.43 -72.59 44.66
N ALA E 153 -26.15 -71.42 45.24
CA ALA E 153 -27.22 -70.55 45.69
C ALA E 153 -26.82 -69.09 45.55
N ALA E 154 -27.83 -68.25 45.37
CA ALA E 154 -27.64 -66.84 45.04
C ALA E 154 -27.50 -65.98 46.29
N LEU E 155 -26.28 -65.47 46.50
CA LEU E 155 -26.07 -64.35 47.39
C LEU E 155 -26.27 -63.10 46.54
N GLY E 156 -26.57 -61.98 47.18
CA GLY E 156 -26.69 -60.75 46.41
C GLY E 156 -27.19 -59.61 47.26
N CYS E 157 -27.30 -58.44 46.65
CA CYS E 157 -27.86 -57.29 47.33
C CYS E 157 -28.85 -56.58 46.42
N LEU E 158 -29.58 -55.64 47.01
CA LEU E 158 -30.56 -54.84 46.30
C LEU E 158 -30.20 -53.37 46.51
N VAL E 159 -30.03 -52.64 45.42
CA VAL E 159 -29.63 -51.24 45.46
C VAL E 159 -30.81 -50.43 44.94
N LYS E 160 -31.68 -49.99 45.84
CA LYS E 160 -33.01 -49.49 45.50
C LYS E 160 -33.11 -47.98 45.70
N ASP E 161 -33.86 -47.34 44.78
CA ASP E 161 -34.33 -45.94 44.87
C ASP E 161 -33.17 -44.94 44.87
N TYR E 162 -32.47 -44.87 43.75
CA TYR E 162 -31.45 -43.86 43.56
C TYR E 162 -31.78 -42.97 42.36
N PHE E 163 -31.05 -41.86 42.27
CA PHE E 163 -31.07 -41.01 41.09
C PHE E 163 -29.84 -40.14 41.17
N PRO E 164 -29.17 -39.85 40.05
CA PRO E 164 -29.36 -40.51 38.76
C PRO E 164 -28.49 -41.74 38.68
N GLU E 165 -28.35 -42.28 37.49
CA GLU E 165 -27.47 -43.41 37.23
C GLU E 165 -26.03 -42.88 37.11
N PRO E 166 -25.02 -43.75 36.99
CA PRO E 166 -24.80 -45.20 37.14
C PRO E 166 -24.13 -45.62 38.43
N VAL E 167 -24.52 -46.78 38.93
CA VAL E 167 -23.96 -47.37 40.14
C VAL E 167 -22.97 -48.45 39.74
N THR E 168 -21.75 -48.37 40.27
CA THR E 168 -20.75 -49.38 40.03
C THR E 168 -20.57 -50.23 41.29
N VAL E 169 -20.96 -51.50 41.20
CA VAL E 169 -21.01 -52.38 42.37
C VAL E 169 -19.98 -53.52 42.23
N SER E 170 -19.07 -53.59 43.20
CA SER E 170 -18.01 -54.60 43.21
C SER E 170 -18.20 -55.50 44.43
N TRP E 171 -17.46 -56.60 44.47
CA TRP E 171 -17.73 -57.69 45.39
C TRP E 171 -16.48 -58.16 46.13
N ASN E 172 -16.54 -58.02 47.46
CA ASN E 172 -15.43 -58.25 48.42
C ASN E 172 -14.22 -57.35 48.17
N SER E 173 -14.43 -56.27 47.41
CA SER E 173 -13.42 -55.23 47.10
C SER E 173 -12.11 -55.78 46.53
N GLY E 174 -12.14 -56.32 45.30
CA GLY E 174 -13.30 -56.52 44.45
C GLY E 174 -13.09 -57.77 43.64
N ALA E 175 -12.27 -58.68 44.19
CA ALA E 175 -11.75 -59.80 43.40
C ALA E 175 -12.79 -60.88 43.12
N LEU E 176 -13.87 -60.94 43.89
CA LEU E 176 -14.93 -61.93 43.65
C LEU E 176 -15.71 -61.47 42.42
N THR E 177 -15.29 -61.94 41.25
CA THR E 177 -15.85 -61.54 39.97
C THR E 177 -16.54 -62.66 39.22
N SER E 178 -16.14 -63.91 39.41
CA SER E 178 -16.77 -65.04 38.73
C SER E 178 -18.11 -65.32 39.39
N GLY E 179 -19.09 -65.73 38.58
CA GLY E 179 -20.44 -65.98 39.08
C GLY E 179 -21.23 -64.74 39.40
N VAL E 180 -20.80 -63.58 38.93
CA VAL E 180 -21.40 -62.31 39.31
C VAL E 180 -22.31 -61.83 38.18
N HIS E 181 -23.56 -61.57 38.52
CA HIS E 181 -24.56 -61.11 37.55
C HIS E 181 -25.02 -59.73 37.98
N THR E 182 -25.20 -58.84 37.00
CA THR E 182 -25.87 -57.57 37.19
C THR E 182 -27.02 -57.45 36.21
N PHE E 183 -28.06 -56.76 36.64
CA PHE E 183 -29.22 -56.41 35.85
C PHE E 183 -29.15 -54.94 35.45
N PRO E 184 -29.72 -54.56 34.31
CA PRO E 184 -29.92 -53.15 34.03
C PRO E 184 -30.93 -52.51 35.00
N ALA E 185 -30.83 -51.18 35.12
CA ALA E 185 -31.55 -50.44 36.12
C ALA E 185 -33.06 -50.56 35.95
N VAL E 186 -33.72 -51.05 37.00
CA VAL E 186 -35.16 -51.24 37.04
C VAL E 186 -35.78 -49.85 36.91
N LEU E 187 -36.86 -49.76 36.15
CA LEU E 187 -37.35 -48.44 35.74
C LEU E 187 -38.00 -47.66 36.88
N GLN E 188 -38.54 -46.50 36.54
CA GLN E 188 -38.90 -45.49 37.52
C GLN E 188 -40.09 -45.92 38.38
N SER E 189 -39.80 -46.20 39.64
CA SER E 189 -40.80 -46.33 40.69
C SER E 189 -40.88 -44.95 41.36
N SER E 190 -41.88 -44.15 40.94
CA SER E 190 -42.04 -42.74 41.32
C SER E 190 -40.82 -41.90 40.96
N GLY E 191 -40.10 -42.30 39.92
CA GLY E 191 -38.97 -41.55 39.43
C GLY E 191 -37.61 -42.06 39.84
N LEU E 192 -37.52 -43.27 40.41
CA LEU E 192 -36.27 -43.76 40.96
C LEU E 192 -35.96 -45.20 40.50
N TYR E 193 -34.68 -45.45 40.25
CA TYR E 193 -34.17 -46.70 39.71
C TYR E 193 -33.75 -47.67 40.82
N SER E 194 -33.63 -48.94 40.45
CA SER E 194 -33.01 -49.92 41.34
C SER E 194 -32.17 -50.90 40.54
N LEU E 195 -31.19 -51.50 41.21
CA LEU E 195 -30.33 -52.51 40.63
C LEU E 195 -30.31 -53.77 41.47
N SER E 196 -30.52 -54.90 40.79
CA SER E 196 -30.32 -56.22 41.36
C SER E 196 -28.93 -56.67 40.95
N SER E 197 -28.25 -57.38 41.84
CA SER E 197 -26.91 -57.86 41.60
C SER E 197 -26.69 -59.09 42.47
N VAL E 198 -26.64 -60.27 41.85
CA VAL E 198 -26.55 -61.54 42.55
C VAL E 198 -25.32 -62.31 42.11
N VAL E 199 -24.77 -63.10 43.04
CA VAL E 199 -23.54 -63.86 42.85
C VAL E 199 -23.79 -65.30 43.28
N THR E 200 -23.51 -66.26 42.41
CA THR E 200 -23.75 -67.67 42.70
C THR E 200 -22.49 -68.31 43.27
N VAL E 201 -22.63 -68.92 44.44
CA VAL E 201 -21.55 -69.60 45.16
C VAL E 201 -22.13 -70.95 45.58
N PRO E 202 -21.33 -72.03 45.60
CA PRO E 202 -21.78 -73.27 46.23
C PRO E 202 -22.21 -73.08 47.69
N SER E 203 -23.17 -73.90 48.12
CA SER E 203 -23.86 -73.63 49.37
C SER E 203 -23.07 -74.03 50.62
N SER E 204 -21.87 -74.60 50.45
CA SER E 204 -21.03 -74.84 51.62
C SER E 204 -20.40 -73.55 52.13
N SER E 205 -20.00 -72.66 51.22
CA SER E 205 -19.26 -71.46 51.58
C SER E 205 -20.16 -70.36 52.12
N LEU E 206 -21.48 -70.54 52.07
CA LEU E 206 -22.38 -69.56 52.64
C LEU E 206 -22.20 -69.48 54.15
N GLY E 207 -22.09 -70.62 54.81
CA GLY E 207 -21.86 -70.69 56.24
C GLY E 207 -20.44 -70.45 56.69
N THR E 208 -19.52 -70.13 55.77
CA THR E 208 -18.12 -69.90 56.09
C THR E 208 -17.71 -68.45 55.97
N GLN E 209 -17.99 -67.80 54.85
CA GLN E 209 -17.46 -66.49 54.53
C GLN E 209 -18.48 -65.38 54.78
N THR E 210 -17.96 -64.15 54.89
CA THR E 210 -18.76 -62.94 54.97
C THR E 210 -18.62 -62.17 53.67
N TYR E 211 -19.74 -61.87 53.02
CA TYR E 211 -19.74 -61.30 51.68
C TYR E 211 -20.22 -59.85 51.70
N ILE E 212 -19.63 -59.04 50.81
CA ILE E 212 -19.75 -57.58 50.85
C ILE E 212 -20.21 -57.07 49.49
N CYS E 213 -21.25 -56.24 49.51
CA CYS E 213 -21.75 -55.56 48.33
C CYS E 213 -21.34 -54.09 48.40
N ASN E 214 -20.47 -53.66 47.48
CA ASN E 214 -19.86 -52.33 47.52
C ASN E 214 -20.55 -51.38 46.53
N VAL E 215 -21.61 -50.72 46.98
CA VAL E 215 -22.34 -49.74 46.18
C VAL E 215 -21.46 -48.49 46.05
N ASN E 216 -21.37 -47.95 44.85
CA ASN E 216 -20.64 -46.70 44.61
C ASN E 216 -21.49 -45.84 43.69
N HIS E 217 -22.41 -45.08 44.27
CA HIS E 217 -23.14 -44.05 43.54
C HIS E 217 -22.27 -42.81 43.54
N LYS E 218 -21.50 -42.63 42.48
CA LYS E 218 -20.57 -41.51 42.36
C LYS E 218 -21.20 -40.11 42.27
N PRO E 219 -22.28 -39.84 41.51
CA PRO E 219 -22.78 -38.45 41.46
C PRO E 219 -23.33 -37.91 42.78
N SER E 220 -23.58 -38.75 43.79
CA SER E 220 -24.00 -38.27 45.09
C SER E 220 -23.01 -38.55 46.20
N ASN E 221 -21.85 -39.16 45.88
CA ASN E 221 -20.81 -39.57 46.83
C ASN E 221 -21.39 -40.42 47.95
N THR E 222 -22.22 -41.40 47.57
CA THR E 222 -22.77 -42.34 48.53
C THR E 222 -22.02 -43.66 48.41
N LYS E 223 -21.77 -44.30 49.55
CA LYS E 223 -21.04 -45.56 49.60
C LYS E 223 -21.54 -46.37 50.78
N VAL E 224 -22.06 -47.57 50.52
CA VAL E 224 -22.58 -48.43 51.57
C VAL E 224 -22.07 -49.84 51.35
N ASP E 225 -22.04 -50.60 52.45
CA ASP E 225 -21.48 -51.95 52.49
C ASP E 225 -22.32 -52.82 53.41
N LYS E 226 -23.12 -53.71 52.82
CA LYS E 226 -23.92 -54.67 53.58
C LYS E 226 -23.21 -56.01 53.58
N LYS E 227 -23.18 -56.67 54.73
CA LYS E 227 -22.71 -58.04 54.83
C LYS E 227 -23.81 -59.00 54.43
N VAL E 228 -23.46 -60.01 53.64
CA VAL E 228 -24.43 -61.01 53.18
C VAL E 228 -24.01 -62.36 53.74
N GLU E 229 -24.94 -63.03 54.43
CA GLU E 229 -24.66 -64.27 55.13
C GLU E 229 -25.98 -65.01 55.24
N PRO E 230 -25.96 -66.33 55.41
CA PRO E 230 -27.21 -67.04 55.64
C PRO E 230 -27.80 -66.77 57.01
N LYS E 231 -28.93 -66.06 56.99
CA LYS E 231 -29.61 -65.64 58.21
C LYS E 231 -30.49 -66.74 58.78
N GLU F 1 -46.65 -41.33 2.64
CA GLU F 1 -45.70 -41.85 3.60
C GLU F 1 -45.41 -43.32 3.30
N ILE F 2 -44.14 -43.64 3.15
CA ILE F 2 -43.70 -45.03 3.00
C ILE F 2 -43.52 -45.59 4.40
N VAL F 3 -43.90 -46.86 4.60
CA VAL F 3 -43.72 -47.58 5.85
C VAL F 3 -42.86 -48.79 5.57
N LEU F 4 -41.75 -48.90 6.29
CA LEU F 4 -40.78 -49.97 6.12
C LEU F 4 -41.06 -51.08 7.12
N THR F 5 -40.98 -52.32 6.64
CA THR F 5 -41.25 -53.51 7.44
C THR F 5 -40.02 -54.40 7.40
N GLN F 6 -39.69 -55.03 8.53
CA GLN F 6 -38.59 -55.97 8.55
C GLN F 6 -38.96 -57.28 9.22
N SER F 7 -38.29 -58.33 8.74
CA SER F 7 -38.54 -59.70 9.14
C SER F 7 -37.30 -60.52 8.81
N PRO F 8 -36.90 -61.44 9.70
CA PRO F 8 -37.44 -61.78 11.01
C PRO F 8 -37.05 -60.77 12.08
N GLY F 9 -37.71 -60.82 13.23
CA GLY F 9 -37.31 -59.99 14.35
C GLY F 9 -35.98 -60.44 14.91
N ILE F 10 -35.90 -61.69 15.34
CA ILE F 10 -34.65 -62.28 15.83
C ILE F 10 -34.31 -63.47 14.95
N LEU F 11 -33.10 -63.46 14.42
CA LEU F 11 -32.58 -64.55 13.60
C LEU F 11 -31.53 -65.30 14.41
N SER F 12 -31.87 -66.51 14.85
CA SER F 12 -30.94 -67.33 15.61
C SER F 12 -30.18 -68.21 14.64
N LEU F 13 -28.88 -67.96 14.51
CA LEU F 13 -28.13 -68.57 13.42
C LEU F 13 -26.68 -68.73 13.86
N SER F 14 -26.06 -69.88 13.45
CA SER F 14 -24.78 -70.38 13.94
C SER F 14 -23.63 -69.87 13.07
N PRO F 15 -22.42 -69.70 13.63
CA PRO F 15 -21.31 -69.18 12.84
C PRO F 15 -20.84 -70.13 11.75
N GLY F 16 -20.42 -69.56 10.63
CA GLY F 16 -19.99 -70.30 9.48
C GLY F 16 -21.02 -70.42 8.38
N GLU F 17 -22.25 -70.01 8.65
CA GLU F 17 -23.34 -70.12 7.69
C GLU F 17 -23.68 -68.76 7.08
N THR F 18 -24.76 -68.75 6.29
CA THR F 18 -25.29 -67.53 5.73
C THR F 18 -26.46 -67.03 6.54
N ALA F 19 -26.72 -65.73 6.41
CA ALA F 19 -27.82 -65.09 7.12
C ALA F 19 -28.41 -64.03 6.19
N THR F 20 -29.71 -64.11 5.97
CA THR F 20 -30.37 -63.30 4.95
C THR F 20 -31.47 -62.49 5.59
N LEU F 21 -31.29 -61.17 5.61
CA LEU F 21 -32.24 -60.24 6.21
C LEU F 21 -33.06 -59.55 5.14
N PHE F 22 -34.27 -59.14 5.54
CA PHE F 22 -35.32 -58.71 4.63
C PHE F 22 -35.86 -57.37 5.11
N CYS F 23 -36.10 -56.44 4.18
CA CYS F 23 -36.85 -55.21 4.43
C CYS F 23 -37.80 -55.00 3.26
N LYS F 24 -39.02 -54.55 3.56
CA LYS F 24 -40.05 -54.41 2.55
C LYS F 24 -40.53 -52.97 2.46
N ALA F 25 -40.33 -52.35 1.31
CA ALA F 25 -40.85 -51.03 1.06
C ALA F 25 -42.32 -51.14 0.71
N SER F 26 -43.06 -50.03 0.83
CA SER F 26 -44.47 -50.07 0.47
C SER F 26 -44.77 -49.34 -0.83
N GLN F 27 -43.88 -48.49 -1.29
CA GLN F 27 -44.08 -47.80 -2.56
C GLN F 27 -42.93 -48.15 -3.49
N GLY F 28 -43.28 -48.44 -4.73
CA GLY F 28 -42.27 -48.85 -5.70
C GLY F 28 -41.33 -47.70 -6.01
N GLY F 29 -40.14 -47.78 -5.45
CA GLY F 29 -39.22 -46.68 -5.50
C GLY F 29 -37.94 -47.07 -6.18
N ASN F 30 -36.83 -46.58 -5.65
CA ASN F 30 -35.54 -46.71 -6.31
C ASN F 30 -34.47 -47.42 -5.48
N ALA F 31 -34.19 -46.97 -4.27
CA ALA F 31 -32.97 -47.43 -3.61
C ALA F 31 -33.20 -47.61 -2.12
N MET F 32 -32.18 -48.17 -1.44
CA MET F 32 -32.22 -48.37 0.00
C MET F 32 -30.81 -48.36 0.57
N THR F 33 -30.70 -47.98 1.84
CA THR F 33 -29.45 -47.83 2.56
C THR F 33 -29.54 -48.54 3.91
N TRP F 34 -28.48 -49.27 4.29
CA TRP F 34 -28.45 -50.09 5.50
C TRP F 34 -27.41 -49.62 6.50
N TYR F 35 -27.76 -49.66 7.80
CA TYR F 35 -26.83 -49.31 8.88
C TYR F 35 -26.62 -50.48 9.82
N GLN F 36 -25.48 -50.44 10.50
CA GLN F 36 -25.05 -51.45 11.47
C GLN F 36 -24.91 -50.81 12.83
N LYS F 37 -25.58 -51.39 13.83
CA LYS F 37 -25.40 -50.95 15.21
C LYS F 37 -24.93 -52.12 16.08
N ARG F 38 -23.71 -52.00 16.62
CA ARG F 38 -23.09 -53.07 17.41
C ARG F 38 -23.29 -52.80 18.89
N ARG F 39 -24.51 -53.08 19.38
CA ARG F 39 -24.83 -53.14 20.80
C ARG F 39 -24.46 -51.85 21.55
N GLY F 40 -24.65 -50.71 20.91
CA GLY F 40 -24.33 -49.43 21.51
C GLY F 40 -23.06 -48.78 21.02
N GLN F 41 -22.68 -48.96 19.75
CA GLN F 41 -21.39 -48.48 19.28
C GLN F 41 -21.46 -47.50 18.12
N VAL F 42 -22.33 -46.48 18.18
CA VAL F 42 -22.33 -45.32 17.28
C VAL F 42 -22.56 -45.76 15.83
N PRO F 43 -23.83 -45.94 15.42
CA PRO F 43 -24.17 -46.74 14.23
C PRO F 43 -23.46 -46.36 12.95
N ARG F 44 -22.94 -47.37 12.23
CA ARG F 44 -22.12 -47.15 11.05
C ARG F 44 -22.85 -47.53 9.78
N LEU F 45 -22.52 -46.84 8.69
CA LEU F 45 -23.12 -47.11 7.40
C LEU F 45 -22.56 -48.38 6.80
N LEU F 46 -23.44 -49.23 6.28
CA LEU F 46 -23.04 -50.54 5.82
C LEU F 46 -23.15 -50.71 4.31
N ILE F 47 -24.37 -50.59 3.77
CA ILE F 47 -24.63 -50.75 2.35
C ILE F 47 -25.31 -49.46 1.89
N TYR F 48 -25.12 -49.10 0.63
CA TYR F 48 -25.19 -47.74 0.16
C TYR F 48 -25.67 -47.74 -1.28
N ASP F 49 -26.80 -47.07 -1.54
CA ASP F 49 -27.49 -47.05 -2.84
C ASP F 49 -27.82 -48.47 -3.30
N THR F 50 -28.25 -49.28 -2.33
CA THR F 50 -28.79 -50.64 -2.39
C THR F 50 -27.73 -51.69 -2.73
N SER F 51 -26.59 -51.33 -3.32
CA SER F 51 -25.57 -52.34 -3.57
C SER F 51 -24.13 -51.85 -3.47
N ARG F 52 -23.87 -50.59 -3.15
CA ARG F 52 -22.48 -50.17 -3.07
C ARG F 52 -22.00 -50.26 -1.63
N ARG F 53 -20.70 -50.31 -1.46
CA ARG F 53 -20.11 -50.36 -0.13
C ARG F 53 -19.67 -48.98 0.32
N ALA F 54 -19.79 -48.72 1.62
CA ALA F 54 -19.19 -47.52 2.19
C ALA F 54 -17.72 -47.74 2.44
N SER F 55 -17.05 -46.71 2.93
CA SER F 55 -15.62 -46.82 3.17
C SER F 55 -15.35 -47.64 4.43
N GLY F 56 -14.56 -48.70 4.27
CA GLY F 56 -14.22 -49.57 5.37
C GLY F 56 -15.18 -50.72 5.60
N VAL F 57 -16.12 -50.93 4.70
CA VAL F 57 -17.05 -52.05 4.82
C VAL F 57 -16.44 -53.25 4.11
N PRO F 58 -16.33 -54.41 4.75
CA PRO F 58 -15.70 -55.56 4.10
C PRO F 58 -16.62 -56.16 3.05
N ASP F 59 -16.06 -57.09 2.28
CA ASP F 59 -16.72 -57.72 1.15
C ASP F 59 -17.78 -58.74 1.57
N ARG F 60 -17.88 -59.07 2.85
CA ARG F 60 -18.86 -60.05 3.30
C ARG F 60 -20.27 -59.51 3.37
N PHE F 61 -20.45 -58.22 3.13
CA PHE F 61 -21.76 -57.59 3.09
C PHE F 61 -22.08 -57.31 1.63
N VAL F 62 -23.00 -58.08 1.06
CA VAL F 62 -23.39 -57.93 -0.33
C VAL F 62 -24.82 -57.42 -0.37
N GLY F 63 -25.01 -56.25 -0.97
CA GLY F 63 -26.33 -55.66 -1.12
C GLY F 63 -27.05 -56.19 -2.34
N SER F 64 -28.37 -56.26 -2.24
CA SER F 64 -29.20 -56.79 -3.32
C SER F 64 -30.64 -56.34 -3.09
N GLY F 65 -31.39 -56.27 -4.19
CA GLY F 65 -32.80 -55.96 -4.10
C GLY F 65 -33.25 -55.17 -5.31
N SER F 66 -34.57 -55.13 -5.50
CA SER F 66 -35.21 -54.35 -6.54
C SER F 66 -36.69 -54.21 -6.21
N GLY F 67 -37.31 -53.16 -6.73
CA GLY F 67 -38.74 -52.98 -6.61
C GLY F 67 -39.19 -52.59 -5.22
N THR F 68 -40.02 -53.43 -4.58
CA THR F 68 -40.45 -53.18 -3.23
C THR F 68 -39.83 -54.10 -2.19
N ASP F 69 -39.00 -55.06 -2.59
CA ASP F 69 -38.38 -55.99 -1.66
C ASP F 69 -36.87 -55.92 -1.80
N PHE F 70 -36.19 -55.75 -0.67
CA PHE F 70 -34.75 -55.49 -0.65
C PHE F 70 -34.10 -56.40 0.36
N PHE F 71 -32.88 -56.85 0.04
CA PHE F 71 -32.21 -57.90 0.79
C PHE F 71 -30.88 -57.42 1.37
N LEU F 72 -30.42 -58.10 2.40
CA LEU F 72 -29.04 -58.05 2.84
C LEU F 72 -28.60 -59.50 3.08
N THR F 73 -27.32 -59.79 2.85
CA THR F 73 -26.76 -61.12 3.06
C THR F 73 -25.33 -61.00 3.57
N ILE F 74 -25.01 -61.74 4.64
CA ILE F 74 -23.64 -61.93 5.10
C ILE F 74 -23.24 -63.35 4.76
N ASN F 75 -22.23 -63.50 3.90
CA ASN F 75 -21.91 -64.81 3.34
C ASN F 75 -21.25 -65.76 4.31
N LYS F 76 -20.27 -65.30 5.09
CA LYS F 76 -19.69 -66.14 6.12
C LYS F 76 -19.87 -65.44 7.45
N LEU F 77 -20.85 -65.89 8.21
CA LEU F 77 -21.26 -65.14 9.39
C LEU F 77 -20.29 -65.39 10.55
N ASP F 78 -19.66 -64.32 11.00
CA ASP F 78 -18.59 -64.37 11.98
C ASP F 78 -19.19 -64.18 13.39
N ARG F 79 -18.32 -63.96 14.38
CA ARG F 79 -18.80 -63.72 15.73
C ARG F 79 -19.06 -62.23 15.97
N GLU F 80 -18.25 -61.36 15.37
CA GLU F 80 -18.42 -59.92 15.49
C GLU F 80 -19.48 -59.36 14.57
N ASP F 81 -19.95 -60.13 13.59
CA ASP F 81 -20.99 -59.67 12.67
C ASP F 81 -22.38 -59.85 13.24
N PHE F 82 -22.51 -60.23 14.51
CA PHE F 82 -23.76 -60.18 15.27
C PHE F 82 -24.00 -58.75 15.71
N ALA F 83 -25.12 -58.19 15.26
CA ALA F 83 -25.54 -56.83 15.61
C ALA F 83 -27.03 -56.64 15.39
N VAL F 84 -27.48 -55.38 15.30
CA VAL F 84 -28.87 -55.03 14.97
C VAL F 84 -28.83 -54.12 13.76
N TYR F 85 -29.65 -54.41 12.75
CA TYR F 85 -29.59 -53.68 11.48
C TYR F 85 -30.86 -52.88 11.21
N TYR F 86 -30.71 -51.84 10.40
CA TYR F 86 -31.76 -50.86 10.10
C TYR F 86 -31.71 -50.50 8.61
N CYS F 87 -32.88 -50.26 8.02
CA CYS F 87 -32.97 -49.82 6.64
C CYS F 87 -33.61 -48.44 6.57
N GLN F 88 -33.13 -47.63 5.63
CA GLN F 88 -33.58 -46.25 5.50
C GLN F 88 -33.88 -45.90 4.06
N GLN F 89 -35.06 -45.34 3.83
CA GLN F 89 -35.32 -44.46 2.71
C GLN F 89 -35.55 -43.08 3.31
N PHE F 90 -35.69 -42.07 2.45
CA PHE F 90 -35.28 -40.65 2.64
C PHE F 90 -35.32 -40.24 4.11
N GLU F 91 -36.47 -40.21 4.75
CA GLU F 91 -36.47 -39.91 6.18
C GLU F 91 -37.24 -40.93 6.98
N PHE F 92 -37.52 -42.10 6.40
CA PHE F 92 -38.38 -43.08 7.04
C PHE F 92 -37.50 -44.26 7.41
N PHE F 93 -37.76 -44.86 8.56
CA PHE F 93 -36.91 -45.91 9.08
C PHE F 93 -37.70 -47.17 9.38
N GLY F 94 -36.96 -48.28 9.51
CA GLY F 94 -37.52 -49.52 9.96
C GLY F 94 -37.59 -49.59 11.47
N LEU F 95 -37.70 -50.81 11.97
CA LEU F 95 -37.80 -51.04 13.41
C LEU F 95 -36.67 -51.88 13.96
N GLY F 96 -35.97 -52.63 13.11
CA GLY F 96 -34.80 -53.38 13.54
C GLY F 96 -34.83 -54.86 13.21
N SER F 97 -33.62 -55.42 13.12
CA SER F 97 -33.40 -56.83 12.89
C SER F 97 -32.20 -57.26 13.71
N GLU F 98 -32.46 -58.09 14.71
CA GLU F 98 -31.47 -58.45 15.72
C GLU F 98 -30.83 -59.80 15.42
N LEU F 99 -29.51 -59.85 15.48
CA LEU F 99 -28.78 -61.11 15.34
C LEU F 99 -28.29 -61.56 16.71
N GLU F 100 -28.57 -62.83 17.01
CA GLU F 100 -28.21 -63.40 18.31
C GLU F 100 -27.37 -64.66 18.10
N VAL F 101 -27.05 -65.31 19.20
CA VAL F 101 -26.19 -66.49 19.18
C VAL F 101 -27.06 -67.72 19.38
N HIS F 102 -26.94 -68.69 18.47
CA HIS F 102 -27.69 -69.93 18.60
C HIS F 102 -27.04 -70.84 19.62
N ARG F 103 -27.87 -71.60 20.34
CA ARG F 103 -27.41 -72.53 21.35
C ARG F 103 -28.52 -73.56 21.56
N THR F 104 -28.16 -74.72 22.10
CA THR F 104 -29.14 -75.71 22.51
C THR F 104 -29.89 -75.21 23.75
N VAL F 105 -30.97 -75.91 24.07
CA VAL F 105 -31.85 -75.52 25.18
C VAL F 105 -31.18 -75.85 26.51
N ALA F 106 -31.67 -75.20 27.58
CA ALA F 106 -31.19 -75.43 28.93
C ALA F 106 -32.30 -75.11 29.92
N ALA F 107 -32.00 -75.31 31.21
CA ALA F 107 -33.00 -75.09 32.24
C ALA F 107 -32.49 -74.12 33.32
N PRO F 108 -33.26 -73.08 33.63
CA PRO F 108 -32.85 -72.18 34.71
C PRO F 108 -33.13 -72.73 36.10
N SER F 109 -32.18 -72.49 37.00
CA SER F 109 -32.31 -72.92 38.38
C SER F 109 -33.16 -71.91 39.15
N VAL F 110 -34.40 -72.31 39.47
CA VAL F 110 -35.44 -71.43 40.00
C VAL F 110 -35.10 -71.10 41.45
N PHE F 111 -35.32 -69.85 41.84
CA PHE F 111 -35.23 -69.44 43.22
C PHE F 111 -36.53 -68.77 43.64
N ILE F 112 -36.62 -68.48 44.93
CA ILE F 112 -37.57 -67.52 45.48
C ILE F 112 -36.91 -66.82 46.66
N PHE F 113 -36.72 -65.51 46.53
CA PHE F 113 -36.11 -64.77 47.63
C PHE F 113 -37.21 -64.22 48.53
N PRO F 114 -37.20 -64.58 49.81
CA PRO F 114 -38.29 -64.18 50.71
C PRO F 114 -38.33 -62.69 50.95
N PRO F 115 -39.51 -62.14 51.26
CA PRO F 115 -39.60 -60.72 51.66
C PRO F 115 -38.95 -60.50 53.03
N SER F 116 -37.81 -59.81 53.02
CA SER F 116 -37.09 -59.58 54.26
C SER F 116 -37.79 -58.51 55.10
N ASP F 117 -37.46 -58.49 56.39
CA ASP F 117 -37.91 -57.41 57.25
C ASP F 117 -37.13 -56.14 57.00
N GLU F 118 -35.99 -56.25 56.31
CA GLU F 118 -35.15 -55.13 55.94
C GLU F 118 -35.84 -54.13 55.03
N GLN F 119 -36.75 -54.59 54.19
CA GLN F 119 -37.46 -53.61 53.38
C GLN F 119 -38.88 -53.37 53.89
N LEU F 120 -39.44 -54.33 54.63
CA LEU F 120 -40.79 -54.14 55.17
C LEU F 120 -40.78 -53.15 56.33
N LYS F 121 -39.62 -52.88 56.92
CA LYS F 121 -39.54 -51.80 57.90
C LYS F 121 -39.63 -50.43 57.23
N SER F 122 -39.43 -50.36 55.92
CA SER F 122 -39.64 -49.13 55.16
C SER F 122 -41.06 -49.03 54.60
N GLY F 123 -41.79 -50.14 54.51
CA GLY F 123 -43.18 -50.15 54.12
C GLY F 123 -43.46 -50.86 52.82
N THR F 124 -42.45 -51.01 51.97
CA THR F 124 -42.58 -51.75 50.73
C THR F 124 -41.49 -52.80 50.68
N ALA F 125 -41.89 -54.07 50.55
CA ALA F 125 -40.96 -55.18 50.52
C ALA F 125 -40.87 -55.73 49.11
N SER F 126 -39.89 -56.60 48.90
CA SER F 126 -39.58 -57.14 47.57
C SER F 126 -39.60 -58.66 47.59
N VAL F 127 -40.61 -59.24 46.92
CA VAL F 127 -40.61 -60.67 46.64
C VAL F 127 -40.01 -60.89 45.26
N VAL F 128 -38.84 -61.53 45.23
CA VAL F 128 -37.97 -61.54 44.07
C VAL F 128 -37.87 -62.96 43.52
N CYS F 129 -38.54 -63.22 42.40
CA CYS F 129 -38.32 -64.43 41.62
C CYS F 129 -36.99 -64.22 40.89
N LEU F 130 -36.26 -65.30 40.63
CA LEU F 130 -34.90 -65.17 40.12
C LEU F 130 -34.49 -66.42 39.36
N LEU F 131 -34.38 -66.30 38.03
CA LEU F 131 -33.96 -67.38 37.14
C LEU F 131 -32.57 -67.07 36.61
N ASN F 132 -31.74 -68.10 36.46
CA ASN F 132 -30.38 -67.91 35.98
C ASN F 132 -29.97 -69.06 35.05
N ASN F 133 -29.10 -68.73 34.09
CA ASN F 133 -28.43 -69.69 33.20
C ASN F 133 -29.41 -70.50 32.36
N PHE F 134 -30.14 -69.79 31.47
CA PHE F 134 -31.02 -70.41 30.50
C PHE F 134 -30.93 -69.72 29.16
N TYR F 135 -31.45 -70.41 28.14
CA TYR F 135 -31.66 -70.01 26.74
C TYR F 135 -32.78 -70.93 26.27
N PRO F 136 -33.77 -70.44 25.49
CA PRO F 136 -33.99 -69.14 24.81
C PRO F 136 -34.34 -67.97 25.73
N ARG F 137 -34.28 -66.75 25.20
CA ARG F 137 -34.50 -65.57 26.03
C ARG F 137 -35.95 -65.43 26.47
N GLU F 138 -36.89 -65.95 25.69
CA GLU F 138 -38.30 -65.81 26.00
C GLU F 138 -38.67 -66.78 27.12
N ALA F 139 -39.54 -66.31 28.01
CA ALA F 139 -40.01 -67.09 29.15
C ALA F 139 -41.33 -66.51 29.61
N LYS F 140 -42.16 -67.35 30.23
CA LYS F 140 -43.44 -66.94 30.77
C LYS F 140 -43.43 -67.13 32.28
N VAL F 141 -42.89 -66.15 32.99
CA VAL F 141 -42.64 -66.26 34.42
C VAL F 141 -43.76 -65.56 35.17
N GLN F 142 -44.64 -66.35 35.79
CA GLN F 142 -45.77 -65.83 36.54
C GLN F 142 -45.53 -66.03 38.03
N TRP F 143 -46.43 -65.47 38.82
CA TRP F 143 -46.32 -65.45 40.27
C TRP F 143 -47.70 -65.43 40.89
N LYS F 144 -47.77 -65.69 42.19
CA LYS F 144 -49.05 -65.77 42.89
C LYS F 144 -48.88 -65.32 44.34
N VAL F 145 -49.89 -64.59 44.83
CA VAL F 145 -49.94 -64.10 46.21
C VAL F 145 -51.15 -64.74 46.87
N ASP F 146 -50.88 -65.55 47.91
CA ASP F 146 -51.85 -66.42 48.58
C ASP F 146 -52.66 -67.23 47.57
N ASN F 147 -51.94 -67.82 46.61
CA ASN F 147 -52.45 -68.63 45.50
C ASN F 147 -53.43 -67.85 44.62
N ALA F 148 -53.20 -66.56 44.40
CA ALA F 148 -54.10 -65.72 43.64
C ALA F 148 -53.29 -64.78 42.73
N LEU F 149 -53.74 -64.64 41.50
CA LEU F 149 -52.97 -63.92 40.48
C LEU F 149 -53.06 -62.42 40.70
N GLN F 150 -51.89 -61.76 40.70
CA GLN F 150 -51.83 -60.31 40.81
C GLN F 150 -51.23 -59.70 39.55
N SER F 151 -51.28 -58.37 39.48
CA SER F 151 -50.79 -57.64 38.33
C SER F 151 -50.60 -56.18 38.72
N GLY F 152 -49.91 -55.45 37.83
CA GLY F 152 -49.75 -54.02 37.99
C GLY F 152 -48.81 -53.59 39.08
N ASN F 153 -48.12 -54.53 39.71
CA ASN F 153 -47.21 -54.27 40.82
C ASN F 153 -45.88 -54.97 40.59
N SER F 154 -45.47 -55.06 39.32
CA SER F 154 -44.27 -55.81 38.96
C SER F 154 -43.46 -55.04 37.94
N GLN F 155 -42.15 -55.19 38.02
CA GLN F 155 -41.20 -54.64 37.08
C GLN F 155 -40.18 -55.72 36.77
N GLU F 156 -40.25 -56.26 35.57
CA GLU F 156 -39.41 -57.39 35.24
C GLU F 156 -38.45 -57.00 34.13
N SER F 157 -37.21 -57.42 34.33
CA SER F 157 -36.10 -57.07 33.46
C SER F 157 -35.39 -58.35 33.06
N VAL F 158 -34.99 -58.38 31.79
CA VAL F 158 -34.18 -59.46 31.25
C VAL F 158 -32.77 -58.93 31.11
N THR F 159 -31.86 -59.82 30.79
CA THR F 159 -30.48 -59.42 30.57
C THR F 159 -30.06 -59.76 29.15
N GLU F 160 -28.76 -59.61 28.88
CA GLU F 160 -28.26 -59.87 27.53
C GLU F 160 -27.48 -61.18 27.47
N GLN F 161 -27.22 -61.62 26.25
CA GLN F 161 -26.59 -62.93 26.06
C GLN F 161 -25.10 -62.83 26.29
N ASP F 162 -24.59 -63.68 27.17
CA ASP F 162 -23.24 -63.52 27.71
C ASP F 162 -22.19 -63.88 26.68
N SER F 163 -20.96 -63.38 26.90
CA SER F 163 -19.89 -63.63 25.94
C SER F 163 -19.17 -64.94 26.20
N LYS F 164 -19.45 -65.58 27.35
CA LYS F 164 -18.72 -66.79 27.72
C LYS F 164 -19.62 -68.02 27.77
N ASP F 165 -20.85 -67.89 28.27
CA ASP F 165 -21.78 -69.01 28.33
C ASP F 165 -22.89 -68.91 27.29
N SER F 166 -23.13 -67.71 26.77
CA SER F 166 -24.28 -67.39 25.91
C SER F 166 -25.59 -67.87 26.53
N THR F 167 -25.90 -67.33 27.70
CA THR F 167 -27.13 -67.63 28.41
C THR F 167 -27.81 -66.35 28.89
N TYR F 168 -28.90 -66.53 29.64
CA TYR F 168 -29.75 -65.44 30.09
C TYR F 168 -30.13 -65.58 31.55
N SER F 169 -30.51 -64.46 32.16
CA SER F 169 -31.13 -64.42 33.47
C SER F 169 -32.49 -63.73 33.38
N LEU F 170 -33.20 -63.67 34.51
CA LEU F 170 -34.43 -62.89 34.64
C LEU F 170 -34.69 -62.61 36.11
N SER F 171 -35.20 -61.41 36.41
CA SER F 171 -35.55 -61.03 37.78
C SER F 171 -36.82 -60.19 37.75
N SER F 172 -37.88 -60.70 38.35
CA SER F 172 -39.14 -59.99 38.54
C SER F 172 -39.25 -59.54 39.99
N THR F 173 -40.11 -58.56 40.25
CA THR F 173 -40.38 -58.10 41.61
C THR F 173 -41.88 -57.96 41.82
N LEU F 174 -42.31 -58.00 43.08
CA LEU F 174 -43.72 -57.89 43.44
C LEU F 174 -43.87 -56.89 44.60
N THR F 175 -43.85 -55.60 44.31
CA THR F 175 -43.78 -54.58 45.34
C THR F 175 -45.18 -54.18 45.80
N LEU F 176 -45.48 -54.44 47.07
CA LEU F 176 -46.79 -54.18 47.64
C LEU F 176 -46.62 -53.33 48.90
N SER F 177 -47.74 -53.00 49.55
CA SER F 177 -47.66 -52.26 50.81
C SER F 177 -47.57 -53.21 51.99
N LYS F 178 -47.17 -52.68 53.15
CA LYS F 178 -46.87 -53.53 54.30
C LYS F 178 -48.12 -54.19 54.87
N ALA F 179 -49.31 -53.61 54.61
CA ALA F 179 -50.55 -54.26 54.99
C ALA F 179 -50.81 -55.51 54.17
N ASP F 180 -50.24 -55.58 52.96
CA ASP F 180 -50.62 -56.58 51.98
C ASP F 180 -49.79 -57.86 52.11
N TYR F 181 -48.58 -57.78 52.65
CA TYR F 181 -47.74 -58.98 52.73
C TYR F 181 -48.09 -59.82 53.95
N GLU F 182 -48.29 -59.19 55.10
CA GLU F 182 -48.63 -59.87 56.34
C GLU F 182 -50.07 -60.35 56.35
N LYS F 183 -50.90 -59.84 55.43
CA LYS F 183 -52.26 -60.32 55.22
C LYS F 183 -52.30 -61.75 54.72
N HIS F 184 -51.31 -62.14 53.93
CA HIS F 184 -51.35 -63.41 53.22
C HIS F 184 -50.25 -64.32 53.75
N LYS F 185 -50.31 -65.60 53.36
CA LYS F 185 -49.31 -66.58 53.77
C LYS F 185 -48.53 -67.20 52.62
N VAL F 186 -49.20 -67.85 51.68
CA VAL F 186 -48.56 -68.70 50.68
C VAL F 186 -48.03 -67.84 49.54
N TYR F 187 -46.71 -67.72 49.45
CA TYR F 187 -46.07 -67.00 48.36
C TYR F 187 -45.31 -67.99 47.49
N ALA F 188 -45.58 -67.92 46.18
CA ALA F 188 -44.94 -68.80 45.21
C ALA F 188 -44.89 -68.11 43.86
N CYS F 189 -43.98 -68.58 43.01
CA CYS F 189 -43.81 -68.11 41.64
C CYS F 189 -44.25 -69.23 40.71
N GLU F 190 -44.15 -68.99 39.39
CA GLU F 190 -44.39 -70.01 38.35
C GLU F 190 -43.41 -69.82 37.20
N VAL F 191 -42.85 -70.93 36.71
CA VAL F 191 -41.83 -70.91 35.66
C VAL F 191 -42.30 -71.85 34.55
N THR F 192 -42.18 -71.41 33.29
CA THR F 192 -42.71 -72.17 32.15
C THR F 192 -41.87 -71.93 30.91
N HIS F 193 -41.30 -72.99 30.35
CA HIS F 193 -40.39 -72.88 29.21
C HIS F 193 -40.72 -73.91 28.15
N GLN F 194 -40.19 -73.66 26.95
CA GLN F 194 -40.17 -74.67 25.90
C GLN F 194 -39.35 -75.89 26.30
N GLY F 195 -38.28 -75.69 27.07
CA GLY F 195 -37.37 -76.71 27.52
C GLY F 195 -37.73 -77.36 28.84
N LEU F 196 -38.93 -77.12 29.35
CA LEU F 196 -39.43 -77.82 30.54
C LEU F 196 -40.74 -78.51 30.22
N SER F 197 -40.82 -79.79 30.57
CA SER F 197 -42.01 -80.57 30.30
C SER F 197 -43.03 -80.48 31.43
N SER F 198 -42.73 -79.71 32.47
CA SER F 198 -43.61 -79.58 33.61
C SER F 198 -43.45 -78.18 34.19
N PRO F 199 -44.54 -77.57 34.65
CA PRO F 199 -44.41 -76.28 35.34
C PRO F 199 -43.75 -76.46 36.70
N VAL F 200 -42.75 -75.63 36.97
CA VAL F 200 -42.00 -75.65 38.21
C VAL F 200 -42.39 -74.42 39.01
N THR F 201 -42.72 -74.63 40.29
CA THR F 201 -42.92 -73.56 41.26
C THR F 201 -42.00 -73.80 42.44
N LYS F 202 -41.67 -72.73 43.15
CA LYS F 202 -41.06 -72.83 44.47
C LYS F 202 -41.82 -71.90 45.40
N SER F 203 -41.66 -72.10 46.70
CA SER F 203 -42.55 -71.47 47.66
C SER F 203 -41.76 -70.84 48.79
N PHE F 204 -42.39 -69.88 49.45
CA PHE F 204 -41.97 -69.34 50.74
C PHE F 204 -43.19 -68.82 51.48
N ASN F 205 -43.74 -69.63 52.38
CA ASN F 205 -44.90 -69.26 53.16
C ASN F 205 -44.47 -68.25 54.20
N ARG F 206 -45.25 -67.18 54.34
CA ARG F 206 -44.86 -66.10 55.23
C ARG F 206 -45.17 -66.45 56.67
N GLY F 207 -44.18 -66.22 57.54
CA GLY F 207 -44.26 -66.62 58.92
C GLY F 207 -43.85 -68.05 59.20
N GLU F 208 -43.62 -68.85 58.16
CA GLU F 208 -43.37 -70.27 58.32
C GLU F 208 -42.16 -70.73 57.52
N GLU G 1 27.89 -44.76 -61.48
CA GLU G 1 26.57 -45.35 -61.60
C GLU G 1 25.52 -44.25 -61.69
N ASN G 2 24.55 -44.41 -62.58
CA ASN G 2 23.55 -43.36 -62.80
C ASN G 2 22.39 -43.61 -61.83
N LEU G 3 22.30 -42.76 -60.83
CA LEU G 3 21.30 -42.90 -59.79
C LEU G 3 20.45 -41.65 -59.68
N TRP G 4 19.35 -41.73 -58.92
CA TRP G 4 18.42 -40.63 -58.79
C TRP G 4 18.01 -40.46 -57.32
N VAL G 5 17.93 -39.20 -56.89
CA VAL G 5 17.64 -38.88 -55.49
C VAL G 5 16.26 -39.38 -55.13
N THR G 6 16.14 -40.02 -53.96
CA THR G 6 14.84 -40.26 -53.37
C THR G 6 14.79 -39.55 -52.02
N VAL G 7 13.58 -39.24 -51.56
CA VAL G 7 13.36 -38.38 -50.41
C VAL G 7 12.59 -39.15 -49.35
N TYR G 8 13.14 -39.21 -48.14
CA TYR G 8 12.62 -39.98 -47.04
C TYR G 8 12.26 -39.08 -45.88
N TYR G 9 11.07 -39.28 -45.31
CA TYR G 9 10.60 -38.45 -44.21
C TYR G 9 10.30 -39.35 -43.02
N GLY G 10 10.87 -39.02 -41.88
CA GLY G 10 10.76 -39.82 -40.69
C GLY G 10 12.01 -40.54 -40.31
N VAL G 11 13.14 -40.19 -40.90
CA VAL G 11 14.41 -40.89 -40.71
C VAL G 11 14.97 -40.56 -39.32
N PRO G 12 15.36 -41.56 -38.53
CA PRO G 12 15.82 -41.33 -37.14
C PRO G 12 17.23 -40.75 -37.06
N VAL G 13 17.36 -39.45 -37.27
CA VAL G 13 18.63 -38.77 -37.05
C VAL G 13 18.41 -37.57 -36.15
N TRP G 14 19.51 -37.03 -35.61
CA TRP G 14 19.50 -36.06 -34.53
C TRP G 14 20.44 -34.93 -34.86
N LYS G 15 20.22 -33.79 -34.22
CA LYS G 15 21.22 -32.75 -34.03
C LYS G 15 21.12 -32.30 -32.60
N ASP G 16 22.20 -31.77 -32.05
CA ASP G 16 22.17 -31.29 -30.69
C ASP G 16 21.38 -29.99 -30.64
N ALA G 17 20.74 -29.72 -29.51
CA ALA G 17 19.87 -28.56 -29.46
C ALA G 17 19.83 -27.97 -28.08
N GLU G 18 19.18 -26.80 -27.99
CA GLU G 18 18.95 -26.09 -26.75
C GLU G 18 17.50 -25.66 -26.74
N THR G 19 16.78 -26.02 -25.68
CA THR G 19 15.39 -25.61 -25.58
C THR G 19 14.96 -25.52 -24.13
N THR G 20 13.71 -25.11 -23.94
CA THR G 20 13.12 -24.96 -22.63
C THR G 20 12.15 -26.12 -22.40
N LEU G 21 12.31 -26.82 -21.29
CA LEU G 21 11.53 -28.01 -21.01
C LEU G 21 10.30 -27.69 -20.18
N PHE G 22 9.50 -28.73 -20.01
CA PHE G 22 8.19 -28.76 -19.32
C PHE G 22 8.37 -29.01 -17.84
N CYS G 23 7.68 -28.31 -16.95
CA CYS G 23 7.91 -28.68 -15.53
C CYS G 23 7.45 -30.10 -15.27
N ALA G 24 6.22 -30.46 -15.63
CA ALA G 24 5.65 -31.81 -15.49
C ALA G 24 5.75 -32.49 -14.12
N SER G 25 5.10 -31.97 -13.08
CA SER G 25 5.09 -32.62 -11.75
C SER G 25 4.03 -33.72 -11.67
N ASP G 26 4.08 -34.54 -10.63
CA ASP G 26 3.07 -35.60 -10.33
C ASP G 26 1.83 -34.94 -9.73
N ALA G 27 0.65 -35.59 -9.76
CA ALA G 27 -0.53 -34.86 -9.21
C ALA G 27 -1.59 -35.82 -8.68
N LYS G 28 -2.37 -35.36 -7.71
CA LYS G 28 -3.44 -36.11 -7.09
C LYS G 28 -4.68 -35.22 -7.09
N ALA G 29 -5.66 -35.58 -6.27
CA ALA G 29 -6.81 -34.70 -6.09
C ALA G 29 -6.39 -33.39 -5.42
N TYR G 30 -5.76 -33.48 -4.24
CA TYR G 30 -5.32 -32.34 -3.42
C TYR G 30 -6.50 -31.40 -3.11
N GLU G 31 -7.58 -31.99 -2.59
CA GLU G 31 -8.80 -31.21 -2.34
C GLU G 31 -8.71 -30.37 -1.08
N THR G 32 -7.93 -30.81 -0.09
CA THR G 32 -7.73 -30.06 1.15
C THR G 32 -6.28 -29.65 1.32
N GLU G 33 -5.41 -30.10 0.42
CA GLU G 33 -3.99 -29.84 0.55
C GLU G 33 -3.72 -28.38 0.24
N LYS G 34 -2.81 -27.80 1.02
CA LYS G 34 -2.56 -26.34 1.00
C LYS G 34 -1.83 -25.97 -0.29
N HIS G 35 -1.98 -24.80 -0.89
CA HIS G 35 -1.28 -24.60 -2.18
C HIS G 35 0.20 -24.86 -1.94
N ASN G 36 0.90 -25.64 -2.75
CA ASN G 36 2.34 -25.91 -2.45
C ASN G 36 3.23 -25.19 -3.45
N ILE G 37 4.09 -24.31 -2.97
CA ILE G 37 4.92 -23.46 -3.88
C ILE G 37 5.69 -24.21 -4.95
N TRP G 38 6.25 -25.40 -4.71
CA TRP G 38 7.07 -26.08 -5.75
C TRP G 38 6.28 -26.44 -7.01
N ALA G 39 5.05 -26.94 -6.88
CA ALA G 39 4.22 -27.30 -8.05
C ALA G 39 3.06 -26.31 -8.10
N THR G 40 1.85 -26.74 -8.40
CA THR G 40 0.64 -25.88 -8.46
C THR G 40 0.87 -24.74 -9.46
N HIS G 41 -0.01 -24.56 -10.45
CA HIS G 41 0.10 -23.47 -11.44
C HIS G 41 1.51 -23.41 -12.02
N ALA G 42 2.02 -24.50 -12.56
CA ALA G 42 3.36 -24.50 -13.17
C ALA G 42 3.51 -25.85 -13.83
N CYS G 43 2.97 -26.87 -13.17
CA CYS G 43 3.09 -28.27 -13.61
C CYS G 43 1.77 -28.81 -14.14
N VAL G 44 1.84 -29.97 -14.78
CA VAL G 44 0.66 -30.71 -15.31
C VAL G 44 0.82 -32.16 -14.85
N PRO G 45 -0.26 -32.91 -14.56
CA PRO G 45 -0.14 -34.32 -14.13
C PRO G 45 0.66 -35.20 -15.08
N THR G 46 1.53 -36.02 -14.50
CA THR G 46 2.59 -36.84 -15.19
C THR G 46 2.17 -38.04 -16.03
N ASP G 47 2.77 -38.22 -17.23
CA ASP G 47 2.54 -39.46 -17.94
C ASP G 47 2.80 -40.56 -16.94
N PRO G 48 1.83 -41.45 -16.67
CA PRO G 48 2.07 -42.51 -15.69
C PRO G 48 2.95 -43.65 -16.19
N ASN G 49 3.32 -43.66 -17.48
CA ASN G 49 4.07 -44.77 -18.06
C ASN G 49 5.19 -44.25 -18.95
N PRO G 50 6.36 -43.97 -18.37
CA PRO G 50 7.53 -43.69 -19.20
C PRO G 50 8.05 -44.97 -19.84
N GLN G 51 8.43 -44.87 -21.11
CA GLN G 51 8.93 -46.01 -21.88
C GLN G 51 10.40 -45.75 -22.20
N GLU G 52 11.28 -46.63 -21.75
CA GLU G 52 12.71 -46.42 -21.95
C GLU G 52 13.17 -47.30 -23.10
N ILE G 53 13.09 -46.76 -24.30
CA ILE G 53 13.40 -47.50 -25.53
C ILE G 53 14.91 -47.59 -25.69
N HIS G 54 15.46 -48.77 -25.41
CA HIS G 54 16.91 -48.96 -25.44
C HIS G 54 17.41 -49.00 -26.88
N LEU G 55 18.38 -48.16 -27.20
CA LEU G 55 18.92 -48.09 -28.54
C LEU G 55 20.05 -49.10 -28.70
N GLU G 56 20.21 -49.58 -29.93
CA GLU G 56 21.33 -50.45 -30.26
C GLU G 56 22.42 -49.60 -30.90
N ASN G 57 23.67 -49.95 -30.64
CA ASN G 57 24.84 -49.53 -31.43
C ASN G 57 25.16 -48.04 -31.37
N VAL G 58 24.34 -47.26 -30.67
CA VAL G 58 24.48 -45.81 -30.62
C VAL G 58 25.51 -45.46 -29.56
N THR G 59 26.44 -44.56 -29.89
CA THR G 59 27.46 -44.07 -28.98
C THR G 59 27.50 -42.56 -29.08
N GLU G 60 27.01 -41.87 -28.04
CA GLU G 60 26.90 -40.42 -28.04
C GLU G 60 27.83 -39.80 -27.03
N GLU G 61 28.20 -38.54 -27.28
CA GLU G 61 29.05 -37.77 -26.39
C GLU G 61 28.21 -36.85 -25.52
N PHE G 62 28.35 -37.01 -24.21
CA PHE G 62 27.69 -36.18 -23.23
C PHE G 62 28.70 -35.27 -22.56
N ASN G 63 28.19 -34.25 -21.88
CA ASN G 63 29.05 -33.32 -21.13
C ASN G 63 28.19 -32.69 -20.06
N MET G 64 28.50 -32.98 -18.80
CA MET G 64 27.72 -32.46 -17.69
C MET G 64 28.17 -31.08 -17.24
N TRP G 65 29.29 -30.59 -17.77
CA TRP G 65 29.82 -29.32 -17.31
C TRP G 65 29.43 -28.17 -18.21
N LYS G 66 28.72 -28.45 -19.31
CA LYS G 66 28.19 -27.42 -20.20
C LYS G 66 26.71 -27.62 -20.45
N ASN G 67 26.02 -28.31 -19.56
CA ASN G 67 24.62 -28.65 -19.73
C ASN G 67 23.78 -27.40 -19.44
N ASN G 68 22.62 -27.31 -20.09
CA ASN G 68 21.73 -26.18 -19.87
C ASN G 68 20.60 -26.51 -18.91
N MET G 69 20.35 -27.79 -18.65
CA MET G 69 19.28 -28.17 -17.74
C MET G 69 19.61 -27.75 -16.32
N VAL G 70 20.89 -27.74 -15.97
CA VAL G 70 21.34 -27.23 -14.69
C VAL G 70 21.22 -25.71 -14.66
N GLU G 71 21.41 -25.08 -15.82
CA GLU G 71 21.45 -23.63 -15.87
C GLU G 71 20.05 -23.04 -15.90
N GLN G 72 19.05 -23.81 -16.33
CA GLN G 72 17.70 -23.27 -16.26
C GLN G 72 16.95 -23.81 -15.05
N MET G 73 17.48 -24.82 -14.39
CA MET G 73 16.84 -25.21 -13.13
C MET G 73 17.10 -24.18 -12.07
N HIS G 74 18.27 -23.54 -12.12
CA HIS G 74 18.60 -22.49 -11.17
C HIS G 74 17.85 -21.22 -11.48
N THR G 75 17.37 -21.05 -12.71
CA THR G 75 16.59 -19.87 -13.03
C THR G 75 15.12 -20.08 -12.69
N ASP G 76 14.60 -21.30 -12.87
CA ASP G 76 13.21 -21.57 -12.51
C ASP G 76 13.00 -21.49 -11.01
N ILE G 77 13.99 -21.91 -10.23
CA ILE G 77 13.84 -21.93 -8.78
C ILE G 77 13.69 -20.53 -8.23
N ILE G 78 14.43 -19.57 -8.78
CA ILE G 78 14.25 -18.18 -8.39
C ILE G 78 12.89 -17.68 -8.87
N SER G 79 12.43 -18.13 -10.03
CA SER G 79 11.17 -17.62 -10.54
C SER G 79 9.98 -18.31 -9.91
N LEU G 80 10.17 -19.48 -9.31
CA LEU G 80 9.05 -20.11 -8.59
C LEU G 80 8.81 -19.45 -7.25
N TRP G 81 9.88 -19.00 -6.58
CA TRP G 81 9.69 -18.31 -5.32
C TRP G 81 9.22 -16.88 -5.54
N ASP G 82 9.69 -16.23 -6.61
CA ASP G 82 9.42 -14.81 -6.76
C ASP G 82 8.01 -14.58 -7.30
N GLN G 83 7.37 -15.62 -7.80
CA GLN G 83 6.00 -15.45 -8.28
C GLN G 83 4.98 -15.86 -7.24
N SER G 84 5.37 -16.67 -6.26
CA SER G 84 4.43 -17.06 -5.22
C SER G 84 4.31 -15.97 -4.16
N LEU G 85 5.39 -15.22 -3.92
CA LEU G 85 5.43 -14.23 -2.86
C LEU G 85 4.97 -12.85 -3.30
N LYS G 86 4.13 -12.75 -4.32
CA LYS G 86 3.53 -11.45 -4.64
C LYS G 86 2.39 -11.07 -3.69
N PRO G 87 1.37 -11.90 -3.48
CA PRO G 87 0.30 -11.58 -2.54
C PRO G 87 0.63 -11.42 -1.04
N CYS G 88 1.70 -12.02 -0.56
CA CYS G 88 2.06 -12.10 0.89
C CYS G 88 2.26 -10.74 1.56
N VAL G 89 1.92 -10.65 2.85
CA VAL G 89 1.92 -9.45 3.69
C VAL G 89 3.36 -9.00 3.92
N LYS G 90 3.59 -7.69 3.85
CA LYS G 90 4.86 -7.11 4.26
C LYS G 90 4.84 -6.83 5.75
N LEU G 91 5.97 -7.07 6.41
CA LEU G 91 6.11 -6.77 7.85
C LEU G 91 6.78 -5.41 8.04
N THR G 92 6.22 -4.39 7.41
CA THR G 92 6.70 -3.03 7.64
C THR G 92 6.41 -2.40 9.01
N PRO G 93 5.34 -2.73 9.75
CA PRO G 93 5.19 -2.11 11.07
C PRO G 93 6.24 -2.52 12.10
N LEU G 94 6.88 -3.68 11.95
CA LEU G 94 7.75 -4.19 13.00
C LEU G 94 9.15 -3.60 13.00
N CYS G 95 9.37 -2.47 12.33
CA CYS G 95 10.65 -1.79 12.41
C CYS G 95 10.54 -0.70 13.47
N VAL G 96 10.44 -1.15 14.72
CA VAL G 96 10.24 -0.25 15.85
C VAL G 96 11.28 -0.54 16.91
N THR G 97 11.15 0.15 18.04
CA THR G 97 12.10 -0.01 19.13
C THR G 97 11.61 -1.07 20.11
N LEU G 98 12.50 -1.99 20.48
CA LEU G 98 12.15 -3.14 21.29
C LEU G 98 12.76 -3.02 22.68
N GLN G 99 11.91 -3.09 23.71
CA GLN G 99 12.38 -3.15 25.09
C GLN G 99 12.53 -4.61 25.50
N CYS G 100 13.72 -5.15 25.36
CA CYS G 100 13.94 -6.59 25.47
C CYS G 100 14.72 -6.90 26.73
N THR G 101 14.82 -8.20 27.03
CA THR G 101 15.61 -8.69 28.14
C THR G 101 15.89 -10.18 27.95
N ASN G 102 16.75 -10.70 28.84
CA ASN G 102 17.09 -12.11 28.87
C ASN G 102 15.87 -12.94 29.29
N VAL G 103 15.92 -14.24 29.01
CA VAL G 103 14.84 -15.14 29.46
C VAL G 103 15.19 -15.87 30.75
N THR G 104 16.39 -16.42 30.86
CA THR G 104 16.80 -17.15 32.05
C THR G 104 17.29 -16.20 33.14
N ASN G 105 17.55 -16.76 34.32
CA ASN G 105 18.15 -16.01 35.42
C ASN G 105 19.60 -16.40 35.68
N ALA G 106 20.09 -17.46 35.03
CA ALA G 106 21.44 -17.94 35.23
C ALA G 106 21.98 -18.42 33.89
N ILE G 107 23.00 -17.72 33.39
CA ILE G 107 23.57 -17.95 32.08
C ILE G 107 24.61 -19.06 32.16
N THR G 108 24.45 -20.07 31.30
CA THR G 108 25.39 -21.17 31.19
C THR G 108 26.26 -21.05 29.94
N ASP G 109 25.67 -20.64 28.82
CA ASP G 109 26.36 -20.50 27.54
C ASP G 109 25.51 -19.60 26.64
N GLY G 113 22.54 -16.71 26.71
CA GLY G 113 21.24 -17.25 26.37
C GLY G 113 20.99 -17.36 24.88
N GLU G 114 19.86 -17.97 24.53
CA GLU G 114 19.50 -18.14 23.12
C GLU G 114 18.34 -17.22 22.73
N LEU G 115 17.20 -17.34 23.41
CA LEU G 115 16.04 -16.53 23.13
C LEU G 115 16.13 -15.20 23.87
N LYS G 116 15.36 -14.22 23.40
CA LYS G 116 15.23 -12.93 24.05
C LYS G 116 13.76 -12.57 24.10
N ASN G 117 13.35 -11.87 25.16
CA ASN G 117 11.95 -11.57 25.40
C ASN G 117 11.71 -10.07 25.23
N CYS G 118 10.87 -9.71 24.26
CA CYS G 118 10.80 -8.33 23.79
C CYS G 118 9.45 -7.70 24.11
N SER G 119 9.30 -6.44 23.73
CA SER G 119 8.08 -5.68 23.97
C SER G 119 7.98 -4.50 23.01
N PHE G 120 6.78 -4.27 22.48
CA PHE G 120 6.58 -3.26 21.44
C PHE G 120 5.12 -2.87 21.36
N ASN G 121 4.84 -1.80 20.63
CA ASN G 121 3.47 -1.37 20.40
C ASN G 121 2.91 -1.98 19.12
N MET G 122 1.60 -2.17 19.11
CA MET G 122 0.90 -2.71 17.96
C MET G 122 -0.52 -2.19 17.94
N THR G 123 -0.98 -1.86 16.73
CA THR G 123 -2.31 -1.35 16.49
C THR G 123 -3.36 -2.41 16.81
N THR G 124 -4.47 -1.98 17.41
CA THR G 124 -5.65 -2.80 17.58
C THR G 124 -6.45 -2.83 16.28
N GLU G 125 -7.73 -3.20 16.38
CA GLU G 125 -8.62 -3.15 15.22
C GLU G 125 -8.71 -1.73 14.68
N LEU G 126 -9.13 -0.80 15.52
CA LEU G 126 -9.20 0.61 15.15
C LEU G 126 -7.78 1.17 15.09
N ARG G 127 -7.41 1.76 13.95
CA ARG G 127 -6.02 2.11 13.71
C ARG G 127 -5.71 3.52 14.22
N ASP G 128 -6.03 3.75 15.49
CA ASP G 128 -5.57 4.94 16.18
C ASP G 128 -5.19 4.62 17.62
N LYS G 129 -5.39 3.37 18.02
CA LYS G 129 -5.12 2.92 19.38
C LYS G 129 -3.97 1.92 19.38
N LYS G 130 -3.08 2.07 20.35
CA LYS G 130 -1.84 1.31 20.40
C LYS G 130 -1.78 0.53 21.70
N GLN G 131 -1.28 -0.70 21.63
CA GLN G 131 -1.23 -1.58 22.80
C GLN G 131 0.13 -2.25 22.89
N LYS G 132 0.49 -2.70 24.09
CA LYS G 132 1.76 -3.39 24.26
C LYS G 132 1.63 -4.87 23.94
N VAL G 133 2.51 -5.35 23.06
CA VAL G 133 2.57 -6.77 22.72
C VAL G 133 4.02 -7.21 22.96
N TYR G 134 4.21 -8.52 23.18
CA TYR G 134 5.53 -9.10 23.31
C TYR G 134 5.67 -10.25 22.32
N SER G 135 6.87 -10.83 22.26
CA SER G 135 7.23 -11.97 21.41
C SER G 135 8.55 -12.52 21.93
N LEU G 136 9.04 -13.58 21.30
CA LEU G 136 10.27 -14.27 21.74
C LEU G 136 11.22 -14.45 20.58
N PHE G 137 12.06 -13.46 20.30
CA PHE G 137 12.94 -13.54 19.15
C PHE G 137 14.28 -14.17 19.52
N TYR G 138 14.85 -14.93 18.57
CA TYR G 138 16.19 -15.47 18.71
C TYR G 138 17.21 -14.34 18.71
N ARG G 139 18.40 -14.61 19.26
CA ARG G 139 19.35 -13.52 19.39
C ARG G 139 20.10 -13.24 18.10
N LEU G 140 20.11 -14.17 17.14
CA LEU G 140 20.69 -13.89 15.84
C LEU G 140 19.87 -12.89 15.05
N ASP G 141 18.57 -12.78 15.32
CA ASP G 141 17.68 -11.96 14.52
C ASP G 141 17.40 -10.61 15.15
N VAL G 142 18.20 -10.22 16.14
CA VAL G 142 18.04 -8.98 16.88
C VAL G 142 19.40 -8.35 17.05
N VAL G 143 19.52 -7.08 16.66
CA VAL G 143 20.77 -6.32 16.81
C VAL G 143 20.47 -5.12 17.70
N GLN G 144 21.53 -4.45 18.16
CA GLN G 144 21.42 -3.37 19.13
C GLN G 144 21.49 -2.01 18.44
N ILE G 145 20.63 -1.08 18.88
CA ILE G 145 20.67 0.28 18.36
C ILE G 145 21.77 1.06 19.07
N ASN G 146 21.60 1.24 20.37
CA ASN G 146 22.54 2.04 21.17
C ASN G 146 22.71 1.48 22.57
N ASN G 157 15.40 -0.91 27.36
CA ASN G 157 16.47 -1.10 28.33
C ASN G 157 17.14 -2.51 28.28
N LYS G 158 17.99 -2.76 27.29
CA LYS G 158 18.35 -1.83 26.21
C LYS G 158 17.36 -1.90 25.05
N GLU G 159 17.53 -1.02 24.08
CA GLU G 159 16.61 -0.89 22.96
C GLU G 159 17.19 -1.59 21.75
N TYR G 160 16.43 -2.53 21.20
CA TYR G 160 16.85 -3.36 20.10
C TYR G 160 15.95 -3.15 18.90
N ARG G 161 16.30 -3.79 17.78
CA ARG G 161 15.46 -3.81 16.59
C ARG G 161 15.88 -4.98 15.72
N LEU G 162 15.14 -5.20 14.64
CA LEU G 162 15.38 -6.34 13.77
C LEU G 162 16.66 -6.14 12.95
N ILE G 163 17.10 -7.21 12.29
CA ILE G 163 18.44 -7.24 11.74
C ILE G 163 18.54 -6.44 10.45
N ASN G 164 17.42 -6.16 9.80
CA ASN G 164 17.41 -5.52 8.49
C ASN G 164 16.36 -4.43 8.33
N CYS G 165 16.33 -3.43 9.23
CA CYS G 165 15.47 -2.27 9.00
C CYS G 165 16.12 -1.21 8.13
N ASN G 166 17.38 -1.37 7.75
CA ASN G 166 18.00 -0.41 6.85
C ASN G 166 17.48 -0.58 5.42
N THR G 167 17.65 -1.77 4.86
CA THR G 167 17.60 -1.94 3.42
C THR G 167 16.44 -2.79 2.91
N SER G 168 15.92 -3.67 3.75
CA SER G 168 15.10 -4.76 3.25
C SER G 168 13.66 -4.64 3.71
N ALA G 169 12.76 -5.13 2.87
CA ALA G 169 11.36 -5.27 3.21
C ALA G 169 11.08 -6.74 3.50
N ILE G 170 10.96 -7.07 4.78
CA ILE G 170 10.82 -8.46 5.22
C ILE G 170 9.39 -8.89 4.92
N THR G 171 9.25 -9.74 3.91
CA THR G 171 7.95 -10.21 3.44
C THR G 171 7.60 -11.47 4.21
N MET G 172 6.53 -11.43 4.99
CA MET G 172 6.14 -12.61 5.75
C MET G 172 5.61 -13.68 4.80
N VAL G 173 6.22 -14.87 4.84
CA VAL G 173 5.78 -15.98 3.92
C VAL G 173 4.35 -16.34 4.30
N CYS G 174 3.44 -16.46 3.36
CA CYS G 174 2.02 -16.71 3.75
C CYS G 174 1.92 -17.98 4.59
N PRO G 175 0.95 -18.07 5.52
CA PRO G 175 0.77 -19.25 6.38
C PRO G 175 0.09 -20.41 5.64
N LYS G 176 -0.65 -20.09 4.58
CA LYS G 176 -1.36 -21.08 3.74
C LYS G 176 -0.34 -21.70 2.80
N LEU G 177 0.94 -21.34 2.95
CA LEU G 177 1.88 -21.95 2.03
C LEU G 177 2.49 -23.20 2.63
N SER G 178 3.20 -23.94 1.79
CA SER G 178 3.95 -25.11 2.23
C SER G 178 5.12 -25.32 1.29
N PHE G 179 6.33 -25.26 1.82
CA PHE G 179 7.52 -25.55 1.05
C PHE G 179 8.07 -26.91 1.46
N GLU G 180 8.34 -27.75 0.47
CA GLU G 180 8.50 -29.18 0.70
C GLU G 180 9.03 -29.81 -0.57
N PRO G 181 9.96 -30.74 -0.47
CA PRO G 181 10.42 -31.45 -1.67
C PRO G 181 9.35 -32.34 -2.31
N ILE G 182 9.00 -32.06 -3.56
CA ILE G 182 8.05 -32.84 -4.35
C ILE G 182 8.65 -33.09 -5.71
N PRO G 183 8.69 -34.35 -6.17
CA PRO G 183 9.48 -34.69 -7.37
C PRO G 183 9.02 -34.07 -8.70
N ILE G 184 9.86 -33.22 -9.29
CA ILE G 184 9.59 -32.60 -10.57
C ILE G 184 10.20 -33.44 -11.69
N HIS G 185 9.42 -33.74 -12.71
CA HIS G 185 9.87 -34.48 -13.88
C HIS G 185 10.02 -33.51 -15.05
N TYR G 186 11.24 -33.36 -15.57
CA TYR G 186 11.48 -32.46 -16.68
C TYR G 186 11.22 -33.16 -18.01
N CYS G 187 10.26 -32.63 -18.76
CA CYS G 187 9.79 -33.25 -20.00
C CYS G 187 10.07 -32.34 -21.19
N ALA G 188 10.23 -32.95 -22.36
CA ALA G 188 10.49 -32.20 -23.58
C ALA G 188 9.24 -32.13 -24.43
N PRO G 189 8.91 -30.98 -25.03
CA PRO G 189 7.76 -30.94 -25.95
C PRO G 189 8.10 -31.60 -27.28
N ALA G 190 7.11 -31.62 -28.17
CA ALA G 190 7.21 -32.36 -29.43
C ALA G 190 8.31 -31.80 -30.31
N GLY G 191 9.02 -32.67 -31.02
CA GLY G 191 10.17 -32.28 -31.80
C GLY G 191 11.47 -32.34 -31.05
N PHE G 192 11.43 -32.66 -29.76
CA PHE G 192 12.61 -32.74 -28.90
C PHE G 192 12.60 -34.05 -28.14
N ALA G 193 13.78 -34.49 -27.74
CA ALA G 193 13.91 -35.73 -26.99
C ALA G 193 15.05 -35.61 -26.00
N ILE G 194 15.02 -36.44 -24.96
CA ILE G 194 16.02 -36.46 -23.91
C ILE G 194 16.68 -37.83 -23.91
N LEU G 195 18.00 -37.86 -23.85
CA LEU G 195 18.78 -39.10 -23.90
C LEU G 195 19.43 -39.37 -22.56
N LYS G 196 19.35 -40.61 -22.08
CA LYS G 196 19.87 -40.98 -20.77
C LYS G 196 21.03 -41.96 -20.92
N CYS G 197 22.13 -41.67 -20.26
CA CYS G 197 23.25 -42.59 -20.22
C CYS G 197 22.96 -43.71 -19.23
N LYS G 198 23.41 -44.91 -19.54
CA LYS G 198 23.31 -46.00 -18.60
C LYS G 198 24.65 -46.64 -18.27
N ASP G 199 25.75 -46.07 -18.74
CA ASP G 199 27.09 -46.57 -18.43
C ASP G 199 27.34 -46.33 -16.95
N LYS G 200 27.90 -47.33 -16.27
CA LYS G 200 28.11 -47.22 -14.83
C LYS G 200 29.47 -46.67 -14.47
N LYS G 201 30.32 -46.38 -15.44
CA LYS G 201 31.60 -45.73 -15.16
C LYS G 201 31.66 -44.30 -15.69
N PHE G 202 30.51 -43.65 -15.85
CA PHE G 202 30.46 -42.35 -16.51
C PHE G 202 30.97 -41.24 -15.60
N ASN G 203 32.19 -40.75 -15.83
CA ASN G 203 32.71 -39.70 -14.97
C ASN G 203 32.18 -38.33 -15.36
N GLY G 204 31.51 -38.21 -16.49
CA GLY G 204 30.85 -36.95 -16.78
C GLY G 204 31.17 -36.33 -18.13
N THR G 205 32.03 -36.98 -18.90
CA THR G 205 32.40 -36.42 -20.18
C THR G 205 32.79 -37.53 -21.13
N GLY G 206 32.65 -37.25 -22.42
CA GLY G 206 33.07 -38.18 -23.44
C GLY G 206 31.97 -39.13 -23.85
N PRO G 207 32.34 -40.19 -24.56
CA PRO G 207 31.33 -41.07 -25.15
C PRO G 207 30.67 -41.99 -24.12
N CYS G 208 29.36 -42.16 -24.26
CA CYS G 208 28.57 -43.09 -23.46
C CYS G 208 28.10 -44.22 -24.36
N PRO G 209 28.65 -45.42 -24.22
CA PRO G 209 28.35 -46.48 -25.19
C PRO G 209 26.98 -47.13 -25.02
N SER G 210 26.15 -46.65 -24.09
CA SER G 210 24.83 -47.23 -23.86
C SER G 210 23.82 -46.11 -23.63
N VAL G 211 23.03 -45.79 -24.65
CA VAL G 211 22.14 -44.65 -24.68
C VAL G 211 20.72 -45.12 -24.91
N SER G 212 19.75 -44.52 -24.21
CA SER G 212 18.34 -44.83 -24.42
C SER G 212 17.50 -43.58 -24.32
N THR G 213 16.60 -43.39 -25.28
CA THR G 213 15.73 -42.23 -25.29
C THR G 213 14.66 -42.37 -24.22
N VAL G 214 14.37 -41.26 -23.56
CA VAL G 214 13.42 -41.21 -22.47
C VAL G 214 12.45 -40.08 -22.76
N GLN G 215 11.15 -40.29 -22.48
CA GLN G 215 10.22 -39.17 -22.51
C GLN G 215 10.48 -38.16 -21.40
N CYS G 216 10.48 -38.59 -20.14
CA CYS G 216 10.60 -37.71 -18.99
C CYS G 216 11.53 -38.32 -17.96
N THR G 217 12.39 -37.48 -17.38
CA THR G 217 13.36 -37.94 -16.39
C THR G 217 12.69 -38.35 -15.09
N HIS G 218 13.49 -39.00 -14.24
CA HIS G 218 12.97 -39.45 -12.96
C HIS G 218 12.71 -38.26 -12.05
N GLY G 219 11.99 -38.50 -10.98
CA GLY G 219 11.53 -37.39 -10.18
C GLY G 219 12.55 -36.89 -9.21
N ILE G 220 13.22 -35.80 -9.54
CA ILE G 220 14.09 -35.16 -8.56
C ILE G 220 13.27 -34.23 -7.70
N LYS G 221 13.44 -34.33 -6.39
CA LYS G 221 13.08 -33.73 -5.13
C LYS G 221 13.93 -32.50 -4.88
N PRO G 222 13.40 -31.31 -5.07
CA PRO G 222 14.25 -30.11 -4.92
C PRO G 222 14.52 -29.77 -3.47
N VAL G 223 15.75 -30.03 -3.03
CA VAL G 223 16.19 -29.71 -1.67
C VAL G 223 17.39 -28.79 -1.76
N LEU G 224 17.36 -27.69 -1.03
CA LEU G 224 18.36 -26.65 -1.11
C LEU G 224 19.27 -26.73 0.11
N SER G 225 20.44 -27.31 -0.06
CA SER G 225 21.34 -27.53 1.05
C SER G 225 22.74 -27.16 0.61
N THR G 226 23.64 -27.08 1.58
CA THR G 226 25.04 -26.78 1.34
C THR G 226 25.88 -27.82 2.06
N GLN G 227 27.06 -28.09 1.51
CA GLN G 227 28.12 -28.96 2.00
C GLN G 227 27.82 -30.45 1.99
N LEU G 228 26.55 -30.84 1.85
CA LEU G 228 26.10 -32.22 1.92
C LEU G 228 24.81 -32.35 1.14
N LEU G 229 24.66 -33.45 0.42
CA LEU G 229 23.56 -33.64 -0.51
C LEU G 229 22.56 -34.61 0.10
N LEU G 230 21.39 -34.11 0.47
CA LEU G 230 20.39 -34.90 1.18
C LEU G 230 19.34 -35.43 0.23
N ASN G 231 18.90 -36.66 0.50
CA ASN G 231 17.85 -37.37 -0.25
C ASN G 231 18.16 -37.45 -1.74
N GLY G 232 19.44 -37.62 -2.08
CA GLY G 232 19.88 -37.63 -3.46
C GLY G 232 19.71 -39.00 -4.10
N SER G 233 20.34 -39.14 -5.26
CA SER G 233 20.36 -40.42 -5.94
C SER G 233 21.71 -41.08 -5.77
N LEU G 234 21.69 -42.38 -5.53
CA LEU G 234 22.88 -43.15 -5.19
C LEU G 234 23.65 -43.58 -6.43
N ALA G 235 24.85 -44.07 -6.19
CA ALA G 235 25.63 -44.69 -7.23
C ALA G 235 25.21 -46.15 -7.42
N GLU G 236 26.00 -46.89 -8.18
CA GLU G 236 25.65 -48.24 -8.57
C GLU G 236 26.58 -49.29 -7.99
N GLU G 237 27.89 -49.19 -8.22
CA GLU G 237 28.77 -50.18 -7.63
C GLU G 237 29.67 -49.58 -6.56
N GLU G 238 30.44 -48.57 -6.91
CA GLU G 238 31.40 -48.01 -5.97
C GLU G 238 31.13 -46.51 -5.78
N VAL G 239 31.98 -45.89 -4.97
CA VAL G 239 31.89 -44.45 -4.79
C VAL G 239 32.41 -43.75 -6.04
N MET G 240 31.69 -42.73 -6.49
CA MET G 240 32.01 -42.02 -7.72
C MET G 240 32.51 -40.62 -7.41
N ILE G 241 33.80 -40.38 -7.59
CA ILE G 241 34.41 -39.08 -7.40
C ILE G 241 34.43 -38.39 -8.74
N ARG G 242 34.10 -37.10 -8.77
CA ARG G 242 33.68 -36.43 -10.00
C ARG G 242 33.95 -34.94 -9.94
N SER G 243 34.87 -34.47 -10.78
CA SER G 243 35.24 -33.06 -10.80
C SER G 243 35.61 -32.65 -12.22
N GLU G 244 35.86 -31.36 -12.40
CA GLU G 244 36.04 -30.84 -13.75
C GLU G 244 37.48 -30.87 -14.21
N ASN G 245 38.36 -30.15 -13.53
CA ASN G 245 39.78 -30.05 -13.88
C ASN G 245 40.67 -30.38 -12.72
N ILE G 246 40.60 -31.60 -12.18
CA ILE G 246 40.97 -32.04 -10.84
C ILE G 246 42.16 -31.32 -10.18
N THR G 247 43.17 -30.95 -10.98
CA THR G 247 44.33 -30.22 -10.50
C THR G 247 44.06 -28.74 -10.23
N ASN G 248 42.90 -28.24 -10.65
CA ASN G 248 42.52 -26.85 -10.41
C ASN G 248 41.95 -26.76 -9.00
N ASN G 249 42.38 -25.77 -8.23
CA ASN G 249 41.87 -25.62 -6.87
C ASN G 249 40.43 -25.12 -6.82
N ALA G 250 40.06 -24.16 -7.66
CA ALA G 250 38.79 -23.46 -7.52
C ALA G 250 37.59 -24.30 -7.94
N LYS G 251 37.79 -25.53 -8.38
CA LYS G 251 36.75 -26.45 -8.80
C LYS G 251 36.33 -27.32 -7.63
N ASN G 252 35.03 -27.47 -7.44
CA ASN G 252 34.52 -28.32 -6.39
C ASN G 252 34.56 -29.78 -6.81
N ILE G 253 34.61 -30.66 -5.81
CA ILE G 253 34.75 -32.10 -6.01
C ILE G 253 33.47 -32.77 -5.55
N LEU G 254 32.70 -33.29 -6.49
CA LEU G 254 31.43 -33.94 -6.21
C LEU G 254 31.65 -35.40 -5.87
N VAL G 255 31.12 -35.82 -4.73
CA VAL G 255 31.25 -37.18 -4.22
C VAL G 255 29.85 -37.78 -4.19
N GLN G 256 29.71 -39.04 -4.59
CA GLN G 256 28.40 -39.71 -4.63
C GLN G 256 28.51 -41.12 -4.06
N PHE G 257 27.66 -41.45 -3.10
CA PHE G 257 27.75 -42.69 -2.35
C PHE G 257 26.92 -43.79 -3.00
N ASN G 258 27.29 -45.04 -2.72
CA ASN G 258 26.46 -46.17 -3.14
C ASN G 258 25.54 -46.66 -2.04
N THR G 259 25.74 -46.20 -0.80
CA THR G 259 24.88 -46.60 0.29
C THR G 259 24.54 -45.38 1.13
N PRO G 260 23.30 -45.20 1.53
CA PRO G 260 22.91 -43.98 2.24
C PRO G 260 23.41 -43.99 3.67
N VAL G 261 23.73 -42.80 4.17
CA VAL G 261 24.17 -42.58 5.55
C VAL G 261 23.10 -41.77 6.25
N GLN G 262 22.47 -42.37 7.26
CA GLN G 262 21.25 -41.84 7.84
C GLN G 262 21.57 -40.72 8.82
N ILE G 263 20.62 -39.80 9.03
CA ILE G 263 20.79 -38.72 10.01
C ILE G 263 19.46 -38.58 10.76
N ASN G 264 19.52 -38.06 11.99
CA ASN G 264 18.34 -37.84 12.82
C ASN G 264 18.42 -36.47 13.47
N CYS G 265 17.44 -35.62 13.21
CA CYS G 265 17.50 -34.24 13.62
C CYS G 265 16.24 -33.85 14.37
N THR G 266 16.39 -32.96 15.35
CA THR G 266 15.24 -32.54 16.12
C THR G 266 15.45 -31.16 16.73
N ARG G 267 14.33 -30.51 17.07
CA ARG G 267 14.31 -29.30 17.88
C ARG G 267 13.60 -29.63 19.18
N PRO G 268 14.28 -29.89 20.25
CA PRO G 268 13.63 -30.54 21.40
C PRO G 268 12.91 -29.60 22.34
N LEU G 269 12.62 -28.36 21.95
CA LEU G 269 11.84 -27.47 22.80
C LEU G 269 10.49 -27.23 22.17
N ASN G 270 9.48 -27.05 23.01
CA ASN G 270 8.11 -26.99 22.56
C ASN G 270 7.64 -25.53 22.52
N LEU G 271 6.89 -25.16 21.48
CA LEU G 271 6.50 -23.77 21.29
C LEU G 271 5.08 -23.68 20.76
N THR G 272 4.46 -22.52 20.99
CA THR G 272 3.13 -22.19 20.51
C THR G 272 3.19 -20.90 19.70
N ARG G 273 2.03 -20.46 19.24
CA ARG G 273 1.95 -19.29 18.40
C ARG G 273 0.99 -18.25 18.98
N LYS G 274 1.44 -17.00 18.93
CA LYS G 274 0.57 -15.87 19.18
C LYS G 274 -0.14 -15.49 17.89
N SER G 275 -1.05 -14.54 17.95
CA SER G 275 -1.81 -14.16 16.77
C SER G 275 -1.94 -12.64 16.70
N ILE G 276 -0.81 -11.96 16.87
CA ILE G 276 -0.75 -10.50 16.90
C ILE G 276 -1.17 -9.94 15.55
N ARG G 277 -2.31 -9.26 15.51
CA ARG G 277 -2.79 -8.82 14.21
C ARG G 277 -2.01 -7.60 13.73
N ILE G 278 -2.09 -7.37 12.43
CA ILE G 278 -1.49 -6.21 11.77
C ILE G 278 -2.55 -5.29 11.19
N GLY G 279 -3.37 -5.82 10.28
CA GLY G 279 -4.38 -5.03 9.64
C GLY G 279 -5.67 -5.82 9.46
N PRO G 280 -6.63 -5.24 8.74
CA PRO G 280 -7.91 -5.94 8.56
C PRO G 280 -7.76 -7.13 7.65
N GLY G 281 -7.75 -8.33 8.25
CA GLY G 281 -7.59 -9.56 7.52
C GLY G 281 -6.18 -10.08 7.42
N GLN G 282 -5.19 -9.38 7.96
CA GLN G 282 -3.80 -9.79 7.86
C GLN G 282 -3.14 -9.80 9.24
N ALA G 283 -2.84 -11.00 9.72
CA ALA G 283 -2.26 -11.19 11.04
C ALA G 283 -0.75 -11.41 10.93
N PHE G 284 -0.15 -11.85 12.02
CA PHE G 284 1.29 -12.07 12.14
C PHE G 284 1.52 -13.07 13.25
N TYR G 285 2.39 -14.04 13.00
CA TYR G 285 2.66 -15.10 13.96
C TYR G 285 4.00 -14.86 14.62
N ALA G 286 4.08 -15.15 15.91
CA ALA G 286 5.32 -15.00 16.66
C ALA G 286 5.41 -16.07 17.73
N MET G 287 6.59 -16.18 18.33
CA MET G 287 6.82 -17.15 19.38
C MET G 287 6.24 -16.68 20.70
N GLY G 288 5.50 -17.55 21.37
CA GLY G 288 4.84 -17.13 22.59
C GLY G 288 5.38 -17.61 23.91
N ASP G 289 5.62 -18.92 24.07
CA ASP G 289 5.95 -19.49 25.37
C ASP G 289 6.83 -20.72 25.22
N ILE G 290 7.66 -20.99 26.23
CA ILE G 290 8.45 -22.21 26.25
C ILE G 290 7.79 -23.16 27.24
N ILE G 291 6.92 -24.04 26.73
CA ILE G 291 6.15 -24.92 27.58
C ILE G 291 7.02 -26.15 27.79
N GLY G 292 7.84 -26.13 28.82
CA GLY G 292 8.77 -27.21 29.03
C GLY G 292 10.12 -26.70 29.47
N ASP G 293 11.15 -27.03 28.71
CA ASP G 293 12.50 -26.71 29.11
C ASP G 293 13.32 -26.32 27.89
N ILE G 294 14.29 -25.44 28.10
CA ILE G 294 15.12 -24.88 27.03
C ILE G 294 16.19 -25.91 26.69
N ARG G 295 16.22 -26.34 25.42
CA ARG G 295 17.19 -27.31 24.94
C ARG G 295 17.69 -26.92 23.56
N GLN G 296 18.95 -27.26 23.27
CA GLN G 296 19.59 -26.91 22.00
C GLN G 296 19.19 -27.89 20.90
N ALA G 297 18.91 -27.36 19.71
CA ALA G 297 18.62 -28.21 18.57
C ALA G 297 19.89 -28.86 18.04
N HIS G 298 19.82 -30.14 17.69
CA HIS G 298 21.00 -30.92 17.38
C HIS G 298 20.68 -32.00 16.37
N CYS G 299 21.72 -32.60 15.80
CA CYS G 299 21.60 -33.69 14.84
C CYS G 299 22.62 -34.79 15.11
N ASN G 300 22.21 -36.03 14.90
CA ASN G 300 23.07 -37.18 15.13
C ASN G 300 23.48 -37.80 13.81
N VAL G 301 24.76 -38.12 13.69
CA VAL G 301 25.30 -38.97 12.64
C VAL G 301 25.97 -40.13 13.35
N SER G 302 25.75 -41.34 12.88
CA SER G 302 26.43 -42.48 13.48
C SER G 302 27.90 -42.42 13.15
N LYS G 303 28.73 -43.02 14.02
CA LYS G 303 30.18 -42.88 13.87
C LYS G 303 30.79 -44.04 13.10
N ALA G 304 30.30 -45.26 13.31
CA ALA G 304 30.88 -46.42 12.64
C ALA G 304 30.48 -46.47 11.16
N THR G 305 29.37 -45.81 10.81
CA THR G 305 28.99 -45.75 9.40
C THR G 305 29.69 -44.61 8.70
N TRP G 306 29.92 -43.51 9.41
CA TRP G 306 30.67 -42.40 8.85
C TRP G 306 32.14 -42.71 8.69
N ASN G 307 32.73 -43.49 9.60
CA ASN G 307 34.13 -43.84 9.45
C ASN G 307 34.34 -44.92 8.40
N GLU G 308 33.30 -45.65 8.01
CA GLU G 308 33.49 -46.55 6.89
C GLU G 308 33.16 -45.89 5.56
N THR G 309 32.30 -44.88 5.58
CA THR G 309 32.00 -44.17 4.35
C THR G 309 33.17 -43.28 3.96
N LEU G 310 34.00 -42.86 4.91
CA LEU G 310 35.23 -42.18 4.54
C LEU G 310 36.31 -43.17 4.13
N GLY G 311 36.12 -44.45 4.43
CA GLY G 311 37.07 -45.46 3.99
C GLY G 311 37.01 -45.72 2.50
N LYS G 312 35.98 -45.20 1.84
CA LYS G 312 35.83 -45.39 0.40
C LYS G 312 36.24 -44.15 -0.37
N VAL G 313 35.96 -42.96 0.19
CA VAL G 313 36.29 -41.70 -0.46
C VAL G 313 37.80 -41.52 -0.49
N VAL G 314 38.50 -41.98 0.55
CA VAL G 314 39.96 -41.95 0.55
C VAL G 314 40.53 -42.94 -0.45
N LYS G 315 39.85 -44.09 -0.60
CA LYS G 315 40.37 -45.17 -1.44
C LYS G 315 40.43 -44.76 -2.92
N GLN G 316 39.41 -44.04 -3.38
CA GLN G 316 39.40 -43.65 -4.78
C GLN G 316 39.80 -42.20 -5.00
N LEU G 317 40.16 -41.47 -3.95
CA LEU G 317 40.94 -40.26 -4.17
C LEU G 317 42.37 -40.61 -4.57
N ARG G 318 42.87 -41.72 -4.06
CA ARG G 318 44.27 -42.06 -4.29
C ARG G 318 44.53 -42.56 -5.69
N LYS G 319 43.49 -42.86 -6.47
CA LYS G 319 43.75 -43.18 -7.87
C LYS G 319 43.93 -41.92 -8.69
N HIS G 320 43.53 -40.77 -8.17
CA HIS G 320 43.71 -39.50 -8.85
C HIS G 320 44.98 -38.75 -8.42
N PHE G 321 45.56 -39.09 -7.28
CA PHE G 321 46.70 -38.36 -6.75
C PHE G 321 47.95 -39.20 -6.54
N GLY G 322 47.80 -40.42 -6.03
CA GLY G 322 48.94 -41.27 -5.78
C GLY G 322 48.63 -42.23 -4.67
N ASN G 323 49.28 -43.41 -4.68
CA ASN G 323 49.00 -44.41 -3.66
C ASN G 323 49.59 -44.02 -2.32
N ASN G 324 50.84 -43.61 -2.30
CA ASN G 324 51.57 -43.42 -1.05
C ASN G 324 51.38 -42.05 -0.43
N THR G 325 50.28 -41.38 -0.71
CA THR G 325 50.01 -40.06 -0.15
C THR G 325 49.17 -40.16 1.13
N ILE G 326 49.20 -39.07 1.89
CA ILE G 326 48.45 -38.95 3.14
C ILE G 326 47.25 -38.06 2.86
N ILE G 327 46.06 -38.53 3.19
CA ILE G 327 44.84 -37.78 2.93
C ILE G 327 44.20 -37.38 4.25
N ARG G 328 43.98 -36.08 4.43
CA ARG G 328 43.52 -35.48 5.67
C ARG G 328 42.25 -34.69 5.38
N PHE G 329 41.39 -34.53 6.39
CA PHE G 329 40.22 -33.67 6.29
C PHE G 329 40.29 -32.57 7.34
N ALA G 330 40.12 -31.31 6.91
CA ALA G 330 40.02 -30.17 7.81
C ALA G 330 38.56 -29.73 7.83
N ASN G 331 38.25 -28.57 8.44
CA ASN G 331 36.84 -28.24 8.62
C ASN G 331 36.35 -27.03 7.82
N SER G 332 36.89 -25.83 8.02
CA SER G 332 36.52 -24.66 7.23
C SER G 332 37.56 -23.57 7.44
N SER G 333 37.36 -22.45 6.77
CA SER G 333 38.27 -21.33 6.91
C SER G 333 37.58 -19.97 6.90
N GLY G 334 36.26 -19.92 6.90
CA GLY G 334 35.59 -18.67 7.14
C GLY G 334 34.36 -18.52 6.27
N GLY G 335 33.67 -17.41 6.47
CA GLY G 335 32.49 -17.09 5.71
C GLY G 335 31.28 -16.82 6.60
N ASP G 336 30.13 -16.80 5.95
CA ASP G 336 28.84 -16.57 6.56
C ASP G 336 28.29 -17.90 7.11
N LEU G 337 27.09 -17.90 7.68
CA LEU G 337 26.53 -19.17 8.15
C LEU G 337 26.08 -20.06 7.00
N GLU G 338 25.94 -19.50 5.80
CA GLU G 338 25.44 -20.31 4.71
C GLU G 338 26.51 -21.20 4.11
N VAL G 339 27.78 -20.93 4.39
CA VAL G 339 28.88 -21.65 3.75
C VAL G 339 29.90 -22.20 4.75
N THR G 340 29.79 -21.87 6.03
CA THR G 340 30.62 -22.51 7.03
C THR G 340 29.95 -23.71 7.66
N THR G 341 28.65 -23.85 7.48
CA THR G 341 27.84 -24.85 8.17
C THR G 341 26.98 -25.62 7.19
N HIS G 342 26.16 -26.51 7.73
CA HIS G 342 25.27 -27.34 6.96
C HIS G 342 23.85 -26.79 7.09
N SER G 343 23.29 -26.35 5.97
CA SER G 343 21.97 -25.77 5.93
C SER G 343 20.93 -26.85 5.63
N PHE G 344 19.74 -26.70 6.19
CA PHE G 344 18.59 -27.54 5.88
C PHE G 344 17.45 -26.71 5.33
N ASN G 345 16.36 -27.43 5.12
CA ASN G 345 15.01 -26.88 5.05
C ASN G 345 14.13 -28.07 5.46
N CYS G 346 13.92 -28.25 6.75
CA CYS G 346 13.10 -29.39 7.13
C CYS G 346 12.04 -28.92 8.10
N GLY G 347 10.82 -29.44 7.92
CA GLY G 347 9.74 -29.20 8.85
C GLY G 347 9.21 -27.79 8.89
N GLY G 348 9.66 -26.91 8.02
CA GLY G 348 9.24 -25.51 8.05
C GLY G 348 10.21 -24.57 8.71
N GLU G 349 11.32 -25.07 9.25
CA GLU G 349 12.34 -24.22 9.85
C GLU G 349 13.69 -24.43 9.17
N PHE G 350 14.64 -23.58 9.54
CA PHE G 350 15.89 -23.40 8.82
C PHE G 350 17.06 -23.63 9.77
N PHE G 351 17.65 -24.82 9.73
CA PHE G 351 18.69 -25.22 10.66
C PHE G 351 20.06 -25.02 10.04
N TYR G 352 21.04 -24.58 10.84
CA TYR G 352 22.43 -24.34 10.40
C TYR G 352 23.39 -25.09 11.32
N CYS G 353 23.67 -26.35 11.01
CA CYS G 353 24.35 -27.17 12.00
C CYS G 353 25.86 -27.05 11.86
N ASN G 354 26.55 -27.13 13.00
CA ASN G 354 28.01 -27.04 13.06
C ASN G 354 28.61 -28.40 12.78
N THR G 355 29.28 -28.53 11.64
CA THR G 355 29.85 -29.81 11.21
C THR G 355 31.35 -29.85 11.34
N SER G 356 31.90 -29.37 12.44
CA SER G 356 33.33 -29.47 12.63
C SER G 356 33.71 -30.78 13.28
N GLY G 357 32.73 -31.63 13.58
CA GLY G 357 32.98 -32.93 14.17
C GLY G 357 32.97 -34.08 13.19
N LEU G 358 32.48 -33.86 11.98
CA LEU G 358 32.53 -34.91 10.96
C LEU G 358 33.81 -34.85 10.15
N PHE G 359 34.15 -33.68 9.63
CA PHE G 359 35.31 -33.48 8.79
C PHE G 359 36.54 -33.22 9.62
N ASN G 360 37.02 -34.23 10.34
CA ASN G 360 38.17 -34.09 11.21
C ASN G 360 38.81 -35.46 11.45
N SER G 361 39.84 -35.78 10.65
CA SER G 361 40.58 -37.05 10.71
C SER G 361 41.80 -37.05 9.80
N THR G 362 42.71 -38.02 9.96
CA THR G 362 43.74 -38.25 8.95
C THR G 362 43.68 -39.68 8.47
N TRP G 363 44.29 -39.92 7.31
CA TRP G 363 44.39 -41.23 6.70
C TRP G 363 45.81 -41.41 6.16
N ILE G 364 46.42 -42.55 6.47
CA ILE G 364 47.87 -42.72 6.37
C ILE G 364 48.27 -43.85 5.44
N SER G 365 47.31 -44.46 4.74
CA SER G 365 47.53 -45.61 3.85
C SER G 365 48.18 -46.80 4.55
N ASN G 366 47.66 -47.12 5.74
CA ASN G 366 48.00 -48.31 6.51
C ASN G 366 49.46 -48.40 6.93
N SER G 377 29.74 -49.66 17.22
CA SER G 377 28.38 -50.15 17.47
C SER G 377 27.37 -49.03 17.40
N ASN G 378 27.05 -48.43 18.54
CA ASN G 378 25.91 -47.51 18.59
C ASN G 378 26.27 -46.07 18.89
N ASP G 379 27.55 -45.74 19.08
CA ASP G 379 27.92 -44.40 19.50
C ASP G 379 27.76 -43.38 18.39
N SER G 380 26.83 -42.46 18.53
CA SER G 380 26.57 -41.46 17.50
C SER G 380 27.33 -40.17 17.76
N ILE G 381 27.60 -39.45 16.69
CA ILE G 381 28.21 -38.14 16.73
C ILE G 381 27.10 -37.12 16.83
N THR G 382 27.20 -36.23 17.81
CA THR G 382 26.22 -35.17 18.02
C THR G 382 26.73 -33.90 17.34
N LEU G 383 25.83 -33.16 16.71
CA LEU G 383 26.19 -31.94 16.02
C LEU G 383 25.35 -30.78 16.57
N PRO G 384 25.94 -29.77 17.20
CA PRO G 384 25.14 -28.64 17.66
C PRO G 384 24.64 -27.80 16.51
N CYS G 385 23.51 -27.12 16.73
CA CYS G 385 22.78 -26.56 15.60
C CYS G 385 22.05 -25.28 15.98
N ARG G 386 22.18 -24.24 15.15
CA ARG G 386 21.54 -22.95 15.36
C ARG G 386 20.26 -22.82 14.56
N ILE G 387 19.43 -21.86 14.94
CA ILE G 387 18.14 -21.59 14.29
C ILE G 387 18.02 -20.09 14.08
N LYS G 388 17.65 -19.66 12.86
CA LYS G 388 17.22 -18.29 12.66
C LYS G 388 16.04 -18.26 11.70
N MET G 389 15.21 -17.23 11.83
CA MET G 389 13.96 -17.15 11.07
C MET G 389 13.82 -15.93 10.20
N ILE G 390 14.88 -15.17 9.98
CA ILE G 390 14.89 -14.12 8.96
C ILE G 390 16.02 -14.46 8.04
N ILE G 391 15.72 -15.17 6.96
CA ILE G 391 16.73 -15.64 6.03
C ILE G 391 16.70 -14.77 4.78
N ASN G 392 17.84 -14.68 4.11
CA ASN G 392 17.94 -14.04 2.81
C ASN G 392 18.63 -15.03 1.91
N MET G 393 17.85 -15.70 1.06
CA MET G 393 18.35 -16.70 0.13
C MET G 393 18.62 -16.03 -1.20
N TRP G 394 19.80 -16.34 -1.75
CA TRP G 394 20.47 -15.80 -2.93
C TRP G 394 20.96 -14.36 -2.77
N GLN G 395 20.79 -13.73 -1.59
CA GLN G 395 21.44 -12.46 -1.25
C GLN G 395 21.08 -11.33 -2.19
N ARG G 396 19.80 -11.23 -2.53
CA ARG G 396 19.34 -10.15 -3.37
C ARG G 396 19.26 -8.88 -2.54
N ILE G 397 19.53 -7.74 -3.18
CA ILE G 397 19.65 -6.49 -2.44
C ILE G 397 18.29 -6.03 -1.96
N GLY G 398 18.17 -5.85 -0.63
CA GLY G 398 16.98 -5.31 -0.05
C GLY G 398 15.79 -6.25 0.01
N GLN G 399 16.01 -7.56 -0.05
CA GLN G 399 14.93 -8.53 0.06
C GLN G 399 15.25 -9.53 1.16
N ALA G 400 14.21 -9.99 1.84
CA ALA G 400 14.36 -10.94 2.94
C ALA G 400 13.04 -11.67 3.14
N MET G 401 13.12 -12.88 3.69
CA MET G 401 11.92 -13.68 3.94
C MET G 401 11.70 -13.80 5.43
N TYR G 402 10.67 -14.54 5.80
CA TYR G 402 10.36 -14.80 7.20
C TYR G 402 9.56 -16.09 7.31
N ALA G 403 10.00 -16.99 8.17
CA ALA G 403 9.33 -18.27 8.32
C ALA G 403 8.46 -18.25 9.57
N PRO G 404 7.17 -18.48 9.47
CA PRO G 404 6.32 -18.46 10.66
C PRO G 404 6.60 -19.66 11.54
N PRO G 405 6.44 -19.52 12.85
CA PRO G 405 6.85 -20.59 13.77
C PRO G 405 5.95 -21.81 13.65
N ILE G 406 6.51 -22.98 13.93
CA ILE G 406 5.74 -24.21 13.88
C ILE G 406 5.33 -24.62 15.28
N GLN G 407 4.05 -24.92 15.44
CA GLN G 407 3.45 -25.30 16.71
C GLN G 407 3.77 -26.76 17.02
N GLY G 408 4.58 -26.97 18.06
CA GLY G 408 5.02 -28.30 18.43
C GLY G 408 6.48 -28.54 18.08
N VAL G 409 7.01 -29.64 18.62
CA VAL G 409 8.39 -30.00 18.34
C VAL G 409 8.51 -30.56 16.93
N ILE G 410 9.72 -30.51 16.36
CA ILE G 410 9.97 -30.90 14.99
C ILE G 410 10.87 -32.14 14.98
N ARG G 411 10.60 -33.05 14.03
CA ARG G 411 11.33 -34.29 13.88
C ARG G 411 11.65 -34.50 12.40
N CYS G 412 12.86 -34.98 12.10
CA CYS G 412 13.28 -35.21 10.72
C CYS G 412 14.19 -36.43 10.66
N VAL G 413 14.10 -37.16 9.56
CA VAL G 413 14.99 -38.29 9.26
C VAL G 413 15.42 -38.14 7.80
N SER G 414 16.72 -38.25 7.54
CA SER G 414 17.21 -38.06 6.18
C SER G 414 18.44 -38.94 5.94
N ASN G 415 18.78 -39.10 4.67
CA ASN G 415 19.97 -39.83 4.24
C ASN G 415 20.99 -38.83 3.72
N ILE G 416 22.27 -39.13 3.87
CA ILE G 416 23.31 -38.31 3.27
C ILE G 416 23.90 -39.09 2.11
N THR G 417 23.66 -38.61 0.89
CA THR G 417 24.18 -39.27 -0.30
C THR G 417 25.08 -38.30 -1.05
N GLY G 418 26.31 -38.15 -0.58
CA GLY G 418 27.25 -37.27 -1.27
C GLY G 418 27.76 -36.08 -0.50
N LEU G 419 28.88 -35.54 -0.95
CA LEU G 419 29.60 -34.40 -0.38
C LEU G 419 29.99 -33.44 -1.48
N ILE G 420 30.42 -32.24 -1.09
CA ILE G 420 31.04 -31.30 -2.01
C ILE G 420 32.35 -30.84 -1.39
N LEU G 421 33.44 -31.49 -1.74
CA LEU G 421 34.72 -31.12 -1.17
C LEU G 421 35.37 -30.03 -2.01
N THR G 422 36.45 -29.47 -1.47
CA THR G 422 37.36 -28.66 -2.26
C THR G 422 38.77 -28.80 -1.73
N ARG G 423 39.73 -28.56 -2.60
CA ARG G 423 41.13 -28.88 -2.39
C ARG G 423 41.90 -27.57 -2.21
N ASP G 424 42.89 -27.57 -1.29
CA ASP G 424 43.58 -26.31 -1.02
C ASP G 424 44.71 -26.02 -2.00
N GLY G 425 45.76 -26.83 -1.98
CA GLY G 425 46.83 -26.74 -2.97
C GLY G 425 47.67 -25.47 -3.11
N GLY G 426 48.50 -25.14 -2.13
CA GLY G 426 49.55 -24.18 -2.37
C GLY G 426 50.77 -24.87 -2.96
N SER G 427 51.79 -24.07 -3.28
CA SER G 427 52.99 -24.64 -3.89
C SER G 427 54.01 -25.03 -2.82
N THR G 428 53.84 -26.20 -2.22
CA THR G 428 54.89 -26.78 -1.37
C THR G 428 55.18 -28.17 -1.89
N ASN G 429 56.10 -28.85 -1.23
CA ASN G 429 56.54 -30.17 -1.66
C ASN G 429 55.97 -31.30 -0.83
N SER G 430 55.00 -31.05 0.05
CA SER G 430 54.55 -32.10 0.96
C SER G 430 53.65 -33.12 0.27
N THR G 431 53.58 -34.30 0.89
CA THR G 431 52.77 -35.42 0.41
C THR G 431 51.45 -35.55 1.14
N THR G 432 50.89 -34.44 1.63
CA THR G 432 49.71 -34.45 2.47
C THR G 432 48.63 -33.56 1.88
N GLU G 433 47.61 -34.18 1.27
CA GLU G 433 46.48 -33.46 0.71
C GLU G 433 45.47 -33.21 1.81
N THR G 434 44.70 -32.13 1.68
CA THR G 434 43.65 -31.80 2.64
C THR G 434 42.39 -31.36 1.92
N PHE G 435 41.27 -31.98 2.27
CA PHE G 435 40.00 -31.76 1.58
C PHE G 435 38.98 -31.21 2.55
N ARG G 436 38.30 -30.15 2.15
CA ARG G 436 37.34 -29.43 2.97
C ARG G 436 35.98 -29.40 2.30
N PRO G 437 34.89 -29.41 3.07
CA PRO G 437 33.57 -29.27 2.47
C PRO G 437 33.33 -27.87 1.95
N GLY G 438 32.52 -27.78 0.90
CA GLY G 438 32.31 -26.52 0.21
C GLY G 438 30.83 -26.22 0.12
N GLY G 439 30.53 -24.93 -0.01
CA GLY G 439 29.17 -24.49 0.11
C GLY G 439 28.49 -23.80 -1.06
N GLY G 440 28.56 -22.48 -1.06
CA GLY G 440 27.54 -21.64 -1.65
C GLY G 440 27.50 -21.42 -3.15
N ASP G 441 27.06 -22.45 -3.88
CA ASP G 441 26.59 -22.28 -5.24
C ASP G 441 25.62 -23.41 -5.51
N MET G 442 24.36 -23.06 -5.80
CA MET G 442 23.31 -24.06 -5.93
C MET G 442 23.46 -24.92 -7.18
N ARG G 443 24.31 -24.55 -8.12
CA ARG G 443 24.43 -25.32 -9.35
C ARG G 443 25.18 -26.64 -9.13
N ASP G 444 25.82 -26.80 -7.97
CA ASP G 444 26.40 -28.09 -7.64
C ASP G 444 25.38 -29.05 -7.07
N ASN G 445 24.23 -28.56 -6.61
CA ASN G 445 23.18 -29.46 -6.17
C ASN G 445 22.46 -30.07 -7.37
N TRP G 446 22.40 -29.32 -8.48
CA TRP G 446 21.59 -29.77 -9.59
C TRP G 446 22.44 -30.46 -10.63
N ARG G 447 23.70 -30.06 -10.75
CA ARG G 447 24.59 -30.67 -11.72
C ARG G 447 25.00 -32.06 -11.29
N SER G 448 24.80 -32.40 -10.03
CA SER G 448 25.09 -33.71 -9.49
C SER G 448 23.91 -34.66 -9.65
N GLU G 449 22.88 -34.25 -10.35
CA GLU G 449 21.70 -35.09 -10.53
C GLU G 449 21.30 -35.27 -11.98
N LEU G 450 21.45 -34.23 -12.79
CA LEU G 450 21.10 -34.23 -14.20
C LEU G 450 22.34 -34.39 -15.06
N TYR G 451 23.26 -35.25 -14.65
CA TYR G 451 24.53 -35.38 -15.36
C TYR G 451 24.42 -36.32 -16.54
N LYS G 452 23.49 -37.27 -16.49
CA LYS G 452 23.40 -38.29 -17.51
C LYS G 452 22.44 -37.96 -18.63
N TYR G 453 22.14 -36.69 -18.88
CA TYR G 453 21.12 -36.31 -19.84
C TYR G 453 21.68 -35.41 -20.93
N LYS G 454 20.98 -35.39 -22.06
CA LYS G 454 21.22 -34.44 -23.13
C LYS G 454 19.96 -34.37 -23.97
N VAL G 455 19.62 -33.18 -24.45
CA VAL G 455 18.44 -32.96 -25.26
C VAL G 455 18.88 -32.93 -26.72
N VAL G 456 18.13 -33.62 -27.58
CA VAL G 456 18.46 -33.68 -29.00
C VAL G 456 17.24 -33.25 -29.81
N LYS G 457 17.49 -32.85 -31.06
CA LYS G 457 16.48 -32.42 -32.00
C LYS G 457 16.30 -33.52 -33.04
N ILE G 458 15.10 -33.63 -33.58
CA ILE G 458 14.76 -34.70 -34.51
C ILE G 458 14.53 -34.08 -35.89
N GLU G 459 15.42 -34.36 -36.84
CA GLU G 459 15.29 -33.81 -38.19
C GLU G 459 14.74 -34.87 -39.14
N PRO G 460 13.50 -34.78 -39.58
CA PRO G 460 12.89 -35.89 -40.34
C PRO G 460 13.29 -36.02 -41.81
N LEU G 461 13.55 -34.95 -42.56
CA LEU G 461 13.86 -35.09 -43.98
C LEU G 461 15.26 -35.65 -44.22
N GLY G 462 15.40 -36.43 -45.29
CA GLY G 462 16.69 -36.94 -45.68
C GLY G 462 16.69 -37.32 -47.15
N VAL G 463 17.88 -37.39 -47.73
CA VAL G 463 18.07 -37.69 -49.14
C VAL G 463 19.06 -38.83 -49.28
N ALA G 464 18.85 -39.69 -50.28
CA ALA G 464 19.72 -40.81 -50.49
C ALA G 464 19.65 -41.24 -51.94
N PRO G 465 20.75 -41.66 -52.54
CA PRO G 465 20.71 -42.07 -53.94
C PRO G 465 20.14 -43.47 -54.10
N THR G 466 19.39 -43.66 -55.18
CA THR G 466 18.81 -44.96 -55.50
C THR G 466 18.51 -45.04 -57.00
N ARG G 467 17.70 -46.04 -57.38
CA ARG G 467 17.27 -46.26 -58.76
C ARG G 467 15.73 -46.27 -58.79
N CYS G 468 15.13 -45.08 -58.82
CA CYS G 468 13.68 -44.99 -58.65
C CYS G 468 12.98 -44.34 -59.83
N LYS G 469 13.38 -43.14 -60.27
CA LYS G 469 12.87 -42.52 -61.51
C LYS G 469 11.37 -42.25 -61.59
N ARG G 470 10.95 -41.04 -61.17
CA ARG G 470 9.57 -40.55 -61.00
C ARG G 470 8.53 -41.10 -62.00
N ARG G 471 8.95 -41.56 -63.18
CA ARG G 471 8.12 -42.06 -64.27
C ARG G 471 7.23 -40.95 -64.81
N VAL G 472 7.89 -40.02 -65.51
CA VAL G 472 7.36 -39.02 -66.43
C VAL G 472 5.87 -39.05 -66.76
N VAL H 1 8.43 -54.93 -37.23
CA VAL H 1 8.42 -54.75 -35.78
C VAL H 1 8.62 -53.26 -35.45
N PHE H 2 7.87 -52.77 -34.46
CA PHE H 2 7.97 -51.39 -34.02
C PHE H 2 8.59 -51.38 -32.63
N LEU H 3 9.80 -50.82 -32.55
CA LEU H 3 10.57 -50.77 -31.30
C LEU H 3 10.26 -49.53 -30.47
N GLY H 4 9.33 -48.69 -30.91
CA GLY H 4 9.11 -47.43 -30.26
C GLY H 4 9.86 -46.31 -30.93
N PHE H 5 9.77 -45.13 -30.32
CA PHE H 5 10.30 -43.92 -30.92
C PHE H 5 11.82 -43.95 -30.93
N LEU H 6 12.40 -43.68 -32.11
CA LEU H 6 13.84 -43.67 -32.39
C LEU H 6 14.52 -45.00 -32.17
N GLY H 7 13.78 -46.11 -32.15
CA GLY H 7 14.40 -47.39 -31.87
C GLY H 7 15.37 -47.85 -32.94
N ALA H 8 15.17 -47.41 -34.17
CA ALA H 8 16.03 -47.78 -35.28
C ALA H 8 17.14 -46.78 -35.52
N ALA H 9 17.62 -46.12 -34.46
CA ALA H 9 18.68 -45.13 -34.61
C ALA H 9 20.04 -45.78 -34.81
N GLY H 10 20.21 -47.01 -34.34
CA GLY H 10 21.46 -47.71 -34.55
C GLY H 10 21.46 -48.72 -35.66
N SER H 11 20.33 -48.95 -36.31
CA SER H 11 20.24 -49.92 -37.40
C SER H 11 20.78 -49.32 -38.69
N THR H 12 20.77 -50.13 -39.75
CA THR H 12 21.27 -49.68 -41.03
C THR H 12 20.27 -48.76 -41.71
N MET H 13 20.69 -48.15 -42.81
CA MET H 13 19.76 -47.44 -43.67
C MET H 13 18.77 -48.40 -44.29
N GLY H 14 19.17 -49.66 -44.50
CA GLY H 14 18.26 -50.63 -45.05
C GLY H 14 17.24 -51.11 -44.03
N ALA H 15 17.68 -51.35 -42.80
CA ALA H 15 16.80 -51.92 -41.79
C ALA H 15 16.06 -50.86 -41.00
N ALA H 16 16.47 -49.61 -41.09
CA ALA H 16 15.72 -48.57 -40.39
C ALA H 16 14.73 -47.86 -41.28
N SER H 17 14.69 -48.17 -42.57
CA SER H 17 13.67 -47.60 -43.44
C SER H 17 12.34 -48.32 -43.33
N MET H 18 12.21 -49.25 -42.39
CA MET H 18 10.94 -49.89 -42.08
C MET H 18 10.11 -49.08 -41.12
N THR H 19 10.72 -48.12 -40.41
CA THR H 19 10.12 -47.49 -39.25
C THR H 19 9.86 -46.00 -39.42
N LEU H 20 9.42 -45.55 -40.60
CA LEU H 20 9.37 -44.11 -40.83
C LEU H 20 8.12 -43.47 -40.25
N THR H 21 7.05 -44.25 -40.03
CA THR H 21 5.84 -43.68 -39.45
C THR H 21 5.96 -43.40 -37.97
N VAL H 22 7.01 -43.89 -37.31
CA VAL H 22 7.15 -43.70 -35.87
C VAL H 22 7.65 -42.29 -35.55
N GLN H 23 8.69 -41.85 -36.25
CA GLN H 23 9.22 -40.52 -36.00
C GLN H 23 8.37 -39.44 -36.67
N ALA H 24 7.31 -39.81 -37.38
CA ALA H 24 6.41 -38.80 -37.93
C ALA H 24 5.25 -38.53 -37.00
N ARG H 25 4.66 -39.58 -36.40
CA ARG H 25 3.52 -39.35 -35.54
C ARG H 25 3.95 -38.85 -34.17
N ASN H 26 5.20 -39.15 -33.78
CA ASN H 26 5.69 -38.66 -32.50
C ASN H 26 6.40 -37.33 -32.67
N LEU H 27 6.32 -36.77 -33.88
CA LEU H 27 6.83 -35.43 -34.13
C LEU H 27 5.73 -34.40 -33.90
N LEU H 28 4.49 -34.83 -34.01
CA LEU H 28 3.33 -33.99 -33.71
C LEU H 28 2.46 -34.57 -32.62
N SER H 29 2.00 -35.82 -32.77
CA SER H 29 1.02 -36.38 -31.84
C SER H 29 1.66 -36.95 -30.58
N GLY H 30 2.88 -36.53 -30.25
CA GLY H 30 3.36 -36.62 -28.88
C GLY H 30 2.89 -35.45 -28.03
N ILE H 31 2.10 -34.56 -28.62
CA ILE H 31 1.48 -33.43 -27.95
C ILE H 31 0.30 -33.87 -27.09
N VAL H 32 -0.10 -35.14 -27.18
CA VAL H 32 -1.22 -35.64 -26.37
C VAL H 32 -0.87 -35.60 -24.88
N GLN H 33 0.41 -35.54 -24.55
CA GLN H 33 0.87 -35.35 -23.17
C GLN H 33 0.88 -33.89 -22.76
N GLN H 34 0.62 -32.98 -23.70
CA GLN H 34 0.54 -31.56 -23.41
C GLN H 34 -0.88 -31.04 -23.40
N GLN H 35 -1.86 -31.80 -23.90
CA GLN H 35 -3.23 -31.31 -23.86
C GLN H 35 -3.81 -31.30 -22.45
N SER H 36 -3.05 -31.77 -21.45
CA SER H 36 -3.41 -31.61 -20.06
C SER H 36 -3.34 -30.16 -19.59
N ASN H 37 -2.85 -29.25 -20.44
CA ASN H 37 -2.76 -27.83 -20.15
C ASN H 37 -4.10 -27.17 -19.85
N LEU H 38 -5.21 -27.76 -20.27
CA LEU H 38 -6.52 -27.41 -19.71
C LEU H 38 -6.54 -28.03 -18.33
N LEU H 39 -6.16 -27.23 -17.34
CA LEU H 39 -5.84 -27.75 -16.02
C LEU H 39 -7.10 -28.06 -15.21
N ARG H 40 -6.88 -28.47 -13.96
CA ARG H 40 -7.97 -28.67 -13.02
C ARG H 40 -8.60 -27.34 -12.64
N ALA H 41 -9.79 -27.40 -12.06
CA ALA H 41 -10.55 -26.21 -11.69
C ALA H 41 -9.79 -25.40 -10.66
N PRO H 42 -9.30 -24.21 -11.00
CA PRO H 42 -8.47 -23.46 -10.08
C PRO H 42 -9.30 -22.86 -8.96
N GLU H 43 -8.61 -22.60 -7.86
CA GLU H 43 -9.21 -21.92 -6.73
C GLU H 43 -9.29 -20.42 -6.99
N ALA H 44 -9.43 -19.67 -5.90
CA ALA H 44 -9.66 -18.23 -5.88
C ALA H 44 -8.39 -17.48 -6.29
N GLN H 45 -8.26 -16.25 -5.80
CA GLN H 45 -7.14 -15.32 -6.09
C GLN H 45 -5.89 -15.86 -5.36
N GLN H 46 -4.86 -15.02 -5.11
CA GLN H 46 -3.60 -15.42 -4.47
C GLN H 46 -2.88 -16.42 -5.37
N HIS H 47 -2.12 -15.91 -6.37
CA HIS H 47 -1.43 -16.57 -7.51
C HIS H 47 -2.29 -16.65 -8.76
N LEU H 48 -3.20 -15.71 -8.99
CA LEU H 48 -3.87 -15.67 -10.27
C LEU H 48 -2.92 -15.21 -11.37
N LEU H 49 -1.86 -14.48 -10.99
CA LEU H 49 -0.87 -14.06 -11.97
C LEU H 49 0.07 -15.20 -12.33
N LYS H 50 0.39 -16.06 -11.37
CA LYS H 50 1.28 -17.19 -11.65
C LYS H 50 0.62 -18.17 -12.61
N LEU H 51 -0.71 -18.14 -12.70
CA LEU H 51 -1.43 -19.06 -13.56
C LEU H 51 -1.26 -18.70 -15.03
N THR H 52 -0.99 -17.43 -15.34
CA THR H 52 -0.89 -17.02 -16.74
C THR H 52 0.54 -16.77 -17.17
N VAL H 53 1.44 -16.51 -16.22
CA VAL H 53 2.86 -16.37 -16.59
C VAL H 53 3.41 -17.71 -17.04
N TRP H 54 3.03 -18.77 -16.33
CA TRP H 54 3.40 -20.11 -16.76
C TRP H 54 2.47 -20.66 -17.81
N GLY H 55 1.47 -19.89 -18.23
CA GLY H 55 0.58 -20.36 -19.28
C GLY H 55 1.16 -20.11 -20.66
N ILE H 56 1.98 -19.08 -20.79
CA ILE H 56 2.56 -18.75 -22.09
C ILE H 56 3.71 -19.69 -22.41
N LYS H 57 4.51 -20.05 -21.39
CA LYS H 57 5.63 -20.97 -21.59
C LYS H 57 5.16 -22.37 -21.96
N GLN H 58 3.93 -22.71 -21.58
CA GLN H 58 3.33 -23.96 -22.05
C GLN H 58 2.84 -23.82 -23.48
N LEU H 59 2.49 -22.60 -23.90
CA LEU H 59 1.81 -22.46 -25.18
C LEU H 59 2.79 -22.06 -26.29
N GLN H 60 3.98 -21.58 -25.91
CA GLN H 60 4.99 -21.33 -26.93
C GLN H 60 5.55 -22.64 -27.46
N ALA H 61 5.55 -23.69 -26.64
CA ALA H 61 6.04 -24.97 -27.09
C ALA H 61 4.96 -25.75 -27.82
N ARG H 62 3.70 -25.35 -27.66
CA ARG H 62 2.64 -25.93 -28.47
C ARG H 62 2.64 -25.33 -29.87
N VAL H 63 2.70 -23.99 -29.95
CA VAL H 63 2.63 -23.29 -31.23
C VAL H 63 3.91 -23.51 -32.02
N LEU H 64 5.05 -23.51 -31.35
CA LEU H 64 6.33 -23.69 -32.03
C LEU H 64 6.47 -25.11 -32.59
N ALA H 65 5.81 -26.08 -31.97
CA ALA H 65 5.86 -27.44 -32.50
C ALA H 65 4.98 -27.58 -33.75
N VAL H 66 3.95 -26.74 -33.85
CA VAL H 66 3.05 -26.81 -35.00
C VAL H 66 3.65 -26.10 -36.19
N GLU H 67 4.20 -24.92 -35.98
CA GLU H 67 4.59 -24.12 -37.14
C GLU H 67 6.03 -24.39 -37.55
N ARG H 68 6.69 -25.34 -36.90
CA ARG H 68 7.90 -25.91 -37.50
C ARG H 68 7.56 -27.20 -38.25
N TYR H 69 6.37 -27.72 -38.03
CA TYR H 69 5.95 -28.95 -38.67
C TYR H 69 5.42 -28.67 -40.07
N LEU H 70 4.66 -27.59 -40.23
CA LEU H 70 4.02 -27.33 -41.51
C LEU H 70 5.02 -26.91 -42.58
N ARG H 71 6.10 -26.25 -42.20
CA ARG H 71 7.01 -25.76 -43.23
C ARG H 71 7.89 -26.87 -43.75
N ASP H 72 7.95 -28.00 -43.06
CA ASP H 72 8.67 -29.15 -43.60
C ASP H 72 7.72 -30.10 -44.32
N GLN H 73 6.42 -29.95 -44.10
CA GLN H 73 5.45 -30.72 -44.87
C GLN H 73 5.12 -30.02 -46.18
N GLN H 74 5.13 -28.69 -46.15
CA GLN H 74 4.89 -27.91 -47.36
C GLN H 74 6.01 -28.07 -48.37
N LEU H 75 7.24 -28.20 -47.88
CA LEU H 75 8.40 -28.30 -48.76
C LEU H 75 8.33 -29.53 -49.64
N LEU H 76 7.64 -30.57 -49.17
CA LEU H 76 7.41 -31.73 -50.03
C LEU H 76 6.40 -31.42 -51.13
N GLY H 77 5.59 -30.39 -50.94
CA GLY H 77 4.66 -30.01 -51.99
C GLY H 77 5.31 -29.20 -53.07
N ILE H 78 6.43 -28.55 -52.75
CA ILE H 78 7.21 -27.82 -53.74
C ILE H 78 7.92 -28.79 -54.68
N TRP H 79 8.37 -29.92 -54.15
CA TRP H 79 9.11 -30.92 -54.93
C TRP H 79 8.25 -31.78 -55.72
N GLY H 80 6.95 -31.75 -55.50
CA GLY H 80 6.03 -32.51 -56.32
C GLY H 80 5.45 -33.74 -55.67
N CYS H 81 5.81 -34.04 -54.43
CA CYS H 81 5.38 -35.27 -53.77
C CYS H 81 4.89 -34.96 -52.37
N SER H 82 3.59 -34.71 -52.26
CA SER H 82 2.94 -34.39 -50.99
C SER H 82 2.15 -35.59 -50.53
N GLY H 83 2.16 -35.84 -49.23
CA GLY H 83 1.49 -37.00 -48.68
C GLY H 83 2.41 -38.19 -48.53
N LYS H 84 3.14 -38.52 -49.59
CA LYS H 84 3.92 -39.75 -49.58
C LYS H 84 5.12 -39.66 -48.65
N LEU H 85 5.29 -40.68 -47.81
CA LEU H 85 6.46 -40.82 -46.98
C LEU H 85 7.67 -41.33 -47.75
N ILE H 86 7.48 -41.87 -48.94
CA ILE H 86 8.58 -42.19 -49.84
C ILE H 86 8.23 -41.65 -51.22
N CYS H 87 9.01 -40.69 -51.73
CA CYS H 87 8.79 -40.27 -53.11
C CYS H 87 10.12 -40.30 -53.85
N CYS H 88 10.06 -40.22 -55.16
CA CYS H 88 11.23 -40.31 -56.02
C CYS H 88 11.24 -39.14 -57.00
N THR H 89 12.34 -38.40 -57.05
CA THR H 89 12.26 -37.07 -57.62
C THR H 89 12.93 -36.84 -58.97
N ASN H 90 13.57 -37.86 -59.55
CA ASN H 90 14.11 -37.84 -60.91
C ASN H 90 15.14 -36.73 -61.12
N VAL H 91 16.12 -36.67 -60.23
CA VAL H 91 17.25 -35.75 -60.30
C VAL H 91 18.51 -36.61 -60.26
N PRO H 92 19.42 -36.47 -61.22
CA PRO H 92 20.58 -37.36 -61.27
C PRO H 92 21.54 -37.11 -60.13
N TRP H 93 21.96 -38.21 -59.51
CA TRP H 93 22.91 -38.17 -58.39
C TRP H 93 24.27 -37.87 -58.96
N ASN H 94 24.68 -36.61 -58.81
CA ASN H 94 26.00 -36.18 -59.22
C ASN H 94 27.05 -36.89 -58.36
N SER H 95 28.08 -37.39 -59.01
CA SER H 95 29.06 -38.22 -58.32
C SER H 95 30.13 -37.38 -57.63
N SER H 96 29.94 -36.06 -57.57
CA SER H 96 30.81 -35.22 -56.76
C SER H 96 30.21 -35.02 -55.38
N TRP H 97 28.90 -35.24 -55.24
CA TRP H 97 28.25 -35.11 -53.94
C TRP H 97 28.80 -36.13 -52.97
N SER H 98 28.83 -37.39 -53.36
CA SER H 98 29.31 -38.43 -52.49
C SER H 98 30.01 -39.51 -53.29
N ASN H 99 29.92 -40.72 -52.80
CA ASN H 99 30.97 -41.71 -52.94
C ASN H 99 30.41 -43.09 -53.22
N ARG H 100 30.96 -44.07 -52.51
CA ARG H 100 31.41 -45.38 -52.95
C ARG H 100 30.56 -46.00 -54.07
N ASN H 101 29.52 -46.78 -53.77
CA ASN H 101 28.59 -47.35 -54.75
C ASN H 101 27.38 -48.03 -54.14
N LEU H 102 26.28 -47.33 -53.83
CA LEU H 102 24.92 -47.88 -53.80
C LEU H 102 24.63 -49.06 -52.84
N SER H 103 25.66 -49.72 -52.33
CA SER H 103 25.50 -51.07 -51.81
C SER H 103 26.29 -51.26 -50.53
N GLU H 104 27.28 -50.40 -50.34
CA GLU H 104 27.89 -50.25 -49.04
C GLU H 104 27.23 -49.12 -48.28
N ILE H 105 26.18 -48.53 -48.86
CA ILE H 105 25.44 -47.48 -48.16
C ILE H 105 24.27 -48.09 -47.40
N TRP H 106 23.54 -49.00 -48.03
CA TRP H 106 22.31 -49.50 -47.41
C TRP H 106 22.57 -50.70 -46.52
N ASP H 107 23.80 -51.20 -46.49
CA ASP H 107 24.06 -52.43 -45.76
C ASP H 107 24.91 -52.24 -44.51
N ASN H 108 25.87 -51.33 -44.50
CA ASN H 108 26.66 -51.12 -43.29
C ASN H 108 26.94 -49.63 -43.05
N MET H 109 25.92 -48.79 -43.21
CA MET H 109 25.98 -47.42 -42.70
C MET H 109 24.66 -47.11 -42.01
N THR H 110 24.73 -46.23 -41.02
CA THR H 110 23.54 -45.71 -40.36
C THR H 110 23.18 -44.37 -40.95
N TRP H 111 21.96 -43.90 -40.64
CA TRP H 111 21.52 -42.63 -41.17
C TRP H 111 22.26 -41.46 -40.53
N LEU H 112 22.73 -41.62 -39.29
CA LEU H 112 23.39 -40.51 -38.63
C LEU H 112 24.72 -40.17 -39.28
N GLN H 113 25.53 -41.20 -39.55
CA GLN H 113 26.82 -40.92 -40.17
C GLN H 113 26.67 -40.67 -41.65
N TRP H 114 25.58 -41.13 -42.25
CA TRP H 114 25.26 -40.77 -43.63
C TRP H 114 24.89 -39.31 -43.74
N ASP H 115 24.14 -38.80 -42.74
CA ASP H 115 23.73 -37.41 -42.73
C ASP H 115 24.91 -36.47 -42.57
N LYS H 116 25.98 -36.93 -41.94
CA LYS H 116 27.20 -36.13 -41.79
C LYS H 116 27.85 -35.85 -43.13
N GLU H 117 27.96 -36.88 -43.98
CA GLU H 117 28.67 -36.71 -45.24
C GLU H 117 27.88 -35.85 -46.22
N ILE H 118 26.56 -35.92 -46.17
CA ILE H 118 25.76 -35.28 -47.20
C ILE H 118 25.18 -33.96 -46.69
N SER H 119 25.51 -33.58 -45.45
CA SER H 119 25.03 -32.31 -44.90
C SER H 119 25.71 -31.13 -45.56
N ASN H 120 26.86 -31.35 -46.17
CA ASN H 120 27.63 -30.25 -46.70
C ASN H 120 27.08 -29.82 -48.04
N TYR H 121 26.25 -30.67 -48.63
CA TYR H 121 25.72 -30.52 -49.97
C TYR H 121 24.21 -30.50 -50.00
N THR H 122 23.59 -30.27 -48.85
CA THR H 122 22.14 -30.45 -48.78
C THR H 122 21.41 -29.28 -49.40
N GLN H 123 22.01 -28.09 -49.38
CA GLN H 123 21.34 -26.93 -49.95
C GLN H 123 21.46 -26.90 -51.47
N ILE H 124 22.33 -27.72 -52.05
CA ILE H 124 22.38 -27.80 -53.50
C ILE H 124 21.63 -29.02 -53.99
N ILE H 125 21.45 -30.03 -53.15
CA ILE H 125 20.56 -31.12 -53.50
C ILE H 125 19.11 -30.65 -53.42
N TYR H 126 18.80 -29.77 -52.46
CA TYR H 126 17.45 -29.21 -52.41
C TYR H 126 17.23 -28.20 -53.52
N GLY H 127 18.30 -27.77 -54.18
CA GLY H 127 18.13 -26.80 -55.25
C GLY H 127 17.63 -27.41 -56.54
N LEU H 128 18.04 -28.65 -56.83
CA LEU H 128 17.61 -29.28 -58.06
C LEU H 128 16.23 -29.91 -57.93
N LEU H 129 15.75 -30.12 -56.71
CA LEU H 129 14.45 -30.75 -56.55
C LEU H 129 13.33 -29.81 -56.96
N GLU H 130 13.49 -28.51 -56.72
CA GLU H 130 12.44 -27.58 -57.10
C GLU H 130 12.57 -27.15 -58.55
N GLU H 131 13.56 -27.68 -59.27
CA GLU H 131 13.71 -27.33 -60.67
C GLU H 131 13.30 -28.46 -61.60
N SER H 132 13.38 -29.71 -61.15
CA SER H 132 12.93 -30.79 -61.99
C SER H 132 11.45 -31.04 -61.79
N GLN H 133 10.82 -30.28 -60.90
CA GLN H 133 9.38 -30.33 -60.74
C GLN H 133 8.71 -29.18 -61.46
N ASN H 134 9.32 -27.99 -61.43
CA ASN H 134 8.75 -26.84 -62.15
C ASN H 134 8.75 -27.07 -63.66
N GLN H 135 9.75 -27.79 -64.16
CA GLN H 135 9.80 -28.07 -65.60
C GLN H 135 8.71 -29.03 -66.00
N GLN H 136 8.20 -29.81 -65.05
CA GLN H 136 7.18 -30.80 -65.35
C GLN H 136 5.78 -30.21 -65.21
N GLU H 137 5.59 -29.31 -64.25
CA GLU H 137 4.22 -28.89 -63.93
C GLU H 137 3.74 -27.80 -64.89
N LYS H 138 4.60 -26.84 -65.23
CA LYS H 138 4.15 -25.73 -66.06
C LYS H 138 4.44 -25.96 -67.54
N ASN H 139 5.43 -26.79 -67.84
CA ASN H 139 5.76 -27.01 -69.25
C ASN H 139 5.10 -28.28 -69.75
N GLU H 140 5.39 -29.41 -69.12
CA GLU H 140 5.03 -30.69 -69.70
C GLU H 140 3.54 -30.95 -69.63
N GLN H 141 2.92 -30.64 -68.50
CA GLN H 141 1.54 -31.07 -68.30
C GLN H 141 0.58 -30.22 -69.12
N ASP H 142 0.90 -28.93 -69.32
CA ASP H 142 0.06 -28.09 -70.17
C ASP H 142 0.36 -28.30 -71.65
N LEU H 143 1.47 -28.96 -71.98
CA LEU H 143 1.69 -29.34 -73.37
C LEU H 143 1.06 -30.69 -73.68
N LEU H 144 1.09 -31.62 -72.72
CA LEU H 144 0.50 -32.92 -72.96
C LEU H 144 -1.02 -32.88 -72.83
N ALA H 145 -1.56 -31.77 -72.31
CA ALA H 145 -3.01 -31.57 -72.37
C ALA H 145 -3.44 -31.29 -73.80
N LEU H 146 -2.92 -30.21 -74.38
CA LEU H 146 -3.38 -29.76 -75.69
C LEU H 146 -2.80 -30.58 -76.84
N ASP H 147 -1.81 -31.42 -76.59
CA ASP H 147 -1.27 -32.31 -77.61
C ASP H 147 -1.35 -33.73 -77.08
N GLN I 1 25.36 -44.73 61.12
CA GLN I 1 26.70 -44.66 60.56
C GLN I 1 27.38 -43.36 60.98
N VAL I 2 26.70 -42.25 60.71
CA VAL I 2 27.19 -40.93 61.08
C VAL I 2 26.32 -40.43 62.24
N GLN I 3 26.96 -39.99 63.32
CA GLN I 3 26.28 -39.55 64.51
C GLN I 3 26.59 -38.08 64.78
N LEU I 4 25.54 -37.29 65.01
CA LEU I 4 25.66 -35.84 65.08
C LEU I 4 25.07 -35.31 66.37
N GLN I 5 25.92 -34.59 67.12
CA GLN I 5 25.56 -33.98 68.39
C GLN I 5 25.80 -32.48 68.27
N GLU I 6 24.83 -31.69 68.71
CA GLU I 6 24.96 -30.24 68.66
C GLU I 6 25.35 -29.67 70.02
N SER I 7 26.25 -28.69 69.99
CA SER I 7 26.73 -27.99 71.16
C SER I 7 26.58 -26.50 70.91
N GLY I 8 26.48 -25.73 71.97
CA GLY I 8 26.30 -24.30 71.85
C GLY I 8 25.73 -23.68 73.10
N PRO I 9 26.25 -22.49 73.47
CA PRO I 9 25.80 -21.83 74.71
C PRO I 9 24.36 -21.33 74.62
N GLY I 10 23.62 -21.55 75.71
CA GLY I 10 22.22 -21.17 75.79
C GLY I 10 21.94 -19.68 75.71
N LEU I 11 22.77 -18.84 76.32
CA LEU I 11 22.61 -17.40 76.20
C LEU I 11 23.89 -16.78 75.71
N VAL I 12 23.77 -15.91 74.70
CA VAL I 12 24.86 -15.02 74.32
C VAL I 12 24.31 -13.60 74.32
N LYS I 13 25.21 -12.64 74.44
CA LYS I 13 24.82 -11.25 74.43
C LYS I 13 24.67 -10.75 73.00
N PRO I 14 23.78 -9.78 72.76
CA PRO I 14 23.67 -9.18 71.42
C PRO I 14 24.93 -8.44 71.01
N SER I 15 25.07 -8.30 69.68
CA SER I 15 26.27 -7.79 68.99
C SER I 15 27.51 -8.55 69.42
N GLU I 16 27.53 -9.86 69.17
CA GLU I 16 28.66 -10.71 69.54
C GLU I 16 28.70 -11.87 68.57
N THR I 17 29.92 -12.33 68.26
CA THR I 17 30.16 -13.46 67.38
C THR I 17 29.61 -14.73 68.01
N LEU I 18 28.62 -15.33 67.34
CA LEU I 18 28.04 -16.59 67.79
C LEU I 18 28.90 -17.75 67.31
N SER I 19 28.86 -18.85 68.04
CA SER I 19 29.65 -20.03 67.73
C SER I 19 28.84 -21.27 68.06
N VAL I 20 28.59 -22.09 67.04
CA VAL I 20 27.93 -23.37 67.21
C VAL I 20 28.81 -24.43 66.57
N THR I 21 29.26 -25.38 67.38
CA THR I 21 30.21 -26.39 66.95
C THR I 21 29.48 -27.73 66.84
N CYS I 22 29.77 -28.48 65.79
CA CYS I 22 29.09 -29.72 65.47
C CYS I 22 30.03 -30.89 65.74
N SER I 23 29.71 -31.68 66.77
CA SER I 23 30.49 -32.86 67.11
C SER I 23 30.14 -33.98 66.13
N VAL I 24 31.15 -34.53 65.45
CA VAL I 24 30.95 -35.49 64.37
C VAL I 24 31.77 -36.74 64.68
N SER I 25 31.13 -37.91 64.62
CA SER I 25 31.85 -39.17 64.63
C SER I 25 31.79 -39.80 63.24
N GLY I 26 32.31 -41.02 63.15
CA GLY I 26 32.29 -41.81 61.94
C GLY I 26 33.41 -41.52 60.96
N ASP I 27 33.84 -40.26 60.87
CA ASP I 27 34.95 -39.77 60.04
C ASP I 27 34.68 -39.91 58.54
N SER I 28 33.43 -40.20 58.14
CA SER I 28 33.02 -40.23 56.74
C SER I 28 32.55 -38.87 56.26
N MET I 29 33.03 -37.81 56.90
CA MET I 29 32.61 -36.44 56.63
C MET I 29 33.19 -35.89 55.34
N ASN I 30 34.22 -36.54 54.82
CA ASN I 30 34.83 -36.07 53.58
C ASN I 30 34.23 -36.75 52.34
N ASN I 31 33.09 -37.42 52.48
CA ASN I 31 32.27 -37.83 51.35
C ASN I 31 31.02 -36.97 51.18
N TYR I 32 30.83 -35.96 52.02
CA TYR I 32 29.58 -35.22 52.08
C TYR I 32 29.79 -33.71 51.91
N TYR I 33 28.68 -33.00 51.68
CA TYR I 33 28.67 -31.53 51.71
C TYR I 33 27.83 -31.04 52.89
N TRP I 34 28.42 -30.21 53.73
CA TRP I 34 27.85 -29.87 55.03
C TRP I 34 27.14 -28.53 55.02
N THR I 35 26.07 -28.44 55.81
CA THR I 35 25.22 -27.26 55.83
C THR I 35 24.54 -27.10 57.18
N TRP I 36 23.88 -25.96 57.36
CA TRP I 36 23.12 -25.64 58.54
C TRP I 36 21.74 -25.13 58.15
N ILE I 37 20.70 -25.54 58.88
CA ILE I 37 19.35 -25.02 58.66
C ILE I 37 18.86 -24.50 60.02
N ARG I 38 17.93 -23.54 59.99
CA ARG I 38 17.44 -22.97 61.24
C ARG I 38 15.96 -22.64 61.15
N GLN I 39 15.31 -22.63 62.32
CA GLN I 39 13.90 -22.29 62.45
C GLN I 39 13.78 -21.21 63.51
N SER I 40 13.61 -19.97 63.08
CA SER I 40 13.20 -18.93 64.00
C SER I 40 11.78 -19.23 64.46
N PRO I 41 11.53 -19.19 65.77
CA PRO I 41 10.25 -19.67 66.30
C PRO I 41 9.05 -18.89 65.74
N GLY I 42 8.05 -19.64 65.28
CA GLY I 42 6.90 -19.06 64.62
C GLY I 42 6.94 -19.09 63.12
N LYS I 43 8.03 -19.57 62.52
CA LYS I 43 8.19 -19.64 61.08
C LYS I 43 8.48 -21.06 60.65
N GLY I 44 8.61 -21.25 59.35
CA GLY I 44 9.12 -22.49 58.79
C GLY I 44 10.63 -22.57 58.85
N LEU I 45 11.20 -23.43 58.01
CA LEU I 45 12.65 -23.61 58.01
C LEU I 45 13.34 -22.80 56.93
N GLU I 46 14.63 -22.57 57.13
CA GLU I 46 15.47 -21.81 56.23
C GLU I 46 16.90 -22.33 56.30
N TRP I 47 17.51 -22.54 55.13
CA TRP I 47 18.91 -22.95 55.05
C TRP I 47 19.85 -21.81 55.43
N ILE I 48 21.14 -22.13 55.54
CA ILE I 48 22.13 -21.10 55.85
C ILE I 48 23.26 -21.06 54.85
N GLY I 49 23.90 -22.19 54.56
CA GLY I 49 24.94 -22.14 53.55
C GLY I 49 25.70 -23.44 53.45
N TYR I 50 26.49 -23.53 52.39
CA TYR I 50 27.16 -24.79 52.05
C TYR I 50 28.66 -24.65 52.21
N ILE I 51 29.25 -25.70 52.73
CA ILE I 51 30.69 -25.89 52.72
C ILE I 51 30.91 -27.21 51.98
N SER I 52 31.89 -27.25 51.12
CA SER I 52 32.10 -28.47 50.35
C SER I 52 33.20 -29.31 50.99
N ASP I 53 33.69 -30.29 50.22
CA ASP I 53 34.91 -30.99 50.62
C ASP I 53 36.16 -30.24 50.16
N ARG I 54 36.07 -29.55 49.02
CA ARG I 54 37.14 -28.70 48.52
C ARG I 54 37.02 -27.27 49.02
N GLU I 55 36.11 -27.05 49.98
CA GLU I 55 35.80 -25.75 50.58
C GLU I 55 35.32 -24.71 49.55
N SER I 56 34.19 -24.96 48.91
CA SER I 56 33.55 -23.93 48.11
C SER I 56 32.49 -23.22 48.93
N ALA I 57 32.69 -21.92 49.18
CA ALA I 57 31.88 -21.24 50.19
C ALA I 57 30.74 -20.46 49.55
N THR I 58 29.52 -20.91 49.80
CA THR I 58 28.31 -20.19 49.39
C THR I 58 27.41 -20.02 50.61
N TYR I 59 26.55 -19.00 50.55
CA TYR I 59 25.59 -18.72 51.61
C TYR I 59 24.35 -18.05 51.03
N ASN I 60 23.29 -17.99 51.84
CA ASN I 60 21.96 -17.63 51.36
C ASN I 60 21.87 -16.12 51.12
N PRO I 61 21.40 -15.68 49.92
CA PRO I 61 21.20 -14.25 49.70
C PRO I 61 19.88 -13.77 50.27
N SER I 62 19.64 -14.13 51.52
CA SER I 62 18.59 -13.59 52.37
C SER I 62 19.18 -13.23 53.73
N LEU I 63 20.44 -13.55 53.95
CA LEU I 63 21.25 -13.01 55.03
C LEU I 63 22.33 -12.15 54.40
N ASN I 64 23.03 -11.37 55.20
CA ASN I 64 24.09 -10.55 54.64
C ASN I 64 25.41 -11.30 54.69
N SER I 65 26.51 -10.56 54.51
CA SER I 65 27.83 -11.16 54.43
C SER I 65 28.37 -11.58 55.79
N ARG I 66 27.57 -11.44 56.84
CA ARG I 66 27.98 -11.70 58.22
C ARG I 66 27.90 -13.17 58.60
N VAL I 67 27.91 -14.08 57.62
CA VAL I 67 27.87 -15.52 57.89
C VAL I 67 29.19 -16.11 57.41
N VAL I 68 29.80 -16.96 58.24
CA VAL I 68 31.03 -17.67 57.89
C VAL I 68 30.91 -19.11 58.40
N ILE I 69 31.25 -20.09 57.55
CA ILE I 69 31.39 -21.49 57.94
C ILE I 69 32.87 -21.83 57.90
N SER I 70 33.36 -22.53 58.93
CA SER I 70 34.65 -23.21 58.86
C SER I 70 34.40 -24.70 59.06
N ARG I 71 35.27 -25.53 58.50
CA ARG I 71 35.22 -26.97 58.71
C ARG I 71 36.60 -27.50 59.03
N ASP I 72 36.69 -28.29 60.09
CA ASP I 72 37.93 -28.96 60.44
C ASP I 72 37.83 -30.42 60.06
N THR I 73 38.90 -30.96 59.49
CA THR I 73 39.03 -32.38 59.17
C THR I 73 39.89 -33.11 60.19
N SER I 74 40.57 -32.38 61.07
CA SER I 74 41.47 -33.00 62.03
C SER I 74 40.73 -33.44 63.29
N LYS I 75 40.08 -32.49 63.96
CA LYS I 75 39.19 -32.80 65.07
C LYS I 75 37.81 -33.22 64.59
N ASN I 76 37.55 -33.11 63.28
CA ASN I 76 36.28 -33.43 62.63
C ASN I 76 35.15 -32.59 63.20
N GLN I 77 35.39 -31.29 63.32
CA GLN I 77 34.49 -30.37 63.99
C GLN I 77 34.08 -29.26 63.05
N LEU I 78 32.79 -29.19 62.74
CA LEU I 78 32.24 -28.11 61.93
C LEU I 78 31.96 -26.95 62.86
N SER I 79 31.96 -25.74 62.30
CA SER I 79 31.75 -24.53 63.08
C SER I 79 30.80 -23.61 62.31
N LEU I 80 29.89 -22.97 63.05
CA LEU I 80 28.99 -21.96 62.52
C LEU I 80 29.20 -20.68 63.31
N LYS I 81 29.43 -19.57 62.61
CA LYS I 81 29.76 -18.29 63.24
C LYS I 81 28.96 -17.18 62.60
N LEU I 82 27.87 -16.80 63.27
CA LEU I 82 27.04 -15.67 62.88
C LEU I 82 27.66 -14.45 63.50
N ASN I 83 28.19 -13.55 62.67
CA ASN I 83 28.86 -12.36 63.18
C ASN I 83 27.87 -11.22 63.32
N SER I 84 28.11 -10.36 64.31
CA SER I 84 27.27 -9.21 64.67
C SER I 84 25.82 -9.66 64.91
N VAL I 85 25.66 -10.48 65.96
CA VAL I 85 24.38 -11.13 66.19
C VAL I 85 23.39 -10.14 66.77
N THR I 86 22.12 -10.33 66.44
CA THR I 86 21.00 -9.53 66.89
C THR I 86 19.95 -10.45 67.49
N PRO I 87 18.88 -9.90 68.11
CA PRO I 87 17.74 -10.75 68.48
C PRO I 87 16.99 -11.37 67.31
N ALA I 88 17.26 -10.93 66.07
CA ALA I 88 16.72 -11.60 64.90
C ALA I 88 17.34 -12.97 64.68
N ASP I 89 18.45 -13.26 65.34
CA ASP I 89 19.14 -14.53 65.24
C ASP I 89 18.77 -15.47 66.37
N THR I 90 17.52 -15.43 66.80
CA THR I 90 17.01 -16.33 67.83
C THR I 90 16.35 -17.54 67.18
N ALA I 91 17.00 -18.69 67.26
CA ALA I 91 16.51 -19.84 66.51
C ALA I 91 17.09 -21.14 67.06
N VAL I 92 16.78 -22.22 66.37
CA VAL I 92 17.20 -23.58 66.74
C VAL I 92 18.07 -24.13 65.61
N TYR I 93 19.26 -24.61 65.94
CA TYR I 93 20.27 -24.88 64.93
C TYR I 93 20.48 -26.37 64.70
N TYR I 94 20.23 -26.81 63.47
CA TYR I 94 20.43 -28.18 63.04
C TYR I 94 21.64 -28.25 62.11
N CYS I 95 22.55 -29.17 62.44
CA CYS I 95 23.71 -29.49 61.61
C CYS I 95 23.31 -30.69 60.74
N ALA I 96 23.67 -30.63 59.45
CA ALA I 96 23.17 -31.63 58.50
C ALA I 96 24.19 -31.84 57.39
N THR I 97 24.14 -33.04 56.80
CA THR I 97 24.92 -33.38 55.62
C THR I 97 23.95 -33.60 54.46
N ALA I 98 24.48 -33.57 53.24
CA ALA I 98 23.67 -33.82 52.07
C ALA I 98 24.50 -34.44 50.96
N ARG I 99 23.88 -35.37 50.23
CA ARG I 99 24.45 -35.92 49.02
C ARG I 99 24.11 -35.04 47.82
N ARG I 100 24.62 -35.45 46.67
CA ARG I 100 24.40 -34.77 45.42
C ARG I 100 23.55 -35.68 44.54
N GLY I 101 22.73 -35.09 43.68
CA GLY I 101 22.11 -35.80 42.61
C GLY I 101 22.17 -34.95 41.35
N GLN I 102 21.83 -35.55 40.22
CA GLN I 102 21.64 -34.75 39.02
C GLN I 102 20.49 -35.30 38.19
N ARG I 103 19.55 -34.41 37.88
CA ARG I 103 18.39 -34.77 37.06
C ARG I 103 18.70 -34.38 35.62
N ILE I 104 19.10 -35.39 34.85
CA ILE I 104 19.40 -35.17 33.44
C ILE I 104 18.08 -35.10 32.69
N TYR I 105 17.94 -34.07 31.85
CA TYR I 105 16.72 -33.93 31.06
C TYR I 105 17.00 -33.89 29.58
N GLY I 106 18.24 -34.15 29.16
CA GLY I 106 18.62 -34.05 27.77
C GLY I 106 20.02 -34.57 27.51
N VAL I 107 20.75 -33.88 26.63
CA VAL I 107 22.06 -34.39 26.20
C VAL I 107 23.12 -33.99 27.22
N VAL I 108 23.80 -34.99 27.78
CA VAL I 108 24.94 -34.76 28.66
C VAL I 108 26.08 -34.39 27.74
N SER I 109 26.97 -33.50 28.21
CA SER I 109 28.06 -32.81 27.52
C SER I 109 27.54 -31.72 26.58
N PHE I 110 26.25 -31.44 26.66
CA PHE I 110 25.73 -30.13 26.27
C PHE I 110 25.31 -29.33 27.49
N GLY I 111 25.38 -29.92 28.67
CA GLY I 111 25.02 -29.23 29.89
C GLY I 111 23.55 -29.19 30.20
N GLU I 112 22.79 -30.19 29.75
CA GLU I 112 21.35 -30.21 29.95
C GLU I 112 21.01 -31.09 31.15
N PHE I 113 21.26 -30.54 32.34
CA PHE I 113 20.92 -31.14 33.62
C PHE I 113 21.02 -30.06 34.68
N PHE I 114 20.89 -30.48 35.92
CA PHE I 114 21.04 -29.64 37.11
C PHE I 114 21.20 -30.57 38.29
N TYR I 115 21.62 -30.01 39.41
CA TYR I 115 21.90 -30.77 40.62
C TYR I 115 20.78 -30.58 41.62
N TYR I 116 20.55 -31.58 42.46
CA TYR I 116 19.56 -31.56 43.51
C TYR I 116 20.14 -32.29 44.71
N TYR I 117 19.87 -31.77 45.90
CA TYR I 117 20.45 -32.30 47.13
C TYR I 117 19.34 -32.87 48.01
N SER I 118 19.72 -33.66 49.01
CA SER I 118 18.79 -34.15 50.01
C SER I 118 19.56 -34.51 51.27
N MET I 119 18.88 -34.44 52.42
CA MET I 119 19.55 -34.57 53.71
C MET I 119 19.28 -35.94 54.33
N ASP I 120 20.29 -36.50 54.97
CA ASP I 120 20.30 -37.91 55.33
C ASP I 120 20.55 -38.18 56.81
N VAL I 121 21.30 -37.32 57.49
CA VAL I 121 21.50 -37.44 58.93
C VAL I 121 20.85 -36.24 59.58
N TRP I 122 20.02 -36.48 60.59
CA TRP I 122 19.46 -35.39 61.37
C TRP I 122 20.09 -35.35 62.76
N GLY I 123 20.47 -34.16 63.17
CA GLY I 123 21.11 -33.95 64.45
C GLY I 123 20.13 -33.77 65.59
N LYS I 124 20.64 -33.19 66.67
CA LYS I 124 19.87 -33.13 67.91
C LYS I 124 19.42 -31.72 68.27
N GLY I 125 19.92 -30.70 67.58
CA GLY I 125 19.47 -29.35 67.79
C GLY I 125 20.09 -28.68 69.01
N THR I 126 20.47 -27.41 68.86
CA THR I 126 20.86 -26.58 69.99
C THR I 126 20.08 -25.27 69.95
N THR I 127 19.61 -24.85 71.11
CA THR I 127 18.79 -23.66 71.23
C THR I 127 19.65 -22.53 71.79
N VAL I 128 19.61 -21.38 71.14
CA VAL I 128 20.39 -20.20 71.51
C VAL I 128 19.47 -18.99 71.49
N THR I 129 19.51 -18.17 72.54
CA THR I 129 18.84 -16.89 72.52
C THR I 129 19.83 -15.75 72.73
N VAL I 130 19.35 -14.55 72.46
CA VAL I 130 20.14 -13.31 72.53
C VAL I 130 19.43 -12.34 73.46
N SER I 131 20.15 -11.87 74.46
CA SER I 131 19.66 -10.92 75.46
C SER I 131 20.85 -10.36 76.21
N SER I 132 20.64 -9.20 76.85
CA SER I 132 21.66 -8.61 77.70
C SER I 132 21.65 -9.17 79.12
N ALA I 133 20.79 -10.14 79.40
CA ALA I 133 20.71 -10.74 80.73
C ALA I 133 21.91 -11.63 80.99
N SER I 134 22.03 -12.10 82.23
CA SER I 134 23.12 -12.98 82.61
C SER I 134 22.58 -14.33 83.08
N THR I 135 23.47 -15.31 83.11
CA THR I 135 23.07 -16.67 83.45
C THR I 135 22.92 -16.81 84.96
N LYS I 136 21.82 -17.45 85.37
CA LYS I 136 21.47 -17.56 86.78
C LYS I 136 21.53 -19.02 87.20
N GLY I 137 22.33 -19.31 88.20
CA GLY I 137 22.37 -20.63 88.79
C GLY I 137 21.02 -21.01 89.38
N PRO I 138 20.67 -22.29 89.32
CA PRO I 138 19.34 -22.72 89.77
C PRO I 138 19.26 -22.79 91.29
N SER I 139 18.07 -23.14 91.75
CA SER I 139 17.82 -23.48 93.15
C SER I 139 17.02 -24.78 93.13
N VAL I 140 17.72 -25.89 93.29
CA VAL I 140 17.19 -27.22 93.03
C VAL I 140 16.78 -27.84 94.34
N PHE I 141 15.54 -28.34 94.41
CA PHE I 141 15.03 -29.00 95.59
C PHE I 141 14.33 -30.28 95.19
N PRO I 142 14.86 -31.45 95.56
CA PRO I 142 14.16 -32.70 95.21
C PRO I 142 12.85 -32.85 95.97
N LEU I 143 11.85 -33.39 95.27
CA LEU I 143 10.50 -33.58 95.80
C LEU I 143 10.36 -35.02 96.31
N ALA I 144 9.76 -35.19 97.48
CA ALA I 144 9.73 -36.48 98.14
C ALA I 144 8.63 -37.38 97.56
N PRO I 145 8.72 -38.69 97.75
CA PRO I 145 7.64 -39.58 97.26
C PRO I 145 6.35 -39.46 98.06
N SER I 146 5.25 -39.89 97.42
CA SER I 146 3.98 -40.11 98.10
C SER I 146 3.70 -41.61 98.19
N SER I 147 2.69 -41.96 98.98
CA SER I 147 2.38 -43.37 99.26
C SER I 147 1.39 -43.89 98.21
N LYS I 148 1.87 -43.97 96.97
CA LYS I 148 1.10 -44.35 95.78
C LYS I 148 -0.19 -43.55 95.61
N THR I 154 3.17 -45.73 89.64
CA THR I 154 2.81 -46.14 90.99
C THR I 154 3.01 -44.96 91.94
N ALA I 155 4.25 -44.79 92.39
CA ALA I 155 4.62 -43.72 93.30
C ALA I 155 5.13 -42.53 92.50
N ALA I 156 5.13 -41.38 93.16
CA ALA I 156 5.31 -40.08 92.48
C ALA I 156 6.65 -39.45 92.86
N LEU I 157 7.69 -39.83 92.14
CA LEU I 157 8.99 -39.21 92.35
C LEU I 157 9.07 -37.93 91.55
N GLY I 158 9.64 -36.89 92.15
CA GLY I 158 9.65 -35.61 91.49
C GLY I 158 10.85 -34.77 91.87
N CYS I 159 10.99 -33.65 91.16
CA CYS I 159 12.09 -32.72 91.39
C CYS I 159 11.68 -31.34 90.93
N LEU I 160 12.23 -30.33 91.58
CA LEU I 160 11.97 -28.93 91.25
C LEU I 160 13.28 -28.20 90.96
N VAL I 161 13.35 -27.55 89.82
CA VAL I 161 14.44 -26.65 89.50
C VAL I 161 13.81 -25.27 89.43
N LYS I 162 13.88 -24.54 90.53
CA LYS I 162 13.39 -23.17 90.58
C LYS I 162 14.50 -22.25 90.15
N ASP I 163 14.10 -21.10 89.60
CA ASP I 163 14.98 -19.96 89.35
C ASP I 163 16.07 -20.29 88.34
N TYR I 164 15.65 -20.67 87.13
CA TYR I 164 16.61 -20.97 86.08
C TYR I 164 16.31 -20.21 84.78
N PHE I 165 17.36 -19.66 84.18
CA PHE I 165 17.41 -18.97 82.89
C PHE I 165 18.89 -18.81 82.58
N PRO I 166 19.35 -19.10 81.35
CA PRO I 166 18.63 -19.49 80.13
C PRO I 166 18.19 -20.95 80.03
N GLU I 167 16.91 -21.11 79.69
CA GLU I 167 16.16 -22.35 79.54
C GLU I 167 16.63 -23.10 78.28
N PRO I 168 16.33 -24.41 78.11
CA PRO I 168 15.63 -25.45 78.89
C PRO I 168 16.46 -26.05 80.01
N VAL I 169 15.88 -27.04 80.70
CA VAL I 169 16.52 -27.74 81.81
C VAL I 169 16.54 -29.23 81.50
N THR I 170 17.67 -29.88 81.78
CA THR I 170 17.79 -31.34 81.72
C THR I 170 17.73 -31.91 83.13
N VAL I 171 16.80 -32.83 83.38
CA VAL I 171 16.71 -33.51 84.67
C VAL I 171 16.64 -35.02 84.44
N SER I 172 17.61 -35.75 85.01
CA SER I 172 17.67 -37.21 84.94
C SER I 172 17.70 -37.80 86.36
N TRP I 173 17.94 -39.11 86.50
CA TRP I 173 17.81 -39.75 87.79
C TRP I 173 18.78 -40.92 87.96
N ASN I 174 19.09 -41.21 89.24
CA ASN I 174 20.13 -42.16 89.65
C ASN I 174 21.43 -41.96 88.89
N SER I 175 21.94 -40.72 88.94
CA SER I 175 23.16 -40.27 88.22
C SER I 175 23.08 -40.60 86.73
N GLY I 176 21.88 -40.51 86.16
CA GLY I 176 21.64 -40.81 84.75
C GLY I 176 21.23 -42.24 84.47
N ALA I 177 21.38 -43.15 85.44
CA ALA I 177 21.18 -44.56 85.17
C ALA I 177 19.71 -44.96 85.14
N LEU I 178 18.83 -44.11 85.64
CA LEU I 178 17.39 -44.40 85.66
C LEU I 178 16.73 -43.72 84.46
N THR I 179 16.31 -44.54 83.49
CA THR I 179 15.60 -44.06 82.31
C THR I 179 14.17 -44.60 82.19
N SER I 180 13.81 -45.63 82.95
CA SER I 180 12.45 -46.12 82.95
C SER I 180 11.55 -45.19 83.75
N GLY I 181 10.43 -44.80 83.16
CA GLY I 181 9.46 -43.95 83.83
C GLY I 181 9.91 -42.52 84.08
N VAL I 182 10.81 -42.00 83.26
CA VAL I 182 11.36 -40.66 83.45
C VAL I 182 10.79 -39.75 82.37
N HIS I 183 10.13 -38.68 82.79
CA HIS I 183 9.50 -37.75 81.86
C HIS I 183 9.47 -36.36 82.47
N THR I 184 9.76 -35.35 81.66
CA THR I 184 9.48 -33.96 81.99
C THR I 184 8.63 -33.35 80.88
N PHE I 185 7.83 -32.37 81.26
CA PHE I 185 6.86 -31.36 80.90
C PHE I 185 7.55 -30.00 80.72
N PRO I 186 6.92 -29.02 80.05
CA PRO I 186 7.54 -27.69 79.93
C PRO I 186 7.73 -26.98 81.26
N ALA I 187 8.94 -26.43 81.44
CA ALA I 187 9.26 -25.59 82.59
C ALA I 187 8.44 -24.31 82.55
N VAL I 188 7.65 -24.10 83.60
CA VAL I 188 6.59 -23.10 83.55
C VAL I 188 7.18 -21.70 83.72
N LEU I 189 6.78 -20.82 82.80
CA LEU I 189 7.30 -19.46 82.70
C LEU I 189 6.95 -18.63 83.91
N GLN I 190 7.97 -18.17 84.64
CA GLN I 190 7.72 -17.26 85.74
C GLN I 190 7.50 -15.85 85.22
N SER I 191 6.82 -15.03 86.03
CA SER I 191 6.63 -13.63 85.72
C SER I 191 7.91 -12.82 85.89
N SER I 192 8.89 -13.36 86.62
CA SER I 192 10.17 -12.69 86.84
C SER I 192 11.16 -12.91 85.69
N GLY I 193 10.71 -13.47 84.57
CA GLY I 193 11.58 -13.78 83.47
C GLY I 193 12.29 -15.11 83.61
N LEU I 194 12.01 -15.86 84.67
CA LEU I 194 12.64 -17.15 84.95
C LEU I 194 11.71 -18.30 84.63
N TYR I 195 12.14 -19.51 84.97
CA TYR I 195 11.44 -20.74 84.63
C TYR I 195 11.58 -21.75 85.76
N SER I 196 10.54 -22.55 85.98
CA SER I 196 10.54 -23.56 87.05
C SER I 196 10.17 -24.92 86.48
N LEU I 197 11.17 -25.78 86.28
CA LEU I 197 10.90 -27.14 85.84
C LEU I 197 10.35 -27.92 87.01
N SER I 198 9.38 -28.79 86.71
CA SER I 198 8.87 -29.77 87.64
C SER I 198 8.95 -31.13 86.96
N SER I 199 9.51 -32.11 87.65
CA SER I 199 9.75 -33.43 87.08
C SER I 199 8.69 -34.39 87.57
N VAL I 200 8.50 -35.48 86.83
CA VAL I 200 7.64 -36.59 87.24
C VAL I 200 8.27 -37.91 86.76
N VAL I 201 8.46 -38.84 87.69
CA VAL I 201 9.07 -40.14 87.43
C VAL I 201 8.26 -41.21 88.14
N THR I 202 7.83 -42.24 87.40
CA THR I 202 7.09 -43.37 87.99
C THR I 202 8.08 -44.48 88.37
N VAL I 203 8.11 -44.78 89.67
CA VAL I 203 8.89 -45.85 90.29
C VAL I 203 7.92 -46.60 91.19
N PRO I 204 7.99 -47.93 91.30
CA PRO I 204 7.20 -48.62 92.34
C PRO I 204 7.61 -48.24 93.75
N SER I 205 6.61 -48.20 94.64
CA SER I 205 6.85 -47.78 96.02
C SER I 205 7.64 -48.82 96.81
N SER I 206 7.55 -50.09 96.41
CA SER I 206 8.36 -51.13 97.05
C SER I 206 9.84 -50.97 96.73
N SER I 207 10.18 -50.24 95.67
CA SER I 207 11.53 -49.89 95.30
C SER I 207 11.89 -48.43 95.60
N LEU I 208 10.89 -47.52 95.63
CA LEU I 208 11.22 -46.10 95.71
C LEU I 208 11.76 -45.73 97.09
N GLY I 209 11.39 -46.47 98.12
CA GLY I 209 11.97 -46.27 99.43
C GLY I 209 13.22 -47.07 99.68
N THR I 210 13.88 -47.59 98.64
CA THR I 210 15.04 -48.44 98.79
C THR I 210 16.30 -47.87 98.18
N GLN I 211 16.28 -47.49 96.90
CA GLN I 211 17.50 -47.09 96.22
C GLN I 211 17.77 -45.59 96.39
N THR I 212 18.89 -45.14 95.83
CA THR I 212 19.45 -43.82 96.13
C THR I 212 19.02 -42.79 95.08
N TYR I 213 17.75 -42.39 95.17
CA TYR I 213 17.15 -41.51 94.17
C TYR I 213 17.67 -40.09 94.39
N ILE I 214 18.65 -39.73 93.58
CA ILE I 214 19.17 -38.38 93.51
C ILE I 214 18.56 -37.71 92.28
N CYS I 215 18.05 -36.50 92.46
CA CYS I 215 17.70 -35.67 91.30
C CYS I 215 18.99 -35.24 90.61
N ASN I 216 19.24 -35.78 89.43
CA ASN I 216 20.40 -35.40 88.64
C ASN I 216 19.97 -34.33 87.64
N VAL I 217 20.66 -33.19 87.66
CA VAL I 217 20.43 -32.12 86.70
C VAL I 217 21.76 -31.82 86.02
N ASN I 218 21.69 -31.34 84.77
CA ASN I 218 22.83 -30.73 84.07
C ASN I 218 22.47 -29.30 83.69
N HIS I 219 23.45 -28.39 83.76
CA HIS I 219 23.31 -26.98 83.30
C HIS I 219 24.62 -26.47 82.71
N LYS I 220 24.72 -26.54 81.38
CA LYS I 220 25.86 -25.95 80.68
C LYS I 220 25.89 -24.41 80.68
N PRO I 221 24.79 -23.67 80.40
CA PRO I 221 24.94 -22.21 80.30
C PRO I 221 25.32 -21.50 81.59
N SER I 222 24.90 -22.00 82.76
CA SER I 222 25.33 -21.40 84.01
C SER I 222 26.60 -22.06 84.57
N ASN I 223 27.07 -23.14 83.93
CA ASN I 223 28.21 -23.95 84.37
C ASN I 223 28.02 -24.50 85.80
N THR I 224 27.03 -25.37 85.98
CA THR I 224 26.78 -26.01 87.27
C THR I 224 26.28 -27.44 87.07
N LYS I 225 26.76 -28.37 87.91
CA LYS I 225 26.19 -29.71 87.99
C LYS I 225 25.62 -29.89 89.40
N VAL I 226 24.51 -30.61 89.52
CA VAL I 226 23.73 -30.71 90.75
C VAL I 226 23.45 -32.19 91.02
N ASP I 227 23.59 -32.61 92.28
CA ASP I 227 23.14 -33.93 92.75
C ASP I 227 22.63 -33.82 94.19
N LYS I 228 21.30 -33.79 94.37
CA LYS I 228 20.68 -33.66 95.68
C LYS I 228 19.73 -34.82 95.94
N ARG I 229 19.76 -35.35 97.16
CA ARG I 229 19.05 -36.58 97.50
C ARG I 229 17.58 -36.30 97.84
N VAL I 230 16.68 -37.14 97.30
CA VAL I 230 15.25 -37.07 97.57
C VAL I 230 15.02 -37.62 98.96
N GLU I 231 14.23 -36.92 99.76
CA GLU I 231 14.03 -37.50 101.08
C GLU I 231 12.61 -38.05 101.22
N PRO I 232 12.44 -39.15 101.95
CA PRO I 232 11.09 -39.70 102.15
C PRO I 232 10.25 -38.84 103.08
N LYS I 233 8.93 -38.91 102.87
CA LYS I 233 7.94 -38.09 103.55
C LYS I 233 6.63 -38.89 103.65
N SER I 234 5.75 -38.49 104.57
CA SER I 234 4.56 -39.28 104.88
C SER I 234 3.31 -38.80 104.16
N CYS I 235 3.41 -38.36 102.91
CA CYS I 235 2.21 -38.07 102.11
C CYS I 235 1.37 -39.34 101.90
N VAL J 1 1.82 -23.97 59.53
CA VAL J 1 1.63 -22.87 58.60
C VAL J 1 0.28 -22.98 57.89
N ARG J 2 0.04 -24.13 57.26
CA ARG J 2 -1.20 -24.41 56.62
C ARG J 2 -1.76 -25.63 57.34
N PRO J 3 -3.03 -25.61 57.71
CA PRO J 3 -3.63 -26.82 58.28
C PRO J 3 -3.97 -27.82 57.19
N LEU J 4 -4.29 -29.02 57.64
CA LEU J 4 -4.92 -30.03 56.82
C LEU J 4 -5.58 -30.97 57.81
N SER J 5 -6.63 -31.68 57.38
CA SER J 5 -7.39 -32.49 58.30
C SER J 5 -8.08 -33.63 57.58
N VAL J 6 -7.76 -34.86 57.98
CA VAL J 6 -8.47 -36.04 57.53
C VAL J 6 -8.81 -36.88 58.75
N ALA J 7 -9.63 -37.91 58.55
CA ALA J 7 -9.90 -38.86 59.61
C ALA J 7 -8.76 -39.86 59.73
N LEU J 8 -8.72 -40.55 60.86
CA LEU J 8 -7.69 -41.56 61.09
C LEU J 8 -7.95 -42.76 60.18
N GLY J 9 -7.02 -43.00 59.27
CA GLY J 9 -7.18 -44.01 58.25
C GLY J 9 -7.49 -43.49 56.87
N GLU J 10 -7.95 -42.25 56.77
CA GLU J 10 -8.36 -41.69 55.48
C GLU J 10 -7.14 -41.23 54.70
N THR J 11 -7.19 -41.43 53.39
CA THR J 11 -6.07 -41.13 52.52
C THR J 11 -5.87 -39.63 52.39
N ALA J 12 -4.74 -39.16 52.91
CA ALA J 12 -4.34 -37.77 52.80
C ALA J 12 -3.69 -37.53 51.44
N ARG J 13 -3.92 -36.34 50.90
CA ARG J 13 -3.39 -35.92 49.60
C ARG J 13 -2.83 -34.52 49.80
N ILE J 14 -1.53 -34.36 49.58
CA ILE J 14 -0.86 -33.06 49.76
C ILE J 14 -0.30 -32.63 48.41
N SER J 15 -0.97 -31.67 47.78
CA SER J 15 -0.35 -31.00 46.64
C SER J 15 0.69 -30.03 47.17
N CYS J 16 1.70 -29.75 46.35
CA CYS J 16 2.81 -28.91 46.82
C CYS J 16 2.41 -27.45 46.88
N GLY J 17 2.04 -26.87 45.74
CA GLY J 17 1.88 -25.44 45.66
C GLY J 17 3.04 -24.73 45.00
N ARG J 18 3.95 -25.47 44.38
CA ARG J 18 5.05 -24.92 43.60
C ARG J 18 4.71 -25.22 42.15
N GLN J 19 4.39 -24.19 41.38
CA GLN J 19 4.07 -24.34 39.96
C GLN J 19 5.40 -24.66 39.27
N ALA J 20 5.69 -25.95 39.18
CA ALA J 20 6.97 -26.40 38.67
C ALA J 20 7.05 -26.23 37.16
N LEU J 21 8.23 -25.85 36.70
CA LEU J 21 8.52 -25.66 35.29
C LEU J 21 9.62 -26.59 34.86
N GLY J 22 9.46 -27.16 33.67
CA GLY J 22 10.49 -28.03 33.13
C GLY J 22 10.53 -29.35 33.86
N SER J 23 11.75 -29.78 34.17
CA SER J 23 12.00 -31.04 34.84
C SER J 23 12.25 -30.76 36.31
N ARG J 24 11.83 -31.68 37.17
CA ARG J 24 11.76 -31.41 38.59
C ARG J 24 12.36 -32.55 39.38
N ALA J 25 12.57 -32.34 40.68
CA ALA J 25 13.03 -33.36 41.60
C ALA J 25 12.51 -33.02 43.00
N VAL J 26 11.35 -33.55 43.36
CA VAL J 26 10.63 -33.13 44.55
C VAL J 26 11.08 -33.97 45.73
N GLN J 27 11.05 -33.37 46.92
CA GLN J 27 11.38 -34.03 48.17
C GLN J 27 10.36 -33.61 49.21
N TRP J 28 9.95 -34.56 50.05
CA TRP J 28 8.92 -34.35 51.06
C TRP J 28 9.50 -34.73 52.41
N TYR J 29 9.22 -33.95 53.44
CA TYR J 29 9.76 -34.27 54.76
C TYR J 29 8.65 -34.56 55.75
N GLN J 30 9.01 -35.23 56.84
CA GLN J 30 8.18 -35.32 58.03
C GLN J 30 8.85 -34.53 59.14
N HIS J 31 8.28 -33.38 59.46
CA HIS J 31 8.76 -32.57 60.57
C HIS J 31 7.76 -32.70 61.72
N ARG J 32 8.08 -33.62 62.62
CA ARG J 32 7.22 -34.00 63.73
C ARG J 32 7.59 -33.17 64.94
N PRO J 33 6.69 -32.33 65.46
CA PRO J 33 7.06 -31.32 66.45
C PRO J 33 7.56 -31.92 67.76
N GLY J 34 8.72 -31.46 68.20
CA GLY J 34 9.47 -32.09 69.26
C GLY J 34 10.71 -32.79 68.78
N GLN J 35 10.83 -33.02 67.48
CA GLN J 35 11.96 -33.68 66.84
C GLN J 35 12.37 -32.90 65.58
N ALA J 36 13.37 -33.45 64.86
CA ALA J 36 13.99 -32.91 63.65
C ALA J 36 13.29 -33.44 62.40
N PRO J 37 13.42 -32.76 61.25
CA PRO J 37 12.78 -33.24 60.02
C PRO J 37 13.29 -34.61 59.57
N ILE J 38 12.50 -35.31 58.77
CA ILE J 38 12.81 -36.65 58.29
C ILE J 38 12.59 -36.71 56.79
N LEU J 39 13.62 -37.07 56.03
CA LEU J 39 13.50 -37.16 54.58
C LEU J 39 12.61 -38.33 54.18
N LEU J 40 11.36 -38.05 53.78
CA LEU J 40 10.46 -39.11 53.40
C LEU J 40 10.70 -39.62 51.98
N ILE J 41 10.49 -38.75 50.99
CA ILE J 41 10.58 -39.11 49.59
C ILE J 41 11.84 -38.45 49.06
N TYR J 42 12.64 -39.21 48.34
CA TYR J 42 13.88 -38.75 47.76
C TYR J 42 13.85 -39.00 46.26
N ASN J 43 14.10 -37.94 45.50
CA ASN J 43 14.20 -37.99 44.03
C ASN J 43 12.92 -38.54 43.40
N ASN J 44 11.78 -38.03 43.90
CA ASN J 44 10.39 -38.30 43.53
C ASN J 44 9.88 -39.66 43.99
N GLN J 45 10.76 -40.60 44.35
CA GLN J 45 10.29 -41.98 44.44
C GLN J 45 10.99 -42.85 45.47
N ASP J 46 12.14 -42.42 45.98
CA ASP J 46 12.87 -43.29 46.87
C ASP J 46 12.44 -43.08 48.32
N ARG J 47 12.09 -44.19 48.97
CA ARG J 47 11.77 -44.23 50.38
C ARG J 47 12.94 -44.92 51.07
N PRO J 48 13.83 -44.18 51.74
CA PRO J 48 14.98 -44.81 52.39
C PRO J 48 14.59 -45.66 53.60
N SER J 49 15.60 -46.28 54.20
CA SER J 49 15.39 -47.09 55.39
C SER J 49 15.04 -46.21 56.57
N GLY J 50 14.15 -46.71 57.42
CA GLY J 50 13.62 -45.93 58.52
C GLY J 50 12.33 -45.21 58.20
N ILE J 51 11.91 -45.23 56.95
CA ILE J 51 10.65 -44.61 56.53
C ILE J 51 9.65 -45.74 56.29
N PRO J 52 8.46 -45.71 56.89
CA PRO J 52 7.50 -46.78 56.66
C PRO J 52 6.93 -46.74 55.26
N GLU J 53 6.45 -47.91 54.81
CA GLU J 53 5.96 -48.09 53.44
C GLU J 53 4.58 -47.51 53.20
N ARG J 54 3.97 -46.88 54.20
CA ARG J 54 2.67 -46.25 54.02
C ARG J 54 2.79 -44.89 53.34
N PHE J 55 4.00 -44.46 53.03
CA PHE J 55 4.26 -43.17 52.41
C PHE J 55 4.82 -43.43 51.02
N SER J 56 4.29 -42.75 50.01
CA SER J 56 4.81 -42.91 48.66
C SER J 56 4.53 -41.66 47.84
N GLY J 57 5.56 -41.22 47.13
CA GLY J 57 5.45 -40.16 46.14
C GLY J 57 4.86 -40.66 44.85
N THR J 58 5.24 -40.02 43.75
CA THR J 58 4.66 -40.30 42.44
C THR J 58 5.73 -40.69 41.42
N PRO J 59 6.04 -41.98 41.32
CA PRO J 59 7.07 -42.42 40.35
C PRO J 59 6.60 -42.49 38.91
N ASP J 60 5.29 -42.61 38.65
CA ASP J 60 4.79 -42.95 37.33
C ASP J 60 4.34 -41.75 36.50
N ILE J 61 4.63 -40.53 36.95
CA ILE J 61 4.14 -39.36 36.24
C ILE J 61 5.07 -39.01 35.09
N ASN J 62 4.45 -38.71 33.94
CA ASN J 62 5.04 -38.18 32.72
C ASN J 62 5.40 -36.70 32.94
N PHE J 63 5.33 -35.88 31.89
CA PHE J 63 5.72 -34.48 32.05
C PHE J 63 4.77 -33.67 32.92
N GLY J 64 3.49 -33.58 32.52
CA GLY J 64 2.70 -32.46 32.99
C GLY J 64 1.63 -32.73 34.03
N THR J 65 1.81 -33.64 34.97
CA THR J 65 0.82 -33.89 36.03
C THR J 65 1.40 -33.48 37.38
N ARG J 66 0.57 -32.84 38.20
CA ARG J 66 1.00 -32.23 39.46
C ARG J 66 1.42 -33.28 40.48
N ALA J 67 2.59 -33.07 41.09
CA ALA J 67 3.07 -33.98 42.12
C ALA J 67 2.30 -33.76 43.41
N THR J 68 1.85 -34.87 44.00
CA THR J 68 1.07 -34.86 45.21
C THR J 68 1.50 -36.04 46.07
N LEU J 69 1.58 -35.83 47.38
CA LEU J 69 1.96 -36.87 48.32
C LEU J 69 0.74 -37.70 48.71
N THR J 70 0.89 -39.02 48.75
CA THR J 70 -0.20 -39.92 49.07
C THR J 70 0.17 -40.73 50.32
N ILE J 71 -0.41 -40.36 51.46
CA ILE J 71 -0.32 -41.17 52.67
C ILE J 71 -1.50 -42.13 52.62
N SER J 72 -1.23 -43.43 52.76
CA SER J 72 -2.32 -44.38 52.64
C SER J 72 -3.19 -44.44 53.88
N GLY J 73 -2.62 -44.77 55.04
CA GLY J 73 -3.39 -44.87 56.25
C GLY J 73 -2.64 -44.24 57.41
N VAL J 74 -3.30 -43.36 58.15
CA VAL J 74 -2.61 -42.54 59.12
C VAL J 74 -2.70 -43.18 60.50
N GLU J 75 -1.56 -43.28 61.17
CA GLU J 75 -1.43 -43.68 62.56
C GLU J 75 -1.43 -42.43 63.43
N ALA J 76 -1.68 -42.61 64.73
CA ALA J 76 -1.80 -41.48 65.67
C ALA J 76 -0.56 -40.59 65.67
N GLY J 77 0.63 -41.17 65.52
CA GLY J 77 1.86 -40.40 65.57
C GLY J 77 2.24 -39.69 64.30
N ASP J 78 1.31 -39.48 63.38
CA ASP J 78 1.64 -38.94 62.08
C ASP J 78 1.23 -37.48 61.91
N GLU J 79 0.86 -36.79 62.99
CA GLU J 79 0.57 -35.36 62.91
C GLU J 79 1.91 -34.62 62.90
N ALA J 80 2.15 -33.91 61.79
CA ALA J 80 3.42 -33.28 61.52
C ALA J 80 3.26 -32.30 60.38
N ASP J 81 4.33 -31.58 60.06
CA ASP J 81 4.28 -30.64 58.95
C ASP J 81 5.04 -31.20 57.75
N TYR J 82 4.47 -31.04 56.57
CA TYR J 82 4.85 -31.83 55.42
C TYR J 82 5.33 -30.92 54.30
N TYR J 83 6.61 -30.59 54.34
CA TYR J 83 7.12 -29.55 53.46
C TYR J 83 7.36 -30.17 52.09
N CYS J 84 7.01 -29.43 51.06
CA CYS J 84 7.27 -29.83 49.68
C CYS J 84 8.45 -29.04 49.17
N HIS J 85 9.53 -29.75 48.88
CA HIS J 85 10.77 -29.12 48.47
C HIS J 85 11.02 -29.44 47.00
N MET J 86 10.94 -28.42 46.15
CA MET J 86 10.70 -28.61 44.73
C MET J 86 11.70 -27.83 43.92
N TRP J 87 12.60 -28.51 43.21
CA TRP J 87 13.57 -27.80 42.38
C TRP J 87 13.19 -27.94 40.91
N ASP J 88 13.62 -26.98 40.10
CA ASP J 88 13.16 -26.88 38.73
C ASP J 88 14.33 -26.62 37.78
N SER J 89 14.01 -26.50 36.50
CA SER J 89 15.03 -26.21 35.50
C SER J 89 14.94 -24.78 35.00
N ARG J 90 13.74 -24.22 35.00
CA ARG J 90 13.56 -22.83 34.64
C ARG J 90 13.63 -21.88 35.83
N SER J 91 14.31 -22.26 36.90
CA SER J 91 14.53 -21.39 38.04
C SER J 91 15.99 -21.48 38.47
N GLY J 92 16.35 -20.64 39.40
CA GLY J 92 17.69 -20.62 39.95
C GLY J 92 17.88 -21.71 40.99
N PHE J 93 18.97 -21.58 41.72
CA PHE J 93 19.26 -22.54 42.78
C PHE J 93 18.31 -22.30 43.93
N SER J 94 17.55 -23.33 44.30
CA SER J 94 16.32 -23.16 45.05
C SER J 94 16.55 -23.31 46.55
N TRP J 95 16.31 -22.22 47.29
CA TRP J 95 16.55 -22.15 48.73
C TRP J 95 15.31 -21.77 49.54
N SER J 96 14.12 -21.93 48.98
CA SER J 96 12.87 -21.59 49.65
C SER J 96 12.04 -22.87 49.78
N PHE J 97 11.58 -23.17 51.00
CA PHE J 97 10.90 -24.44 51.23
C PHE J 97 9.44 -24.38 50.75
N GLY J 98 8.66 -23.47 51.30
CA GLY J 98 7.30 -23.29 50.81
C GLY J 98 6.17 -23.88 51.65
N GLY J 99 6.13 -23.61 52.96
CA GLY J 99 4.95 -23.93 53.73
C GLY J 99 5.18 -24.43 55.14
N ALA J 100 4.50 -25.51 55.56
CA ALA J 100 3.52 -26.23 54.73
C ALA J 100 2.30 -26.79 55.46
N THR J 101 1.64 -27.72 54.77
CA THR J 101 0.43 -28.37 55.25
C THR J 101 0.67 -29.24 56.47
N ARG J 102 -0.23 -29.11 57.45
CA ARG J 102 -0.19 -29.88 58.68
C ARG J 102 -1.32 -30.88 58.71
N LEU J 103 -1.01 -32.15 58.51
CA LEU J 103 -2.01 -33.19 58.59
C LEU J 103 -2.43 -33.38 60.04
N THR J 104 -3.51 -32.72 60.44
CA THR J 104 -4.08 -32.85 61.78
C THR J 104 -5.23 -33.85 61.69
N VAL J 105 -5.06 -35.01 62.32
CA VAL J 105 -6.04 -36.08 62.14
C VAL J 105 -7.19 -35.93 63.13
N LEU J 106 -8.36 -36.41 62.72
CA LEU J 106 -9.57 -36.38 63.52
C LEU J 106 -9.97 -37.80 63.87
N GLY J 107 -10.83 -37.94 64.87
CA GLY J 107 -11.23 -39.25 65.33
C GLY J 107 -10.22 -39.92 66.24
N GLN J 108 -9.55 -39.15 67.08
CA GLN J 108 -8.53 -39.69 67.97
C GLN J 108 -9.06 -39.76 69.40
N PRO J 109 -8.93 -40.90 70.09
CA PRO J 109 -9.34 -41.00 71.49
C PRO J 109 -8.18 -40.70 72.44
N LYS J 110 -8.45 -40.56 73.76
CA LYS J 110 -9.70 -40.24 74.50
C LYS J 110 -9.24 -39.58 75.81
N ALA J 111 -9.95 -38.57 76.30
CA ALA J 111 -9.52 -37.88 77.52
C ALA J 111 -9.79 -38.72 78.77
N ALA J 112 -8.71 -39.21 79.39
CA ALA J 112 -8.77 -40.02 80.60
C ALA J 112 -7.78 -39.50 81.64
N PRO J 113 -8.18 -38.57 82.50
CA PRO J 113 -7.21 -37.77 83.26
C PRO J 113 -6.63 -38.51 84.46
N SER J 114 -5.59 -37.88 85.02
CA SER J 114 -5.02 -38.23 86.31
C SER J 114 -4.27 -37.01 86.83
N VAL J 115 -4.13 -36.93 88.16
CA VAL J 115 -3.29 -35.93 88.79
C VAL J 115 -2.22 -36.65 89.62
N THR J 116 -0.97 -36.22 89.44
CA THR J 116 0.15 -36.67 90.25
C THR J 116 0.40 -35.61 91.33
N LEU J 117 0.58 -36.06 92.58
CA LEU J 117 0.58 -35.16 93.74
C LEU J 117 1.96 -34.99 94.37
N PHE J 118 2.29 -33.75 94.79
CA PHE J 118 3.67 -33.53 95.19
C PHE J 118 3.76 -32.66 96.45
N PRO J 119 4.74 -32.91 97.32
CA PRO J 119 4.60 -32.49 98.71
C PRO J 119 5.01 -31.04 98.89
N PRO J 120 4.73 -30.47 100.03
CA PRO J 120 5.56 -29.38 100.56
C PRO J 120 6.92 -29.94 100.99
N SER J 121 7.95 -29.68 100.18
CA SER J 121 9.26 -30.28 100.43
C SER J 121 9.95 -29.56 101.58
N SER J 122 10.25 -30.34 102.63
CA SER J 122 10.73 -29.80 103.89
C SER J 122 12.14 -29.21 103.81
N GLU J 123 12.84 -29.35 102.68
CA GLU J 123 14.14 -28.72 102.54
C GLU J 123 14.03 -27.22 102.27
N GLU J 124 12.92 -26.78 101.66
CA GLU J 124 12.74 -25.34 101.43
C GLU J 124 11.49 -24.75 102.08
N LEU J 125 10.81 -25.48 102.97
CA LEU J 125 9.83 -24.82 103.82
C LEU J 125 10.52 -23.91 104.82
N GLN J 126 11.78 -24.22 105.14
CA GLN J 126 12.61 -23.34 105.95
C GLN J 126 13.05 -22.10 105.19
N ALA J 127 13.00 -22.15 103.85
CA ALA J 127 13.29 -20.99 103.01
C ALA J 127 12.02 -20.28 102.56
N ASN J 128 10.88 -20.61 103.18
CA ASN J 128 9.62 -19.87 103.06
C ASN J 128 9.05 -19.95 101.64
N LYS J 129 8.97 -21.17 101.09
CA LYS J 129 8.32 -21.46 99.82
C LYS J 129 7.58 -22.79 99.92
N ALA J 130 6.62 -23.03 99.01
CA ALA J 130 5.87 -24.29 99.00
C ALA J 130 5.97 -25.00 97.67
N THR J 131 6.23 -26.30 97.72
CA THR J 131 6.37 -27.10 96.50
C THR J 131 5.09 -27.90 96.22
N LEU J 132 3.95 -27.21 96.31
CA LEU J 132 2.67 -27.80 95.93
C LEU J 132 2.59 -27.75 94.41
N VAL J 133 2.69 -28.93 93.80
CA VAL J 133 2.81 -29.09 92.35
C VAL J 133 1.84 -30.18 91.91
N CYS J 134 1.03 -29.85 90.91
CA CYS J 134 0.24 -30.89 90.21
C CYS J 134 0.94 -31.06 88.85
N LEU J 135 0.97 -32.28 88.33
CA LEU J 135 1.48 -32.60 87.01
C LEU J 135 0.44 -33.47 86.30
N ILE J 136 -0.14 -32.93 85.22
CA ILE J 136 -1.40 -33.41 84.63
C ILE J 136 -1.12 -33.91 83.22
N SER J 137 -1.77 -35.01 82.81
CA SER J 137 -1.64 -35.48 81.42
C SER J 137 -2.79 -36.38 81.02
N ASP J 138 -2.55 -37.09 79.89
CA ASP J 138 -3.39 -38.17 79.35
C ASP J 138 -4.73 -37.69 78.81
N PHE J 139 -4.67 -36.84 77.77
CA PHE J 139 -5.83 -36.21 77.16
C PHE J 139 -5.99 -36.56 75.69
N TYR J 140 -7.23 -36.43 75.22
CA TYR J 140 -7.53 -35.99 73.86
C TYR J 140 -8.97 -35.48 73.88
N PRO J 141 -9.23 -34.22 73.47
CA PRO J 141 -8.31 -33.10 73.18
C PRO J 141 -7.62 -32.55 74.43
N GLY J 142 -6.61 -31.71 74.24
CA GLY J 142 -5.76 -31.27 75.32
C GLY J 142 -5.97 -29.87 75.86
N ALA J 143 -6.93 -29.12 75.34
CA ALA J 143 -7.26 -27.79 75.86
C ALA J 143 -7.98 -27.95 77.20
N VAL J 144 -7.19 -27.84 78.26
CA VAL J 144 -7.61 -28.25 79.60
C VAL J 144 -7.32 -27.13 80.60
N THR J 145 -8.11 -27.07 81.66
CA THR J 145 -8.03 -26.03 82.69
C THR J 145 -7.52 -26.63 83.99
N VAL J 146 -6.67 -25.87 84.69
CA VAL J 146 -6.19 -26.22 86.03
C VAL J 146 -6.63 -25.10 86.96
N ALA J 147 -7.00 -25.44 88.20
CA ALA J 147 -7.55 -24.48 89.15
C ALA J 147 -7.19 -24.85 90.57
N TRP J 148 -7.26 -23.87 91.47
CA TRP J 148 -6.77 -23.99 92.85
C TRP J 148 -7.59 -23.12 93.79
N LYS J 149 -8.47 -23.76 94.57
CA LYS J 149 -9.39 -23.07 95.47
C LYS J 149 -8.86 -23.06 96.90
N ALA J 150 -9.21 -22.03 97.66
CA ALA J 150 -8.96 -22.00 99.11
C ALA J 150 -10.23 -22.43 99.84
N ASP J 151 -10.59 -23.70 99.67
CA ASP J 151 -11.67 -24.47 100.29
C ASP J 151 -13.06 -24.13 99.77
N SER J 152 -13.26 -22.93 99.22
CA SER J 152 -14.42 -22.59 98.41
C SER J 152 -14.11 -21.38 97.53
N SER J 153 -12.91 -20.81 97.70
CA SER J 153 -12.62 -19.46 97.23
C SER J 153 -11.54 -19.50 96.16
N PRO J 154 -11.82 -19.07 94.93
CA PRO J 154 -10.81 -19.16 93.87
C PRO J 154 -9.67 -18.17 94.04
N VAL J 155 -8.45 -18.68 93.95
CA VAL J 155 -7.23 -17.90 94.04
C VAL J 155 -6.55 -17.99 92.68
N LYS J 156 -5.94 -16.90 92.23
CA LYS J 156 -5.12 -16.94 91.02
C LYS J 156 -3.69 -16.43 91.24
N ALA J 157 -3.34 -15.97 92.43
CA ALA J 157 -2.04 -15.34 92.64
C ALA J 157 -0.96 -16.39 92.89
N GLY J 158 0.24 -16.14 92.37
CA GLY J 158 1.35 -17.04 92.56
C GLY J 158 1.35 -18.23 91.64
N VAL J 159 0.48 -18.25 90.63
CA VAL J 159 0.30 -19.40 89.76
C VAL J 159 0.87 -19.05 88.39
N GLU J 160 1.60 -19.98 87.78
CA GLU J 160 2.22 -19.80 86.48
C GLU J 160 2.14 -21.11 85.70
N THR J 161 1.49 -21.08 84.55
CA THR J 161 1.51 -22.23 83.64
C THR J 161 2.09 -21.84 82.29
N THR J 162 2.12 -22.84 81.41
CA THR J 162 2.31 -22.69 79.98
C THR J 162 0.98 -22.94 79.27
N THR J 163 1.08 -23.08 77.96
CA THR J 163 -0.01 -23.59 77.15
C THR J 163 0.01 -25.11 77.19
N PRO J 164 -1.09 -25.78 76.82
CA PRO J 164 -1.02 -27.23 76.65
C PRO J 164 -0.10 -27.63 75.50
N SER J 165 0.40 -28.86 75.58
CA SER J 165 1.39 -29.39 74.66
C SER J 165 1.36 -30.90 74.73
N LYS J 166 1.83 -31.56 73.67
CA LYS J 166 1.74 -33.00 73.57
C LYS J 166 2.83 -33.72 74.37
N GLN J 167 2.54 -34.98 74.71
CA GLN J 167 3.54 -35.92 75.20
C GLN J 167 4.09 -36.74 74.04
N SER J 168 4.84 -37.78 74.41
CA SER J 168 5.33 -38.73 73.43
C SER J 168 4.27 -39.75 73.05
N ASN J 169 3.28 -39.98 73.91
CA ASN J 169 2.30 -41.03 73.69
C ASN J 169 1.04 -40.53 72.98
N ASN J 170 1.15 -39.46 72.19
CA ASN J 170 0.09 -38.91 71.34
C ASN J 170 -1.12 -38.44 72.13
N LYS J 171 -0.94 -38.15 73.42
CA LYS J 171 -1.94 -37.48 74.23
C LYS J 171 -1.32 -36.19 74.74
N TYR J 172 -2.17 -35.30 75.23
CA TYR J 172 -1.74 -33.97 75.61
C TYR J 172 -1.27 -33.92 77.07
N ALA J 173 -1.04 -32.71 77.56
CA ALA J 173 -0.54 -32.49 78.92
C ALA J 173 -0.87 -31.09 79.36
N ALA J 174 -0.76 -30.87 80.68
CA ALA J 174 -0.79 -29.55 81.28
C ALA J 174 -0.06 -29.58 82.62
N SER J 175 0.83 -28.61 82.82
CA SER J 175 1.61 -28.51 84.04
C SER J 175 1.51 -27.10 84.60
N SER J 176 1.84 -26.96 85.89
CA SER J 176 1.64 -25.72 86.64
C SER J 176 2.59 -25.66 87.83
N TYR J 177 3.12 -24.48 88.11
CA TYR J 177 3.86 -24.22 89.36
C TYR J 177 3.12 -23.17 90.20
N LEU J 178 3.17 -23.32 91.52
CA LEU J 178 2.49 -22.45 92.47
C LEU J 178 3.49 -21.78 93.41
N SER J 179 3.49 -20.45 93.45
CA SER J 179 4.35 -19.72 94.39
C SER J 179 3.55 -19.38 95.65
N LEU J 180 3.21 -20.42 96.39
CA LEU J 180 2.66 -20.28 97.73
C LEU J 180 3.80 -20.35 98.74
N THR J 181 3.53 -19.91 99.96
CA THR J 181 4.50 -19.88 101.04
C THR J 181 3.83 -20.41 102.30
N PRO J 182 4.61 -20.78 103.33
CA PRO J 182 3.98 -21.20 104.61
C PRO J 182 3.18 -20.14 105.35
N GLU J 183 3.18 -18.88 104.91
CA GLU J 183 2.20 -17.94 105.44
C GLU J 183 0.86 -18.12 104.75
N GLN J 184 0.90 -18.57 103.49
CA GLN J 184 -0.31 -18.66 102.68
C GLN J 184 -0.93 -20.05 102.77
N TRP J 185 -0.16 -21.05 103.22
CA TRP J 185 -0.74 -22.34 103.56
C TRP J 185 -1.61 -22.27 104.80
N LYS J 186 -1.05 -21.78 105.90
CA LYS J 186 -1.66 -22.00 107.20
C LYS J 186 -2.86 -21.08 107.43
N SER J 187 -3.09 -20.12 106.53
CA SER J 187 -4.28 -19.28 106.61
C SER J 187 -5.56 -20.04 106.34
N HIS J 188 -5.51 -21.08 105.50
CA HIS J 188 -6.66 -21.90 105.18
C HIS J 188 -6.36 -23.34 105.58
N ARG J 189 -7.42 -24.11 105.84
CA ARG J 189 -7.26 -25.47 106.33
C ARG J 189 -6.71 -26.40 105.25
N SER J 190 -6.98 -26.11 103.98
CA SER J 190 -6.57 -26.96 102.87
C SER J 190 -6.68 -26.18 101.56
N TYR J 191 -5.87 -26.60 100.58
CA TYR J 191 -6.04 -26.23 99.19
C TYR J 191 -6.49 -27.47 98.42
N SER J 192 -7.06 -27.27 97.22
CA SER J 192 -7.51 -28.40 96.43
C SER J 192 -7.20 -28.18 94.96
N CYS J 193 -6.59 -29.20 94.36
CA CYS J 193 -6.21 -29.27 92.92
C CYS J 193 -7.48 -29.56 92.13
N GLN J 194 -7.74 -28.75 91.09
CA GLN J 194 -8.88 -29.03 90.23
C GLN J 194 -8.44 -29.06 88.77
N VAL J 195 -8.88 -30.10 88.07
CA VAL J 195 -8.64 -30.30 86.64
C VAL J 195 -10.02 -30.52 86.00
N THR J 196 -10.32 -29.75 84.95
CA THR J 196 -11.56 -29.96 84.22
C THR J 196 -11.24 -30.42 82.81
N HIS J 197 -12.02 -31.39 82.32
CA HIS J 197 -12.04 -31.69 80.89
C HIS J 197 -13.50 -31.76 80.46
N GLU J 198 -13.87 -30.89 79.50
CA GLU J 198 -15.15 -30.92 78.80
C GLU J 198 -16.37 -30.74 79.71
N GLY J 199 -16.16 -30.09 80.86
CA GLY J 199 -17.19 -29.90 81.84
C GLY J 199 -17.06 -30.76 83.09
N SER J 200 -16.27 -31.82 83.06
CA SER J 200 -16.09 -32.70 84.21
C SER J 200 -14.85 -32.30 84.98
N THR J 201 -14.92 -32.42 86.31
CA THR J 201 -13.92 -31.85 87.20
C THR J 201 -13.35 -32.93 88.11
N VAL J 202 -12.02 -32.97 88.20
CA VAL J 202 -11.32 -33.86 89.12
C VAL J 202 -11.02 -33.05 90.38
N GLU J 203 -11.35 -33.58 91.56
CA GLU J 203 -11.03 -32.86 92.78
C GLU J 203 -10.14 -33.68 93.68
N LYS J 204 -8.98 -33.11 94.01
CA LYS J 204 -8.00 -33.68 94.90
C LYS J 204 -7.66 -32.63 95.96
N THR J 205 -7.50 -33.07 97.20
CA THR J 205 -7.28 -32.16 98.32
C THR J 205 -5.94 -32.44 98.99
N VAL J 206 -5.32 -31.38 99.50
CA VAL J 206 -4.06 -31.45 100.24
C VAL J 206 -4.18 -30.64 101.53
N ALA J 207 -3.16 -30.78 102.37
CA ALA J 207 -3.07 -30.07 103.64
C ALA J 207 -1.62 -30.11 104.10
N PRO J 208 -1.23 -29.28 105.09
CA PRO J 208 0.12 -29.43 105.63
C PRO J 208 0.32 -30.74 106.40
N THR J 209 -0.74 -31.35 106.91
CA THR J 209 -0.61 -32.59 107.66
C THR J 209 -1.11 -33.80 106.88
N GLU J 210 -1.62 -33.59 105.66
CA GLU J 210 -2.06 -34.68 104.82
C GLU J 210 -1.79 -34.31 103.37
N CYS J 211 -0.58 -34.61 102.91
CA CYS J 211 -0.14 -34.35 101.56
C CYS J 211 -0.14 -35.63 100.72
N GLN K 1 34.20 0.82 -17.06
CA GLN K 1 35.48 0.14 -17.20
C GLN K 1 35.83 -0.62 -15.90
N VAL K 2 36.44 -1.80 -16.05
CA VAL K 2 36.71 -2.65 -14.90
C VAL K 2 37.90 -2.09 -14.13
N GLN K 3 37.60 -1.38 -13.04
CA GLN K 3 38.59 -0.72 -12.22
C GLN K 3 38.82 -1.50 -10.94
N LEU K 4 40.07 -1.50 -10.48
CA LEU K 4 40.47 -2.19 -9.27
C LEU K 4 41.46 -1.31 -8.52
N VAL K 5 40.97 -0.57 -7.53
CA VAL K 5 41.75 0.45 -6.84
C VAL K 5 42.20 -0.12 -5.49
N GLN K 6 43.51 -0.31 -5.35
CA GLN K 6 44.09 -0.93 -4.18
C GLN K 6 44.87 0.09 -3.38
N SER K 7 44.70 0.05 -2.06
CA SER K 7 45.36 0.98 -1.17
C SER K 7 45.76 0.26 0.10
N GLY K 8 46.95 0.59 0.64
CA GLY K 8 47.89 1.55 0.08
C GLY K 8 49.28 1.29 0.62
N ALA K 9 50.21 2.20 0.40
CA ALA K 9 51.60 1.98 0.80
C ALA K 9 51.75 2.05 2.31
N VAL K 10 52.38 1.02 2.88
CA VAL K 10 52.48 0.84 4.32
C VAL K 10 53.93 0.55 4.68
N ILE K 11 54.39 1.16 5.77
CA ILE K 11 55.65 0.81 6.42
C ILE K 11 55.30 0.33 7.82
N LYS K 12 55.72 -0.88 8.17
CA LYS K 12 55.46 -1.40 9.50
C LYS K 12 56.70 -2.06 10.11
N THR K 13 56.61 -2.33 11.39
CA THR K 13 57.66 -3.03 12.11
C THR K 13 57.41 -4.52 12.06
N PRO K 14 58.43 -5.35 12.26
CA PRO K 14 58.19 -6.79 12.38
C PRO K 14 57.32 -7.13 13.57
N GLY K 15 56.56 -8.21 13.45
CA GLY K 15 55.60 -8.62 14.43
C GLY K 15 54.21 -8.07 14.25
N SER K 16 54.06 -7.04 13.41
CA SER K 16 52.77 -6.38 13.25
C SER K 16 51.88 -7.13 12.26
N SER K 17 50.85 -6.43 11.79
CA SER K 17 49.86 -6.96 10.87
C SER K 17 49.23 -5.82 10.10
N VAL K 18 48.93 -6.07 8.83
CA VAL K 18 48.45 -5.05 7.91
C VAL K 18 47.13 -5.49 7.31
N LYS K 19 46.25 -4.52 7.06
CA LYS K 19 45.00 -4.74 6.34
C LYS K 19 45.02 -3.90 5.08
N ILE K 20 44.79 -4.54 3.94
CA ILE K 20 44.92 -3.91 2.63
C ILE K 20 43.58 -4.02 1.91
N SER K 21 43.08 -2.89 1.43
CA SER K 21 41.76 -2.87 0.81
C SER K 21 41.87 -2.77 -0.70
N CYS K 22 40.78 -3.13 -1.37
CA CYS K 22 40.77 -3.28 -2.81
C CYS K 22 39.36 -2.97 -3.29
N ARG K 23 39.14 -1.78 -3.83
CA ARG K 23 37.82 -1.35 -4.23
C ARG K 23 37.60 -1.68 -5.69
N ALA K 24 36.47 -2.30 -6.00
CA ALA K 24 36.14 -2.69 -7.36
C ALA K 24 34.90 -1.94 -7.82
N SER K 25 34.80 -1.73 -9.13
CA SER K 25 33.66 -1.05 -9.71
C SER K 25 33.54 -1.46 -11.17
N GLY K 26 32.42 -1.08 -11.79
CA GLY K 26 32.22 -1.33 -13.19
C GLY K 26 31.68 -2.70 -13.54
N TYR K 27 31.44 -3.56 -12.56
CA TYR K 27 30.88 -4.87 -12.82
C TYR K 27 30.02 -5.27 -11.63
N ASN K 28 29.24 -6.33 -11.79
CA ASN K 28 28.47 -6.86 -10.66
C ASN K 28 29.42 -7.56 -9.71
N PHE K 29 29.56 -7.01 -8.50
CA PHE K 29 30.58 -7.48 -7.59
C PHE K 29 30.25 -8.84 -6.99
N ARG K 30 28.99 -9.27 -7.10
CA ARG K 30 28.59 -10.52 -6.49
C ARG K 30 28.76 -11.73 -7.40
N ASP K 31 29.64 -11.68 -8.41
CA ASP K 31 29.63 -12.74 -9.41
C ASP K 31 30.98 -13.37 -9.68
N TYR K 32 32.08 -12.71 -9.36
CA TYR K 32 33.39 -13.05 -9.90
C TYR K 32 34.41 -13.20 -8.79
N SER K 33 35.28 -14.19 -8.91
CA SER K 33 36.27 -14.45 -7.87
C SER K 33 37.37 -13.40 -7.91
N ILE K 34 38.05 -13.21 -6.78
CA ILE K 34 39.12 -12.22 -6.67
C ILE K 34 40.35 -12.87 -6.09
N HIS K 35 41.40 -12.96 -6.88
CA HIS K 35 42.63 -13.58 -6.42
C HIS K 35 43.49 -12.54 -5.72
N TRP K 36 44.39 -13.02 -4.88
CA TRP K 36 45.39 -12.21 -4.22
C TRP K 36 46.76 -12.81 -4.52
N VAL K 37 47.66 -12.03 -5.08
CA VAL K 37 48.98 -12.52 -5.45
C VAL K 37 50.04 -11.55 -4.91
N ARG K 38 51.22 -12.08 -4.65
CA ARG K 38 52.33 -11.34 -4.06
C ARG K 38 53.55 -11.49 -4.95
N LEU K 39 54.26 -10.40 -5.19
CA LEU K 39 55.39 -10.39 -6.12
C LEU K 39 56.69 -10.09 -5.39
N ILE K 40 57.41 -11.15 -5.04
CA ILE K 40 58.67 -11.07 -4.29
C ILE K 40 59.70 -10.42 -5.20
N PRO K 41 60.59 -9.57 -4.68
CA PRO K 41 61.61 -8.98 -5.55
C PRO K 41 62.67 -9.96 -6.06
N ASP K 42 62.87 -11.11 -5.41
CA ASP K 42 63.89 -12.05 -5.86
C ASP K 42 63.39 -13.50 -5.93
N LYS K 43 62.10 -13.72 -5.81
CA LYS K 43 61.53 -15.06 -5.93
C LYS K 43 60.40 -15.15 -6.94
N GLY K 44 59.93 -14.03 -7.46
CA GLY K 44 58.81 -14.04 -8.38
C GLY K 44 57.49 -14.12 -7.64
N PHE K 45 56.44 -14.34 -8.42
CA PHE K 45 55.06 -14.34 -7.93
C PHE K 45 54.80 -15.42 -6.90
N GLU K 46 53.76 -15.22 -6.10
CA GLU K 46 53.32 -16.19 -5.11
C GLU K 46 51.85 -15.98 -4.79
N TRP K 47 51.05 -17.01 -5.01
CA TRP K 47 49.60 -16.90 -4.85
C TRP K 47 49.21 -16.98 -3.38
N ILE K 48 48.66 -15.88 -2.86
CA ILE K 48 48.24 -15.76 -1.46
C ILE K 48 46.92 -16.49 -1.21
N GLY K 49 45.88 -16.14 -1.94
CA GLY K 49 44.56 -16.67 -1.63
C GLY K 49 43.57 -16.34 -2.71
N TRP K 50 42.31 -16.47 -2.35
CA TRP K 50 41.21 -16.51 -3.29
C TRP K 50 39.92 -16.29 -2.55
N ILE K 51 39.17 -15.25 -2.90
CA ILE K 51 37.88 -15.00 -2.25
C ILE K 51 36.79 -14.95 -3.30
N LYS K 52 35.69 -15.59 -3.01
CA LYS K 52 34.50 -15.60 -3.84
C LYS K 52 33.41 -14.81 -3.17
N PRO K 53 32.96 -13.69 -3.72
CA PRO K 53 31.82 -12.98 -3.14
C PRO K 53 30.52 -13.74 -3.32
N LEU K 54 29.42 -13.07 -2.92
CA LEU K 54 28.02 -13.47 -2.76
C LEU K 54 27.81 -14.31 -1.51
N TRP K 55 28.85 -14.97 -1.00
CA TRP K 55 28.78 -15.60 0.31
C TRP K 55 30.04 -15.42 1.12
N GLY K 56 31.17 -15.17 0.48
CA GLY K 56 32.39 -14.94 1.21
C GLY K 56 33.25 -16.16 1.42
N ALA K 57 33.10 -17.19 0.60
CA ALA K 57 33.88 -18.40 0.80
C ALA K 57 35.32 -18.19 0.35
N VAL K 58 36.27 -18.62 1.18
CA VAL K 58 37.67 -18.32 0.96
C VAL K 58 38.50 -19.61 0.93
N SER K 59 39.65 -19.53 0.26
CA SER K 59 40.69 -20.53 0.40
C SER K 59 42.04 -19.88 0.24
N TYR K 60 43.05 -20.49 0.87
CA TYR K 60 44.36 -19.89 0.96
C TYR K 60 45.40 -20.84 0.38
N ALA K 61 46.65 -20.38 0.36
CA ALA K 61 47.77 -21.28 0.15
C ALA K 61 47.98 -22.13 1.39
N ARG K 62 48.82 -23.15 1.27
CA ARG K 62 49.07 -23.99 2.43
C ARG K 62 50.37 -23.61 3.13
N GLN K 63 51.17 -22.75 2.52
CA GLN K 63 52.32 -22.23 3.24
C GLN K 63 51.97 -20.96 4.01
N LEU K 64 50.79 -20.39 3.78
CA LEU K 64 50.35 -19.20 4.45
C LEU K 64 49.19 -19.47 5.39
N GLN K 65 49.06 -20.69 5.88
CA GLN K 65 48.04 -21.02 6.86
C GLN K 65 48.30 -20.29 8.17
N GLY K 66 47.23 -19.97 8.89
CA GLY K 66 47.31 -19.40 10.21
C GLY K 66 47.72 -17.95 10.27
N ARG K 67 47.86 -17.28 9.13
CA ARG K 67 48.31 -15.90 9.10
C ARG K 67 47.40 -14.98 8.29
N VAL K 68 46.88 -15.45 7.17
CA VAL K 68 46.12 -14.61 6.25
C VAL K 68 44.64 -14.80 6.56
N SER K 69 43.83 -13.82 6.18
CA SER K 69 42.39 -13.82 6.36
C SER K 69 41.82 -12.72 5.49
N MET K 70 40.72 -12.99 4.80
CA MET K 70 40.16 -11.99 3.90
C MET K 70 38.64 -12.09 3.83
N THR K 71 38.02 -10.94 3.65
CA THR K 71 36.57 -10.82 3.61
C THR K 71 36.21 -9.69 2.66
N ARG K 72 34.92 -9.38 2.58
CA ARG K 72 34.44 -8.43 1.58
C ARG K 72 33.34 -7.57 2.18
N GLN K 73 32.84 -6.64 1.37
CA GLN K 73 31.76 -5.73 1.77
C GLN K 73 30.82 -5.55 0.58
N LEU K 74 29.62 -6.09 0.67
CA LEU K 74 28.69 -6.08 -0.44
C LEU K 74 27.89 -4.79 -0.43
N SER K 75 27.81 -4.14 -1.59
CA SER K 75 26.97 -2.97 -1.73
C SER K 75 25.50 -3.35 -1.64
N GLN K 76 24.77 -2.66 -0.77
CA GLN K 76 23.33 -2.88 -0.61
C GLN K 76 22.61 -1.61 -1.03
N ASP K 77 22.38 -1.49 -2.33
CA ASP K 77 21.59 -0.40 -2.89
C ASP K 77 20.78 -0.97 -4.06
N PRO K 78 19.45 -0.90 -4.00
CA PRO K 78 18.66 -1.41 -5.13
C PRO K 78 18.81 -0.62 -6.41
N ASP K 79 19.46 0.55 -6.35
CA ASP K 79 19.65 1.41 -7.51
C ASP K 79 21.13 1.65 -7.80
N ASP K 80 22.02 0.79 -7.27
CA ASP K 80 23.45 0.84 -7.56
C ASP K 80 24.13 -0.48 -7.20
N PRO K 81 24.10 -1.49 -8.07
CA PRO K 81 24.68 -2.80 -7.70
C PRO K 81 26.12 -3.01 -8.13
N ASP K 82 26.74 -2.06 -8.81
CA ASP K 82 27.93 -2.34 -9.61
C ASP K 82 29.24 -2.07 -8.90
N TRP K 83 29.25 -1.81 -7.60
CA TRP K 83 30.50 -1.58 -6.90
C TRP K 83 30.63 -2.52 -5.72
N GLY K 84 31.81 -2.51 -5.10
CA GLY K 84 32.08 -3.37 -3.97
C GLY K 84 33.51 -3.16 -3.50
N VAL K 85 33.77 -3.62 -2.28
CA VAL K 85 35.06 -3.42 -1.61
C VAL K 85 35.52 -4.76 -1.05
N ALA K 86 36.74 -5.17 -1.41
CA ALA K 86 37.37 -6.34 -0.80
C ALA K 86 38.44 -5.93 0.20
N TYR K 87 38.83 -6.87 1.05
CA TYR K 87 39.83 -6.64 2.10
C TYR K 87 40.80 -7.81 2.12
N MET K 88 41.90 -7.65 2.87
CA MET K 88 42.84 -8.72 3.16
C MET K 88 43.64 -8.33 4.38
N GLU K 89 43.72 -9.22 5.36
CA GLU K 89 44.55 -9.00 6.52
C GLU K 89 45.66 -10.03 6.53
N PHE K 90 46.91 -9.57 6.54
CA PHE K 90 48.08 -10.43 6.43
C PHE K 90 48.91 -10.28 7.68
N SER K 91 48.62 -11.05 8.71
CA SER K 91 49.27 -10.89 10.00
C SER K 91 50.61 -11.61 10.05
N GLY K 92 51.29 -11.45 11.18
CA GLY K 92 52.56 -12.08 11.42
C GLY K 92 53.68 -11.60 10.52
N LEU K 93 53.84 -10.29 10.36
CA LEU K 93 54.83 -9.77 9.44
C LEU K 93 56.24 -9.91 9.97
N THR K 94 57.15 -10.17 9.06
CA THR K 94 58.59 -10.26 9.27
C THR K 94 59.22 -9.43 8.16
N PRO K 95 60.51 -9.08 8.26
CA PRO K 95 61.13 -8.31 7.16
C PRO K 95 61.17 -9.04 5.83
N ALA K 96 61.09 -10.37 5.81
CA ALA K 96 61.10 -11.10 4.55
C ALA K 96 59.73 -11.12 3.87
N ASP K 97 58.74 -10.44 4.42
CA ASP K 97 57.45 -10.28 3.77
C ASP K 97 57.36 -8.99 2.97
N THR K 98 58.45 -8.23 2.84
CA THR K 98 58.38 -6.99 2.07
C THR K 98 58.33 -7.30 0.60
N ALA K 99 57.23 -6.91 -0.03
CA ALA K 99 57.01 -7.02 -1.46
C ALA K 99 55.82 -6.14 -1.82
N GLU K 100 55.28 -6.40 -3.00
CA GLU K 100 54.27 -5.58 -3.64
C GLU K 100 53.03 -6.43 -3.88
N TYR K 101 51.90 -6.02 -3.29
CA TYR K 101 50.73 -6.88 -3.27
C TYR K 101 49.74 -6.45 -4.34
N PHE K 102 49.08 -7.43 -4.95
CA PHE K 102 48.16 -7.17 -6.06
C PHE K 102 46.83 -7.85 -5.79
N CYS K 103 45.79 -7.37 -6.49
CA CYS K 103 44.41 -7.77 -6.23
C CYS K 103 43.74 -7.97 -7.59
N VAL K 104 43.76 -9.21 -8.09
CA VAL K 104 43.70 -9.48 -9.52
C VAL K 104 42.39 -10.17 -9.87
N ARG K 105 41.72 -9.67 -10.91
CA ARG K 105 40.44 -10.19 -11.36
C ARG K 105 40.63 -10.84 -12.73
N ARG K 106 39.80 -11.83 -13.06
CA ARG K 106 39.85 -12.41 -14.39
C ARG K 106 38.96 -11.63 -15.36
N GLY K 107 38.87 -12.14 -16.58
CA GLY K 107 38.05 -11.52 -17.61
C GLY K 107 36.87 -12.37 -18.03
N SER K 108 36.01 -11.78 -18.85
CA SER K 108 34.86 -12.51 -19.37
C SER K 108 35.31 -13.53 -20.41
N CYS K 109 34.66 -14.69 -20.42
CA CYS K 109 35.24 -15.83 -21.11
C CYS K 109 34.14 -16.80 -21.54
N ASP K 110 34.50 -17.70 -22.46
CA ASP K 110 33.64 -18.81 -22.82
C ASP K 110 34.36 -20.15 -22.65
N TYR K 111 35.61 -20.23 -23.11
CA TYR K 111 36.37 -21.46 -23.06
C TYR K 111 37.74 -21.13 -22.47
N CYS K 112 37.83 -21.12 -21.14
CA CYS K 112 39.08 -20.94 -20.40
C CYS K 112 38.90 -21.33 -18.94
N GLY K 113 39.87 -20.96 -18.10
CA GLY K 113 39.84 -21.26 -16.69
C GLY K 113 39.74 -20.02 -15.84
N ASP K 114 39.97 -20.22 -14.54
CA ASP K 114 39.80 -19.16 -13.56
C ASP K 114 41.03 -18.30 -13.38
N PHE K 115 42.20 -18.89 -13.37
CA PHE K 115 43.43 -18.16 -13.13
C PHE K 115 43.96 -17.18 -14.19
N PRO K 116 43.64 -17.26 -15.49
CA PRO K 116 44.06 -16.19 -16.40
C PRO K 116 43.57 -14.82 -15.99
N TRP K 117 44.52 -13.93 -15.72
CA TRP K 117 44.29 -12.67 -15.03
C TRP K 117 44.36 -11.50 -15.99
N GLN K 118 43.23 -10.85 -16.21
CA GLN K 118 43.12 -9.79 -17.20
C GLN K 118 43.22 -8.39 -16.61
N TYR K 119 42.41 -8.07 -15.61
CA TYR K 119 42.39 -6.74 -15.02
C TYR K 119 43.29 -6.73 -13.81
N TRP K 120 44.20 -5.78 -13.77
CA TRP K 120 45.20 -5.68 -12.71
C TRP K 120 45.09 -4.35 -12.01
N CYS K 121 45.12 -4.39 -10.69
CA CYS K 121 45.23 -3.21 -9.86
C CYS K 121 46.65 -2.68 -9.91
N GLN K 122 46.84 -1.47 -9.37
CA GLN K 122 48.17 -0.85 -9.43
C GLN K 122 49.14 -1.44 -8.42
N GLY K 123 48.65 -2.10 -7.39
CA GLY K 123 49.61 -2.65 -6.45
C GLY K 123 49.98 -1.71 -5.34
N THR K 124 50.48 -2.29 -4.26
CA THR K 124 50.99 -1.51 -3.14
C THR K 124 52.09 -2.27 -2.41
N VAL K 125 53.07 -1.50 -1.93
CA VAL K 125 54.28 -2.02 -1.33
C VAL K 125 54.12 -1.99 0.17
N VAL K 126 54.37 -3.13 0.82
CA VAL K 126 54.32 -3.26 2.27
C VAL K 126 55.74 -3.48 2.77
N VAL K 127 56.30 -2.47 3.43
CA VAL K 127 57.67 -2.52 3.92
C VAL K 127 57.64 -2.96 5.37
N VAL K 128 58.48 -3.93 5.72
CA VAL K 128 58.63 -4.34 7.11
C VAL K 128 60.07 -4.14 7.50
N SER K 129 60.32 -3.16 8.35
CA SER K 129 61.68 -2.77 8.68
C SER K 129 61.68 -2.20 10.09
N SER K 130 62.63 -2.64 10.90
CA SER K 130 62.70 -2.12 12.27
C SER K 130 63.42 -0.78 12.35
N ALA K 131 63.95 -0.27 11.24
CA ALA K 131 64.61 1.03 11.24
C ALA K 131 63.59 2.15 11.41
N SER K 132 64.01 3.23 12.04
CA SER K 132 63.18 4.41 12.20
C SER K 132 63.62 5.49 11.21
N THR K 133 62.73 6.48 11.04
CA THR K 133 62.92 7.56 10.08
C THR K 133 64.14 8.42 10.45
N LYS K 134 65.04 8.58 9.49
CA LYS K 134 66.35 9.20 9.71
C LYS K 134 66.72 9.94 8.45
N GLY K 135 67.33 11.11 8.59
CA GLY K 135 67.72 11.88 7.44
C GLY K 135 69.02 11.43 6.81
N PRO K 136 69.22 11.79 5.54
CA PRO K 136 70.51 11.54 4.92
C PRO K 136 71.48 12.68 5.15
N SER K 137 72.74 12.30 5.33
CA SER K 137 73.85 13.22 5.24
C SER K 137 74.32 13.27 3.79
N VAL K 138 75.38 14.02 3.54
CA VAL K 138 75.94 14.13 2.19
C VAL K 138 77.44 14.35 2.30
N PHE K 139 78.20 13.68 1.42
CA PHE K 139 79.64 13.59 1.42
C PHE K 139 80.17 13.72 -0.01
N PRO K 140 81.11 14.64 -0.28
CA PRO K 140 81.49 14.93 -1.66
C PRO K 140 82.39 13.87 -2.27
N LEU K 141 82.48 13.90 -3.61
CA LEU K 141 83.29 12.97 -4.39
C LEU K 141 83.86 13.70 -5.60
N ALA K 142 85.17 13.57 -5.81
CA ALA K 142 85.89 14.30 -6.85
C ALA K 142 87.28 13.71 -7.01
N PRO K 143 88.01 14.05 -8.08
CA PRO K 143 89.45 13.77 -8.12
C PRO K 143 90.25 14.92 -7.51
N SER K 144 91.57 14.73 -7.50
CA SER K 144 92.46 15.75 -6.94
C SER K 144 92.61 16.97 -7.85
N SER K 145 92.65 16.78 -9.16
CA SER K 145 92.80 17.90 -10.09
C SER K 145 91.84 17.76 -11.25
N GLY K 150 91.88 17.44 -19.42
CA GLY K 150 91.68 16.56 -20.56
C GLY K 150 90.53 15.60 -20.41
N GLY K 151 90.86 14.34 -20.06
CA GLY K 151 89.87 13.28 -19.96
C GLY K 151 88.89 13.49 -18.83
N THR K 152 87.68 12.98 -19.06
CA THR K 152 86.53 13.19 -18.19
C THR K 152 86.73 12.50 -16.86
N ALA K 153 86.08 13.05 -15.83
CA ALA K 153 86.25 12.53 -14.49
C ALA K 153 84.97 12.69 -13.70
N ALA K 154 84.79 11.79 -12.73
CA ALA K 154 83.55 11.67 -11.97
C ALA K 154 83.53 12.59 -10.76
N LEU K 155 82.69 13.62 -10.82
CA LEU K 155 82.27 14.33 -9.64
C LEU K 155 81.06 13.58 -9.10
N GLY K 156 80.76 13.74 -7.82
CA GLY K 156 79.58 13.11 -7.28
C GLY K 156 79.48 13.27 -5.79
N CYS K 157 78.39 12.73 -5.22
CA CYS K 157 78.23 12.75 -3.77
C CYS K 157 77.76 11.37 -3.30
N LEU K 158 77.80 11.19 -1.99
CA LEU K 158 77.35 9.96 -1.35
C LEU K 158 76.27 10.33 -0.34
N VAL K 159 75.10 9.70 -0.47
CA VAL K 159 73.96 9.98 0.39
C VAL K 159 73.72 8.73 1.21
N LYS K 160 74.32 8.68 2.41
CA LYS K 160 74.45 7.45 3.18
C LYS K 160 73.55 7.45 4.41
N ASP K 161 73.02 6.26 4.72
CA ASP K 161 72.33 5.93 5.99
C ASP K 161 71.06 6.75 6.20
N TYR K 162 70.07 6.52 5.33
CA TYR K 162 68.76 7.12 5.51
C TYR K 162 67.69 6.05 5.67
N PHE K 163 66.51 6.49 6.09
CA PHE K 163 65.32 5.66 6.09
C PHE K 163 64.14 6.61 6.21
N PRO K 164 63.02 6.34 5.52
CA PRO K 164 62.91 5.37 4.45
C PRO K 164 63.29 6.00 3.12
N GLU K 165 62.96 5.34 2.04
CA GLU K 165 63.17 5.85 0.69
C GLU K 165 62.03 6.81 0.38
N PRO K 166 62.06 7.51 -0.77
CA PRO K 166 63.03 7.81 -1.83
C PRO K 166 63.67 9.19 -1.75
N VAL K 167 64.93 9.28 -2.15
CA VAL K 167 65.68 10.53 -2.18
C VAL K 167 65.72 11.03 -3.61
N THR K 168 65.33 12.27 -3.81
CA THR K 168 65.41 12.90 -5.13
C THR K 168 66.56 13.89 -5.14
N VAL K 169 67.59 13.59 -5.93
CA VAL K 169 68.83 14.36 -5.93
C VAL K 169 69.04 15.07 -7.27
N SER K 170 69.15 16.40 -7.22
CA SER K 170 69.32 17.22 -8.41
C SER K 170 70.67 17.93 -8.33
N TRP K 171 71.09 18.54 -9.44
CA TRP K 171 72.47 18.98 -9.62
C TRP K 171 72.54 20.42 -10.11
N ASN K 172 73.17 21.26 -9.28
CA ASN K 172 73.28 22.73 -9.44
C ASN K 172 71.92 23.43 -9.47
N SER K 173 70.88 22.74 -8.99
CA SER K 173 69.50 23.25 -8.85
C SER K 173 68.91 23.87 -10.14
N GLY K 174 68.67 23.04 -11.16
CA GLY K 174 68.95 21.62 -11.25
C GLY K 174 69.28 21.26 -12.68
N ALA K 175 69.80 22.26 -13.41
CA ALA K 175 69.90 22.17 -14.86
C ALA K 175 71.02 21.25 -15.33
N LEU K 176 72.00 20.95 -14.47
CA LEU K 176 73.08 20.03 -14.84
C LEU K 176 72.51 18.62 -14.81
N THR K 177 72.02 18.17 -15.97
CA THR K 177 71.35 16.88 -16.10
C THR K 177 72.08 15.90 -16.99
N SER K 178 72.84 16.36 -17.98
CA SER K 178 73.59 15.47 -18.87
C SER K 178 74.81 14.92 -18.14
N GLY K 179 75.15 13.67 -18.42
CA GLY K 179 76.26 13.02 -17.73
C GLY K 179 75.96 12.60 -16.31
N VAL K 180 74.69 12.56 -15.91
CA VAL K 180 74.30 12.34 -14.53
C VAL K 180 73.84 10.89 -14.37
N HIS K 181 74.47 10.18 -13.45
CA HIS K 181 74.13 8.79 -13.19
C HIS K 181 73.64 8.67 -11.75
N THR K 182 72.60 7.87 -11.56
CA THR K 182 72.15 7.46 -10.24
C THR K 182 72.14 5.93 -10.16
N PHE K 183 72.40 5.43 -8.97
CA PHE K 183 72.32 4.03 -8.62
C PHE K 183 71.06 3.77 -7.80
N PRO K 184 70.50 2.57 -7.89
CA PRO K 184 69.47 2.18 -6.91
C PRO K 184 70.03 2.07 -5.50
N ALA K 185 69.13 2.18 -4.53
CA ALA K 185 69.49 2.29 -3.12
C ALA K 185 70.24 1.06 -2.64
N VAL K 186 71.46 1.29 -2.15
CA VAL K 186 72.32 0.25 -1.61
C VAL K 186 71.61 -0.34 -0.40
N LEU K 187 71.68 -1.66 -0.26
CA LEU K 187 70.81 -2.34 0.69
C LEU K 187 71.17 -2.08 2.15
N GLN K 188 70.46 -2.75 3.04
CA GLN K 188 70.47 -2.40 4.46
C GLN K 188 71.80 -2.69 5.13
N SER K 189 72.51 -1.62 5.47
CA SER K 189 73.64 -1.66 6.38
C SER K 189 73.09 -1.32 7.76
N SER K 190 72.80 -2.36 8.56
CA SER K 190 72.10 -2.28 9.86
C SER K 190 70.72 -1.64 9.73
N GLY K 191 70.10 -1.78 8.56
CA GLY K 191 68.76 -1.30 8.34
C GLY K 191 68.66 0.01 7.58
N LEU K 192 69.74 0.50 6.97
CA LEU K 192 69.75 1.81 6.34
C LEU K 192 70.34 1.77 4.95
N TYR K 193 69.75 2.57 4.06
CA TYR K 193 70.09 2.62 2.63
C TYR K 193 71.12 3.70 2.33
N SER K 194 71.76 3.60 1.17
CA SER K 194 72.58 4.68 0.67
C SER K 194 72.42 4.80 -0.84
N LEU K 195 72.69 5.99 -1.37
CA LEU K 195 72.67 6.28 -2.79
C LEU K 195 73.98 6.89 -3.25
N SER K 196 74.51 6.31 -4.33
CA SER K 196 75.61 6.88 -5.08
C SER K 196 75.02 7.65 -6.24
N SER K 197 75.64 8.78 -6.57
CA SER K 197 75.17 9.63 -7.65
C SER K 197 76.37 10.42 -8.17
N VAL K 198 76.83 10.08 -9.38
CA VAL K 198 78.04 10.65 -9.96
C VAL K 198 77.72 11.30 -11.31
N VAL K 199 78.49 12.34 -11.62
CA VAL K 199 78.30 13.15 -12.82
C VAL K 199 79.65 13.32 -13.51
N THR K 200 79.72 12.97 -14.79
CA THR K 200 80.96 13.03 -15.55
C THR K 200 81.07 14.36 -16.28
N VAL K 201 82.19 15.06 -16.04
CA VAL K 201 82.49 16.37 -16.62
C VAL K 201 83.93 16.26 -17.11
N PRO K 202 84.30 16.91 -18.23
CA PRO K 202 85.71 17.03 -18.59
C PRO K 202 86.55 17.67 -17.50
N SER K 203 87.81 17.27 -17.42
CA SER K 203 88.62 17.59 -16.25
C SER K 203 89.15 19.02 -16.24
N SER K 204 88.86 19.82 -17.27
CA SER K 204 89.22 21.24 -17.21
C SER K 204 88.27 22.00 -16.29
N SER K 205 86.98 21.67 -16.30
CA SER K 205 85.98 22.42 -15.58
C SER K 205 85.94 22.08 -14.09
N LEU K 206 86.71 21.07 -13.67
CA LEU K 206 86.78 20.75 -12.25
C LEU K 206 87.42 21.89 -11.47
N GLY K 207 88.50 22.45 -12.00
CA GLY K 207 89.17 23.58 -11.40
C GLY K 207 88.54 24.93 -11.61
N THR K 208 87.38 24.98 -12.28
CA THR K 208 86.69 26.23 -12.57
C THR K 208 85.41 26.41 -11.77
N GLN K 209 84.52 25.43 -11.77
CA GLN K 209 83.18 25.57 -11.23
C GLN K 209 83.05 24.94 -9.84
N THR K 210 82.01 25.37 -9.13
CA THR K 210 81.60 24.79 -7.86
C THR K 210 80.31 24.00 -8.06
N TYR K 211 80.34 22.72 -7.68
CA TYR K 211 79.24 21.81 -7.99
C TYR K 211 78.48 21.41 -6.72
N ILE K 212 77.17 21.23 -6.86
CA ILE K 212 76.23 21.13 -5.75
C ILE K 212 75.40 19.86 -5.89
N CYS K 213 75.37 19.07 -4.82
CA CYS K 213 74.52 17.89 -4.72
C CYS K 213 73.32 18.19 -3.81
N ASN K 214 72.12 18.22 -4.38
CA ASN K 214 70.91 18.66 -3.67
C ASN K 214 70.09 17.45 -3.21
N VAL K 215 70.39 16.94 -2.02
CA VAL K 215 69.66 15.84 -1.40
C VAL K 215 68.30 16.36 -0.96
N ASN K 216 67.23 15.61 -1.26
CA ASN K 216 65.89 15.95 -0.81
C ASN K 216 65.24 14.68 -0.29
N HIS K 217 65.49 14.36 0.97
CA HIS K 217 64.75 13.30 1.65
C HIS K 217 63.45 13.91 2.16
N LYS K 218 62.39 13.76 1.39
CA LYS K 218 61.09 14.35 1.71
C LYS K 218 60.39 13.78 2.96
N PRO K 219 60.34 12.45 3.23
CA PRO K 219 59.61 12.00 4.43
C PRO K 219 60.20 12.45 5.77
N SER K 220 61.42 12.98 5.80
CA SER K 220 61.98 13.52 7.03
C SER K 220 62.26 15.00 6.97
N ASN K 221 61.94 15.66 5.84
CA ASN K 221 62.19 17.09 5.59
C ASN K 221 63.67 17.42 5.83
N THR K 222 64.55 16.59 5.29
CA THR K 222 65.98 16.85 5.36
C THR K 222 66.46 17.37 4.02
N LYS K 223 67.37 18.35 4.03
CA LYS K 223 67.91 18.95 2.83
C LYS K 223 69.33 19.41 3.10
N VAL K 224 70.29 18.87 2.33
CA VAL K 224 71.69 19.21 2.51
C VAL K 224 72.31 19.50 1.15
N ASP K 225 73.38 20.27 1.16
CA ASP K 225 74.05 20.75 -0.04
C ASP K 225 75.55 20.77 0.19
N LYS K 226 76.27 19.83 -0.40
CA LYS K 226 77.72 19.76 -0.33
C LYS K 226 78.30 20.33 -1.63
N LYS K 227 79.34 21.14 -1.49
CA LYS K 227 80.10 21.61 -2.64
C LYS K 227 81.11 20.55 -3.06
N VAL K 228 81.23 20.31 -4.35
CA VAL K 228 82.16 19.33 -4.89
C VAL K 228 83.17 20.05 -5.76
N GLU K 229 84.45 19.84 -5.46
CA GLU K 229 85.55 20.55 -6.10
C GLU K 229 86.78 19.67 -5.98
N PRO K 230 87.77 19.84 -6.86
CA PRO K 230 89.00 19.08 -6.70
C PRO K 230 89.82 19.55 -5.51
N LYS K 231 89.89 18.68 -4.50
CA LYS K 231 90.57 18.98 -3.25
C LYS K 231 92.07 18.74 -3.34
N GLU L 1 53.25 -31.60 -7.58
CA GLU L 1 53.64 -30.24 -7.87
C GLU L 1 54.35 -30.17 -9.21
N ILE L 2 53.86 -29.32 -10.10
CA ILE L 2 54.52 -29.04 -11.37
C ILE L 2 55.56 -27.96 -11.12
N VAL L 3 56.72 -28.08 -11.76
CA VAL L 3 57.79 -27.08 -11.68
C VAL L 3 58.04 -26.59 -13.10
N LEU L 4 57.95 -25.28 -13.28
CA LEU L 4 58.12 -24.64 -14.58
C LEU L 4 59.55 -24.14 -14.73
N THR L 5 60.11 -24.36 -15.91
CA THR L 5 61.49 -23.99 -16.23
C THR L 5 61.48 -23.07 -17.44
N GLN L 6 62.34 -22.06 -17.44
CA GLN L 6 62.45 -21.19 -18.60
C GLN L 6 63.89 -20.98 -19.03
N SER L 7 64.02 -20.77 -20.34
CA SER L 7 65.31 -20.64 -21.00
C SER L 7 65.09 -19.92 -22.31
N PRO L 8 65.99 -19.00 -22.69
CA PRO L 8 67.18 -18.52 -22.00
C PRO L 8 66.85 -17.54 -20.88
N GLY L 9 67.80 -17.26 -20.01
CA GLY L 9 67.62 -16.25 -18.99
C GLY L 9 67.56 -14.87 -19.62
N ILE L 10 68.61 -14.48 -20.32
CA ILE L 10 68.65 -13.21 -21.04
C ILE L 10 68.85 -13.49 -22.52
N LEU L 11 67.97 -12.94 -23.35
CA LEU L 11 68.02 -13.08 -24.79
C LEU L 11 68.44 -11.74 -25.37
N SER L 12 69.68 -11.66 -25.86
CA SER L 12 70.19 -10.43 -26.45
C SER L 12 69.90 -10.48 -27.95
N LEU L 13 69.01 -9.62 -28.42
CA LEU L 13 68.50 -9.76 -29.76
C LEU L 13 68.11 -8.40 -30.30
N SER L 14 68.39 -8.18 -31.62
CA SER L 14 68.34 -6.88 -32.29
C SER L 14 66.97 -6.61 -32.90
N PRO L 15 66.55 -5.35 -33.02
CA PRO L 15 65.21 -5.06 -33.57
C PRO L 15 65.07 -5.42 -35.03
N GLY L 16 63.88 -5.88 -35.39
CA GLY L 16 63.58 -6.30 -36.74
C GLY L 16 63.60 -7.80 -36.95
N GLU L 17 64.07 -8.55 -35.96
CA GLU L 17 64.20 -9.99 -36.06
C GLU L 17 63.10 -10.70 -35.25
N THR L 18 63.22 -12.02 -35.18
CA THR L 18 62.33 -12.83 -34.36
C THR L 18 63.00 -13.18 -33.05
N ALA L 19 62.17 -13.49 -32.06
CA ALA L 19 62.64 -13.87 -30.73
C ALA L 19 61.72 -14.95 -30.21
N THR L 20 62.32 -16.06 -29.80
CA THR L 20 61.55 -17.26 -29.47
C THR L 20 61.87 -17.68 -28.05
N LEU L 21 60.87 -17.58 -27.17
CA LEU L 21 61.02 -17.91 -25.75
C LEU L 21 60.39 -19.25 -25.45
N PHE L 22 60.90 -19.89 -24.41
CA PHE L 22 60.67 -21.29 -24.11
C PHE L 22 60.27 -21.41 -22.65
N CYS L 23 59.26 -22.25 -22.36
CA CYS L 23 58.90 -22.67 -21.01
C CYS L 23 58.63 -24.17 -21.06
N LYS L 24 59.08 -24.88 -20.03
CA LYS L 24 58.96 -26.34 -20.01
C LYS L 24 58.17 -26.81 -18.81
N ALA L 25 57.03 -27.45 -19.06
CA ALA L 25 56.25 -28.04 -17.99
C ALA L 25 56.88 -29.36 -17.61
N SER L 26 56.54 -29.87 -16.42
CA SER L 26 57.09 -31.15 -16.01
C SER L 26 56.05 -32.27 -16.04
N GLN L 27 54.77 -31.94 -16.06
CA GLN L 27 53.74 -32.95 -16.14
C GLN L 27 52.92 -32.71 -17.40
N GLY L 28 52.64 -33.79 -18.12
CA GLY L 28 51.92 -33.67 -19.37
C GLY L 28 50.49 -33.23 -19.14
N GLY L 29 50.25 -31.96 -19.43
CA GLY L 29 49.00 -31.34 -19.06
C GLY L 29 48.27 -30.84 -20.28
N ASN L 30 47.67 -29.67 -20.15
CA ASN L 30 46.77 -29.15 -21.16
C ASN L 30 47.15 -27.78 -21.71
N ALA L 31 47.34 -26.77 -20.87
CA ALA L 31 47.39 -25.41 -21.40
C ALA L 31 48.41 -24.58 -20.64
N MET L 32 48.63 -23.36 -21.13
CA MET L 32 49.55 -22.43 -20.50
C MET L 32 49.14 -20.99 -20.81
N THR L 33 49.48 -20.07 -19.91
CA THR L 33 49.13 -18.66 -19.99
C THR L 33 50.37 -17.80 -19.74
N TRP L 34 50.55 -16.74 -20.53
CA TRP L 34 51.73 -15.89 -20.51
C TRP L 34 51.41 -14.45 -20.09
N TYR L 35 52.29 -13.84 -19.28
CA TYR L 35 52.15 -12.45 -18.86
C TYR L 35 53.35 -11.63 -19.30
N GLN L 36 53.11 -10.32 -19.43
CA GLN L 36 54.08 -9.33 -19.83
C GLN L 36 54.29 -8.33 -18.71
N LYS L 37 55.55 -8.14 -18.30
CA LYS L 37 55.88 -7.10 -17.34
C LYS L 37 56.90 -6.14 -17.92
N ARG L 38 56.49 -4.87 -18.10
CA ARG L 38 57.32 -3.85 -18.73
C ARG L 38 58.01 -3.02 -17.65
N ARG L 39 59.08 -3.58 -17.06
CA ARG L 39 60.02 -2.87 -16.19
C ARG L 39 59.33 -2.12 -15.04
N GLY L 40 58.30 -2.75 -14.47
CA GLY L 40 57.56 -2.14 -13.38
C GLY L 40 56.23 -1.54 -13.74
N GLN L 41 55.51 -2.11 -14.70
CA GLN L 41 54.29 -1.48 -15.18
C GLN L 41 53.04 -2.33 -15.06
N VAL L 42 52.80 -2.97 -13.91
CA VAL L 42 51.52 -3.61 -13.55
C VAL L 42 51.18 -4.74 -14.53
N PRO L 43 51.72 -5.95 -14.32
CA PRO L 43 51.84 -6.97 -15.37
C PRO L 43 50.54 -7.31 -16.09
N ARG L 44 50.62 -7.38 -17.42
CA ARG L 44 49.44 -7.55 -18.26
C ARG L 44 49.41 -8.94 -18.88
N LEU L 45 48.20 -9.44 -19.12
CA LEU L 45 48.00 -10.75 -19.72
C LEU L 45 48.29 -10.69 -21.21
N LEU L 46 49.04 -11.66 -21.71
CA LEU L 46 49.51 -11.63 -23.07
C LEU L 46 48.90 -12.73 -23.94
N ILE L 47 49.14 -13.99 -23.60
CA ILE L 47 48.63 -15.13 -24.35
C ILE L 47 47.84 -15.98 -23.36
N TYR L 48 46.85 -16.70 -23.85
CA TYR L 48 45.69 -17.10 -23.09
C TYR L 48 45.17 -18.42 -23.64
N ASP L 49 45.14 -19.45 -22.79
CA ASP L 49 44.80 -20.83 -23.16
C ASP L 49 45.70 -21.34 -24.27
N THR L 50 46.99 -21.00 -24.15
CA THR L 50 48.16 -21.40 -24.93
C THR L 50 48.19 -20.80 -26.34
N SER L 51 47.06 -20.36 -26.89
CA SER L 51 47.13 -19.74 -28.21
C SER L 51 46.12 -18.62 -28.46
N ARG L 52 45.28 -18.24 -27.49
CA ARG L 52 44.34 -17.18 -27.77
C ARG L 52 44.92 -15.86 -27.28
N ARG L 53 44.38 -14.76 -27.81
CA ARG L 53 44.82 -13.44 -27.40
C ARG L 53 43.88 -12.86 -26.37
N ALA L 54 44.44 -12.09 -25.44
CA ALA L 54 43.62 -11.30 -24.54
C ALA L 54 43.15 -10.02 -25.23
N SER L 55 42.37 -9.24 -24.51
CA SER L 55 41.85 -8.00 -25.10
C SER L 55 42.94 -6.94 -25.15
N GLY L 56 43.21 -6.43 -26.35
CA GLY L 56 44.21 -5.41 -26.54
C GLY L 56 45.60 -5.93 -26.82
N VAL L 57 45.76 -7.23 -27.04
CA VAL L 57 47.05 -7.80 -27.36
C VAL L 57 47.21 -7.78 -28.88
N PRO L 58 48.28 -7.23 -29.42
CA PRO L 58 48.43 -7.18 -30.87
C PRO L 58 48.76 -8.54 -31.45
N ASP L 59 48.72 -8.60 -32.78
CA ASP L 59 48.90 -9.83 -33.54
C ASP L 59 50.35 -10.31 -33.59
N ARG L 60 51.29 -9.52 -33.10
CA ARG L 60 52.70 -9.91 -33.13
C ARG L 60 53.06 -10.93 -32.07
N PHE L 61 52.13 -11.26 -31.19
CA PHE L 61 52.34 -12.29 -30.18
C PHE L 61 51.53 -13.51 -30.60
N VAL L 62 52.22 -14.56 -31.05
CA VAL L 62 51.59 -15.78 -31.50
C VAL L 62 51.94 -16.89 -30.52
N GLY L 63 50.91 -17.47 -29.90
CA GLY L 63 51.08 -18.56 -28.97
C GLY L 63 51.16 -19.89 -29.68
N SER L 64 51.93 -20.81 -29.09
CA SER L 64 52.15 -22.13 -29.66
C SER L 64 52.66 -23.06 -28.60
N GLY L 65 52.43 -24.35 -28.78
CA GLY L 65 52.95 -25.35 -27.88
C GLY L 65 52.00 -26.51 -27.75
N SER L 66 52.54 -27.61 -27.23
CA SER L 66 51.77 -28.82 -26.94
C SER L 66 52.59 -29.70 -26.01
N GLY L 67 51.89 -30.55 -25.24
CA GLY L 67 52.55 -31.54 -24.41
C GLY L 67 53.23 -30.96 -23.19
N THR L 68 54.54 -31.11 -23.10
CA THR L 68 55.30 -30.53 -22.00
C THR L 68 56.17 -29.35 -22.40
N ASP L 69 56.21 -28.98 -23.67
CA ASP L 69 57.04 -27.86 -24.13
C ASP L 69 56.16 -26.84 -24.81
N PHE L 70 56.29 -25.58 -24.40
CA PHE L 70 55.40 -24.52 -24.84
C PHE L 70 56.23 -23.32 -25.27
N PHE L 71 55.78 -22.61 -26.30
CA PHE L 71 56.56 -21.57 -26.95
C PHE L 71 55.85 -20.23 -26.89
N LEU L 72 56.64 -19.17 -27.04
CA LEU L 72 56.15 -17.84 -27.39
C LEU L 72 57.05 -17.32 -28.50
N THR L 73 56.50 -16.51 -29.40
CA THR L 73 57.25 -15.91 -30.50
C THR L 73 56.72 -14.52 -30.78
N ILE L 74 57.62 -13.54 -30.89
CA ILE L 74 57.31 -12.21 -31.39
C ILE L 74 57.93 -12.10 -32.78
N ASN L 75 57.08 -11.91 -33.79
CA ASN L 75 57.53 -12.00 -35.18
C ASN L 75 58.37 -10.83 -35.64
N LYS L 76 57.97 -9.60 -35.33
CA LYS L 76 58.79 -8.45 -35.66
C LYS L 76 59.10 -7.72 -34.37
N LEU L 77 60.29 -7.93 -33.83
CA LEU L 77 60.59 -7.46 -32.49
C LEU L 77 60.89 -5.97 -32.49
N ASP L 78 60.06 -5.22 -31.76
CA ASP L 78 60.09 -3.78 -31.76
C ASP L 78 60.98 -3.29 -30.62
N ARG L 79 60.91 -1.99 -30.32
CA ARG L 79 61.70 -1.44 -29.21
C ARG L 79 60.92 -1.52 -27.90
N GLU L 80 59.60 -1.36 -27.95
CA GLU L 80 58.75 -1.44 -26.77
C GLU L 80 58.41 -2.86 -26.38
N ASP L 81 58.66 -3.85 -27.25
CA ASP L 81 58.38 -5.24 -26.94
C ASP L 81 59.50 -5.91 -26.14
N PHE L 82 60.49 -5.12 -25.69
CA PHE L 82 61.48 -5.55 -24.69
C PHE L 82 60.83 -5.48 -23.32
N ALA L 83 60.77 -6.64 -22.65
CA ALA L 83 60.21 -6.75 -21.30
C ALA L 83 60.72 -8.02 -20.61
N VAL L 84 60.03 -8.45 -19.55
CA VAL L 84 60.30 -9.71 -18.85
C VAL L 84 59.01 -10.52 -18.86
N TYR L 85 59.11 -11.80 -19.23
CA TYR L 85 57.91 -12.62 -19.41
C TYR L 85 57.85 -13.77 -18.41
N TYR L 86 56.62 -14.23 -18.16
CA TYR L 86 56.31 -15.24 -17.14
C TYR L 86 55.27 -16.22 -17.69
N CYS L 87 55.38 -17.48 -17.31
CA CYS L 87 54.40 -18.49 -17.68
C CYS L 87 53.72 -19.06 -16.44
N GLN L 88 52.43 -19.35 -16.57
CA GLN L 88 51.63 -19.82 -15.45
C GLN L 88 50.78 -21.02 -15.83
N GLN L 89 50.86 -22.07 -15.01
CA GLN L 89 49.80 -23.04 -14.86
C GLN L 89 49.28 -22.85 -13.45
N PHE L 90 48.20 -23.56 -13.10
CA PHE L 90 47.11 -23.17 -12.17
C PHE L 90 47.61 -22.22 -11.07
N GLU L 91 48.50 -22.65 -10.19
CA GLU L 91 49.04 -21.72 -9.23
C GLU L 91 50.56 -21.73 -9.19
N PHE L 92 51.20 -22.28 -10.21
CA PHE L 92 52.63 -22.46 -10.21
C PHE L 92 53.21 -21.51 -11.24
N PHE L 93 54.36 -20.92 -10.95
CA PHE L 93 54.92 -19.90 -11.81
C PHE L 93 56.35 -20.25 -12.22
N GLY L 94 56.81 -19.59 -13.27
CA GLY L 94 58.19 -19.67 -13.67
C GLY L 94 59.06 -18.69 -12.90
N LEU L 95 60.22 -18.41 -13.46
CA LEU L 95 61.18 -17.52 -12.82
C LEU L 95 61.48 -16.28 -13.64
N GLY L 96 61.21 -16.30 -14.94
CA GLY L 96 61.36 -15.13 -15.78
C GLY L 96 62.23 -15.33 -17.01
N SER L 97 61.96 -14.47 -17.99
CA SER L 97 62.72 -14.41 -19.23
C SER L 97 62.85 -12.95 -19.65
N GLU L 98 64.08 -12.46 -19.60
CA GLU L 98 64.36 -11.04 -19.76
C GLU L 98 64.81 -10.72 -21.18
N LEU L 99 64.21 -9.70 -21.78
CA LEU L 99 64.66 -9.20 -23.08
C LEU L 99 65.44 -7.91 -22.90
N GLU L 100 66.62 -7.86 -23.52
CA GLU L 100 67.51 -6.73 -23.42
C GLU L 100 67.84 -6.20 -24.80
N VAL L 101 68.73 -5.21 -24.84
CA VAL L 101 69.11 -4.54 -26.07
C VAL L 101 70.49 -5.02 -26.48
N HIS L 102 70.62 -5.50 -27.71
CA HIS L 102 71.91 -5.94 -28.20
C HIS L 102 72.77 -4.74 -28.61
N ARG L 103 74.07 -4.86 -28.40
CA ARG L 103 75.02 -3.81 -28.74
C ARG L 103 76.39 -4.46 -28.87
N THR L 104 77.29 -3.80 -29.59
CA THR L 104 78.68 -4.21 -29.64
C THR L 104 79.36 -3.96 -28.30
N VAL L 105 80.55 -4.53 -28.14
CA VAL L 105 81.29 -4.45 -26.88
C VAL L 105 81.88 -3.06 -26.71
N ALA L 106 82.23 -2.73 -25.46
CA ALA L 106 82.87 -1.46 -25.13
C ALA L 106 83.71 -1.63 -23.87
N ALA L 107 84.36 -0.55 -23.46
CA ALA L 107 85.26 -0.60 -22.31
C ALA L 107 84.89 0.47 -21.28
N PRO L 108 84.72 0.07 -20.02
CA PRO L 108 84.45 1.07 -18.97
C PRO L 108 85.70 1.80 -18.52
N SER L 109 85.53 3.10 -18.29
CA SER L 109 86.61 3.94 -17.80
C SER L 109 86.75 3.80 -16.28
N VAL L 110 87.80 3.10 -15.87
CA VAL L 110 87.99 2.66 -14.49
C VAL L 110 88.35 3.86 -13.62
N PHE L 111 87.79 3.92 -12.42
CA PHE L 111 88.18 4.90 -11.42
C PHE L 111 88.58 4.20 -10.14
N ILE L 112 89.10 4.99 -9.21
CA ILE L 112 89.19 4.60 -7.81
C ILE L 112 88.99 5.87 -6.96
N PHE L 113 87.93 5.88 -6.17
CA PHE L 113 87.69 7.04 -5.34
C PHE L 113 88.33 6.82 -3.97
N PRO L 114 89.23 7.69 -3.54
CA PRO L 114 89.98 7.48 -2.30
C PRO L 114 89.09 7.56 -1.08
N PRO L 115 89.46 6.86 0.00
CA PRO L 115 88.73 7.02 1.28
C PRO L 115 88.96 8.40 1.88
N SER L 116 87.92 9.22 1.87
CA SER L 116 88.04 10.58 2.37
C SER L 116 88.09 10.59 3.89
N ASP L 117 88.59 11.69 4.44
CA ASP L 117 88.52 11.90 5.88
C ASP L 117 87.10 12.27 6.32
N GLU L 118 86.26 12.67 5.35
CA GLU L 118 84.87 13.01 5.60
C GLU L 118 84.05 11.85 6.14
N GLN L 119 84.39 10.63 5.77
CA GLN L 119 83.64 9.53 6.37
C GLN L 119 84.45 8.81 7.44
N LEU L 120 85.78 8.92 7.40
CA LEU L 120 86.59 8.27 8.42
C LEU L 120 86.51 9.03 9.75
N LYS L 121 86.05 10.28 9.74
CA LYS L 121 85.77 10.95 10.99
C LYS L 121 84.53 10.39 11.67
N SER L 122 83.69 9.66 10.94
CA SER L 122 82.55 8.96 11.51
C SER L 122 82.90 7.53 11.93
N GLY L 123 83.99 6.97 11.40
CA GLY L 123 84.49 5.67 11.81
C GLY L 123 84.43 4.61 10.73
N THR L 124 83.59 4.80 9.72
CA THR L 124 83.53 3.89 8.58
C THR L 124 83.67 4.71 7.31
N ALA L 125 84.69 4.36 6.51
CA ALA L 125 84.98 5.07 5.28
C ALA L 125 84.58 4.21 4.09
N SER L 126 84.57 4.83 2.91
CA SER L 126 84.11 4.19 1.70
C SER L 126 85.18 4.24 0.61
N VAL L 127 85.73 3.06 0.29
CA VAL L 127 86.57 2.90 -0.89
C VAL L 127 85.71 2.45 -2.05
N VAL L 128 85.56 3.31 -3.05
CA VAL L 128 84.52 3.18 -4.07
C VAL L 128 85.17 2.94 -5.42
N CYS L 129 85.10 1.70 -5.90
CA CYS L 129 85.42 1.38 -7.28
C CYS L 129 84.24 1.87 -8.11
N LEU L 130 84.48 2.28 -9.35
CA LEU L 130 83.45 2.93 -10.14
C LEU L 130 83.71 2.77 -11.63
N LEU L 131 82.87 1.96 -12.29
CA LEU L 131 82.95 1.72 -13.73
C LEU L 131 81.77 2.39 -14.40
N ASN L 132 81.99 2.93 -15.59
CA ASN L 132 80.93 3.61 -16.33
C ASN L 132 81.03 3.33 -17.82
N ASN L 133 79.87 3.34 -18.49
CA ASN L 133 79.73 3.26 -19.95
C ASN L 133 80.35 1.99 -20.54
N PHE L 134 79.76 0.85 -20.18
CA PHE L 134 80.13 -0.44 -20.75
C PHE L 134 78.90 -1.30 -21.01
N TYR L 135 79.10 -2.34 -21.82
CA TYR L 135 78.21 -3.45 -22.16
C TYR L 135 79.14 -4.56 -22.58
N PRO L 136 78.89 -5.84 -22.20
CA PRO L 136 77.76 -6.49 -21.53
C PRO L 136 77.60 -6.18 -20.04
N ARG L 137 76.45 -6.52 -19.47
CA ARG L 137 76.18 -6.16 -18.07
C ARG L 137 77.03 -6.96 -17.09
N GLU L 138 77.44 -8.17 -17.46
CA GLU L 138 78.23 -9.01 -16.57
C GLU L 138 79.65 -8.51 -16.51
N ALA L 139 80.23 -8.57 -15.32
CA ALA L 139 81.60 -8.13 -15.06
C ALA L 139 82.10 -8.83 -13.81
N LYS L 140 83.41 -8.99 -13.71
CA LYS L 140 84.06 -9.61 -12.56
C LYS L 140 84.97 -8.58 -11.91
N VAL L 141 84.39 -7.74 -11.06
CA VAL L 141 85.09 -6.59 -10.50
C VAL L 141 85.55 -6.95 -9.09
N GLN L 142 86.86 -7.16 -8.95
CA GLN L 142 87.46 -7.51 -7.67
C GLN L 142 88.24 -6.33 -7.13
N TRP L 143 88.74 -6.50 -5.90
CA TRP L 143 89.41 -5.43 -5.17
C TRP L 143 90.41 -6.05 -4.21
N LYS L 144 91.31 -5.22 -3.67
CA LYS L 144 92.37 -5.69 -2.79
C LYS L 144 92.72 -4.62 -1.76
N VAL L 145 92.97 -5.06 -0.53
CA VAL L 145 93.38 -4.20 0.57
C VAL L 145 94.77 -4.63 1.01
N ASP L 146 95.75 -3.72 0.84
CA ASP L 146 97.18 -3.96 1.01
C ASP L 146 97.62 -5.21 0.24
N ASN L 147 97.16 -5.31 -1.00
CA ASN L 147 97.41 -6.40 -1.95
C ASN L 147 96.89 -7.74 -1.43
N ALA L 148 95.76 -7.75 -0.72
CA ALA L 148 95.23 -8.96 -0.11
C ALA L 148 93.71 -8.99 -0.26
N LEU L 149 93.19 -10.17 -0.62
CA LEU L 149 91.78 -10.29 -0.99
C LEU L 149 90.90 -10.25 0.25
N GLN L 150 89.87 -9.41 0.21
CA GLN L 150 88.88 -9.34 1.29
C GLN L 150 87.51 -9.76 0.78
N SER L 151 86.59 -9.88 1.73
CA SER L 151 85.22 -10.30 1.43
C SER L 151 84.32 -9.95 2.60
N GLY L 152 83.02 -10.06 2.36
CA GLY L 152 82.02 -9.88 3.40
C GLY L 152 81.82 -8.45 3.86
N ASN L 153 82.46 -7.49 3.21
CA ASN L 153 82.41 -6.08 3.57
C ASN L 153 82.11 -5.23 2.36
N SER L 154 81.29 -5.76 1.44
CA SER L 154 81.04 -5.09 0.17
C SER L 154 79.56 -5.20 -0.17
N GLN L 155 79.06 -4.17 -0.83
CA GLN L 155 77.70 -4.11 -1.35
C GLN L 155 77.79 -3.52 -2.75
N GLU L 156 77.57 -4.36 -3.74
CA GLU L 156 77.76 -3.93 -5.11
C GLU L 156 76.44 -3.97 -5.84
N SER L 157 76.21 -2.89 -6.59
CA SER L 157 74.96 -2.66 -7.30
C SER L 157 75.28 -2.37 -8.75
N VAL L 158 74.45 -2.91 -9.63
CA VAL L 158 74.51 -2.63 -11.04
C VAL L 158 73.36 -1.70 -11.37
N THR L 159 73.36 -1.21 -12.60
CA THR L 159 72.29 -0.34 -13.03
C THR L 159 71.56 -0.96 -14.22
N GLU L 160 70.68 -0.19 -14.84
CA GLU L 160 69.90 -0.71 -15.95
C GLU L 160 70.39 -0.12 -17.27
N GLN L 161 69.93 -0.74 -18.36
CA GLN L 161 70.41 -0.36 -19.69
C GLN L 161 69.73 0.91 -20.16
N ASP L 162 70.52 1.90 -20.54
CA ASP L 162 70.02 3.26 -20.73
C ASP L 162 69.20 3.37 -22.00
N SER L 163 68.35 4.40 -22.09
CA SER L 163 67.49 4.56 -23.25
C SER L 163 68.18 5.32 -24.37
N LYS L 164 69.35 5.90 -24.11
CA LYS L 164 70.03 6.73 -25.10
C LYS L 164 71.34 6.13 -25.56
N ASP L 165 72.14 5.55 -24.65
CA ASP L 165 73.41 4.93 -25.01
C ASP L 165 73.36 3.42 -25.00
N SER L 166 72.37 2.84 -24.31
CA SER L 166 72.28 1.40 -24.02
C SER L 166 73.57 0.85 -23.44
N THR L 167 73.98 1.40 -22.29
CA THR L 167 75.17 0.96 -21.58
C THR L 167 74.86 0.74 -20.11
N TYR L 168 75.92 0.44 -19.35
CA TYR L 168 75.83 0.07 -17.95
C TYR L 168 76.89 0.77 -17.11
N SER L 169 76.62 0.86 -15.81
CA SER L 169 77.58 1.27 -14.80
C SER L 169 77.73 0.18 -13.75
N LEU L 170 78.63 0.42 -12.79
CA LEU L 170 78.78 -0.45 -11.62
C LEU L 170 79.48 0.33 -10.52
N SER L 171 79.05 0.12 -9.26
CA SER L 171 79.69 0.75 -8.11
C SER L 171 79.71 -0.22 -6.94
N SER L 172 80.92 -0.60 -6.52
CA SER L 172 81.15 -1.44 -5.36
C SER L 172 81.65 -0.56 -4.21
N THR L 173 81.53 -1.05 -2.99
CA THR L 173 82.06 -0.36 -1.81
C THR L 173 82.82 -1.34 -0.93
N LEU L 174 83.73 -0.81 -0.09
CA LEU L 174 84.54 -1.63 0.81
C LEU L 174 84.53 -1.00 2.20
N THR L 175 83.47 -1.22 2.97
CA THR L 175 83.26 -0.51 4.23
C THR L 175 83.92 -1.25 5.38
N LEU L 176 84.92 -0.62 6.00
CA LEU L 176 85.70 -1.22 7.07
C LEU L 176 85.68 -0.28 8.27
N SER L 177 86.34 -0.69 9.36
CA SER L 177 86.44 0.19 10.53
C SER L 177 87.68 1.08 10.42
N LYS L 178 87.71 2.13 11.26
CA LYS L 178 88.75 3.15 11.11
C LYS L 178 90.13 2.62 11.49
N ALA L 179 90.19 1.56 12.30
CA ALA L 179 91.46 0.91 12.59
C ALA L 179 92.02 0.20 11.37
N ASP L 180 91.15 -0.18 10.44
CA ASP L 180 91.53 -1.08 9.35
C ASP L 180 92.06 -0.36 8.13
N TYR L 181 91.69 0.91 7.93
CA TYR L 181 92.14 1.63 6.74
C TYR L 181 93.54 2.21 6.93
N GLU L 182 93.80 2.81 8.09
CA GLU L 182 95.09 3.41 8.40
C GLU L 182 96.14 2.35 8.71
N LYS L 183 95.72 1.12 8.96
CA LYS L 183 96.61 -0.02 9.11
C LYS L 183 97.37 -0.35 7.83
N HIS L 184 96.74 -0.13 6.68
CA HIS L 184 97.26 -0.58 5.41
C HIS L 184 97.62 0.62 4.54
N LYS L 185 98.33 0.34 3.45
CA LYS L 185 98.73 1.40 2.51
C LYS L 185 98.16 1.23 1.10
N VAL L 186 98.46 0.12 0.44
CA VAL L 186 98.21 -0.04 -0.99
C VAL L 186 96.76 -0.45 -1.21
N TYR L 187 95.97 0.47 -1.77
CA TYR L 187 94.59 0.21 -2.10
C TYR L 187 94.44 0.20 -3.62
N ALA L 188 93.83 -0.86 -4.15
CA ALA L 188 93.62 -1.02 -5.58
C ALA L 188 92.41 -1.89 -5.82
N CYS L 189 91.84 -1.76 -7.01
CA CYS L 189 90.72 -2.58 -7.47
C CYS L 189 91.23 -3.50 -8.57
N GLU L 190 90.32 -4.31 -9.15
CA GLU L 190 90.61 -5.14 -10.32
C GLU L 190 89.39 -5.19 -11.25
N VAL L 191 89.61 -5.07 -12.55
CA VAL L 191 88.56 -5.01 -13.56
C VAL L 191 88.86 -6.07 -14.60
N THR L 192 87.84 -6.85 -15.01
CA THR L 192 88.02 -7.97 -15.92
C THR L 192 86.79 -8.18 -16.79
N HIS L 193 86.95 -8.11 -18.11
CA HIS L 193 85.84 -8.19 -19.04
C HIS L 193 86.15 -9.11 -20.19
N GLN L 194 85.10 -9.53 -20.88
CA GLN L 194 85.22 -10.17 -22.18
C GLN L 194 85.88 -9.26 -23.20
N GLY L 195 85.60 -7.96 -23.14
CA GLY L 195 86.10 -6.95 -24.03
C GLY L 195 87.41 -6.32 -23.64
N LEU L 196 88.12 -6.88 -22.67
CA LEU L 196 89.46 -6.43 -22.31
C LEU L 196 90.42 -7.59 -22.41
N SER L 197 91.54 -7.38 -23.10
CA SER L 197 92.53 -8.43 -23.27
C SER L 197 93.56 -8.43 -22.16
N SER L 198 93.42 -7.53 -21.18
CA SER L 198 94.38 -7.44 -20.09
C SER L 198 93.63 -6.97 -18.85
N PRO L 199 93.98 -7.48 -17.68
CA PRO L 199 93.38 -6.97 -16.44
C PRO L 199 93.89 -5.56 -16.15
N VAL L 200 92.95 -4.67 -15.85
CA VAL L 200 93.23 -3.28 -15.54
C VAL L 200 93.00 -3.08 -14.05
N THR L 201 93.98 -2.46 -13.38
CA THR L 201 93.85 -2.00 -12.00
C THR L 201 94.17 -0.52 -11.97
N LYS L 202 93.63 0.17 -10.96
CA LYS L 202 94.08 1.51 -10.60
C LYS L 202 94.31 1.53 -9.11
N SER L 203 95.05 2.52 -8.63
CA SER L 203 95.55 2.49 -7.26
C SER L 203 95.31 3.82 -6.57
N PHE L 204 95.30 3.75 -5.24
CA PHE L 204 95.40 4.92 -4.36
C PHE L 204 96.04 4.48 -3.05
N ASN L 205 97.34 4.70 -2.92
CA ASN L 205 98.07 4.35 -1.72
C ASN L 205 97.70 5.33 -0.63
N ARG L 206 97.41 4.82 0.56
CA ARG L 206 96.93 5.67 1.64
C ARG L 206 98.08 6.41 2.30
N GLY L 207 97.89 7.71 2.48
CA GLY L 207 98.93 8.60 2.96
C GLY L 207 99.85 9.13 1.89
N GLU L 208 99.75 8.63 0.66
CA GLU L 208 100.70 8.97 -0.38
C GLU L 208 99.99 9.35 -1.68
N GLU M 1 -14.99 -18.95 -77.32
CA GLU M 1 -13.99 -20.01 -77.21
C GLU M 1 -14.27 -20.87 -76.00
N ASN M 2 -14.14 -22.19 -76.15
CA ASN M 2 -14.48 -23.11 -75.07
C ASN M 2 -13.23 -23.31 -74.22
N LEU M 3 -13.25 -22.73 -73.03
CA LEU M 3 -12.11 -22.77 -72.13
C LEU M 3 -12.50 -23.38 -70.80
N TRP M 4 -11.50 -23.68 -69.96
CA TRP M 4 -11.72 -24.33 -68.68
C TRP M 4 -10.88 -23.65 -67.60
N VAL M 5 -11.48 -23.45 -66.42
CA VAL M 5 -10.83 -22.76 -65.32
C VAL M 5 -9.60 -23.53 -64.87
N THR M 6 -8.49 -22.82 -64.66
CA THR M 6 -7.37 -23.37 -63.94
C THR M 6 -7.14 -22.54 -62.70
N VAL M 7 -6.50 -23.13 -61.69
CA VAL M 7 -6.38 -22.54 -60.37
C VAL M 7 -4.92 -22.39 -60.01
N TYR M 8 -4.53 -21.17 -59.66
CA TYR M 8 -3.15 -20.79 -59.39
C TYR M 8 -3.00 -20.32 -57.97
N TYR M 9 -1.97 -20.82 -57.28
CA TYR M 9 -1.73 -20.46 -55.89
C TYR M 9 -0.34 -19.86 -55.77
N GLY M 10 -0.26 -18.68 -55.18
CA GLY M 10 0.97 -17.95 -55.08
C GLY M 10 1.04 -16.72 -55.96
N VAL M 11 -0.07 -16.31 -56.53
CA VAL M 11 -0.12 -15.21 -57.49
C VAL M 11 0.10 -13.88 -56.77
N PRO M 12 1.02 -13.02 -57.24
CA PRO M 12 1.34 -11.76 -56.55
C PRO M 12 0.28 -10.69 -56.72
N VAL M 13 -0.79 -10.76 -55.94
CA VAL M 13 -1.78 -9.70 -55.91
C VAL M 13 -2.03 -9.30 -54.47
N TRP M 14 -2.67 -8.13 -54.29
CA TRP M 14 -2.78 -7.45 -53.01
C TRP M 14 -4.20 -6.99 -52.78
N LYS M 15 -4.54 -6.79 -51.52
CA LYS M 15 -5.66 -5.95 -51.13
C LYS M 15 -5.18 -5.08 -49.99
N ASP M 16 -5.80 -3.92 -49.81
CA ASP M 16 -5.40 -3.05 -48.72
C ASP M 16 -5.88 -3.65 -47.41
N ALA M 17 -5.17 -3.38 -46.33
CA ALA M 17 -5.51 -4.04 -45.08
C ALA M 17 -5.17 -3.14 -43.89
N GLU M 18 -5.61 -3.60 -42.73
CA GLU M 18 -5.36 -2.97 -41.45
C GLU M 18 -4.92 -4.06 -40.48
N THR M 19 -3.75 -3.87 -39.86
CA THR M 19 -3.29 -4.86 -38.90
C THR M 19 -2.38 -4.20 -37.88
N THR M 20 -1.95 -5.02 -36.92
CA THR M 20 -1.06 -4.59 -35.84
C THR M 20 0.33 -5.12 -36.13
N LEU M 21 1.32 -4.23 -36.12
CA LEU M 21 2.68 -4.60 -36.48
C LEU M 21 3.51 -4.96 -35.25
N PHE M 22 4.72 -5.41 -35.56
CA PHE M 22 5.74 -5.91 -34.63
C PHE M 22 6.60 -4.79 -34.10
N CYS M 23 6.93 -4.73 -32.83
CA CYS M 23 7.81 -3.60 -32.44
C CYS M 23 9.16 -3.72 -33.12
N ALA M 24 9.83 -4.87 -33.01
CA ALA M 24 11.13 -5.16 -33.67
C ALA M 24 12.27 -4.14 -33.47
N SER M 25 12.76 -3.95 -32.26
CA SER M 25 13.92 -3.05 -32.02
C SER M 25 15.24 -3.74 -32.30
N ASP M 26 16.33 -2.98 -32.36
CA ASP M 26 17.72 -3.49 -32.51
C ASP M 26 18.20 -4.04 -31.16
N ALA M 27 19.22 -4.92 -31.12
CA ALA M 27 19.59 -5.45 -29.79
C ALA M 27 21.06 -5.86 -29.72
N LYS M 28 21.63 -5.80 -28.52
CA LYS M 28 23.01 -6.17 -28.25
C LYS M 28 23.01 -7.11 -27.07
N ALA M 29 24.18 -7.28 -26.46
CA ALA M 29 24.24 -8.03 -25.20
C ALA M 29 23.47 -7.32 -24.09
N TYR M 30 23.84 -6.05 -23.82
CA TYR M 30 23.26 -5.23 -22.75
C TYR M 30 23.36 -5.91 -21.38
N GLU M 31 24.57 -6.36 -21.05
CA GLU M 31 24.77 -7.13 -19.82
C GLU M 31 24.80 -6.23 -18.58
N THR M 32 25.24 -4.97 -18.73
CA THR M 32 25.26 -4.03 -17.62
C THR M 32 24.35 -2.85 -17.88
N GLU M 33 23.75 -2.79 -19.06
CA GLU M 33 22.93 -1.65 -19.45
C GLU M 33 21.63 -1.71 -18.68
N LYS M 34 21.18 -0.53 -18.25
CA LYS M 34 20.03 -0.40 -17.32
C LYS M 34 18.75 -0.74 -18.07
N HIS M 35 17.70 -1.29 -17.46
CA HIS M 35 16.53 -1.64 -18.32
C HIS M 35 16.10 -0.37 -19.04
N ASN M 36 15.87 -0.37 -20.35
CA ASN M 36 15.49 0.91 -21.03
C ASN M 36 14.03 0.89 -21.43
N ILE M 37 13.23 1.82 -20.93
CA ILE M 37 11.76 1.81 -21.16
C ILE M 37 11.34 1.68 -22.63
N TRP M 38 12.01 2.31 -23.60
CA TRP M 38 11.53 2.24 -25.01
C TRP M 38 11.53 0.82 -25.58
N ALA M 39 12.55 0.01 -25.32
CA ALA M 39 12.60 -1.38 -25.83
C ALA M 39 12.45 -2.31 -24.62
N THR M 40 13.20 -3.41 -24.56
CA THR M 40 13.18 -4.37 -23.43
C THR M 40 11.75 -4.90 -23.25
N HIS M 41 11.56 -6.22 -23.24
CA HIS M 41 10.23 -6.84 -23.03
C HIS M 41 9.18 -6.17 -23.92
N ALA M 42 9.40 -6.12 -25.21
CA ALA M 42 8.41 -5.53 -26.14
C ALA M 42 8.93 -5.82 -27.54
N CYS M 43 10.25 -5.75 -27.68
CA CYS M 43 10.92 -5.90 -28.99
C CYS M 43 11.69 -7.22 -29.05
N VAL M 44 12.12 -7.57 -30.27
CA VAL M 44 12.94 -8.77 -30.55
C VAL M 44 14.11 -8.30 -31.42
N PRO M 45 15.32 -8.89 -31.33
CA PRO M 45 16.46 -8.47 -32.17
C PRO M 45 16.18 -8.47 -33.67
N THR M 46 16.61 -7.42 -34.35
CA THR M 46 16.27 -7.06 -35.76
C THR M 46 16.90 -7.90 -36.89
N ASP M 47 16.09 -8.25 -37.92
CA ASP M 47 16.69 -8.86 -39.09
C ASP M 47 17.85 -7.95 -39.48
N PRO M 48 19.07 -8.47 -39.55
CA PRO M 48 20.21 -7.60 -39.90
C PRO M 48 20.30 -7.25 -41.37
N ASN M 49 19.45 -7.83 -42.22
CA ASN M 49 19.55 -7.63 -43.67
C ASN M 49 18.15 -7.41 -44.27
N PRO M 50 17.69 -6.17 -44.28
CA PRO M 50 16.47 -5.87 -45.05
C PRO M 50 16.77 -5.86 -46.53
N GLN M 51 15.85 -6.43 -47.31
CA GLN M 51 15.98 -6.53 -48.76
C GLN M 51 14.91 -5.67 -49.39
N GLU M 52 15.31 -4.69 -50.19
CA GLU M 52 14.34 -3.76 -50.77
C GLU M 52 14.13 -4.15 -52.22
N ILE M 53 13.16 -5.04 -52.44
CA ILE M 53 12.88 -5.60 -53.76
C ILE M 53 12.11 -4.59 -54.59
N HIS M 54 12.79 -3.95 -55.53
CA HIS M 54 12.19 -2.90 -56.34
C HIS M 54 11.22 -3.48 -57.35
N LEU M 55 9.98 -3.00 -57.34
CA LEU M 55 8.96 -3.51 -58.25
C LEU M 55 9.01 -2.74 -59.55
N GLU M 56 8.63 -3.41 -60.63
CA GLU M 56 8.50 -2.79 -61.93
C GLU M 56 7.04 -2.43 -62.15
N ASN M 57 6.79 -1.31 -62.82
CA ASN M 57 5.51 -0.99 -63.47
C ASN M 57 4.34 -0.74 -62.49
N VAL M 58 4.58 -0.92 -61.20
CA VAL M 58 3.53 -0.83 -60.18
C VAL M 58 3.32 0.64 -59.84
N THR M 59 2.07 1.07 -59.78
CA THR M 59 1.69 2.43 -59.40
C THR M 59 0.57 2.35 -58.37
N GLU M 60 0.88 2.66 -57.12
CA GLU M 60 -0.06 2.53 -56.01
C GLU M 60 -0.42 3.87 -55.44
N GLU M 61 -1.62 3.94 -54.83
CA GLU M 61 -2.11 5.14 -54.19
C GLU M 61 -1.88 5.08 -52.68
N PHE M 62 -1.14 6.05 -52.17
CA PHE M 62 -0.88 6.19 -50.76
C PHE M 62 -1.67 7.36 -50.20
N ASN M 63 -1.76 7.41 -48.87
CA ASN M 63 -2.45 8.52 -48.19
C ASN M 63 -1.89 8.58 -46.78
N MET M 64 -1.18 9.66 -46.46
CA MET M 64 -0.59 9.80 -45.15
C MET M 64 -1.53 10.39 -44.13
N TRP M 65 -2.70 10.86 -44.55
CA TRP M 65 -3.60 11.52 -43.62
C TRP M 65 -4.68 10.59 -43.10
N LYS M 66 -4.70 9.35 -43.56
CA LYS M 66 -5.62 8.32 -43.07
C LYS M 66 -4.87 7.05 -42.67
N ASN M 67 -3.58 7.16 -42.39
CA ASN M 67 -2.73 6.00 -42.10
C ASN M 67 -3.02 5.54 -40.68
N ASN M 68 -2.86 4.25 -40.43
CA ASN M 68 -3.08 3.70 -39.11
C ASN M 68 -1.79 3.50 -38.32
N MET M 69 -0.64 3.54 -39.01
CA MET M 69 0.64 3.36 -38.32
C MET M 69 0.92 4.55 -37.40
N VAL M 70 0.46 5.72 -37.79
CA VAL M 70 0.56 6.90 -36.94
C VAL M 70 -0.43 6.78 -35.78
N GLU M 71 -1.57 6.14 -36.03
CA GLU M 71 -2.61 6.07 -35.02
C GLU M 71 -2.35 5.00 -33.98
N GLN M 72 -1.54 4.00 -34.32
CA GLN M 72 -1.19 3.02 -33.30
C GLN M 72 0.18 3.28 -32.71
N MET M 73 0.97 4.16 -33.32
CA MET M 73 2.21 4.53 -32.66
C MET M 73 1.91 5.41 -31.46
N HIS M 74 0.86 6.22 -31.55
CA HIS M 74 0.47 7.07 -30.44
C HIS M 74 -0.21 6.26 -29.33
N THR M 75 -0.72 5.09 -29.67
CA THR M 75 -1.31 4.25 -28.63
C THR M 75 -0.26 3.38 -27.95
N ASP M 76 0.75 2.93 -28.70
CA ASP M 76 1.81 2.14 -28.08
C ASP M 76 2.65 2.97 -27.14
N ILE M 77 2.85 4.25 -27.47
CA ILE M 77 3.70 5.11 -26.64
C ILE M 77 3.09 5.32 -25.26
N ILE M 78 1.76 5.48 -25.21
CA ILE M 78 1.11 5.55 -23.91
C ILE M 78 1.18 4.21 -23.19
N SER M 79 1.13 3.12 -23.93
CA SER M 79 1.13 1.81 -23.28
C SER M 79 2.54 1.37 -22.91
N LEU M 80 3.57 1.95 -23.52
CA LEU M 80 4.92 1.62 -23.10
C LEU M 80 5.28 2.32 -21.80
N TRP M 81 4.80 3.54 -21.60
CA TRP M 81 5.06 4.23 -20.34
C TRP M 81 4.19 3.68 -19.22
N ASP M 82 2.96 3.31 -19.53
CA ASP M 82 2.03 2.95 -18.47
C ASP M 82 2.29 1.53 -17.96
N GLN M 83 3.08 0.75 -18.69
CA GLN M 83 3.38 -0.59 -18.21
C GLN M 83 4.72 -0.64 -17.49
N SER M 84 5.59 0.34 -17.74
CA SER M 84 6.87 0.34 -17.05
C SER M 84 6.73 0.92 -15.65
N LEU M 85 5.80 1.85 -15.45
CA LEU M 85 5.65 2.57 -14.19
C LEU M 85 4.69 1.89 -13.23
N LYS M 86 4.51 0.58 -13.32
CA LYS M 86 3.75 -0.11 -12.29
C LYS M 86 4.55 -0.35 -11.00
N PRO M 87 5.75 -0.93 -11.03
CA PRO M 87 6.54 -1.11 -9.83
C PRO M 87 7.05 0.13 -9.07
N CYS M 88 7.19 1.27 -9.73
CA CYS M 88 7.81 2.50 -9.17
C CYS M 88 7.11 3.06 -7.93
N VAL M 89 7.90 3.67 -7.02
CA VAL M 89 7.51 4.20 -5.72
C VAL M 89 6.61 5.40 -5.90
N LYS M 90 5.55 5.48 -5.10
CA LYS M 90 4.72 6.68 -5.04
C LYS M 90 5.31 7.66 -4.03
N LEU M 91 5.25 8.95 -4.36
CA LEU M 91 5.73 10.00 -3.45
C LEU M 91 4.57 10.58 -2.65
N THR M 92 3.81 9.71 -2.00
CA THR M 92 2.74 10.18 -1.13
C THR M 92 3.16 10.86 0.18
N PRO M 93 4.31 10.57 0.81
CA PRO M 93 4.64 11.33 2.03
C PRO M 93 4.94 12.80 1.81
N LEU M 94 5.35 13.22 0.62
CA LEU M 94 5.82 14.58 0.41
C LEU M 94 4.71 15.60 0.21
N CYS M 95 3.48 15.28 0.58
CA CYS M 95 2.40 16.27 0.53
C CYS M 95 2.26 16.86 1.93
N VAL M 96 3.27 17.64 2.33
CA VAL M 96 3.34 18.22 3.66
C VAL M 96 3.57 19.71 3.55
N THR M 97 3.75 20.35 4.69
CA THR M 97 3.95 21.79 4.74
C THR M 97 5.44 22.10 4.70
N LEU M 98 5.83 23.04 3.84
CA LEU M 98 7.23 23.36 3.59
C LEU M 98 7.56 24.74 4.16
N GLN M 99 8.57 24.79 5.03
CA GLN M 99 9.10 26.06 5.51
C GLN M 99 10.25 26.49 4.61
N CYS M 100 9.95 27.31 3.61
CA CYS M 100 10.89 27.58 2.53
C CYS M 100 11.37 29.01 2.62
N THR M 101 12.38 29.33 1.81
CA THR M 101 12.92 30.68 1.68
C THR M 101 13.71 30.81 0.39
N ASN M 102 14.10 32.05 0.10
CA ASN M 102 14.93 32.38 -1.06
C ASN M 102 16.32 31.78 -0.89
N VAL M 103 17.06 31.68 -1.99
CA VAL M 103 18.44 31.20 -1.92
C VAL M 103 19.45 32.35 -1.91
N THR M 104 19.29 33.33 -2.79
CA THR M 104 20.22 34.45 -2.87
C THR M 104 19.88 35.52 -1.82
N ASN M 105 20.76 36.51 -1.72
CA ASN M 105 20.51 37.67 -0.86
C ASN M 105 20.19 38.93 -1.65
N ALA M 106 20.34 38.89 -2.98
CA ALA M 106 20.10 40.05 -3.83
C ALA M 106 19.47 39.57 -5.12
N ILE M 107 18.22 39.97 -5.33
CA ILE M 107 17.40 39.52 -6.45
C ILE M 107 17.70 40.38 -7.67
N THR M 108 18.04 39.73 -8.78
CA THR M 108 18.26 40.39 -10.05
C THR M 108 17.10 40.19 -11.02
N ASP M 109 16.53 38.99 -11.06
CA ASP M 109 15.41 38.63 -11.94
C ASP M 109 14.75 37.38 -11.39
N GLY M 113 14.26 35.13 -7.94
CA GLY M 113 15.11 33.96 -7.93
C GLY M 113 14.53 32.78 -8.69
N GLU M 114 15.34 31.71 -8.82
CA GLU M 114 14.89 30.52 -9.53
C GLU M 114 14.64 29.37 -8.55
N LEU M 115 15.64 28.98 -7.77
CA LEU M 115 15.51 27.90 -6.81
C LEU M 115 14.94 28.43 -5.50
N LYS M 116 14.39 27.50 -4.70
CA LYS M 116 13.90 27.80 -3.36
C LYS M 116 14.42 26.73 -2.43
N ASN M 117 14.69 27.11 -1.18
CA ASN M 117 15.30 26.22 -0.21
C ASN M 117 14.29 25.88 0.89
N CYS M 118 13.95 24.60 1.01
CA CYS M 118 12.79 24.19 1.78
C CYS M 118 13.20 23.38 3.01
N SER M 119 12.20 22.98 3.79
CA SER M 119 12.40 22.20 5.02
C SER M 119 11.14 21.45 5.39
N PHE M 120 11.30 20.19 5.81
CA PHE M 120 10.16 19.33 6.08
C PHE M 120 10.58 18.17 6.97
N ASN M 121 9.58 17.44 7.48
CA ASN M 121 9.85 16.25 8.28
C ASN M 121 9.90 15.00 7.41
N MET M 122 10.68 14.02 7.86
CA MET M 122 10.79 12.76 7.16
C MET M 122 11.13 11.67 8.17
N THR M 123 10.51 10.52 7.97
CA THR M 123 10.69 9.33 8.80
C THR M 123 12.11 8.80 8.67
N THR M 124 12.67 8.37 9.80
CA THR M 124 13.93 7.65 9.83
C THR M 124 13.68 6.18 9.47
N GLU M 125 14.61 5.31 9.82
CA GLU M 125 14.42 3.87 9.65
C GLU M 125 13.19 3.40 10.42
N LEU M 126 13.20 3.61 11.73
CA LEU M 126 12.07 3.27 12.57
C LEU M 126 10.94 4.26 12.32
N ARG M 127 9.76 3.76 11.97
CA ARG M 127 8.69 4.63 11.47
C ARG M 127 7.83 5.15 12.62
N ASP M 128 8.49 5.76 13.60
CA ASP M 128 7.81 6.52 14.63
C ASP M 128 8.58 7.78 14.98
N LYS M 129 9.76 7.93 14.39
CA LYS M 129 10.64 9.05 14.66
C LYS M 129 10.76 9.93 13.44
N LYS M 130 10.72 11.25 13.65
CA LYS M 130 10.65 12.23 12.58
C LYS M 130 11.84 13.17 12.68
N GLN M 131 12.42 13.53 11.53
CA GLN M 131 13.60 14.38 11.50
C GLN M 131 13.43 15.47 10.46
N LYS M 132 14.20 16.55 10.60
CA LYS M 132 14.13 17.64 9.63
C LYS M 132 15.05 17.37 8.46
N VAL M 133 14.49 17.46 7.25
CA VAL M 133 15.26 17.32 6.02
C VAL M 133 14.96 18.56 5.17
N TYR M 134 15.89 18.90 4.27
CA TYR M 134 15.70 19.98 3.32
C TYR M 134 15.91 19.45 1.92
N SER M 135 15.69 20.33 0.94
CA SER M 135 15.85 20.06 -0.50
C SER M 135 15.85 21.40 -1.21
N LEU M 136 16.00 21.38 -2.54
CA LEU M 136 16.10 22.61 -3.33
C LEU M 136 15.14 22.55 -4.51
N PHE M 137 13.90 22.95 -4.32
CA PHE M 137 12.92 22.84 -5.39
C PHE M 137 12.87 24.10 -6.25
N TYR M 138 12.62 23.92 -7.54
CA TYR M 138 12.40 25.03 -8.45
C TYR M 138 11.11 25.75 -8.09
N ARG M 139 10.99 27.01 -8.54
CA ARG M 139 9.83 27.77 -8.11
C ARG M 139 8.58 27.45 -8.92
N LEU M 140 8.73 26.85 -10.10
CA LEU M 140 7.56 26.40 -10.84
C LEU M 140 6.87 25.23 -10.18
N ASP M 141 7.58 24.44 -9.39
CA ASP M 141 7.04 23.22 -8.81
C ASP M 141 6.57 23.38 -7.38
N VAL M 142 6.42 24.63 -6.94
CA VAL M 142 6.03 24.97 -5.57
C VAL M 142 4.99 26.08 -5.64
N VAL M 143 3.86 25.88 -4.98
CA VAL M 143 2.79 26.86 -4.91
C VAL M 143 2.56 27.21 -3.44
N GLN M 144 1.82 28.27 -3.19
CA GLN M 144 1.63 28.81 -1.84
C GLN M 144 0.30 28.37 -1.25
N ILE M 145 0.31 27.99 0.02
CA ILE M 145 -0.93 27.62 0.71
C ILE M 145 -1.64 28.88 1.16
N ASN M 146 -1.00 29.63 2.07
CA ASN M 146 -1.61 30.84 2.63
C ASN M 146 -0.57 31.92 2.91
N ASN M 157 7.23 29.76 6.97
CA ASN M 157 7.33 31.21 6.88
C ASN M 157 7.94 31.72 5.54
N LYS M 158 7.18 31.69 4.45
CA LYS M 158 5.79 31.21 4.39
C LYS M 158 5.73 29.71 4.17
N GLU M 159 4.53 29.15 4.21
CA GLU M 159 4.31 27.72 4.13
C GLU M 159 3.87 27.37 2.70
N TYR M 160 4.61 26.46 2.08
CA TYR M 160 4.41 26.06 0.70
C TYR M 160 4.08 24.58 0.63
N ARG M 161 3.77 24.11 -0.58
CA ARG M 161 3.58 22.70 -0.85
C ARG M 161 3.73 22.46 -2.35
N LEU M 162 3.69 21.19 -2.74
CA LEU M 162 3.89 20.83 -4.14
C LEU M 162 2.70 21.23 -4.99
N ILE M 163 2.88 21.14 -6.31
CA ILE M 163 1.93 21.78 -7.22
C ILE M 163 0.66 20.96 -7.37
N ASN M 164 0.70 19.69 -7.01
CA ASN M 164 -0.43 18.79 -7.25
C ASN M 164 -0.74 17.87 -6.07
N CYS M 165 -0.94 18.41 -4.87
CA CYS M 165 -1.44 17.58 -3.78
C CYS M 165 -2.96 17.46 -3.76
N ASN M 166 -3.67 18.16 -4.64
CA ASN M 166 -5.12 17.97 -4.70
C ASN M 166 -5.48 16.64 -5.35
N THR M 167 -5.03 16.42 -6.58
CA THR M 167 -5.66 15.42 -7.44
C THR M 167 -4.75 14.26 -7.80
N SER M 168 -3.44 14.45 -7.76
CA SER M 168 -2.54 13.54 -8.45
C SER M 168 -1.66 12.78 -7.47
N ALA M 169 -1.31 11.56 -7.88
CA ALA M 169 -0.33 10.76 -7.16
C ALA M 169 0.97 10.79 -7.94
N ILE M 170 1.92 11.57 -7.45
CA ILE M 170 3.18 11.79 -8.15
C ILE M 170 4.04 10.55 -8.00
N THR M 171 4.17 9.79 -9.08
CA THR M 171 4.90 8.53 -9.08
C THR M 171 6.35 8.83 -9.44
N MET M 172 7.26 8.55 -8.52
CA MET M 172 8.67 8.80 -8.79
C MET M 172 9.18 7.82 -9.82
N VAL M 173 9.72 8.32 -10.93
CA VAL M 173 10.23 7.43 -12.02
C VAL M 173 11.38 6.63 -11.43
N CYS M 174 11.43 5.32 -11.62
CA CYS M 174 12.51 4.53 -10.97
C CYS M 174 13.88 5.06 -11.37
N PRO M 175 14.92 4.97 -10.52
CA PRO M 175 16.27 5.44 -10.84
C PRO M 175 17.03 4.48 -11.76
N LYS M 176 16.61 3.21 -11.77
CA LYS M 176 17.22 2.14 -12.60
C LYS M 176 16.65 2.30 -14.01
N LEU M 177 15.85 3.34 -14.23
CA LEU M 177 15.32 3.44 -15.59
C LEU M 177 16.20 4.33 -16.45
N SER M 178 15.91 4.33 -17.74
CA SER M 178 16.58 5.22 -18.69
C SER M 178 15.65 5.46 -19.86
N PHE M 179 15.28 6.72 -20.06
CA PHE M 179 14.48 7.10 -21.22
C PHE M 179 15.36 7.83 -22.22
N GLU M 180 15.30 7.39 -23.48
CA GLU M 180 16.32 7.72 -24.45
C GLU M 180 15.83 7.29 -25.82
N PRO M 181 16.07 8.07 -26.85
CA PRO M 181 15.71 7.62 -28.21
C PRO M 181 16.53 6.43 -28.71
N ILE M 182 15.86 5.33 -29.02
CA ILE M 182 16.45 4.12 -29.58
C ILE M 182 15.61 3.66 -30.75
N PRO M 183 16.22 3.42 -31.92
CA PRO M 183 15.44 3.21 -33.15
C PRO M 183 14.55 1.97 -33.20
N ILE M 184 13.24 2.17 -33.28
CA ILE M 184 12.27 1.09 -33.39
C ILE M 184 11.96 0.83 -34.85
N HIS M 185 12.02 -0.44 -35.27
CA HIS M 185 11.71 -0.86 -36.63
C HIS M 185 10.35 -1.54 -36.61
N TYR M 186 9.37 -0.99 -37.32
CA TYR M 186 8.04 -1.59 -37.38
C TYR M 186 7.97 -2.65 -38.46
N CYS M 187 7.68 -3.89 -38.05
CA CYS M 187 7.70 -5.04 -38.94
C CYS M 187 6.31 -5.66 -39.04
N ALA M 188 6.05 -6.30 -40.17
CA ALA M 188 4.75 -6.94 -40.40
C ALA M 188 4.89 -8.45 -40.22
N PRO M 189 3.95 -9.13 -39.58
CA PRO M 189 4.01 -10.59 -39.53
C PRO M 189 3.61 -11.22 -40.86
N ALA M 190 3.65 -12.55 -40.91
CA ALA M 190 3.46 -13.29 -42.14
C ALA M 190 2.05 -13.08 -42.70
N GLY M 191 1.94 -13.00 -44.02
CA GLY M 191 0.69 -12.68 -44.67
C GLY M 191 0.48 -11.20 -44.89
N PHE M 192 1.39 -10.36 -44.42
CA PHE M 192 1.30 -8.92 -44.55
C PHE M 192 2.61 -8.37 -45.08
N ALA M 193 2.54 -7.20 -45.72
CA ALA M 193 3.72 -6.58 -46.28
C ALA M 193 3.57 -5.07 -46.17
N ILE M 194 4.71 -4.38 -46.20
CA ILE M 194 4.78 -2.93 -46.11
C ILE M 194 5.40 -2.40 -47.40
N LEU M 195 4.79 -1.36 -47.98
CA LEU M 195 5.24 -0.79 -49.24
C LEU M 195 5.80 0.61 -49.01
N LYS M 196 6.94 0.90 -49.61
CA LYS M 196 7.62 2.17 -49.42
C LYS M 196 7.65 2.97 -50.73
N CYS M 197 7.23 4.22 -50.66
CA CYS M 197 7.35 5.11 -51.80
C CYS M 197 8.79 5.58 -51.94
N LYS M 198 9.21 5.76 -53.19
CA LYS M 198 10.52 6.35 -53.43
C LYS M 198 10.47 7.57 -54.31
N ASP M 199 9.28 8.07 -54.64
CA ASP M 199 9.12 9.28 -55.43
C ASP M 199 9.60 10.45 -54.59
N LYS M 200 10.36 11.36 -55.20
CA LYS M 200 10.93 12.46 -54.44
C LYS M 200 10.06 13.71 -54.46
N LYS M 201 8.93 13.68 -55.16
CA LYS M 201 7.99 14.78 -55.10
C LYS M 201 6.70 14.44 -54.38
N PHE M 202 6.73 13.46 -53.49
CA PHE M 202 5.51 12.95 -52.88
C PHE M 202 4.98 13.89 -51.82
N ASN M 203 3.91 14.63 -52.14
CA ASN M 203 3.37 15.56 -51.15
C ASN M 203 2.47 14.85 -50.13
N GLY M 204 2.13 13.59 -50.34
CA GLY M 204 1.44 12.87 -49.30
C GLY M 204 0.16 12.20 -49.72
N THR M 205 -0.22 12.33 -50.98
CA THR M 205 -1.48 11.74 -51.41
C THR M 205 -1.39 11.43 -52.90
N GLY M 206 -2.19 10.45 -53.32
CA GLY M 206 -2.28 10.12 -54.71
C GLY M 206 -1.30 9.05 -55.12
N PRO M 207 -1.11 8.88 -56.43
CA PRO M 207 -0.31 7.77 -56.92
C PRO M 207 1.20 8.00 -56.74
N CYS M 208 1.88 6.92 -56.36
CA CYS M 208 3.35 6.92 -56.25
C CYS M 208 3.89 6.00 -57.33
N PRO M 209 4.52 6.53 -58.38
CA PRO M 209 4.91 5.70 -59.52
C PRO M 209 6.11 4.82 -59.28
N SER M 210 6.69 4.80 -58.07
CA SER M 210 7.87 3.99 -57.78
C SER M 210 7.71 3.37 -56.40
N VAL M 211 7.37 2.08 -56.37
CA VAL M 211 6.99 1.37 -55.15
C VAL M 211 7.92 0.17 -54.98
N SER M 212 8.35 -0.10 -53.74
CA SER M 212 9.16 -1.27 -53.45
C SER M 212 8.76 -1.87 -52.12
N THR M 213 8.58 -3.18 -52.09
CA THR M 213 8.20 -3.88 -50.87
C THR M 213 9.38 -3.95 -49.93
N VAL M 214 9.10 -3.76 -48.66
CA VAL M 214 10.13 -3.74 -47.61
C VAL M 214 9.67 -4.70 -46.52
N GLN M 215 10.60 -5.46 -45.95
CA GLN M 215 10.28 -6.22 -44.74
C GLN M 215 10.03 -5.32 -43.54
N CYS M 216 10.98 -4.46 -43.18
CA CYS M 216 10.91 -3.63 -41.98
C CYS M 216 11.40 -2.22 -42.30
N THR M 217 10.70 -1.23 -41.77
CA THR M 217 11.06 0.17 -42.00
C THR M 217 12.36 0.56 -41.32
N HIS M 218 12.84 1.73 -41.69
CA HIS M 218 14.08 2.23 -41.10
C HIS M 218 13.85 2.60 -39.64
N GLY M 219 14.95 2.79 -38.93
CA GLY M 219 14.81 2.95 -37.50
C GLY M 219 14.48 4.34 -37.08
N ILE M 220 13.21 4.57 -36.76
CA ILE M 220 12.85 5.86 -36.18
C ILE M 220 13.06 5.79 -34.67
N LYS M 221 13.74 6.81 -34.14
CA LYS M 221 14.15 7.36 -32.87
C LYS M 221 13.01 8.12 -32.23
N PRO M 222 12.34 7.55 -31.25
CA PRO M 222 11.18 8.25 -30.69
C PRO M 222 11.57 9.42 -29.78
N VAL M 223 11.36 10.63 -30.28
CA VAL M 223 11.63 11.84 -29.53
C VAL M 223 10.33 12.65 -29.46
N LEU M 224 9.98 13.08 -28.25
CA LEU M 224 8.71 13.75 -27.99
C LEU M 224 8.96 15.23 -27.80
N SER M 225 8.69 16.01 -28.85
CA SER M 225 8.97 17.43 -28.81
C SER M 225 7.78 18.17 -29.40
N THR M 226 7.78 19.49 -29.23
CA THR M 226 6.75 20.35 -29.76
C THR M 226 7.43 21.49 -30.51
N GLN M 227 6.74 22.00 -31.53
CA GLN M 227 7.07 23.16 -32.37
C GLN M 227 8.26 22.96 -33.31
N LEU M 228 9.08 21.94 -33.09
CA LEU M 228 10.29 21.70 -33.86
C LEU M 228 10.61 20.22 -33.79
N LEU M 229 11.08 19.67 -34.91
CA LEU M 229 11.27 18.23 -35.04
C LEU M 229 12.76 17.93 -34.97
N LEU M 230 13.20 17.29 -33.88
CA LEU M 230 14.61 17.05 -33.63
C LEU M 230 14.99 15.65 -34.05
N ASN M 231 16.21 15.54 -34.60
CA ASN M 231 16.83 14.28 -35.04
C ASN M 231 15.96 13.51 -36.02
N GLY M 232 15.27 14.24 -36.90
CA GLY M 232 14.33 13.65 -37.83
C GLY M 232 15.02 13.14 -39.09
N SER M 233 14.21 12.83 -40.08
CA SER M 233 14.73 12.43 -41.37
C SER M 233 14.60 13.58 -42.37
N LEU M 234 15.64 13.75 -43.16
CA LEU M 234 15.76 14.89 -44.07
C LEU M 234 15.02 14.65 -45.37
N ALA M 235 14.88 15.72 -46.14
CA ALA M 235 14.38 15.63 -47.50
C ALA M 235 15.50 15.23 -48.45
N GLU M 236 15.23 15.33 -49.74
CA GLU M 236 16.14 14.86 -50.77
C GLU M 236 16.70 15.97 -51.63
N GLU M 237 15.86 16.78 -52.26
CA GLU M 237 16.41 17.86 -53.06
C GLU M 237 16.11 19.23 -52.46
N GLU M 238 14.85 19.54 -52.27
CA GLU M 238 14.46 20.86 -51.79
C GLU M 238 13.67 20.74 -50.49
N VAL M 239 13.23 21.89 -49.99
CA VAL M 239 12.37 21.90 -48.82
C VAL M 239 10.97 21.43 -49.21
N MET M 240 10.39 20.56 -48.38
CA MET M 240 9.11 19.96 -48.68
C MET M 240 8.05 20.49 -47.72
N ILE M 241 7.14 21.33 -48.23
CA ILE M 241 6.04 21.86 -47.45
C ILE M 241 4.84 20.95 -47.67
N ARG M 242 4.10 20.65 -46.61
CA ARG M 242 3.22 19.50 -46.60
C ARG M 242 2.08 19.70 -45.62
N SER M 243 0.85 19.79 -46.12
CA SER M 243 -0.32 20.01 -45.28
C SER M 243 -1.52 19.33 -45.91
N GLU M 244 -2.64 19.35 -45.18
CA GLU M 244 -3.79 18.57 -45.60
C GLU M 244 -4.73 19.33 -46.53
N ASN M 245 -5.32 20.41 -46.03
CA ASN M 245 -6.27 21.23 -46.77
C ASN M 245 -5.89 22.69 -46.80
N ILE M 246 -4.72 23.02 -47.35
CA ILE M 246 -3.90 24.22 -47.13
C ILE M 246 -4.65 25.52 -46.80
N THR M 247 -5.81 25.72 -47.39
CA THR M 247 -6.66 26.88 -47.13
C THR M 247 -7.41 26.81 -45.80
N ASN M 248 -7.40 25.65 -45.15
CA ASN M 248 -8.05 25.48 -43.85
C ASN M 248 -7.09 26.00 -42.80
N ASN M 249 -7.58 26.82 -41.86
CA ASN M 249 -6.72 27.33 -40.80
C ASN M 249 -6.34 26.28 -39.77
N ALA M 250 -7.25 25.41 -39.35
CA ALA M 250 -7.02 24.54 -38.22
C ALA M 250 -6.05 23.40 -38.49
N LYS M 251 -5.55 23.29 -39.72
CA LYS M 251 -4.60 22.27 -40.13
C LYS M 251 -3.17 22.76 -39.96
N ASN M 252 -2.33 21.93 -39.38
CA ASN M 252 -0.94 22.28 -39.21
C ASN M 252 -0.16 22.08 -40.50
N ILE M 253 0.94 22.80 -40.63
CA ILE M 253 1.76 22.83 -41.84
C ILE M 253 3.10 22.19 -41.49
N LEU M 254 3.35 21.01 -42.03
CA LEU M 254 4.59 20.28 -41.78
C LEU M 254 5.66 20.72 -42.75
N VAL M 255 6.82 21.10 -42.22
CA VAL M 255 7.96 21.58 -42.99
C VAL M 255 9.08 20.57 -42.78
N GLN M 256 9.82 20.24 -43.84
CA GLN M 256 10.91 19.27 -43.75
C GLN M 256 12.12 19.77 -44.52
N PHE M 257 13.29 19.79 -43.86
CA PHE M 257 14.50 20.40 -44.41
C PHE M 257 15.33 19.39 -45.18
N ASN M 258 16.16 19.88 -46.09
CA ASN M 258 17.12 19.02 -46.76
C ASN M 258 18.51 19.10 -46.12
N THR M 259 18.73 20.05 -45.22
CA THR M 259 20.02 20.16 -44.54
C THR M 259 19.76 20.43 -43.07
N PRO M 260 20.48 19.76 -42.17
CA PRO M 260 20.19 19.92 -40.74
C PRO M 260 20.70 21.24 -40.21
N VAL M 261 19.97 21.77 -39.23
CA VAL M 261 20.32 23.02 -38.54
C VAL M 261 20.66 22.66 -37.11
N GLN M 262 21.91 22.89 -36.73
CA GLN M 262 22.46 22.35 -35.49
C GLN M 262 22.04 23.21 -34.31
N ILE M 263 21.99 22.63 -33.10
CA ILE M 263 21.67 23.36 -31.89
C ILE M 263 22.61 22.87 -30.79
N ASN M 264 22.87 23.72 -29.80
CA ASN M 264 23.74 23.39 -28.67
C ASN M 264 23.09 23.84 -27.38
N CYS M 265 22.85 22.91 -26.46
CA CYS M 265 22.08 23.19 -25.26
C CYS M 265 22.84 22.75 -24.03
N THR M 266 22.65 23.48 -22.94
CA THR M 266 23.35 23.13 -21.71
C THR M 266 22.60 23.65 -20.49
N ARG M 267 22.88 23.03 -19.35
CA ARG M 267 22.48 23.51 -18.03
C ARG M 267 23.74 23.86 -17.26
N PRO M 268 24.14 25.09 -17.19
CA PRO M 268 25.50 25.40 -16.76
C PRO M 268 25.71 25.45 -15.26
N LEU M 269 24.80 24.95 -14.44
CA LEU M 269 25.00 24.91 -12.99
C LEU M 269 25.18 23.47 -12.56
N ASN M 270 26.01 23.28 -11.54
CA ASN M 270 26.41 21.96 -11.11
C ASN M 270 25.61 21.54 -9.88
N LEU M 271 25.18 20.28 -9.83
CA LEU M 271 24.33 19.82 -8.75
C LEU M 271 24.69 18.40 -8.33
N THR M 272 24.31 18.06 -7.10
CA THR M 272 24.49 16.74 -6.52
C THR M 272 23.15 16.20 -6.05
N ARG M 273 23.19 15.01 -5.44
CA ARG M 273 21.97 14.35 -5.02
C ARG M 273 22.04 14.00 -3.55
N LYS M 274 20.93 14.26 -2.86
CA LYS M 274 20.71 13.75 -1.52
C LYS M 274 20.13 12.35 -1.62
N SER M 275 19.95 11.67 -0.49
CA SER M 275 19.45 10.31 -0.51
C SER M 275 18.43 10.12 0.60
N ILE M 276 17.48 11.06 0.69
CA ILE M 276 16.46 11.07 1.73
C ILE M 276 15.59 9.84 1.61
N ARG M 277 15.64 8.94 2.58
CA ARG M 277 14.91 7.70 2.42
C ARG M 277 13.43 7.91 2.70
N ILE M 278 12.63 6.98 2.21
CA ILE M 278 11.19 6.97 2.43
C ILE M 278 10.77 5.75 3.25
N GLY M 279 11.07 4.55 2.77
CA GLY M 279 10.70 3.34 3.44
C GLY M 279 11.79 2.30 3.34
N PRO M 280 11.50 1.09 3.82
CA PRO M 280 12.52 0.03 3.78
C PRO M 280 12.81 -0.43 2.37
N GLY M 281 13.93 0.01 1.83
CA GLY M 281 14.32 -0.32 0.48
C GLY M 281 13.93 0.69 -0.57
N GLN M 282 13.22 1.76 -0.22
CA GLN M 282 12.77 2.73 -1.20
C GLN M 282 13.17 4.15 -0.77
N ALA M 283 14.10 4.73 -1.51
CA ALA M 283 14.63 6.05 -1.21
C ALA M 283 13.98 7.10 -2.10
N PHE M 284 14.55 8.30 -2.11
CA PHE M 284 14.05 9.45 -2.84
C PHE M 284 15.21 10.39 -3.07
N TYR M 285 15.32 10.91 -4.29
CA TYR M 285 16.41 11.78 -4.67
C TYR M 285 15.92 13.21 -4.74
N ALA M 286 16.75 14.15 -4.30
CA ALA M 286 16.42 15.56 -4.36
C ALA M 286 17.68 16.38 -4.61
N MET M 287 17.47 17.66 -4.88
CA MET M 287 18.58 18.57 -5.13
C MET M 287 19.24 19.01 -3.83
N GLY M 288 20.55 18.92 -3.77
CA GLY M 288 21.23 19.23 -2.53
C GLY M 288 21.99 20.53 -2.41
N ASP M 289 22.85 20.87 -3.39
CA ASP M 289 23.76 22.00 -3.25
C ASP M 289 24.09 22.59 -4.61
N ILE M 290 24.39 23.88 -4.64
CA ILE M 290 24.86 24.52 -5.86
C ILE M 290 26.36 24.73 -5.74
N ILE M 291 27.13 23.77 -6.24
CA ILE M 291 28.58 23.80 -6.09
C ILE M 291 29.11 24.61 -7.25
N GLY M 292 29.21 25.91 -7.05
CA GLY M 292 29.61 26.78 -8.14
C GLY M 292 28.82 28.06 -8.14
N ASP M 293 28.13 28.33 -9.24
CA ASP M 293 27.45 29.59 -9.40
C ASP M 293 26.12 29.38 -10.14
N ILE M 294 25.14 30.21 -9.82
CA ILE M 294 23.79 30.10 -10.35
C ILE M 294 23.79 30.69 -11.75
N ARG M 295 23.41 29.87 -12.75
CA ARG M 295 23.34 30.30 -14.13
C ARG M 295 22.10 29.74 -14.81
N GLN M 296 21.56 30.50 -15.77
CA GLN M 296 20.34 30.11 -16.47
C GLN M 296 20.64 29.10 -17.58
N ALA M 297 19.80 28.09 -17.72
CA ALA M 297 19.93 27.14 -18.81
C ALA M 297 19.47 27.75 -20.12
N HIS M 298 20.22 27.50 -21.19
CA HIS M 298 20.00 28.20 -22.45
C HIS M 298 20.39 27.32 -23.62
N CYS M 299 19.98 27.73 -24.81
CA CYS M 299 20.29 27.04 -26.06
C CYS M 299 20.68 28.01 -27.17
N ASN M 300 21.64 27.60 -27.99
CA ASN M 300 22.13 28.43 -29.08
C ASN M 300 21.66 27.88 -30.40
N VAL M 301 21.18 28.76 -31.27
CA VAL M 301 20.95 28.48 -32.68
C VAL M 301 21.80 29.48 -33.44
N SER M 302 22.50 29.04 -34.47
CA SER M 302 23.26 29.99 -35.27
C SER M 302 22.31 30.87 -36.06
N LYS M 303 22.78 32.08 -36.40
CA LYS M 303 21.88 33.05 -37.03
C LYS M 303 21.97 33.03 -38.54
N ALA M 304 23.18 32.84 -39.09
CA ALA M 304 23.33 32.85 -40.54
C ALA M 304 22.79 31.58 -41.17
N THR M 305 22.71 30.49 -40.40
CA THR M 305 22.12 29.27 -40.93
C THR M 305 20.62 29.29 -40.79
N TRP M 306 20.11 29.90 -39.73
CA TRP M 306 18.68 30.04 -39.56
C TRP M 306 18.08 31.05 -40.53
N ASN M 307 18.79 32.12 -40.86
CA ASN M 307 18.27 33.06 -41.83
C ASN M 307 18.35 32.55 -43.25
N GLU M 308 19.18 31.54 -43.53
CA GLU M 308 19.12 30.96 -44.86
C GLU M 308 18.14 29.81 -44.94
N THR M 309 17.88 29.14 -43.82
CA THR M 309 16.89 28.08 -43.82
C THR M 309 15.48 28.66 -43.91
N LEU M 310 15.28 29.90 -43.47
CA LEU M 310 14.01 30.55 -43.73
C LEU M 310 13.94 31.10 -45.14
N GLY M 311 15.07 31.21 -45.82
CA GLY M 311 15.06 31.65 -47.20
C GLY M 311 14.49 30.62 -48.15
N LYS M 312 14.31 29.39 -47.66
CA LYS M 312 13.77 28.33 -48.50
C LYS M 312 12.30 28.08 -48.19
N VAL M 313 11.92 28.20 -46.92
CA VAL M 313 10.54 27.98 -46.51
C VAL M 313 9.63 29.07 -47.06
N VAL M 314 10.14 30.30 -47.15
CA VAL M 314 9.40 31.39 -47.78
C VAL M 314 9.29 31.17 -49.29
N LYS M 315 10.33 30.61 -49.90
CA LYS M 315 10.38 30.46 -51.35
C LYS M 315 9.31 29.51 -51.85
N GLN M 316 9.08 28.42 -51.13
CA GLN M 316 8.08 27.46 -51.58
C GLN M 316 6.76 27.56 -50.84
N LEU M 317 6.62 28.51 -49.91
CA LEU M 317 5.28 28.91 -49.50
C LEU M 317 4.61 29.71 -50.60
N ARG M 318 5.39 30.46 -51.37
CA ARG M 318 4.81 31.36 -52.35
C ARG M 318 4.29 30.63 -53.57
N LYS M 319 4.61 29.36 -53.74
CA LYS M 319 3.98 28.62 -54.82
C LYS M 319 2.58 28.17 -54.43
N HIS M 320 2.25 28.18 -53.14
CA HIS M 320 0.92 27.82 -52.67
C HIS M 320 0.00 29.02 -52.48
N PHE M 321 0.55 30.23 -52.37
CA PHE M 321 -0.26 31.41 -52.07
C PHE M 321 -0.18 32.49 -53.12
N GLY M 322 1.00 32.76 -53.66
CA GLY M 322 1.15 33.82 -54.65
C GLY M 322 2.55 34.36 -54.63
N ASN M 323 3.03 34.86 -55.76
CA ASN M 323 4.41 35.37 -55.83
C ASN M 323 4.54 36.69 -55.09
N ASN M 324 3.64 37.63 -55.34
CA ASN M 324 3.79 39.00 -54.88
C ASN M 324 3.27 39.24 -53.47
N THR M 325 3.21 38.20 -52.63
CA THR M 325 2.71 38.33 -51.28
C THR M 325 3.87 38.56 -50.30
N ILE M 326 3.51 39.05 -49.12
CA ILE M 326 4.44 39.33 -48.03
C ILE M 326 4.28 38.23 -47.01
N ILE M 327 5.37 37.58 -46.64
CA ILE M 327 5.33 36.47 -45.69
C ILE M 327 6.05 36.87 -44.42
N ARG M 328 5.36 36.78 -43.30
CA ARG M 328 5.82 37.25 -42.00
C ARG M 328 5.76 36.09 -41.01
N PHE M 329 6.59 36.12 -39.98
CA PHE M 329 6.54 35.15 -38.89
C PHE M 329 6.28 35.88 -37.57
N ALA M 330 5.28 35.43 -36.82
CA ALA M 330 5.01 35.91 -35.46
C ALA M 330 5.44 34.82 -34.48
N ASN M 331 5.12 34.97 -33.19
CA ASN M 331 5.67 34.03 -32.23
C ASN M 331 4.66 33.09 -31.56
N SER M 332 3.68 33.59 -30.82
CA SER M 332 2.63 32.74 -30.24
C SER M 332 1.48 33.63 -29.81
N SER M 333 0.44 33.00 -29.27
CA SER M 333 -0.73 33.73 -28.80
C SER M 333 -1.32 33.17 -27.51
N GLY M 334 -0.69 32.19 -26.88
CA GLY M 334 -1.10 31.80 -25.54
C GLY M 334 -1.04 30.31 -25.36
N GLY M 335 -1.35 29.90 -24.15
CA GLY M 335 -1.39 28.50 -23.79
C GLY M 335 -0.51 28.19 -22.59
N ASP M 336 -0.29 26.89 -22.41
CA ASP M 336 0.51 26.35 -21.33
C ASP M 336 1.99 26.34 -21.76
N LEU M 337 2.89 25.83 -20.92
CA LEU M 337 4.29 25.77 -21.34
C LEU M 337 4.53 24.70 -22.38
N GLU M 338 3.60 23.77 -22.55
CA GLU M 338 3.83 22.69 -23.49
C GLU M 338 3.60 23.12 -24.93
N VAL M 339 2.92 24.24 -25.16
CA VAL M 339 2.54 24.65 -26.50
C VAL M 339 2.94 26.08 -26.83
N THR M 340 3.43 26.86 -25.86
CA THR M 340 3.98 28.16 -26.16
C THR M 340 5.47 28.13 -26.40
N THR M 341 6.13 27.04 -26.02
CA THR M 341 7.59 26.95 -26.02
C THR M 341 8.03 25.66 -26.70
N HIS M 342 9.34 25.45 -26.69
CA HIS M 342 9.96 24.29 -27.29
C HIS M 342 10.35 23.31 -26.20
N SER M 343 9.75 22.14 -26.23
CA SER M 343 9.99 21.10 -25.24
C SER M 343 11.09 20.16 -25.71
N PHE M 344 11.87 19.65 -24.78
CA PHE M 344 12.86 18.62 -25.03
C PHE M 344 12.57 17.37 -24.22
N ASN M 345 13.50 16.44 -24.36
CA ASN M 345 13.76 15.38 -23.40
C ASN M 345 15.23 15.04 -23.64
N CYS M 346 16.14 15.74 -23.01
CA CYS M 346 17.53 15.43 -23.25
C CYS M 346 18.24 15.28 -21.92
N GLY M 347 19.11 14.27 -21.86
CA GLY M 347 19.97 14.08 -20.71
C GLY M 347 19.28 13.66 -19.43
N GLY M 348 17.99 13.39 -19.46
CA GLY M 348 17.25 13.05 -18.25
C GLY M 348 16.46 14.19 -17.65
N GLU M 349 16.53 15.39 -18.23
CA GLU M 349 15.75 16.52 -17.75
C GLU M 349 14.87 17.07 -18.85
N PHE M 350 14.01 18.00 -18.47
CA PHE M 350 12.88 18.44 -19.28
C PHE M 350 12.95 19.96 -19.47
N PHE M 351 13.46 20.41 -20.61
CA PHE M 351 13.70 21.82 -20.87
C PHE M 351 12.56 22.42 -21.67
N TYR M 352 12.18 23.66 -21.36
CA TYR M 352 11.09 24.38 -22.05
C TYR M 352 11.61 25.73 -22.52
N CYS M 353 12.18 25.78 -23.72
CA CYS M 353 12.92 26.97 -24.09
C CYS M 353 12.02 28.01 -24.76
N ASN M 354 12.33 29.28 -24.52
CA ASN M 354 11.56 30.40 -25.06
C ASN M 354 12.07 30.69 -26.47
N THR M 355 11.23 30.44 -27.48
CA THR M 355 11.60 30.62 -28.87
C THR M 355 10.95 31.83 -29.50
N SER M 356 10.91 32.95 -28.81
CA SER M 356 10.36 34.15 -29.43
C SER M 356 11.43 34.90 -30.19
N GLY M 357 12.66 34.40 -30.21
CA GLY M 357 13.75 35.02 -30.95
C GLY M 357 14.03 34.39 -32.29
N LEU M 358 13.49 33.22 -32.56
CA LEU M 358 13.66 32.60 -33.86
C LEU M 358 12.56 33.01 -34.84
N PHE M 359 11.31 32.88 -34.40
CA PHE M 359 10.16 33.17 -35.23
C PHE M 359 9.79 34.63 -35.15
N ASN M 360 10.63 35.51 -35.70
CA ASN M 360 10.42 36.93 -35.67
C ASN M 360 11.17 37.61 -36.82
N SER M 361 10.45 37.85 -37.93
CA SER M 361 11.01 38.48 -39.14
C SER M 361 9.92 38.78 -40.17
N THR M 362 10.21 39.59 -41.19
CA THR M 362 9.33 39.69 -42.35
C THR M 362 10.10 39.38 -43.61
N TRP M 363 9.36 39.06 -44.67
CA TRP M 363 9.90 38.77 -45.98
C TRP M 363 9.03 39.47 -47.02
N ILE M 364 9.67 40.17 -47.96
CA ILE M 364 9.03 41.18 -48.78
C ILE M 364 9.12 40.89 -50.27
N SER M 365 9.66 39.73 -50.66
CA SER M 365 9.88 39.34 -52.06
C SER M 365 10.75 40.33 -52.83
N ASN M 366 11.85 40.74 -52.20
CA ASN M 366 12.92 41.56 -52.79
C ASN M 366 12.46 42.92 -53.28
N SER M 377 28.54 35.18 -39.94
CA SER M 377 29.68 34.36 -39.55
C SER M 377 29.37 33.51 -38.34
N ASN M 378 29.71 34.01 -37.15
CA ASN M 378 29.67 33.18 -35.96
C ASN M 378 28.64 33.60 -34.91
N ASP M 379 27.89 34.67 -35.16
CA ASP M 379 26.98 35.19 -34.12
C ASP M 379 25.78 34.29 -33.91
N SER M 380 25.68 33.66 -32.75
CA SER M 380 24.59 32.75 -32.47
C SER M 380 23.45 33.45 -31.73
N ILE M 381 22.26 32.90 -31.91
CA ILE M 381 21.06 33.36 -31.22
C ILE M 381 20.97 32.56 -29.93
N THR M 382 20.81 33.27 -28.81
CA THR M 382 20.67 32.64 -27.50
C THR M 382 19.20 32.53 -27.17
N LEU M 383 18.80 31.41 -26.57
CA LEU M 383 17.41 31.17 -26.21
C LEU M 383 17.31 30.89 -24.72
N PRO M 384 16.65 31.72 -23.92
CA PRO M 384 16.51 31.39 -22.50
C PRO M 384 15.57 30.23 -22.27
N CYS M 385 15.77 29.50 -21.17
CA CYS M 385 15.16 28.19 -21.04
C CYS M 385 14.84 27.87 -19.59
N ARG M 386 13.63 27.37 -19.34
CA ARG M 386 13.15 27.00 -18.02
C ARG M 386 13.29 25.51 -17.77
N ILE M 387 13.23 25.11 -16.50
CA ILE M 387 13.35 23.71 -16.09
C ILE M 387 12.26 23.43 -15.06
N LYS M 388 11.52 22.34 -15.23
CA LYS M 388 10.68 21.83 -14.16
C LYS M 388 10.75 20.32 -14.12
N MET M 389 10.51 19.74 -12.94
CA MET M 389 10.70 18.32 -12.72
C MET M 389 9.46 17.59 -12.24
N ILE M 390 8.29 18.21 -12.28
CA ILE M 390 7.03 17.50 -12.07
C ILE M 390 6.21 17.74 -13.32
N ILE M 391 6.28 16.81 -14.27
CA ILE M 391 5.62 16.96 -15.55
C ILE M 391 4.40 16.07 -15.57
N ASN M 392 3.41 16.47 -16.36
CA ASN M 392 2.24 15.66 -16.64
C ASN M 392 2.12 15.60 -18.15
N MET M 393 2.53 14.47 -18.72
CA MET M 393 2.48 14.25 -20.15
C MET M 393 1.18 13.54 -20.50
N TRP M 394 0.53 14.06 -21.54
CA TRP M 394 -0.80 13.76 -22.08
C TRP M 394 -1.95 14.18 -21.18
N GLN M 395 -1.69 14.82 -20.03
CA GLN M 395 -2.71 15.49 -19.21
C GLN M 395 -3.81 14.55 -18.73
N ARG M 396 -3.41 13.38 -18.27
CA ARG M 396 -4.38 12.44 -17.73
C ARG M 396 -4.78 12.89 -16.34
N ILE M 397 -6.03 12.63 -15.98
CA ILE M 397 -6.59 13.17 -14.74
C ILE M 397 -5.97 12.48 -13.54
N GLY M 398 -5.34 13.27 -12.67
CA GLY M 398 -4.82 12.75 -11.44
C GLY M 398 -3.55 11.94 -11.55
N GLN M 399 -2.78 12.11 -12.62
CA GLN M 399 -1.51 11.41 -12.77
C GLN M 399 -0.41 12.40 -13.06
N ALA M 400 0.79 12.11 -12.57
CA ALA M 400 1.94 12.98 -12.74
C ALA M 400 3.21 12.16 -12.57
N MET M 401 4.30 12.62 -13.19
CA MET M 401 5.58 11.92 -13.09
C MET M 401 6.55 12.77 -12.29
N TYR M 402 7.77 12.26 -12.16
CA TYR M 402 8.84 12.98 -11.47
C TYR M 402 10.18 12.49 -11.99
N ALA M 403 11.03 13.42 -12.39
CA ALA M 403 12.34 13.07 -12.92
C ALA M 403 13.40 13.26 -11.86
N PRO M 404 14.16 12.23 -11.49
CA PRO M 404 15.19 12.40 -10.48
C PRO M 404 16.34 13.24 -11.00
N PRO M 405 17.01 14.00 -10.13
CA PRO M 405 18.02 14.95 -10.60
C PRO M 405 19.25 14.23 -11.13
N ILE M 406 19.93 14.88 -12.09
CA ILE M 406 21.14 14.31 -12.65
C ILE M 406 22.36 14.95 -12.02
N GLN M 407 23.29 14.11 -11.59
CA GLN M 407 24.51 14.54 -10.92
C GLN M 407 25.52 15.03 -11.95
N GLY M 408 25.81 16.32 -11.92
CA GLY M 408 26.70 16.94 -12.87
C GLY M 408 25.96 17.80 -13.88
N VAL M 409 26.74 18.59 -14.64
CA VAL M 409 26.14 19.44 -15.65
C VAL M 409 25.74 18.60 -16.85
N ILE M 410 24.82 19.13 -17.65
CA ILE M 410 24.25 18.41 -18.78
C ILE M 410 24.65 19.10 -20.08
N ARG M 411 24.92 18.29 -21.12
CA ARG M 411 25.33 18.78 -22.42
C ARG M 411 24.54 18.03 -23.49
N CYS M 412 24.11 18.75 -24.54
CA CYS M 412 23.33 18.15 -25.63
C CYS M 412 23.71 18.82 -26.94
N VAL M 413 23.68 18.04 -28.02
CA VAL M 413 23.85 18.54 -29.39
C VAL M 413 22.78 17.88 -30.24
N SER M 414 22.07 18.67 -31.04
CA SER M 414 20.99 18.12 -31.85
C SER M 414 20.86 18.90 -33.15
N ASN M 415 20.14 18.32 -34.10
CA ASN M 415 19.83 18.93 -35.38
C ASN M 415 18.36 19.30 -35.39
N ILE M 416 18.01 20.37 -36.08
CA ILE M 416 16.61 20.72 -36.29
C ILE M 416 16.24 20.40 -37.73
N THR M 417 15.39 19.40 -37.92
CA THR M 417 14.97 19.01 -39.26
C THR M 417 13.46 19.15 -39.36
N GLY M 418 12.98 20.37 -39.55
CA GLY M 418 11.56 20.58 -39.70
C GLY M 418 10.88 21.44 -38.67
N LEU M 419 9.70 21.95 -39.02
CA LEU M 419 8.86 22.83 -38.21
C LEU M 419 7.42 22.35 -38.27
N ILE M 420 6.59 22.90 -37.39
CA ILE M 420 5.14 22.71 -37.47
C ILE M 420 4.50 24.08 -37.40
N LEU M 421 4.22 24.69 -38.55
CA LEU M 421 3.62 26.00 -38.54
C LEU M 421 2.11 25.89 -38.50
N THR M 422 1.46 27.03 -38.30
CA THR M 422 0.03 27.16 -38.53
C THR M 422 -0.29 28.56 -38.98
N ARG M 423 -1.40 28.69 -39.70
CA ARG M 423 -1.77 29.88 -40.44
C ARG M 423 -2.96 30.53 -39.75
N ASP M 424 -2.97 31.87 -39.69
CA ASP M 424 -4.05 32.53 -38.95
C ASP M 424 -5.32 32.71 -39.77
N GLY M 425 -5.27 33.53 -40.82
CA GLY M 425 -6.39 33.65 -41.74
C GLY M 425 -7.76 34.15 -41.28
N GLY M 426 -7.89 35.42 -40.90
CA GLY M 426 -9.21 36.01 -40.80
C GLY M 426 -9.65 36.54 -42.15
N SER M 427 -10.87 37.06 -42.20
CA SER M 427 -11.39 37.56 -43.47
C SER M 427 -11.08 39.04 -43.64
N THR M 428 -9.87 39.36 -44.09
CA THR M 428 -9.54 40.72 -44.52
C THR M 428 -8.99 40.63 -45.93
N ASN M 429 -8.64 41.78 -46.48
CA ASN M 429 -8.17 41.86 -47.86
C ASN M 429 -6.66 42.02 -47.98
N SER M 430 -5.91 41.88 -46.90
CA SER M 430 -4.48 42.20 -46.97
C SER M 430 -3.68 41.10 -47.67
N THR M 431 -2.51 41.50 -48.17
CA THR M 431 -1.59 40.61 -48.87
C THR M 431 -0.46 40.11 -47.98
N THR M 432 -0.69 39.99 -46.68
CA THR M 432 0.35 39.68 -45.71
C THR M 432 -0.03 38.45 -44.90
N GLU M 433 0.58 37.31 -45.22
CA GLU M 433 0.36 36.07 -44.49
C GLU M 433 1.27 36.04 -43.27
N THR M 434 0.83 35.36 -42.22
CA THR M 434 1.63 35.21 -41.00
C THR M 434 1.58 33.78 -40.51
N PHE M 435 2.74 33.20 -40.26
CA PHE M 435 2.86 31.79 -39.91
C PHE M 435 3.51 31.66 -38.55
N ARG M 436 2.89 30.85 -37.69
CA ARG M 436 3.29 30.66 -36.30
C ARG M 436 3.61 29.20 -36.03
N PRO M 437 4.57 28.91 -35.14
CA PRO M 437 4.81 27.52 -34.77
C PRO M 437 3.68 26.96 -33.93
N GLY M 438 3.48 25.65 -34.06
CA GLY M 438 2.36 24.98 -33.42
C GLY M 438 2.84 23.82 -32.59
N GLY M 439 2.04 23.47 -31.60
CA GLY M 439 2.46 22.52 -30.60
C GLY M 439 1.71 21.22 -30.43
N GLY M 440 0.77 21.23 -29.51
CA GLY M 440 0.39 20.05 -28.76
C GLY M 440 -0.53 19.02 -29.38
N ASP M 441 0.02 18.23 -30.31
CA ASP M 441 -0.57 16.96 -30.71
C ASP M 441 0.56 16.09 -31.23
N MET M 442 0.80 14.96 -30.57
CA MET M 442 1.94 14.12 -30.89
C MET M 442 1.81 13.42 -32.24
N ARG M 443 0.63 13.41 -32.85
CA ARG M 443 0.47 12.70 -34.12
C ARG M 443 1.13 13.45 -35.27
N ASP M 444 1.52 14.70 -35.07
CA ASP M 444 2.29 15.40 -36.08
C ASP M 444 3.77 15.06 -36.02
N ASN M 445 4.24 14.49 -34.90
CA ASN M 445 5.62 14.02 -34.86
C ASN M 445 5.77 12.71 -35.61
N TRP M 446 4.72 11.90 -35.63
CA TRP M 446 4.84 10.57 -36.19
C TRP M 446 4.35 10.53 -37.62
N ARG M 447 3.39 11.39 -37.94
CA ARG M 447 2.85 11.41 -39.29
C ARG M 447 3.84 12.04 -40.26
N SER M 448 4.83 12.76 -39.74
CA SER M 448 5.88 13.37 -40.53
C SER M 448 7.04 12.42 -40.78
N GLU M 449 6.90 11.16 -40.39
CA GLU M 449 7.98 10.20 -40.57
C GLU M 449 7.55 8.93 -41.28
N LEU M 450 6.32 8.48 -41.03
CA LEU M 450 5.77 7.26 -41.62
C LEU M 450 4.82 7.62 -42.75
N TYR M 451 5.17 8.61 -43.57
CA TYR M 451 4.25 9.08 -44.59
C TYR M 451 4.34 8.24 -45.85
N LYS M 452 5.48 7.61 -46.10
CA LYS M 452 5.70 6.90 -47.34
C LYS M 452 5.37 5.42 -47.25
N TYR M 453 4.51 5.00 -46.34
CA TYR M 453 4.26 3.58 -46.12
C TYR M 453 2.78 3.24 -46.29
N LYS M 454 2.53 1.96 -46.58
CA LYS M 454 1.19 1.39 -46.57
C LYS M 454 1.34 -0.11 -46.39
N VAL M 455 0.43 -0.71 -45.64
CA VAL M 455 0.44 -2.14 -45.38
C VAL M 455 -0.55 -2.79 -46.33
N VAL M 456 -0.16 -3.89 -46.96
CA VAL M 456 -1.01 -4.61 -47.88
C VAL M 456 -1.13 -6.08 -47.47
N LYS M 457 -2.18 -6.72 -47.95
CA LYS M 457 -2.47 -8.12 -47.69
C LYS M 457 -2.16 -8.91 -48.96
N ILE M 458 -1.76 -10.16 -48.79
CA ILE M 458 -1.34 -11.01 -49.90
C ILE M 458 -2.37 -12.11 -50.07
N GLU M 459 -3.12 -12.08 -51.19
CA GLU M 459 -4.14 -13.10 -51.44
C GLU M 459 -3.64 -14.10 -52.47
N PRO M 460 -3.30 -15.33 -52.08
CA PRO M 460 -2.63 -16.24 -53.02
C PRO M 460 -3.50 -16.93 -54.07
N LEU M 461 -4.76 -17.26 -53.80
CA LEU M 461 -5.56 -17.99 -54.80
C LEU M 461 -6.00 -17.10 -55.96
N GLY M 462 -6.08 -17.67 -57.16
CA GLY M 462 -6.58 -16.96 -58.30
C GLY M 462 -7.09 -17.93 -59.36
N VAL M 463 -7.93 -17.43 -60.24
CA VAL M 463 -8.56 -18.22 -61.29
C VAL M 463 -8.33 -17.54 -62.64
N ALA M 464 -8.16 -18.35 -63.68
CA ALA M 464 -7.91 -17.80 -65.00
C ALA M 464 -8.35 -18.82 -66.04
N PRO M 465 -8.92 -18.39 -67.15
CA PRO M 465 -9.35 -19.33 -68.18
C PRO M 465 -8.17 -19.82 -69.00
N THR M 466 -8.23 -21.10 -69.38
CA THR M 466 -7.21 -21.70 -70.23
C THR M 466 -7.78 -22.91 -70.95
N ARG M 467 -6.89 -23.74 -71.52
CA ARG M 467 -7.24 -24.98 -72.21
C ARG M 467 -6.48 -26.14 -71.54
N CYS M 468 -7.02 -26.65 -70.43
CA CYS M 468 -6.27 -27.61 -69.62
C CYS M 468 -6.98 -28.95 -69.48
N LYS M 469 -8.25 -28.99 -69.02
CA LYS M 469 -9.08 -30.20 -69.00
C LYS M 469 -8.55 -31.38 -68.19
N ARG M 470 -8.95 -31.44 -66.90
CA ARG M 470 -8.53 -32.38 -65.84
C ARG M 470 -8.14 -33.80 -66.31
N ARG M 471 -8.66 -34.27 -67.46
CA ARG M 471 -8.46 -35.60 -68.03
C ARG M 471 -9.07 -36.65 -67.11
N VAL M 472 -10.41 -36.65 -67.12
CA VAL M 472 -11.31 -37.70 -66.64
C VAL M 472 -10.72 -39.03 -66.16
N VAL N 1 14.40 -16.88 -63.11
CA VAL N 1 15.03 -15.93 -62.20
C VAL N 1 14.08 -15.61 -61.05
N PHE N 2 14.64 -15.52 -59.84
CA PHE N 2 13.85 -15.19 -58.64
C PHE N 2 14.26 -13.80 -58.18
N LEU N 3 13.32 -12.86 -58.26
CA LEU N 3 13.55 -11.47 -57.92
C LEU N 3 13.27 -11.18 -56.45
N GLY N 4 12.92 -12.18 -55.66
CA GLY N 4 12.51 -11.95 -54.30
C GLY N 4 11.00 -11.89 -54.19
N PHE N 5 10.56 -11.59 -52.98
CA PHE N 5 9.14 -11.62 -52.65
C PHE N 5 8.39 -10.51 -53.36
N LEU N 6 7.30 -10.87 -54.04
CA LEU N 6 6.44 -9.99 -54.82
C LEU N 6 7.13 -9.28 -55.97
N GLY N 7 8.27 -9.79 -56.44
CA GLY N 7 9.00 -9.10 -57.49
C GLY N 7 8.27 -9.08 -58.82
N ALA N 8 7.43 -10.07 -59.06
CA ALA N 8 6.68 -10.16 -60.30
C ALA N 8 5.31 -9.52 -60.20
N ALA N 9 5.16 -8.48 -59.39
CA ALA N 9 3.88 -7.82 -59.22
C ALA N 9 3.55 -6.93 -60.40
N GLY N 10 4.55 -6.45 -61.12
CA GLY N 10 4.30 -5.64 -62.29
C GLY N 10 4.42 -6.35 -63.61
N SER N 11 4.81 -7.62 -63.63
CA SER N 11 4.96 -8.38 -64.85
C SER N 11 3.60 -8.86 -65.35
N THR N 12 3.61 -9.55 -66.48
CA THR N 12 2.38 -10.04 -67.07
C THR N 12 1.89 -11.29 -66.32
N MET N 13 0.68 -11.72 -66.66
CA MET N 13 0.21 -13.01 -66.18
C MET N 13 1.05 -14.14 -66.75
N GLY N 14 1.60 -13.92 -67.94
CA GLY N 14 2.45 -14.94 -68.53
C GLY N 14 3.82 -15.01 -67.89
N ALA N 15 4.40 -13.84 -67.60
CA ALA N 15 5.77 -13.82 -67.09
C ALA N 15 5.82 -13.86 -65.57
N ALA N 16 4.69 -13.65 -64.90
CA ALA N 16 4.71 -13.78 -63.45
C ALA N 16 4.25 -15.13 -62.96
N SER N 17 3.82 -16.01 -63.85
CA SER N 17 3.48 -17.37 -63.45
C SER N 17 4.70 -18.27 -63.31
N MET N 18 5.89 -17.70 -63.43
CA MET N 18 7.13 -18.42 -63.17
C MET N 18 7.48 -18.42 -61.69
N THR N 19 6.88 -17.53 -60.90
CA THR N 19 7.35 -17.20 -59.56
C THR N 19 6.36 -17.56 -58.46
N LEU N 20 5.67 -18.69 -58.57
CA LEU N 20 4.57 -18.94 -57.64
C LEU N 20 5.05 -19.50 -56.30
N THR N 21 6.23 -20.12 -56.27
CA THR N 21 6.74 -20.65 -55.02
C THR N 21 7.26 -19.57 -54.07
N VAL N 22 7.44 -18.34 -54.55
CA VAL N 22 7.98 -17.28 -53.71
C VAL N 22 6.92 -16.74 -52.76
N GLN N 23 5.73 -16.43 -53.27
CA GLN N 23 4.67 -15.94 -52.41
C GLN N 23 4.00 -17.04 -51.61
N ALA N 24 4.42 -18.30 -51.77
CA ALA N 24 3.88 -19.36 -50.95
C ALA N 24 4.75 -19.62 -49.74
N ARG N 25 6.07 -19.62 -49.92
CA ARG N 25 6.95 -19.90 -48.78
C ARG N 25 7.10 -18.67 -47.89
N ASN N 26 6.88 -17.48 -48.45
CA ASN N 26 6.97 -16.28 -47.63
C ASN N 26 5.61 -15.91 -47.09
N LEU N 27 4.63 -16.78 -47.29
CA LEU N 27 3.32 -16.61 -46.68
C LEU N 27 3.28 -17.31 -45.34
N LEU N 28 4.13 -18.31 -45.14
CA LEU N 28 4.29 -18.99 -43.87
C LEU N 28 5.69 -18.89 -43.31
N SER N 29 6.70 -19.28 -44.09
CA SER N 29 8.06 -19.37 -43.57
C SER N 29 8.80 -18.04 -43.59
N GLY N 30 8.07 -16.92 -43.65
CA GLY N 30 8.60 -15.66 -43.21
C GLY N 30 8.48 -15.47 -41.70
N ILE N 31 7.94 -16.47 -41.02
CA ILE N 31 7.82 -16.52 -39.57
C ILE N 31 9.17 -16.81 -38.91
N VAL N 32 10.20 -17.13 -39.70
CA VAL N 32 11.52 -17.40 -39.13
C VAL N 32 12.10 -16.17 -38.47
N GLN N 33 11.60 -14.98 -38.82
CA GLN N 33 11.95 -13.73 -38.16
C GLN N 33 11.15 -13.50 -36.89
N GLN N 34 10.16 -14.34 -36.62
CA GLN N 34 9.37 -14.25 -35.41
C GLN N 34 9.72 -15.32 -34.39
N GLN N 35 10.47 -16.36 -34.77
CA GLN N 35 10.84 -17.36 -33.78
C GLN N 35 11.86 -16.84 -32.77
N SER N 36 12.32 -15.61 -32.92
CA SER N 36 13.12 -14.95 -31.90
C SER N 36 12.33 -14.63 -30.64
N ASN N 37 11.00 -14.86 -30.66
CA ASN N 37 10.13 -14.63 -29.51
C ASN N 37 10.50 -15.45 -28.28
N LEU N 38 11.25 -16.54 -28.44
CA LEU N 38 11.94 -17.15 -27.31
C LEU N 38 13.11 -16.23 -27.01
N LEU N 39 12.88 -15.31 -26.07
CA LEU N 39 13.77 -14.17 -25.90
C LEU N 39 15.03 -14.55 -25.13
N ARG N 40 15.86 -13.54 -24.86
CA ARG N 40 17.03 -13.72 -24.01
C ARG N 40 16.62 -13.97 -22.57
N ALA N 41 17.56 -14.47 -21.77
CA ALA N 41 17.31 -14.82 -20.39
C ALA N 41 16.90 -13.60 -19.60
N PRO N 42 15.66 -13.51 -19.14
CA PRO N 42 15.21 -12.29 -18.48
C PRO N 42 15.78 -12.17 -17.08
N GLU N 43 15.83 -10.93 -16.61
CA GLU N 43 16.25 -10.64 -15.27
C GLU N 43 15.13 -10.94 -14.28
N ALA N 44 15.24 -10.33 -13.11
CA ALA N 44 14.37 -10.53 -11.95
C ALA N 44 13.00 -9.89 -12.19
N GLN N 45 12.35 -9.49 -11.11
CA GLN N 45 10.99 -8.89 -11.09
C GLN N 45 11.11 -7.46 -11.65
N GLN N 46 10.16 -6.55 -11.37
CA GLN N 46 10.13 -5.18 -11.88
C GLN N 46 10.01 -5.22 -13.40
N HIS N 47 8.75 -5.33 -13.90
CA HIS N 47 8.27 -5.56 -15.29
C HIS N 47 8.11 -7.03 -15.63
N LEU N 48 7.79 -7.88 -14.66
CA LEU N 48 7.42 -9.25 -15.01
C LEU N 48 6.05 -9.28 -15.68
N LEU N 49 5.22 -8.27 -15.44
CA LEU N 49 3.92 -8.21 -16.10
C LEU N 49 4.07 -7.72 -17.53
N LYS N 50 4.99 -6.79 -17.79
CA LYS N 50 5.18 -6.29 -19.15
C LYS N 50 5.70 -7.40 -20.06
N LEU N 51 6.29 -8.44 -19.49
CA LEU N 51 6.84 -9.53 -20.29
C LEU N 51 5.73 -10.39 -20.89
N THR N 52 4.56 -10.44 -20.25
CA THR N 52 3.50 -11.32 -20.75
C THR N 52 2.38 -10.55 -21.44
N VAL N 53 2.24 -9.25 -21.15
CA VAL N 53 1.25 -8.45 -21.87
C VAL N 53 1.67 -8.30 -23.32
N TRP N 54 2.96 -8.07 -23.55
CA TRP N 54 3.48 -8.04 -24.91
C TRP N 54 3.78 -9.42 -25.45
N GLY N 55 3.53 -10.46 -24.66
CA GLY N 55 3.75 -11.81 -25.16
C GLY N 55 2.57 -12.32 -25.97
N ILE N 56 1.37 -11.82 -25.67
CA ILE N 56 0.18 -12.27 -26.37
C ILE N 56 0.10 -11.60 -27.73
N LYS N 57 0.47 -10.32 -27.80
CA LYS N 57 0.45 -9.59 -29.07
C LYS N 57 1.45 -10.14 -30.06
N GLN N 58 2.51 -10.79 -29.57
CA GLN N 58 3.41 -11.50 -30.46
C GLN N 58 2.83 -12.83 -30.89
N LEU N 59 1.94 -13.42 -30.08
CA LEU N 59 1.50 -14.77 -30.36
C LEU N 59 0.17 -14.79 -31.09
N GLN N 60 -0.56 -13.68 -31.07
CA GLN N 60 -1.76 -13.62 -31.88
C GLN N 60 -1.41 -13.52 -33.36
N ALA N 61 -0.27 -12.93 -33.67
CA ALA N 61 0.14 -12.82 -35.07
C ALA N 61 0.83 -14.10 -35.53
N ARG N 62 1.27 -14.94 -34.59
CA ARG N 62 1.78 -16.25 -34.97
C ARG N 62 0.64 -17.20 -35.27
N VAL N 63 -0.36 -17.26 -34.38
CA VAL N 63 -1.48 -18.19 -34.52
C VAL N 63 -2.39 -17.75 -35.67
N LEU N 64 -2.60 -16.45 -35.83
CA LEU N 64 -3.46 -15.95 -36.90
C LEU N 64 -2.84 -16.19 -38.27
N ALA N 65 -1.52 -16.22 -38.35
CA ALA N 65 -0.88 -16.50 -39.63
C ALA N 65 -1.00 -17.98 -40.00
N VAL N 66 -1.11 -18.84 -38.99
CA VAL N 66 -1.21 -20.28 -39.25
C VAL N 66 -2.63 -20.66 -39.63
N GLU N 67 -3.62 -20.14 -38.92
CA GLU N 67 -4.96 -20.65 -39.13
C GLU N 67 -5.71 -19.85 -40.18
N ARG N 68 -5.04 -18.89 -40.82
CA ARG N 68 -5.55 -18.37 -42.09
C ARG N 68 -4.90 -19.08 -43.26
N TYR N 69 -3.82 -19.81 -42.98
CA TYR N 69 -3.10 -20.50 -44.04
C TYR N 69 -3.75 -21.85 -44.34
N LEU N 70 -4.21 -22.55 -43.30
CA LEU N 70 -4.74 -23.90 -43.51
C LEU N 70 -6.08 -23.88 -44.22
N ARG N 71 -6.89 -22.84 -44.02
CA ARG N 71 -8.21 -22.88 -44.61
C ARG N 71 -8.17 -22.53 -46.09
N ASP N 72 -7.04 -21.99 -46.56
CA ASP N 72 -6.88 -21.78 -48.00
C ASP N 72 -6.14 -22.93 -48.65
N GLN N 73 -5.47 -23.76 -47.83
CA GLN N 73 -4.85 -24.97 -48.37
C GLN N 73 -5.86 -26.10 -48.41
N GLN N 74 -6.77 -26.13 -47.44
CA GLN N 74 -7.83 -27.14 -47.41
C GLN N 74 -8.79 -26.97 -48.56
N LEU N 75 -9.06 -25.72 -48.95
CA LEU N 75 -10.03 -25.45 -50.00
C LEU N 75 -9.61 -26.05 -51.33
N LEU N 76 -8.30 -26.23 -51.52
CA LEU N 76 -7.83 -26.93 -52.71
C LEU N 76 -8.11 -28.42 -52.62
N GLY N 77 -8.32 -28.93 -51.41
CA GLY N 77 -8.67 -30.34 -51.28
C GLY N 77 -10.13 -30.60 -51.56
N ILE N 78 -10.95 -29.57 -51.43
CA ILE N 78 -12.37 -29.69 -51.77
C ILE N 78 -12.54 -29.75 -53.28
N TRP N 79 -11.71 -29.03 -54.02
CA TRP N 79 -11.79 -28.97 -55.48
C TRP N 79 -11.18 -30.11 -56.14
N GLY N 80 -10.43 -30.93 -55.42
CA GLY N 80 -9.88 -32.14 -55.98
C GLY N 80 -8.40 -32.09 -56.27
N CYS N 81 -7.73 -30.99 -55.99
CA CYS N 81 -6.32 -30.83 -56.34
C CYS N 81 -5.55 -30.27 -55.15
N SER N 82 -5.02 -31.16 -54.33
CA SER N 82 -4.26 -30.81 -53.14
C SER N 82 -2.79 -31.04 -53.41
N GLY N 83 -1.95 -30.16 -52.90
CA GLY N 83 -0.53 -30.26 -53.14
C GLY N 83 -0.08 -29.44 -54.34
N LYS N 84 -0.77 -29.59 -55.47
CA LYS N 84 -0.31 -28.97 -56.70
C LYS N 84 -0.49 -27.46 -56.67
N LEU N 85 0.58 -26.75 -57.04
CA LEU N 85 0.52 -25.31 -57.22
C LEU N 85 -0.12 -24.91 -58.53
N ILE N 86 -0.28 -25.84 -59.48
CA ILE N 86 -1.08 -25.61 -60.67
C ILE N 86 -1.99 -26.80 -60.85
N CYS N 87 -3.31 -26.60 -60.78
CA CYS N 87 -4.21 -27.69 -61.11
C CYS N 87 -5.24 -27.19 -62.11
N CYS N 88 -5.96 -28.12 -62.74
CA CYS N 88 -6.92 -27.82 -63.77
C CYS N 88 -8.24 -28.51 -63.45
N THR N 89 -9.33 -27.75 -63.44
CA THR N 89 -10.52 -28.23 -62.75
C THR N 89 -11.70 -28.64 -63.60
N ASN N 90 -11.62 -28.52 -64.92
CA ASN N 90 -12.62 -29.03 -65.87
C ASN N 90 -14.00 -28.43 -65.64
N VAL N 91 -14.07 -27.12 -65.56
CA VAL N 91 -15.30 -26.36 -65.44
C VAL N 91 -15.33 -25.37 -66.59
N PRO N 92 -16.37 -25.35 -67.41
CA PRO N 92 -16.36 -24.48 -68.60
C PRO N 92 -16.42 -23.01 -68.24
N TRP N 93 -15.55 -22.25 -68.90
CA TRP N 93 -15.46 -20.80 -68.70
C TRP N 93 -16.65 -20.18 -69.39
N ASN N 94 -17.64 -19.81 -68.59
CA ASN N 94 -18.80 -19.11 -69.09
C ASN N 94 -18.39 -17.74 -69.61
N SER N 95 -18.91 -17.39 -70.78
CA SER N 95 -18.45 -16.18 -71.43
C SER N 95 -19.21 -14.95 -70.95
N SER N 96 -20.00 -15.10 -69.88
CA SER N 96 -20.59 -13.93 -69.24
C SER N 96 -19.71 -13.45 -68.10
N TRP N 97 -18.84 -14.32 -67.59
CA TRP N 97 -17.92 -13.95 -66.52
C TRP N 97 -16.98 -12.85 -66.98
N SER N 98 -16.33 -13.07 -68.12
CA SER N 98 -15.39 -12.08 -68.61
C SER N 98 -15.41 -12.06 -70.13
N ASN N 99 -14.27 -11.78 -70.71
CA ASN N 99 -14.19 -11.06 -71.96
C ASN N 99 -13.10 -11.61 -72.86
N ARG N 100 -12.32 -10.69 -73.43
CA ARG N 100 -11.87 -10.62 -74.81
C ARG N 100 -11.61 -11.97 -75.46
N ASN N 101 -10.38 -12.53 -75.41
CA ASN N 101 -10.04 -13.85 -75.92
C ASN N 101 -8.64 -14.32 -75.55
N LEU N 102 -8.43 -14.96 -74.40
CA LEU N 102 -7.34 -15.93 -74.17
C LEU N 102 -5.89 -15.46 -74.38
N SER N 103 -5.67 -14.33 -75.04
CA SER N 103 -4.39 -14.07 -75.66
C SER N 103 -3.98 -12.62 -75.47
N GLU N 104 -4.98 -11.79 -75.20
CA GLU N 104 -4.70 -10.46 -74.67
C GLU N 104 -4.76 -10.48 -73.16
N ILE N 105 -4.95 -11.67 -72.57
CA ILE N 105 -4.95 -11.78 -71.13
C ILE N 105 -3.55 -12.12 -70.62
N TRP N 106 -2.87 -13.06 -71.30
CA TRP N 106 -1.60 -13.55 -70.78
C TRP N 106 -0.42 -12.72 -71.29
N ASP N 107 -0.68 -11.76 -72.18
CA ASP N 107 0.43 -11.04 -72.80
C ASP N 107 0.53 -9.59 -72.39
N ASN N 108 -0.59 -8.90 -72.16
CA ASN N 108 -0.49 -7.51 -71.70
C ASN N 108 -1.54 -7.19 -70.63
N MET N 109 -1.69 -8.07 -69.65
CA MET N 109 -2.40 -7.74 -68.42
C MET N 109 -1.60 -8.26 -67.24
N THR N 110 -1.72 -7.57 -66.11
CA THR N 110 -1.14 -8.03 -64.86
C THR N 110 -2.20 -8.74 -64.03
N TRP N 111 -1.75 -9.45 -62.99
CA TRP N 111 -2.69 -10.18 -62.16
C TRP N 111 -3.55 -9.25 -61.31
N LEU N 112 -3.03 -8.06 -60.99
CA LEU N 112 -3.78 -7.15 -60.12
C LEU N 112 -5.01 -6.62 -60.82
N GLN N 113 -4.86 -6.16 -62.07
CA GLN N 113 -6.01 -5.62 -62.77
C GLN N 113 -6.88 -6.74 -63.31
N TRP N 114 -6.32 -7.94 -63.47
CA TRP N 114 -7.14 -9.10 -63.79
C TRP N 114 -8.02 -9.50 -62.62
N ASP N 115 -7.47 -9.40 -61.42
CA ASP N 115 -8.22 -9.75 -60.22
C ASP N 115 -9.38 -8.79 -59.99
N LYS N 116 -9.26 -7.55 -60.45
CA LYS N 116 -10.34 -6.58 -60.34
C LYS N 116 -11.56 -7.01 -61.15
N GLU N 117 -11.36 -7.46 -62.38
CA GLU N 117 -12.49 -7.77 -63.25
C GLU N 117 -13.20 -9.04 -62.79
N ILE N 118 -12.45 -9.98 -62.22
CA ILE N 118 -13.05 -11.28 -61.96
C ILE N 118 -13.41 -11.42 -60.47
N SER N 119 -13.19 -10.37 -59.69
CA SER N 119 -13.54 -10.39 -58.27
C SER N 119 -15.04 -10.37 -58.06
N ASN N 120 -15.77 -9.91 -59.07
CA ASN N 120 -17.20 -9.72 -58.90
C ASN N 120 -17.93 -11.05 -59.06
N TYR N 121 -17.23 -12.03 -59.61
CA TYR N 121 -17.77 -13.32 -59.98
C TYR N 121 -17.04 -14.46 -59.30
N THR N 122 -16.29 -14.18 -58.25
CA THR N 122 -15.40 -15.19 -57.70
C THR N 122 -16.17 -16.19 -56.85
N GLN N 123 -17.29 -15.77 -56.26
CA GLN N 123 -18.06 -16.68 -55.42
C GLN N 123 -18.94 -17.60 -56.26
N ILE N 124 -19.10 -17.31 -57.55
CA ILE N 124 -19.83 -18.24 -58.39
C ILE N 124 -18.87 -19.10 -59.20
N ILE N 125 -17.63 -18.63 -59.40
CA ILE N 125 -16.61 -19.50 -59.98
C ILE N 125 -16.17 -20.54 -58.95
N TYR N 126 -16.12 -20.15 -57.67
CA TYR N 126 -15.82 -21.14 -56.63
C TYR N 126 -16.99 -22.08 -56.39
N GLY N 127 -18.17 -21.74 -56.91
CA GLY N 127 -19.31 -22.60 -56.71
C GLY N 127 -19.30 -23.82 -57.61
N LEU N 128 -18.81 -23.67 -58.84
CA LEU N 128 -18.80 -24.80 -59.75
C LEU N 128 -17.61 -25.71 -59.52
N LEU N 129 -16.59 -25.24 -58.81
CA LEU N 129 -15.41 -26.09 -58.60
C LEU N 129 -15.73 -27.23 -57.63
N GLU N 130 -16.57 -26.99 -56.64
CA GLU N 130 -16.89 -28.06 -55.71
C GLU N 130 -18.02 -28.94 -56.23
N GLU N 131 -18.52 -28.67 -57.43
CA GLU N 131 -19.58 -29.50 -57.99
C GLU N 131 -19.06 -30.40 -59.10
N SER N 132 -18.01 -29.98 -59.81
CA SER N 132 -17.47 -30.85 -60.84
C SER N 132 -16.45 -31.82 -60.25
N GLN N 133 -16.21 -31.70 -58.95
CA GLN N 133 -15.36 -32.68 -58.26
C GLN N 133 -16.21 -33.70 -57.50
N ASN N 134 -17.32 -33.26 -56.90
CA ASN N 134 -18.21 -34.18 -56.21
C ASN N 134 -18.83 -35.18 -57.17
N GLN N 135 -19.10 -34.76 -58.41
CA GLN N 135 -19.68 -35.67 -59.38
C GLN N 135 -18.67 -36.73 -59.81
N GLN N 136 -17.38 -36.43 -59.64
CA GLN N 136 -16.35 -37.37 -60.05
C GLN N 136 -15.99 -38.34 -58.93
N GLU N 137 -16.01 -37.87 -57.69
CA GLU N 137 -15.46 -38.68 -56.61
C GLU N 137 -16.47 -39.72 -56.12
N LYS N 138 -17.75 -39.34 -55.99
CA LYS N 138 -18.72 -40.26 -55.42
C LYS N 138 -19.46 -41.02 -56.51
N ASN N 139 -19.55 -40.46 -57.71
CA ASN N 139 -20.30 -41.15 -58.75
C ASN N 139 -19.35 -41.94 -59.64
N GLU N 140 -18.39 -41.26 -60.25
CA GLU N 140 -17.63 -41.88 -61.33
C GLU N 140 -16.66 -42.93 -60.81
N GLN N 141 -15.97 -42.65 -59.70
CA GLN N 141 -14.89 -43.53 -59.30
C GLN N 141 -15.42 -44.82 -58.68
N ASP N 142 -16.57 -44.75 -58.01
CA ASP N 142 -17.18 -45.97 -57.48
C ASP N 142 -17.96 -46.73 -58.56
N LEU N 143 -18.24 -46.10 -59.70
CA LEU N 143 -18.81 -46.87 -60.81
C LEU N 143 -17.72 -47.48 -61.66
N LEU N 144 -16.59 -46.79 -61.83
CA LEU N 144 -15.51 -47.36 -62.64
C LEU N 144 -14.72 -48.39 -61.86
N ALA N 145 -14.95 -48.49 -60.54
CA ALA N 145 -14.40 -49.60 -59.79
C ALA N 145 -15.12 -50.89 -60.15
N LEU N 146 -16.43 -50.93 -59.91
CA LEU N 146 -17.21 -52.16 -60.09
C LEU N 146 -17.52 -52.48 -61.54
N ASP N 147 -17.30 -51.54 -62.45
CA ASP N 147 -17.48 -51.79 -63.87
C ASP N 147 -16.18 -51.45 -64.58
N GLN O 1 50.20 61.10 -11.15
CA GLN O 1 49.19 61.74 -12.00
C GLN O 1 48.18 62.47 -11.16
N VAL O 2 47.60 61.76 -10.19
CA VAL O 2 46.65 62.32 -9.25
C VAL O 2 47.33 62.43 -7.89
N GLN O 3 47.27 63.61 -7.30
CA GLN O 3 47.93 63.90 -6.03
C GLN O 3 46.90 64.26 -4.97
N LEU O 4 46.99 63.62 -3.82
CA LEU O 4 45.96 63.70 -2.78
C LEU O 4 46.56 64.11 -1.46
N GLN O 5 46.04 65.20 -0.92
CA GLN O 5 46.45 65.78 0.36
C GLN O 5 45.23 65.82 1.27
N GLU O 6 45.40 65.37 2.50
CA GLU O 6 44.31 65.39 3.46
C GLU O 6 44.43 66.57 4.42
N SER O 7 43.28 67.19 4.70
CA SER O 7 43.17 68.31 5.62
C SER O 7 42.08 67.98 6.62
N GLY O 8 42.15 68.60 7.80
CA GLY O 8 41.19 68.33 8.84
C GLY O 8 41.69 68.74 10.21
N PRO O 9 40.81 69.32 11.03
CA PRO O 9 41.22 69.80 12.35
C PRO O 9 41.54 68.66 13.31
N GLY O 10 42.63 68.84 14.06
CA GLY O 10 43.11 67.84 15.01
C GLY O 10 42.19 67.53 16.17
N LEU O 11 41.51 68.53 16.73
CA LEU O 11 40.53 68.29 17.77
C LEU O 11 39.20 68.89 17.38
N VAL O 12 38.13 68.11 17.53
CA VAL O 12 36.77 68.62 17.48
C VAL O 12 36.07 68.17 18.76
N LYS O 13 35.02 68.89 19.10
CA LYS O 13 34.24 68.55 20.27
C LYS O 13 33.23 67.47 19.94
N PRO O 14 32.88 66.60 20.91
CA PRO O 14 31.81 65.62 20.70
C PRO O 14 30.46 66.26 20.44
N SER O 15 29.59 65.47 19.78
CA SER O 15 28.29 65.88 19.24
C SER O 15 28.41 67.11 18.37
N GLU O 16 29.18 67.01 17.28
CA GLU O 16 29.40 68.12 16.37
C GLU O 16 29.68 67.53 14.99
N THR O 17 29.23 68.25 13.95
CA THR O 17 29.43 67.87 12.56
C THR O 17 30.92 67.92 12.23
N LEU O 18 31.47 66.76 11.88
CA LEU O 18 32.86 66.67 11.47
C LEU O 18 32.99 67.02 9.99
N SER O 19 34.16 67.52 9.61
CA SER O 19 34.41 67.93 8.23
C SER O 19 35.84 67.59 7.88
N VAL O 20 36.02 66.75 6.87
CA VAL O 20 37.32 66.41 6.31
C VAL O 20 37.28 66.67 4.82
N THR O 21 38.13 67.58 4.37
CA THR O 21 38.13 68.03 3.00
C THR O 21 39.37 67.46 2.30
N CYS O 22 39.18 66.99 1.07
CA CYS O 22 40.22 66.32 0.30
C CYS O 22 40.70 67.23 -0.82
N SER O 23 41.94 67.71 -0.69
CA SER O 23 42.55 68.55 -1.71
C SER O 23 43.00 67.68 -2.88
N VAL O 24 42.52 67.99 -4.09
CA VAL O 24 42.72 67.15 -5.27
C VAL O 24 43.34 68.00 -6.37
N SER O 25 44.43 67.52 -6.96
CA SER O 25 44.95 68.10 -8.19
C SER O 25 44.70 67.15 -9.35
N GLY O 26 45.23 67.52 -10.51
CA GLY O 26 45.16 66.71 -11.71
C GLY O 26 43.88 66.88 -12.52
N ASP O 27 42.75 67.10 -11.86
CA ASP O 27 41.43 67.35 -12.43
C ASP O 27 40.87 66.15 -13.21
N SER O 28 41.48 64.97 -13.07
CA SER O 28 40.99 63.74 -13.66
C SER O 28 40.02 63.02 -12.73
N MET O 29 39.39 63.78 -11.83
CA MET O 29 38.51 63.24 -10.79
C MET O 29 37.16 62.79 -11.35
N ASN O 30 36.82 63.22 -12.55
CA ASN O 30 35.56 62.83 -13.14
C ASN O 30 35.67 61.58 -14.02
N ASN O 31 36.78 60.84 -13.91
CA ASN O 31 36.89 59.49 -14.46
C ASN O 31 36.82 58.42 -13.37
N TYR O 32 36.65 58.81 -12.10
CA TYR O 32 36.81 57.90 -10.98
C TYR O 32 35.56 57.90 -10.08
N TYR O 33 35.50 56.90 -9.18
CA TYR O 33 34.51 56.86 -8.10
C TYR O 33 35.20 57.01 -6.76
N TRP O 34 34.76 57.99 -5.98
CA TRP O 34 35.50 58.42 -4.79
C TRP O 34 34.92 57.85 -3.50
N THR O 35 35.80 57.57 -2.54
CA THR O 35 35.42 56.92 -1.30
C THR O 35 36.36 57.31 -0.17
N TRP O 36 35.98 56.89 1.04
CA TRP O 36 36.77 57.12 2.25
C TRP O 36 36.89 55.80 3.01
N ILE O 37 38.08 55.54 3.56
CA ILE O 37 38.27 54.38 4.43
C ILE O 37 38.86 54.90 5.74
N ARG O 38 38.65 54.16 6.83
CA ARG O 38 39.16 54.61 8.12
C ARG O 38 39.62 53.45 8.98
N GLN O 39 40.55 53.74 9.89
CA GLN O 39 41.07 52.78 10.85
C GLN O 39 40.94 53.36 12.23
N SER O 40 39.94 52.92 12.98
CA SER O 40 39.91 53.18 14.40
C SER O 40 41.07 52.44 15.06
N PRO O 41 41.85 53.13 15.89
CA PRO O 41 43.10 52.54 16.40
C PRO O 41 42.86 51.28 17.20
N GLY O 42 43.64 50.24 16.87
CA GLY O 42 43.47 48.92 17.45
C GLY O 42 42.68 47.95 16.60
N LYS O 43 42.15 48.37 15.45
CA LYS O 43 41.37 47.53 14.57
C LYS O 43 42.00 47.50 13.19
N GLY O 44 41.38 46.74 12.30
CA GLY O 44 41.70 46.79 10.88
C GLY O 44 41.02 47.95 10.18
N LEU O 45 40.90 47.84 8.86
CA LEU O 45 40.31 48.92 8.09
C LEU O 45 38.83 48.69 7.79
N GLU O 46 38.13 49.77 7.49
CA GLU O 46 36.72 49.77 7.18
C GLU O 46 36.41 50.89 6.21
N TRP O 47 35.63 50.58 5.17
CA TRP O 47 35.19 51.59 4.20
C TRP O 47 34.12 52.49 4.81
N ILE O 48 33.75 53.53 4.06
CA ILE O 48 32.71 54.45 4.53
C ILE O 48 31.60 54.61 3.51
N GLY O 49 31.89 54.93 2.26
CA GLY O 49 30.83 55.03 1.30
C GLY O 49 31.29 55.56 -0.03
N TYR O 50 30.41 55.46 -1.01
CA TYR O 50 30.77 55.76 -2.38
C TYR O 50 30.00 56.97 -2.88
N ILE O 51 30.71 57.80 -3.62
CA ILE O 51 30.12 58.86 -4.41
C ILE O 51 30.55 58.57 -5.85
N SER O 52 29.63 58.72 -6.78
CA SER O 52 29.98 58.41 -8.15
C SER O 52 30.33 59.68 -8.91
N ASP O 53 30.37 59.56 -10.24
CA ASP O 53 30.45 60.75 -11.08
C ASP O 53 29.07 61.35 -11.33
N ARG O 54 28.04 60.51 -11.40
CA ARG O 54 26.66 60.94 -11.54
C ARG O 54 25.99 61.14 -10.18
N GLU O 55 26.79 61.09 -9.11
CA GLU O 55 26.36 61.22 -7.72
C GLU O 55 25.35 60.15 -7.31
N SER O 56 25.75 58.89 -7.33
CA SER O 56 24.93 57.84 -6.71
C SER O 56 25.39 57.58 -5.30
N ALA O 57 24.54 57.86 -4.32
CA ALA O 57 24.99 57.91 -2.94
C ALA O 57 24.68 56.61 -2.19
N THR O 58 25.74 55.88 -1.84
CA THR O 58 25.63 54.70 -1.00
C THR O 58 26.58 54.84 0.17
N TYR O 59 26.28 54.11 1.26
CA TYR O 59 27.12 54.10 2.44
C TYR O 59 26.97 52.77 3.18
N ASN O 60 27.88 52.52 4.12
CA ASN O 60 28.05 51.21 4.73
C ASN O 60 26.93 50.92 5.73
N PRO O 61 26.23 49.77 5.61
CA PRO O 61 25.22 49.43 6.62
C PRO O 61 25.83 48.81 7.86
N SER O 62 26.86 49.48 8.36
CA SER O 62 27.46 49.25 9.67
C SER O 62 27.62 50.58 10.39
N LEU O 63 27.33 51.68 9.71
CA LEU O 63 27.12 52.99 10.32
C LEU O 63 25.65 53.34 10.12
N ASN O 64 25.18 54.37 10.80
CA ASN O 64 23.79 54.76 10.62
C ASN O 64 23.68 55.80 9.52
N SER O 65 22.52 56.47 9.46
CA SER O 65 22.24 57.42 8.39
C SER O 65 22.97 58.74 8.57
N ARG O 66 23.83 58.84 9.59
CA ARG O 66 24.52 60.08 9.94
C ARG O 66 25.78 60.32 9.12
N VAL O 67 25.89 59.70 7.95
CA VAL O 67 27.04 59.89 7.07
C VAL O 67 26.55 60.57 5.80
N VAL O 68 27.27 61.60 5.35
CA VAL O 68 26.96 62.31 4.10
C VAL O 68 28.28 62.62 3.40
N ILE O 69 28.35 62.32 2.09
CA ILE O 69 29.45 62.74 1.22
C ILE O 69 28.93 63.81 0.29
N SER O 70 29.70 64.89 0.11
CA SER O 70 29.51 65.82 -0.98
C SER O 70 30.76 65.81 -1.84
N ARG O 71 30.60 66.13 -3.13
CA ARG O 71 31.73 66.26 -4.03
C ARG O 71 31.58 67.52 -4.87
N ASP O 72 32.64 68.33 -4.91
CA ASP O 72 32.66 69.51 -5.76
C ASP O 72 33.53 69.21 -6.97
N THR O 73 33.07 69.65 -8.14
CA THR O 73 33.81 69.58 -9.38
C THR O 73 34.42 70.92 -9.76
N SER O 74 34.05 71.99 -9.06
CA SER O 74 34.54 73.32 -9.41
C SER O 74 35.85 73.62 -8.73
N LYS O 75 35.87 73.56 -7.40
CA LYS O 75 37.11 73.65 -6.64
C LYS O 75 37.84 72.33 -6.58
N ASN O 76 37.20 71.25 -7.08
CA ASN O 76 37.73 69.88 -7.08
C ASN O 76 38.01 69.39 -5.67
N GLN O 77 37.05 69.61 -4.78
CA GLN O 77 37.21 69.37 -3.35
C GLN O 77 36.15 68.39 -2.87
N LEU O 78 36.59 67.23 -2.42
CA LEU O 78 35.69 66.23 -1.82
C LEU O 78 35.51 66.61 -0.36
N SER O 79 34.39 66.21 0.22
CA SER O 79 34.05 66.52 1.59
C SER O 79 33.51 65.28 2.27
N LEU O 80 33.90 65.08 3.53
CA LEU O 80 33.36 64.03 4.37
C LEU O 80 32.79 64.67 5.63
N LYS O 81 31.54 64.34 5.96
CA LYS O 81 30.82 64.96 7.06
C LYS O 81 30.11 63.90 7.88
N LEU O 82 30.74 63.53 8.99
CA LEU O 82 30.16 62.62 9.97
C LEU O 82 29.33 63.46 10.91
N ASN O 83 28.02 63.27 10.87
CA ASN O 83 27.13 64.07 11.70
C ASN O 83 26.90 63.39 13.04
N SER O 84 26.71 64.20 14.08
CA SER O 84 26.52 63.77 15.48
C SER O 84 27.69 62.89 15.93
N VAL O 85 28.87 63.49 15.98
CA VAL O 85 30.08 62.71 16.18
C VAL O 85 30.19 62.33 17.65
N THR O 86 30.80 61.18 17.91
CA THR O 86 31.02 60.61 19.23
C THR O 86 32.49 60.27 19.35
N PRO O 87 32.97 59.87 20.55
CA PRO O 87 34.32 59.29 20.64
C PRO O 87 34.51 57.97 19.90
N ALA O 88 33.43 57.34 19.45
CA ALA O 88 33.55 56.16 18.59
C ALA O 88 34.08 56.52 17.20
N ASP O 89 34.06 57.80 16.85
CA ASP O 89 34.54 58.29 15.57
C ASP O 89 35.97 58.79 15.66
N THR O 90 36.79 58.15 16.48
CA THR O 90 38.21 58.49 16.60
C THR O 90 39.04 57.60 15.68
N ALA O 91 39.55 58.18 14.60
CA ALA O 91 40.20 57.35 13.58
C ALA O 91 41.09 58.19 12.70
N VAL O 92 41.64 57.54 11.67
CA VAL O 92 42.56 58.14 10.71
C VAL O 92 41.92 58.04 9.33
N TYR O 93 41.83 59.17 8.63
CA TYR O 93 40.98 59.25 7.44
C TYR O 93 41.80 59.30 6.14
N TYR O 94 41.58 58.31 5.30
CA TYR O 94 42.21 58.21 3.99
C TYR O 94 41.17 58.49 2.91
N CYS O 95 41.52 59.41 2.01
CA CYS O 95 40.73 59.72 0.81
C CYS O 95 41.30 58.90 -0.33
N ALA O 96 40.42 58.28 -1.12
CA ALA O 96 40.85 57.32 -2.12
C ALA O 96 39.92 57.34 -3.33
N THR O 97 40.46 56.94 -4.48
CA THR O 97 39.70 56.75 -5.69
C THR O 97 39.72 55.26 -6.04
N ALA O 98 38.80 54.84 -6.90
CA ALA O 98 38.77 53.46 -7.34
C ALA O 98 38.21 53.35 -8.75
N ARG O 99 38.78 52.44 -9.52
CA ARG O 99 38.25 52.07 -10.81
C ARG O 99 37.18 50.99 -10.66
N ARG O 100 36.62 50.61 -11.80
CA ARG O 100 35.59 49.59 -11.88
C ARG O 100 36.20 48.40 -12.61
N GLY O 101 35.75 47.20 -12.27
CA GLY O 101 35.98 46.03 -13.09
C GLY O 101 34.71 45.21 -13.16
N GLN O 102 34.70 44.22 -14.04
CA GLN O 102 33.62 43.27 -14.02
C GLN O 102 34.14 41.87 -14.34
N ARG O 103 33.84 40.93 -13.45
CA ARG O 103 34.24 39.54 -13.63
C ARG O 103 33.06 38.79 -14.24
N ILE O 104 33.15 38.61 -15.56
CA ILE O 104 32.12 37.88 -16.28
C ILE O 104 32.33 36.39 -16.05
N TYR O 105 31.26 35.69 -15.68
CA TYR O 105 31.36 34.26 -15.44
C TYR O 105 30.41 33.47 -16.34
N GLY O 106 29.75 34.12 -17.29
CA GLY O 106 28.78 33.47 -18.13
C GLY O 106 28.30 34.35 -19.27
N VAL O 107 27.00 34.29 -19.57
CA VAL O 107 26.49 34.99 -20.74
C VAL O 107 26.20 36.45 -20.40
N VAL O 108 26.84 37.36 -21.11
CA VAL O 108 26.58 38.78 -20.99
C VAL O 108 25.27 39.01 -21.73
N SER O 109 24.47 39.96 -21.23
CA SER O 109 23.08 40.29 -21.58
C SER O 109 22.10 39.24 -21.06
N PHE O 110 22.58 38.32 -20.25
CA PHE O 110 21.74 37.63 -19.28
C PHE O 110 22.01 38.11 -17.87
N GLY O 111 23.02 38.96 -17.69
CA GLY O 111 23.35 39.50 -16.39
C GLY O 111 24.22 38.60 -15.54
N GLU O 112 25.06 37.77 -16.16
CA GLU O 112 25.89 36.84 -15.42
C GLU O 112 27.30 37.41 -15.27
N PHE O 113 27.41 38.38 -14.36
CA PHE O 113 28.67 39.00 -13.97
C PHE O 113 28.42 39.75 -12.66
N PHE O 114 29.44 40.50 -12.24
CA PHE O 114 29.39 41.38 -11.09
C PHE O 114 30.57 42.31 -11.20
N TYR O 115 30.55 43.36 -10.39
CA TYR O 115 31.57 44.40 -10.43
C TYR O 115 32.52 44.22 -9.24
N TYR O 116 33.77 44.65 -9.43
CA TYR O 116 34.80 44.62 -8.41
C TYR O 116 35.62 45.88 -8.55
N TYR O 117 36.03 46.44 -7.43
CA TYR O 117 36.76 47.72 -7.43
C TYR O 117 38.15 47.50 -6.88
N SER O 118 39.04 48.47 -7.09
CA SER O 118 40.37 48.47 -6.49
C SER O 118 40.89 49.89 -6.42
N MET O 119 41.76 50.16 -5.46
CA MET O 119 42.20 51.53 -5.17
C MET O 119 43.61 51.76 -5.71
N ASP O 120 43.83 52.97 -6.23
CA ASP O 120 45.00 53.26 -7.06
C ASP O 120 45.82 54.45 -6.57
N VAL O 121 45.21 55.43 -5.92
CA VAL O 121 45.95 56.55 -5.34
C VAL O 121 45.78 56.47 -3.84
N TRP O 122 46.88 56.52 -3.11
CA TRP O 122 46.82 56.60 -1.67
C TRP O 122 47.21 57.98 -1.18
N GLY O 123 46.39 58.51 -0.27
CA GLY O 123 46.60 59.83 0.27
C GLY O 123 47.55 59.87 1.45
N LYS O 124 47.47 60.94 2.21
CA LYS O 124 48.46 61.20 3.25
C LYS O 124 47.90 61.06 4.67
N GLY O 125 46.58 60.94 4.80
CA GLY O 125 45.97 60.71 6.10
C GLY O 125 45.83 61.97 6.95
N THR O 126 44.69 62.11 7.62
CA THR O 126 44.51 63.12 8.64
C THR O 126 43.97 62.47 9.90
N THR O 127 44.52 62.88 11.04
CA THR O 127 44.17 62.32 12.33
C THR O 127 43.25 63.30 13.05
N VAL O 128 42.13 62.79 13.56
CA VAL O 128 41.12 63.58 14.25
C VAL O 128 40.74 62.84 15.52
N THR O 129 40.69 63.56 16.65
CA THR O 129 40.13 63.00 17.88
C THR O 129 38.96 63.85 18.36
N VAL O 130 38.22 63.27 19.30
CA VAL O 130 37.02 63.87 19.87
C VAL O 130 37.17 63.92 21.38
N SER O 131 37.01 65.12 21.94
CA SER O 131 37.12 65.39 23.36
C SER O 131 36.53 66.76 23.64
N SER O 132 36.17 66.99 24.90
CA SER O 132 35.70 68.30 25.32
C SER O 132 36.82 69.26 25.67
N ALA O 133 38.08 68.84 25.51
CA ALA O 133 39.22 69.69 25.81
C ALA O 133 39.38 70.79 24.77
N SER O 134 40.29 71.71 25.04
CA SER O 134 40.55 72.80 24.12
C SER O 134 42.00 72.77 23.65
N THR O 135 42.26 73.47 22.56
CA THR O 135 43.57 73.45 21.94
C THR O 135 44.54 74.35 22.70
N LYS O 136 45.74 73.83 22.95
CA LYS O 136 46.71 74.52 23.77
C LYS O 136 47.92 74.88 22.91
N GLY O 137 48.25 76.16 22.88
CA GLY O 137 49.45 76.62 22.22
C GLY O 137 50.69 76.02 22.86
N PRO O 138 51.72 75.77 22.06
CA PRO O 138 52.91 75.10 22.58
C PRO O 138 53.80 76.05 23.38
N SER O 139 54.88 75.48 23.91
CA SER O 139 55.96 76.24 24.51
C SER O 139 57.25 75.67 23.92
N VAL O 140 57.75 76.34 22.89
CA VAL O 140 58.80 75.81 22.03
C VAL O 140 60.13 76.40 22.46
N PHE O 141 61.11 75.55 22.69
CA PHE O 141 62.45 75.97 23.06
C PHE O 141 63.47 75.23 22.24
N PRO O 142 64.21 75.90 21.36
CA PRO O 142 65.24 75.20 20.59
C PRO O 142 66.39 74.74 21.46
N LEU O 143 66.91 73.55 21.15
CA LEU O 143 67.99 72.90 21.89
C LEU O 143 69.31 73.17 21.19
N ALA O 144 70.33 73.52 21.96
CA ALA O 144 71.59 73.98 21.40
C ALA O 144 72.46 72.80 20.93
N PRO O 145 73.43 73.03 20.04
CA PRO O 145 74.32 71.94 19.62
C PRO O 145 75.31 71.50 20.71
N SER O 146 75.82 70.28 20.55
CA SER O 146 76.96 69.80 21.32
C SER O 146 78.18 69.70 20.41
N SER O 147 79.34 69.48 21.03
CA SER O 147 80.61 69.48 20.30
C SER O 147 80.93 68.07 19.82
N LYS O 148 80.10 67.60 18.87
CA LYS O 148 80.12 66.24 18.31
C LYS O 148 80.12 65.14 19.38
N THR O 154 76.84 63.71 13.14
CA THR O 154 78.00 64.36 13.72
C THR O 154 77.59 65.10 14.99
N ALA O 155 77.09 66.32 14.80
CA ALA O 155 76.64 67.17 15.88
C ALA O 155 75.14 66.99 16.08
N ALA O 156 74.68 67.38 17.27
CA ALA O 156 73.34 67.03 17.77
C ALA O 156 72.44 68.25 17.83
N LEU O 157 71.82 68.56 16.71
CA LEU O 157 70.84 69.65 16.68
C LEU O 157 69.49 69.13 17.15
N GLY O 158 68.80 69.92 17.96
CA GLY O 158 67.57 69.44 18.53
C GLY O 158 66.59 70.56 18.80
N CYS O 159 65.36 70.15 19.17
CA CYS O 159 64.30 71.10 19.46
C CYS O 159 63.31 70.44 20.40
N LEU O 160 62.67 71.26 21.23
CA LEU O 160 61.66 70.79 22.18
C LEU O 160 60.36 71.56 21.97
N VAL O 161 59.28 70.81 21.80
CA VAL O 161 57.94 71.39 21.79
C VAL O 161 57.25 70.84 23.04
N LYS O 162 57.29 71.60 24.12
CA LYS O 162 56.62 71.23 25.35
C LYS O 162 55.20 71.73 25.27
N ASP O 163 54.32 71.04 26.01
CA ASP O 163 52.96 71.48 26.31
C ASP O 163 52.12 71.62 25.04
N TYR O 164 51.96 70.52 24.31
CA TYR O 164 51.14 70.54 23.11
C TYR O 164 50.09 69.42 23.11
N PHE O 165 48.86 69.79 22.71
CA PHE O 165 47.69 68.94 22.51
C PHE O 165 46.68 69.83 21.80
N PRO O 166 46.02 69.36 20.73
CA PRO O 166 46.01 68.02 20.12
C PRO O 166 47.18 67.67 19.21
N GLU O 167 47.76 66.49 19.47
CA GLU O 167 48.92 65.87 18.84
C GLU O 167 48.54 65.41 17.44
N PRO O 168 49.50 65.12 16.52
CA PRO O 168 50.98 65.15 16.51
C PRO O 168 51.57 66.53 16.30
N VAL O 169 52.90 66.60 16.21
CA VAL O 169 53.64 67.84 16.01
C VAL O 169 54.50 67.69 14.76
N THR O 170 54.54 68.73 13.93
CA THR O 170 55.46 68.83 12.80
C THR O 170 56.61 69.76 13.16
N VAL O 171 57.84 69.26 13.04
CA VAL O 171 59.03 70.07 13.28
C VAL O 171 59.99 69.91 12.10
N SER O 172 60.31 71.04 11.44
CA SER O 172 61.26 71.09 10.32
C SER O 172 62.39 72.06 10.65
N TRP O 173 63.25 72.38 9.66
CA TRP O 173 64.43 73.17 9.94
C TRP O 173 64.85 74.04 8.77
N ASN O 174 65.56 75.13 9.09
CA ASN O 174 65.92 76.21 8.15
C ASN O 174 64.73 76.66 7.32
N SER O 175 63.64 77.03 8.01
CA SER O 175 62.36 77.44 7.40
C SER O 175 61.84 76.40 6.41
N GLY O 176 62.07 75.12 6.71
CA GLY O 176 61.67 74.02 5.85
C GLY O 176 62.72 73.57 4.86
N ALA O 177 63.78 74.36 4.66
CA ALA O 177 64.72 74.08 3.58
C ALA O 177 65.70 72.98 3.93
N LEU O 178 65.82 72.62 5.22
CA LEU O 178 66.74 71.58 5.65
C LEU O 178 65.98 70.27 5.79
N THR O 179 66.26 69.33 4.88
CA THR O 179 65.67 68.00 4.92
C THR O 179 66.69 66.88 5.10
N SER O 180 67.98 67.14 4.92
CA SER O 180 69.00 66.15 5.17
C SER O 180 69.22 65.99 6.67
N GLY O 181 69.19 64.75 7.15
CA GLY O 181 69.44 64.45 8.54
C GLY O 181 68.36 64.91 9.50
N VAL O 182 67.11 65.01 9.04
CA VAL O 182 66.02 65.50 9.86
C VAL O 182 65.10 64.33 10.20
N HIS O 183 64.92 64.08 11.49
CA HIS O 183 64.10 62.97 11.95
C HIS O 183 63.47 63.31 13.29
N THR O 184 62.20 62.95 13.46
CA THR O 184 61.55 62.92 14.76
C THR O 184 60.99 61.53 14.99
N PHE O 185 60.89 61.16 16.26
CA PHE O 185 60.49 60.16 17.23
C PHE O 185 59.11 60.51 17.81
N PRO O 186 58.40 59.56 18.44
CA PRO O 186 57.11 59.90 19.05
C PRO O 186 57.22 60.91 20.19
N ALA O 187 56.34 61.91 20.14
CA ALA O 187 56.18 62.89 21.21
C ALA O 187 55.68 62.22 22.48
N VAL O 188 56.47 62.32 23.54
CA VAL O 188 56.29 61.47 24.70
C VAL O 188 55.12 61.98 25.55
N LEU O 189 54.22 61.04 25.86
CA LEU O 189 52.97 61.32 26.55
C LEU O 189 53.21 61.84 27.96
N GLN O 190 52.76 63.07 28.22
CA GLN O 190 52.83 63.58 29.57
C GLN O 190 51.68 63.04 30.41
N SER O 191 51.90 63.05 31.72
CA SER O 191 50.84 62.66 32.67
C SER O 191 49.74 63.70 32.76
N SER O 192 50.01 64.93 32.32
CA SER O 192 49.02 66.00 32.35
C SER O 192 48.07 65.97 31.15
N GLY O 193 48.10 64.91 30.35
CA GLY O 193 47.31 64.83 29.15
C GLY O 193 47.94 65.50 27.96
N LEU O 194 49.16 66.02 28.10
CA LEU O 194 49.88 66.71 27.05
C LEU O 194 50.98 65.83 26.45
N TYR O 195 51.78 66.43 25.57
CA TYR O 195 52.80 65.72 24.81
C TYR O 195 54.03 66.62 24.63
N SER O 196 55.21 66.01 24.63
CA SER O 196 56.46 66.76 24.47
C SER O 196 57.29 66.15 23.35
N LEU O 197 57.29 66.78 22.18
CA LEU O 197 58.13 66.34 21.08
C LEU O 197 59.56 66.73 21.38
N SER O 198 60.49 65.84 21.03
CA SER O 198 61.92 66.11 21.05
C SER O 198 62.46 65.75 19.68
N SER O 199 63.21 66.67 19.08
CA SER O 199 63.70 66.50 17.71
C SER O 199 65.15 66.06 17.75
N VAL O 200 65.62 65.48 16.66
CA VAL O 200 67.03 65.15 16.45
C VAL O 200 67.38 65.33 14.98
N VAL O 201 68.42 66.12 14.72
CA VAL O 201 68.87 66.45 13.36
C VAL O 201 70.40 66.36 13.33
N THR O 202 70.93 65.58 12.39
CA THR O 202 72.39 65.45 12.22
C THR O 202 72.86 66.48 11.18
N VAL O 203 73.73 67.37 11.64
CA VAL O 203 74.40 68.41 10.85
C VAL O 203 75.88 68.31 11.22
N PRO O 204 76.83 68.48 10.29
CA PRO O 204 78.24 68.61 10.68
C PRO O 204 78.50 69.84 11.54
N SER O 205 79.45 69.69 12.47
CA SER O 205 79.75 70.78 13.41
C SER O 205 80.49 71.92 12.73
N SER O 206 81.20 71.63 11.63
CA SER O 206 81.85 72.69 10.86
C SER O 206 80.83 73.58 10.15
N SER O 207 79.61 73.09 9.96
CA SER O 207 78.49 73.85 9.42
C SER O 207 77.47 74.26 10.47
N LEU O 208 77.35 73.52 11.57
CA LEU O 208 76.25 73.77 12.50
C LEU O 208 76.44 75.07 13.26
N GLY O 209 77.68 75.50 13.44
CA GLY O 209 77.93 76.80 14.02
C GLY O 209 77.99 77.93 13.01
N THR O 210 77.48 77.74 11.80
CA THR O 210 77.58 78.74 10.75
C THR O 210 76.23 79.25 10.26
N GLN O 211 75.31 78.36 9.87
CA GLN O 211 74.06 78.81 9.25
C GLN O 211 72.99 79.07 10.31
N THR O 212 71.82 79.52 9.83
CA THR O 212 70.79 80.09 10.70
C THR O 212 69.74 79.03 11.07
N TYR O 213 70.15 78.14 11.97
CA TYR O 213 69.31 77.00 12.36
C TYR O 213 68.18 77.48 13.26
N ILE O 214 67.03 77.66 12.65
CA ILE O 214 65.79 77.95 13.35
C ILE O 214 64.99 76.66 13.46
N CYS O 215 64.50 76.36 14.66
CA CYS O 215 63.50 75.31 14.79
C CYS O 215 62.20 75.79 14.16
N ASN O 216 61.83 75.20 13.04
CA ASN O 216 60.58 75.52 12.37
C ASN O 216 59.52 74.51 12.80
N VAL O 217 58.40 74.99 13.33
CA VAL O 217 57.28 74.14 13.70
C VAL O 217 56.05 74.67 12.96
N ASN O 218 55.09 73.78 12.67
CA ASN O 218 53.75 74.13 12.23
C ASN O 218 52.74 73.55 13.22
N HIS O 219 51.65 74.31 13.48
CA HIS O 219 50.52 73.85 14.31
C HIS O 219 49.20 74.41 13.78
N LYS O 220 48.51 73.61 12.98
CA LYS O 220 47.15 73.96 12.53
C LYS O 220 46.08 73.94 13.62
N PRO O 221 45.96 72.91 14.50
CA PRO O 221 44.83 72.90 15.44
C PRO O 221 44.82 74.02 16.46
N SER O 222 45.98 74.52 16.90
CA SER O 222 46.02 75.66 17.80
C SER O 222 46.12 76.99 17.06
N ASN O 223 46.31 76.95 15.73
CA ASN O 223 46.53 78.12 14.88
C ASN O 223 47.74 78.94 15.33
N THR O 224 48.94 78.36 15.24
CA THR O 224 50.17 79.05 15.57
C THR O 224 51.32 78.59 14.66
N LYS O 225 52.15 79.54 14.22
CA LYS O 225 53.42 79.22 13.54
C LYS O 225 54.55 79.74 14.42
N VAL O 226 55.67 79.00 14.45
CA VAL O 226 56.77 79.27 15.38
C VAL O 226 58.08 79.28 14.59
N ASP O 227 58.95 80.23 14.89
CA ASP O 227 60.34 80.26 14.39
C ASP O 227 61.26 80.84 15.46
N LYS O 228 62.00 79.97 16.17
CA LYS O 228 62.90 80.38 17.24
C LYS O 228 64.32 79.88 16.96
N ARG O 229 65.31 80.75 17.21
CA ARG O 229 66.68 80.47 16.82
C ARG O 229 67.41 79.60 17.86
N VAL O 230 68.15 78.60 17.36
CA VAL O 230 68.96 77.72 18.20
C VAL O 230 70.18 78.50 18.65
N GLU O 231 70.51 78.42 19.92
CA GLU O 231 71.69 79.17 20.30
C GLU O 231 72.86 78.23 20.62
N PRO O 232 74.08 78.62 20.27
CA PRO O 232 75.24 77.77 20.59
C PRO O 232 75.55 77.74 22.08
N LYS O 233 76.14 76.63 22.51
CA LYS O 233 76.43 76.32 23.90
C LYS O 233 77.68 75.43 23.96
N SER O 234 78.33 75.39 25.12
CA SER O 234 79.63 74.74 25.25
C SER O 234 79.55 73.30 25.78
N CYS O 235 78.55 72.52 25.38
CA CYS O 235 78.53 71.09 25.71
C CYS O 235 79.71 70.37 25.05
N VAL P 1 46.74 41.90 13.46
CA VAL P 1 45.59 41.10 13.85
C VAL P 1 45.98 39.62 14.00
N ARG P 2 46.56 39.06 12.94
CA ARG P 2 47.03 37.72 12.95
C ARG P 2 48.53 37.82 12.71
N PRO P 3 49.35 37.13 13.48
CA PRO P 3 50.78 37.11 13.18
C PRO P 3 51.07 36.16 12.04
N LEU P 4 52.29 36.26 11.55
CA LEU P 4 52.88 35.27 10.66
C LEU P 4 54.37 35.47 10.82
N SER P 5 55.17 34.43 10.54
CA SER P 5 56.60 34.49 10.78
C SER P 5 57.35 33.54 9.88
N VAL P 6 58.25 34.08 9.07
CA VAL P 6 59.19 33.29 8.29
C VAL P 6 60.57 33.88 8.49
N ALA P 7 61.58 33.17 8.01
CA ALA P 7 62.94 33.71 8.01
C ALA P 7 63.12 34.67 6.84
N LEU P 8 64.17 35.48 6.92
CA LEU P 8 64.47 36.42 5.85
C LEU P 8 64.96 35.66 4.62
N GLY P 9 64.18 35.75 3.55
CA GLY P 9 64.44 34.99 2.36
C GLY P 9 63.51 33.81 2.15
N GLU P 10 62.82 33.37 3.19
CA GLU P 10 61.98 32.19 3.09
C GLU P 10 60.64 32.56 2.47
N THR P 11 60.12 31.65 1.65
CA THR P 11 58.90 31.89 0.90
C THR P 11 57.69 31.91 1.83
N ALA P 12 57.08 33.08 1.94
CA ALA P 12 55.86 33.26 2.70
C ALA P 12 54.66 32.82 1.86
N ARG P 13 53.66 32.25 2.54
CA ARG P 13 52.43 31.77 1.92
C ARG P 13 51.28 32.27 2.77
N ILE P 14 50.41 33.09 2.20
CA ILE P 14 49.27 33.66 2.92
C ILE P 14 47.99 33.16 2.27
N SER P 15 47.33 32.21 2.94
CA SER P 15 45.97 31.89 2.55
C SER P 15 45.05 32.99 3.06
N CYS P 16 43.93 33.19 2.38
CA CYS P 16 43.04 34.29 2.73
C CYS P 16 42.25 33.99 4.00
N GLY P 17 41.45 32.94 3.96
CA GLY P 17 40.50 32.73 5.03
C GLY P 17 39.08 33.13 4.67
N ARG P 18 38.81 33.41 3.41
CA ARG P 18 37.48 33.68 2.90
C ARG P 18 37.09 32.47 2.06
N GLN P 19 36.15 31.68 2.55
CA GLN P 19 35.66 30.50 1.82
C GLN P 19 34.86 31.04 0.64
N ALA P 20 35.56 31.23 -0.48
CA ALA P 20 34.98 31.85 -1.64
C ALA P 20 34.03 30.90 -2.36
N LEU P 21 32.94 31.47 -2.85
CA LEU P 21 31.93 30.73 -3.59
C LEU P 21 31.80 31.29 -4.98
N GLY P 22 31.65 30.39 -5.95
CA GLY P 22 31.46 30.82 -7.32
C GLY P 22 32.73 31.39 -7.91
N SER P 23 32.58 32.51 -8.60
CA SER P 23 33.68 33.18 -9.26
C SER P 23 34.12 34.35 -8.40
N ARG P 24 35.42 34.63 -8.41
CA ARG P 24 36.01 35.53 -7.43
C ARG P 24 36.92 36.54 -8.11
N ALA P 25 37.34 37.54 -7.35
CA ALA P 25 38.30 38.55 -7.80
C ALA P 25 39.05 39.08 -6.58
N VAL P 26 40.19 38.48 -6.27
CA VAL P 26 40.87 38.71 -5.00
C VAL P 26 41.85 39.87 -5.19
N GLN P 27 42.07 40.62 -4.11
CA GLN P 27 43.02 41.73 -4.07
C GLN P 27 43.77 41.65 -2.76
N TRP P 28 45.07 41.93 -2.81
CA TRP P 28 45.97 41.84 -1.68
C TRP P 28 46.64 43.19 -1.50
N TYR P 29 46.79 43.65 -0.26
CA TYR P 29 47.42 44.93 -0.04
C TYR P 29 48.70 44.79 0.79
N GLN P 30 49.55 45.80 0.71
CA GLN P 30 50.64 45.99 1.66
C GLN P 30 50.34 47.20 2.52
N HIS P 31 50.00 46.95 3.77
CA HIS P 31 49.78 48.02 4.72
C HIS P 31 50.96 48.06 5.68
N ARG P 32 51.91 48.92 5.35
CA ARG P 32 53.18 49.04 6.06
C ARG P 32 53.05 50.10 7.13
N PRO P 33 53.19 49.73 8.41
CA PRO P 33 52.82 50.66 9.51
C PRO P 33 53.69 51.91 9.54
N GLY P 34 53.01 53.06 9.59
CA GLY P 34 53.63 54.34 9.37
C GLY P 34 53.24 54.97 8.05
N GLN P 35 52.66 54.20 7.15
CA GLN P 35 52.22 54.63 5.82
C GLN P 35 50.82 54.07 5.54
N ALA P 36 50.32 54.34 4.31
CA ALA P 36 49.02 53.98 3.78
C ALA P 36 49.08 52.64 3.04
N PRO P 37 47.93 51.95 2.88
CA PRO P 37 47.96 50.66 2.15
C PRO P 37 48.41 50.79 0.71
N ILE P 38 48.87 49.68 0.14
CA ILE P 38 49.40 49.64 -1.24
C ILE P 38 48.76 48.47 -1.98
N LEU P 39 48.11 48.75 -3.10
CA LEU P 39 47.47 47.68 -3.87
C LEU P 39 48.51 46.79 -4.54
N LEU P 40 48.72 45.59 -3.98
CA LEU P 40 49.72 44.70 -4.56
C LEU P 40 49.21 43.94 -5.77
N ILE P 41 48.20 43.11 -5.59
CA ILE P 41 47.67 42.25 -6.62
C ILE P 41 46.31 42.81 -6.98
N TYR P 42 46.06 42.93 -8.28
CA TYR P 42 44.82 43.45 -8.82
C TYR P 42 44.22 42.44 -9.76
N ASN P 43 42.96 42.08 -9.53
CA ASN P 43 42.18 41.18 -10.38
C ASN P 43 42.89 39.83 -10.53
N ASN P 44 43.36 39.31 -9.40
CA ASN P 44 44.04 38.03 -9.16
C ASN P 44 45.48 38.00 -9.68
N GLN P 45 45.87 38.92 -10.55
CA GLN P 45 47.11 38.68 -11.29
C GLN P 45 47.91 39.91 -11.69
N ASP P 46 47.30 41.09 -11.62
CA ASP P 46 48.00 42.27 -12.10
C ASP P 46 48.83 42.90 -10.99
N ARG P 47 50.10 43.10 -11.29
CA ARG P 47 51.03 43.82 -10.42
C ARG P 47 51.28 45.17 -11.09
N PRO P 48 50.68 46.25 -10.59
CA PRO P 48 50.89 47.56 -11.21
C PRO P 48 52.30 48.11 -11.01
N SER P 49 52.53 49.29 -11.59
CA SER P 49 53.82 49.95 -11.45
C SER P 49 54.00 50.45 -10.03
N GLY P 50 55.24 50.37 -9.54
CA GLY P 50 55.54 50.69 -8.17
C GLY P 50 55.51 49.50 -7.24
N ILE P 51 55.08 48.34 -7.73
CA ILE P 51 55.07 47.11 -6.94
C ILE P 51 56.22 46.24 -7.43
N PRO P 52 57.10 45.76 -6.56
CA PRO P 52 58.21 44.93 -7.03
C PRO P 52 57.73 43.56 -7.49
N GLU P 53 58.54 42.94 -8.36
CA GLU P 53 58.19 41.68 -9.00
C GLU P 53 58.35 40.47 -8.09
N ARG P 54 58.74 40.67 -6.83
CA ARG P 54 58.87 39.56 -5.89
C ARG P 54 57.51 39.14 -5.32
N PHE P 55 56.44 39.82 -5.73
CA PHE P 55 55.10 39.56 -5.24
C PHE P 55 54.28 39.05 -6.42
N SER P 56 53.54 37.96 -6.22
CA SER P 56 52.69 37.46 -7.28
C SER P 56 51.54 36.66 -6.70
N GLY P 57 50.35 36.93 -7.20
CA GLY P 57 49.15 36.17 -6.92
C GLY P 57 49.12 34.87 -7.71
N THR P 58 47.90 34.40 -8.00
CA THR P 58 47.71 33.10 -8.64
C THR P 58 46.91 33.23 -9.93
N PRO P 59 47.61 33.42 -11.06
CA PRO P 59 46.89 33.56 -12.34
C PRO P 59 46.42 32.25 -12.95
N ASP P 60 47.03 31.12 -12.60
CA ASP P 60 46.82 29.87 -13.31
C ASP P 60 45.77 28.95 -12.68
N ILE P 61 45.03 29.42 -11.70
CA ILE P 61 44.10 28.54 -11.00
C ILE P 61 42.78 28.45 -11.78
N ASN P 62 42.28 27.22 -11.90
CA ASN P 62 40.99 26.82 -12.43
C ASN P 62 39.90 27.19 -11.40
N PHE P 63 38.82 26.41 -11.34
CA PHE P 63 37.74 26.77 -10.43
C PHE P 63 38.10 26.61 -8.95
N GLY P 64 38.46 25.39 -8.53
CA GLY P 64 38.35 25.08 -7.12
C GLY P 64 39.60 24.98 -6.28
N THR P 65 40.63 25.79 -6.52
CA THR P 65 41.85 25.77 -5.71
C THR P 65 41.98 27.08 -4.94
N ARG P 66 42.37 27.00 -3.67
CA ARG P 66 42.40 28.13 -2.76
C ARG P 66 43.44 29.16 -3.17
N ALA P 67 43.04 30.43 -3.21
CA ALA P 67 43.97 31.50 -3.53
C ALA P 67 44.88 31.80 -2.35
N THR P 68 46.16 31.88 -2.64
CA THR P 68 47.19 32.12 -1.63
C THR P 68 48.23 33.04 -2.23
N LEU P 69 48.73 33.97 -1.42
CA LEU P 69 49.76 34.91 -1.84
C LEU P 69 51.14 34.29 -1.68
N THR P 70 51.99 34.48 -2.69
CA THR P 70 53.33 33.92 -2.67
C THR P 70 54.37 35.04 -2.75
N ILE P 71 54.98 35.36 -1.63
CA ILE P 71 56.14 36.26 -1.60
C ILE P 71 57.36 35.39 -1.81
N SER P 72 58.20 35.72 -2.79
CA SER P 72 59.34 34.86 -3.05
C SER P 72 60.46 35.05 -2.04
N GLY P 73 61.01 36.25 -1.93
CA GLY P 73 62.10 36.49 -1.00
C GLY P 73 61.90 37.81 -0.28
N VAL P 74 62.00 37.78 1.04
CA VAL P 74 61.59 38.92 1.85
C VAL P 74 62.80 39.80 2.15
N GLU P 75 62.64 41.09 1.93
CA GLU P 75 63.59 42.12 2.32
C GLU P 75 63.17 42.67 3.69
N ALA P 76 64.11 43.36 4.36
CA ALA P 76 63.87 43.87 5.71
C ALA P 76 62.64 44.75 5.81
N GLY P 77 62.37 45.56 4.78
CA GLY P 77 61.25 46.48 4.82
C GLY P 77 59.90 45.89 4.47
N ASP P 78 59.73 44.58 4.56
CA ASP P 78 58.52 43.94 4.11
C ASP P 78 57.63 43.48 5.25
N GLU P 79 57.90 43.90 6.49
CA GLU P 79 57.01 43.59 7.60
C GLU P 79 55.83 44.55 7.53
N ALA P 80 54.64 43.97 7.35
CA ALA P 80 53.43 44.72 7.09
C ALA P 80 52.23 43.80 7.27
N ASP P 81 51.03 44.36 7.15
CA ASP P 81 49.83 43.55 7.25
C ASP P 81 49.21 43.34 5.88
N TYR P 82 48.78 42.11 5.62
CA TYR P 82 48.53 41.64 4.27
C TYR P 82 47.08 41.23 4.12
N TYR P 83 46.23 42.20 3.81
CA TYR P 83 44.80 41.95 3.86
C TYR P 83 44.39 41.23 2.58
N CYS P 84 43.51 40.26 2.73
CA CYS P 84 42.95 39.55 1.59
C CYS P 84 41.54 40.07 1.36
N HIS P 85 41.35 40.70 0.22
CA HIS P 85 40.08 41.31 -0.10
C HIS P 85 39.41 40.53 -1.22
N MET P 86 38.30 39.88 -0.89
CA MET P 86 37.81 38.74 -1.69
C MET P 86 36.34 38.93 -2.00
N TRP P 87 36.00 39.15 -3.27
CA TRP P 87 34.59 39.28 -3.62
C TRP P 87 34.12 38.03 -4.34
N ASP P 88 32.81 37.78 -4.27
CA ASP P 88 32.25 36.51 -4.72
C ASP P 88 31.00 36.75 -5.56
N SER P 89 30.40 35.64 -6.00
CA SER P 89 29.18 35.73 -6.78
C SER P 89 27.97 35.28 -5.98
N ARG P 90 28.18 34.37 -5.03
CA ARG P 90 27.10 33.94 -4.14
C ARG P 90 27.04 34.77 -2.86
N SER P 91 27.52 36.00 -2.88
CA SER P 91 27.40 36.90 -1.74
C SER P 91 26.96 38.27 -2.23
N GLY P 92 26.69 39.14 -1.27
CA GLY P 92 26.30 40.50 -1.58
C GLY P 92 27.50 41.37 -1.90
N PHE P 93 27.25 42.67 -1.90
CA PHE P 93 28.31 43.62 -2.17
C PHE P 93 29.23 43.67 -0.95
N SER P 94 30.51 43.40 -1.16
CA SER P 94 31.39 42.97 -0.09
C SER P 94 32.17 44.15 0.50
N TRP P 95 31.92 44.44 1.77
CA TRP P 95 32.50 45.57 2.49
C TRP P 95 33.28 45.18 3.74
N SER P 96 33.69 43.92 3.86
CA SER P 96 34.43 43.43 5.01
C SER P 96 35.80 42.94 4.53
N PHE P 97 36.87 43.42 5.17
CA PHE P 97 38.21 43.11 4.68
C PHE P 97 38.64 41.72 5.12
N GLY P 98 38.69 41.46 6.41
CA GLY P 98 38.99 40.13 6.90
C GLY P 98 40.39 39.87 7.42
N GLY P 99 40.91 40.69 8.33
CA GLY P 99 42.13 40.34 9.02
C GLY P 99 43.10 41.47 9.31
N ALA P 100 44.40 41.28 9.05
CA ALA P 100 44.96 40.02 8.53
C ALA P 100 46.33 39.62 9.08
N THR P 101 46.94 38.70 8.33
CA THR P 101 48.25 38.13 8.65
C THR P 101 49.36 39.16 8.56
N ARG P 102 50.23 39.15 9.58
CA ARG P 102 51.40 40.02 9.65
C ARG P 102 52.66 39.23 9.45
N LEU P 103 53.28 39.38 8.29
CA LEU P 103 54.55 38.71 8.03
C LEU P 103 55.64 39.38 8.85
N THR P 104 55.93 38.82 10.04
CA THR P 104 57.00 39.31 10.90
C THR P 104 58.22 38.42 10.63
N VAL P 105 59.27 39.00 10.07
CA VAL P 105 60.40 38.19 9.63
C VAL P 105 61.40 37.99 10.77
N LEU P 106 62.08 36.86 10.74
CA LEU P 106 63.09 36.50 11.72
C LEU P 106 64.46 36.47 11.06
N GLY P 107 65.50 36.51 11.87
CA GLY P 107 66.85 36.56 11.34
C GLY P 107 67.29 37.94 10.89
N GLN P 108 66.85 38.98 11.59
CA GLN P 108 67.19 40.35 11.23
C GLN P 108 68.25 40.91 12.17
N PRO P 109 69.32 41.50 11.66
CA PRO P 109 70.33 42.14 12.52
C PRO P 109 70.04 43.63 12.72
N LYS P 110 70.77 44.30 13.64
CA LYS P 110 71.55 43.86 14.82
C LYS P 110 71.56 45.06 15.77
N ALA P 111 71.46 44.83 17.09
CA ALA P 111 71.41 45.93 18.04
C ALA P 111 72.78 46.59 18.21
N ALA P 112 72.89 47.82 17.70
CA ALA P 112 74.12 48.62 17.80
C ALA P 112 73.81 50.03 18.28
N PRO P 113 73.83 50.27 19.59
CA PRO P 113 73.19 51.48 20.13
C PRO P 113 74.03 52.74 19.98
N SER P 114 73.36 53.87 20.26
CA SER P 114 73.99 55.17 20.43
C SER P 114 73.05 56.04 21.26
N VAL P 115 73.61 57.01 21.97
CA VAL P 115 72.83 58.04 22.64
C VAL P 115 73.23 59.42 22.08
N THR P 116 72.22 60.21 21.74
CA THR P 116 72.40 61.60 21.34
C THR P 116 72.10 62.46 22.57
N LEU P 117 72.97 63.45 22.84
CA LEU P 117 72.96 64.20 24.09
C LEU P 117 72.47 65.64 23.93
N PHE P 118 71.68 66.12 24.91
CA PHE P 118 71.04 67.41 24.66
C PHE P 118 71.05 68.29 25.91
N PRO P 119 71.19 69.61 25.76
CA PRO P 119 71.69 70.43 26.85
C PRO P 119 70.58 70.80 27.81
N PRO P 120 70.93 71.33 28.96
CA PRO P 120 70.02 72.28 29.65
C PRO P 120 69.95 73.59 28.88
N SER P 121 68.84 73.80 28.17
CA SER P 121 68.73 74.96 27.30
C SER P 121 68.50 76.23 28.10
N SER P 122 69.43 77.17 27.96
CA SER P 122 69.48 78.35 28.80
C SER P 122 68.33 79.33 28.56
N GLU P 123 67.49 79.10 27.56
CA GLU P 123 66.33 79.96 27.34
C GLU P 123 65.21 79.63 28.34
N GLU P 124 65.13 78.39 28.83
CA GLU P 124 64.11 78.06 29.83
C GLU P 124 64.66 77.55 31.15
N LEU P 125 65.97 77.66 31.41
CA LEU P 125 66.45 77.48 32.77
C LEU P 125 65.99 78.63 33.64
N GLN P 126 65.74 79.80 33.03
CA GLN P 126 65.15 80.92 33.72
C GLN P 126 63.66 80.70 34.01
N ALA P 127 63.02 79.77 33.30
CA ALA P 127 61.64 79.39 33.56
C ALA P 127 61.55 78.12 34.39
N ASN P 128 62.67 77.70 34.99
CA ASN P 128 62.73 76.66 36.02
C ASN P 128 62.33 75.29 35.47
N LYS P 129 62.91 74.90 34.33
CA LYS P 129 62.78 73.57 33.74
C LYS P 129 64.13 73.13 33.16
N ALA P 130 64.29 71.82 32.94
CA ALA P 130 65.53 71.31 32.36
C ALA P 130 65.28 70.52 31.10
N THR P 131 66.08 70.78 30.06
CA THR P 131 65.94 70.09 28.79
C THR P 131 66.97 68.97 28.64
N LEU P 132 67.11 68.17 29.68
CA LEU P 132 67.96 66.98 29.63
C LEU P 132 67.18 65.90 28.89
N VAL P 133 67.62 65.61 27.67
CA VAL P 133 66.91 64.74 26.74
C VAL P 133 67.92 63.75 26.15
N CYS P 134 67.57 62.47 26.22
CA CYS P 134 68.33 61.45 25.45
C CYS P 134 67.39 61.07 24.29
N LEU P 135 67.94 60.79 23.13
CA LEU P 135 67.21 60.28 21.97
C LEU P 135 67.97 59.06 21.43
N ILE P 136 67.33 57.90 21.50
CA ILE P 136 67.98 56.59 21.41
C ILE P 136 67.45 55.86 20.17
N SER P 137 68.32 55.13 19.45
CA SER P 137 67.86 54.33 18.32
C SER P 137 68.84 53.22 17.96
N ASP P 138 68.63 52.67 16.76
CA ASP P 138 69.51 51.73 16.06
C ASP P 138 69.56 50.34 16.72
N PHE P 139 68.40 49.68 16.75
CA PHE P 139 68.22 48.39 17.41
C PHE P 139 67.78 47.29 16.45
N TYR P 140 68.06 46.05 16.83
CA TYR P 140 67.21 44.90 16.56
C TYR P 140 67.57 43.84 17.59
N PRO P 141 66.62 43.34 18.40
CA PRO P 141 65.24 43.78 18.65
C PRO P 141 65.16 45.11 19.40
N GLY P 142 63.97 45.71 19.45
CA GLY P 142 63.82 47.06 19.96
C GLY P 142 63.23 47.22 21.35
N ALA P 143 62.91 46.12 22.04
CA ALA P 143 62.43 46.18 23.42
C ALA P 143 63.61 46.55 24.33
N VAL P 144 63.69 47.85 24.63
CA VAL P 144 64.87 48.45 25.23
C VAL P 144 64.48 49.28 26.44
N THR P 145 65.39 49.41 27.41
CA THR P 145 65.16 50.12 28.66
C THR P 145 66.00 51.40 28.69
N VAL P 146 65.42 52.47 29.23
CA VAL P 146 66.12 53.72 29.48
C VAL P 146 66.05 53.99 30.98
N ALA P 147 67.11 54.55 31.55
CA ALA P 147 67.22 54.74 32.99
C ALA P 147 68.05 55.98 33.31
N TRP P 148 67.87 56.49 34.53
CA TRP P 148 68.41 57.79 34.96
C TRP P 148 68.72 57.78 36.45
N LYS P 149 70.00 57.66 36.79
CA LYS P 149 70.45 57.57 38.18
C LYS P 149 70.93 58.91 38.70
N ALA P 150 70.80 59.13 40.01
CA ALA P 150 71.40 60.28 40.69
C ALA P 150 72.70 59.84 41.33
N ASP P 151 73.69 59.51 40.48
CA ASP P 151 75.08 59.14 40.74
C ASP P 151 75.27 57.73 41.32
N SER P 152 74.25 57.18 41.99
CA SER P 152 74.17 55.77 42.33
C SER P 152 72.71 55.38 42.59
N SER P 153 71.81 56.37 42.56
CA SER P 153 70.50 56.22 43.16
C SER P 153 69.41 56.32 42.08
N PRO P 154 68.61 55.27 41.86
CA PRO P 154 67.62 55.30 40.78
C PRO P 154 66.46 56.24 41.08
N VAL P 155 66.16 57.11 40.12
CA VAL P 155 65.05 58.05 40.19
C VAL P 155 64.08 57.64 39.09
N LYS P 156 62.77 57.76 39.37
CA LYS P 156 61.77 57.58 38.33
C LYS P 156 60.82 58.76 38.17
N ALA P 157 60.95 59.81 38.98
CA ALA P 157 59.96 60.89 38.96
C ALA P 157 60.29 61.89 37.86
N GLY P 158 59.24 62.43 37.24
CA GLY P 158 59.42 63.41 36.19
C GLY P 158 59.76 62.82 34.83
N VAL P 159 59.67 61.51 34.68
CA VAL P 159 60.11 60.83 33.46
C VAL P 159 58.87 60.32 32.75
N GLU P 160 58.83 60.49 31.43
CA GLU P 160 57.71 60.09 30.59
C GLU P 160 58.24 59.55 29.27
N THR P 161 57.95 58.28 28.96
CA THR P 161 58.27 57.73 27.65
C THR P 161 57.00 57.25 26.95
N THR P 162 57.22 56.71 25.76
CA THR P 162 56.28 55.89 25.01
C THR P 162 56.74 54.44 25.06
N THR P 163 56.10 53.64 24.22
CA THR P 163 56.58 52.30 23.90
C THR P 163 57.65 52.40 22.82
N PRO P 164 58.46 51.36 22.63
CA PRO P 164 59.34 51.33 21.46
C PRO P 164 58.56 51.25 20.15
N SER P 165 59.21 51.73 19.08
CA SER P 165 58.60 51.87 17.78
C SER P 165 59.70 51.94 16.73
N LYS P 166 59.36 51.61 15.49
CA LYS P 166 60.36 51.51 14.43
C LYS P 166 60.73 52.87 13.85
N GLN P 167 61.93 52.93 13.26
CA GLN P 167 62.33 54.03 12.40
C GLN P 167 62.02 53.69 10.94
N SER P 168 62.56 54.52 10.05
CA SER P 168 62.46 54.26 8.63
C SER P 168 63.50 53.25 8.16
N ASN P 169 64.60 53.10 8.90
CA ASN P 169 65.71 52.25 8.47
C ASN P 169 65.62 50.84 9.01
N ASN P 170 64.41 50.36 9.31
CA ASN P 170 64.11 48.99 9.73
C ASN P 170 64.79 48.60 11.03
N LYS P 171 65.18 49.57 11.85
CA LYS P 171 65.64 49.36 13.20
C LYS P 171 64.70 50.12 14.13
N TYR P 172 64.76 49.78 15.40
CA TYR P 172 63.82 50.32 16.38
C TYR P 172 64.32 51.63 16.97
N ALA P 173 63.63 52.10 18.01
CA ALA P 173 63.93 53.37 18.65
C ALA P 173 63.35 53.38 20.06
N ALA P 174 63.83 54.34 20.86
CA ALA P 174 63.25 54.67 22.15
C ALA P 174 63.60 56.11 22.51
N SER P 175 62.59 56.87 22.91
CA SER P 175 62.77 58.28 23.28
C SER P 175 62.14 58.54 24.64
N SER P 176 62.55 59.63 25.27
CA SER P 176 62.18 59.93 26.67
C SER P 176 62.29 61.44 26.92
N TYR P 177 61.36 61.99 27.67
CA TYR P 177 61.46 63.36 28.20
C TYR P 177 61.53 63.33 29.72
N LEU P 178 62.30 64.26 30.29
CA LEU P 178 62.54 64.37 31.73
C LEU P 178 62.06 65.71 32.26
N SER P 179 61.16 65.70 33.24
CA SER P 179 60.72 66.94 33.88
C SER P 179 61.54 67.18 35.16
N LEU P 180 62.82 67.45 34.95
CA LEU P 180 63.69 67.93 36.00
C LEU P 180 63.69 69.46 35.98
N THR P 181 64.16 70.07 37.08
CA THR P 181 64.23 71.51 37.23
C THR P 181 65.59 71.86 37.82
N PRO P 182 65.99 73.14 37.75
CA PRO P 182 67.26 73.54 38.40
C PRO P 182 67.32 73.41 39.92
N GLU P 183 66.22 73.08 40.59
CA GLU P 183 66.33 72.68 41.99
C GLU P 183 66.76 71.22 42.09
N GLN P 184 66.39 70.42 41.09
CA GLN P 184 66.63 68.99 41.13
C GLN P 184 67.96 68.63 40.45
N TRP P 185 68.50 69.53 39.63
CA TRP P 185 69.86 69.38 39.12
C TRP P 185 70.89 69.55 40.22
N LYS P 186 70.85 70.70 40.91
CA LYS P 186 71.98 71.11 41.72
C LYS P 186 72.07 70.35 43.04
N SER P 187 71.05 69.54 43.35
CA SER P 187 71.10 68.69 44.53
C SER P 187 72.12 67.57 44.42
N HIS P 188 72.38 67.08 43.20
CA HIS P 188 73.35 66.03 42.95
C HIS P 188 74.40 66.59 41.99
N ARG P 189 75.60 65.99 42.05
CA ARG P 189 76.72 66.48 41.25
C ARG P 189 76.52 66.20 39.76
N SER P 190 75.79 65.13 39.42
CA SER P 190 75.61 64.73 38.04
C SER P 190 74.44 63.75 37.95
N TYR P 191 73.82 63.71 36.77
CA TYR P 191 72.92 62.63 36.37
C TYR P 191 73.59 61.82 35.28
N SER P 192 73.12 60.61 35.03
CA SER P 192 73.71 59.78 34.00
C SER P 192 72.63 59.01 33.24
N CYS P 193 72.73 59.09 31.91
CA CYS P 193 71.84 58.42 30.93
C CYS P 193 72.26 56.95 30.88
N GLN P 194 71.28 56.04 31.02
CA GLN P 194 71.59 54.63 30.88
C GLN P 194 70.64 53.98 29.88
N VAL P 195 71.21 53.21 28.95
CA VAL P 195 70.48 52.45 27.95
C VAL P 195 70.99 51.01 28.07
N THR P 196 70.07 50.06 28.20
CA THR P 196 70.44 48.65 28.21
C THR P 196 69.86 47.95 26.99
N HIS P 197 70.66 47.08 26.37
CA HIS P 197 70.13 46.13 25.42
C HIS P 197 70.69 44.75 25.78
N GLU P 198 69.77 43.81 26.07
CA GLU P 198 70.07 42.38 26.24
C GLU P 198 71.02 42.09 27.41
N GLY P 199 71.07 42.99 28.39
CA GLY P 199 71.97 42.88 29.51
C GLY P 199 73.14 43.83 29.50
N SER P 200 73.48 44.42 28.35
CA SER P 200 74.58 45.36 28.25
C SER P 200 74.09 46.79 28.40
N THR P 201 74.90 47.62 29.05
CA THR P 201 74.48 48.94 29.49
C THR P 201 75.41 50.01 28.93
N VAL P 202 74.84 51.06 28.36
CA VAL P 202 75.57 52.23 27.89
C VAL P 202 75.52 53.26 29.01
N GLU P 203 76.66 53.83 29.40
CA GLU P 203 76.65 54.86 30.43
C GLU P 203 77.25 56.14 29.91
N LYS P 204 76.44 57.21 29.98
CA LYS P 204 76.81 58.55 29.61
C LYS P 204 76.47 59.48 30.77
N THR P 205 77.35 60.44 31.04
CA THR P 205 77.19 61.31 32.20
C THR P 205 77.06 62.77 31.75
N VAL P 206 76.28 63.55 32.51
CA VAL P 206 76.09 64.97 32.29
C VAL P 206 76.26 65.72 33.61
N ALA P 207 76.28 67.05 33.50
CA ALA P 207 76.42 67.94 34.64
C ALA P 207 75.96 69.32 34.21
N PRO P 208 75.71 70.24 35.16
CA PRO P 208 75.42 71.62 34.73
C PRO P 208 76.62 72.33 34.11
N THR P 209 77.85 71.90 34.41
CA THR P 209 79.03 72.53 33.85
C THR P 209 79.71 71.68 32.80
N GLU P 210 79.18 70.48 32.53
CA GLU P 210 79.72 69.62 31.50
C GLU P 210 78.57 68.84 30.87
N CYS P 211 77.95 69.45 29.87
CA CYS P 211 76.83 68.85 29.14
C CYS P 211 77.28 68.35 27.77
N GLN Q 1 -26.52 13.98 -23.72
CA GLN Q 1 -26.76 14.87 -24.86
C GLN Q 1 -25.74 16.01 -24.86
N VAL Q 2 -25.30 16.41 -26.07
CA VAL Q 2 -24.24 17.40 -26.20
C VAL Q 2 -24.82 18.78 -25.90
N GLN Q 3 -24.59 19.27 -24.69
CA GLN Q 3 -25.12 20.53 -24.22
C GLN Q 3 -24.02 21.59 -24.21
N LEU Q 4 -24.41 22.82 -24.52
CA LEU Q 4 -23.50 23.95 -24.56
C LEU Q 4 -24.21 25.15 -23.96
N VAL Q 5 -23.97 25.44 -22.68
CA VAL Q 5 -24.70 26.44 -21.93
C VAL Q 5 -23.83 27.69 -21.83
N GLN Q 6 -24.27 28.76 -22.48
CA GLN Q 6 -23.52 30.00 -22.57
C GLN Q 6 -24.20 31.09 -21.75
N SER Q 7 -23.39 31.85 -21.00
CA SER Q 7 -23.91 32.89 -20.16
C SER Q 7 -22.95 34.07 -20.18
N GLY Q 8 -23.48 35.29 -20.19
CA GLY Q 8 -24.91 35.59 -20.21
C GLY Q 8 -25.14 37.00 -20.74
N ALA Q 9 -26.36 37.51 -20.60
CA ALA Q 9 -26.69 38.82 -21.17
C ALA Q 9 -26.02 39.95 -20.39
N VAL Q 10 -25.32 40.82 -21.12
CA VAL Q 10 -24.50 41.86 -20.52
C VAL Q 10 -24.82 43.19 -21.18
N ILE Q 11 -24.91 44.25 -20.37
CA ILE Q 11 -24.95 45.62 -20.85
C ILE Q 11 -23.72 46.31 -20.30
N LYS Q 12 -22.91 46.89 -21.17
CA LYS Q 12 -21.73 47.61 -20.73
C LYS Q 12 -21.58 48.95 -21.44
N THR Q 13 -20.68 49.76 -20.90
CA THR Q 13 -20.34 51.04 -21.49
C THR Q 13 -19.20 50.86 -22.48
N PRO Q 14 -19.03 51.78 -23.43
CA PRO Q 14 -17.86 51.73 -24.30
C PRO Q 14 -16.57 51.90 -23.52
N GLY Q 15 -15.51 51.28 -24.03
CA GLY Q 15 -14.22 51.25 -23.37
C GLY Q 15 -14.02 50.06 -22.45
N SER Q 16 -15.08 49.36 -22.08
CA SER Q 16 -14.98 48.27 -21.12
C SER Q 16 -14.54 46.97 -21.79
N SER Q 17 -14.75 45.87 -21.07
CA SER Q 17 -14.36 44.55 -21.50
C SER Q 17 -15.26 43.53 -20.81
N VAL Q 18 -15.59 42.45 -21.53
CA VAL Q 18 -16.54 41.46 -21.07
C VAL Q 18 -15.89 40.08 -21.11
N LYS Q 19 -16.26 39.23 -20.15
CA LYS Q 19 -15.85 37.83 -20.14
C LYS Q 19 -17.10 36.98 -20.21
N ILE Q 20 -17.13 36.06 -21.17
CA ILE Q 20 -18.32 35.27 -21.47
C ILE Q 20 -17.95 33.80 -21.32
N SER Q 21 -18.73 33.06 -20.54
CA SER Q 21 -18.41 31.67 -20.27
C SER Q 21 -19.33 30.73 -21.05
N CYS Q 22 -18.89 29.49 -21.17
CA CYS Q 22 -19.53 28.52 -22.05
C CYS Q 22 -19.29 27.14 -21.46
N ARG Q 23 -20.28 26.59 -20.77
CA ARG Q 23 -20.13 25.32 -20.10
C ARG Q 23 -20.56 24.19 -21.01
N ALA Q 24 -19.72 23.16 -21.11
CA ALA Q 24 -20.00 22.02 -21.96
C ALA Q 24 -20.14 20.77 -21.12
N SER Q 25 -20.92 19.82 -21.62
CA SER Q 25 -21.12 18.55 -20.93
C SER Q 25 -21.54 17.50 -21.94
N GLY Q 26 -21.56 16.25 -21.50
CA GLY Q 26 -22.02 15.17 -22.33
C GLY Q 26 -20.99 14.58 -23.26
N TYR Q 27 -19.76 15.08 -23.25
CA TYR Q 27 -18.70 14.53 -24.08
C TYR Q 27 -17.38 14.71 -23.36
N ASN Q 28 -16.35 14.05 -23.86
CA ASN Q 28 -15.02 14.24 -23.30
C ASN Q 28 -14.51 15.61 -23.72
N PHE Q 29 -14.31 16.50 -22.75
CA PHE Q 29 -14.03 17.90 -23.06
C PHE Q 29 -12.61 18.08 -23.58
N ARG Q 30 -11.75 17.10 -23.39
CA ARG Q 30 -10.36 17.25 -23.79
C ARG Q 30 -10.09 16.80 -25.22
N ASP Q 31 -11.08 16.77 -26.09
CA ASP Q 31 -10.86 16.14 -27.39
C ASP Q 31 -11.24 16.98 -28.59
N TYR Q 32 -12.08 17.99 -28.43
CA TYR Q 32 -12.77 18.60 -29.56
C TYR Q 32 -12.60 20.11 -29.52
N SER Q 33 -12.42 20.71 -30.70
CA SER Q 33 -12.19 22.15 -30.77
C SER Q 33 -13.48 22.90 -30.53
N ILE Q 34 -13.37 24.16 -30.10
CA ILE Q 34 -14.53 25.00 -29.80
C ILE Q 34 -14.39 26.32 -30.51
N HIS Q 35 -15.25 26.58 -31.47
CA HIS Q 35 -15.21 27.82 -32.22
C HIS Q 35 -15.99 28.89 -31.48
N TRP Q 36 -15.67 30.14 -31.79
CA TRP Q 36 -16.39 31.29 -31.30
C TRP Q 36 -16.80 32.13 -32.50
N VAL Q 37 -18.09 32.40 -32.64
CA VAL Q 37 -18.60 33.15 -33.77
C VAL Q 37 -19.51 34.26 -33.26
N ARG Q 38 -19.61 35.35 -34.03
CA ARG Q 38 -20.36 36.53 -33.68
C ARG Q 38 -21.34 36.86 -34.80
N LEU Q 39 -22.57 37.19 -34.46
CA LEU Q 39 -23.61 37.40 -35.46
C LEU Q 39 -24.08 38.85 -35.43
N ILE Q 40 -23.54 39.65 -36.33
CA ILE Q 40 -23.82 41.08 -36.44
C ILE Q 40 -25.27 41.21 -36.91
N PRO Q 41 -26.03 42.20 -36.43
CA PRO Q 41 -27.40 42.36 -36.92
C PRO Q 41 -27.52 42.84 -38.36
N ASP Q 42 -26.48 43.46 -38.93
CA ASP Q 42 -26.57 43.94 -40.30
C ASP Q 42 -25.37 43.57 -41.16
N LYS Q 43 -24.49 42.69 -40.67
CA LYS Q 43 -23.36 42.23 -41.46
C LYS Q 43 -23.25 40.72 -41.55
N GLY Q 44 -24.07 39.99 -40.81
CA GLY Q 44 -23.97 38.55 -40.81
C GLY Q 44 -22.88 38.07 -39.88
N PHE Q 45 -22.61 36.77 -39.98
CA PHE Q 45 -21.66 36.07 -39.11
C PHE Q 45 -20.24 36.60 -39.23
N GLU Q 46 -19.44 36.35 -38.19
CA GLU Q 46 -18.04 36.72 -38.17
C GLU Q 46 -17.29 35.84 -37.20
N TRP Q 47 -16.29 35.12 -37.70
CA TRP Q 47 -15.56 34.16 -36.89
C TRP Q 47 -14.54 34.85 -35.99
N ILE Q 48 -14.76 34.76 -34.68
CA ILE Q 48 -13.90 35.37 -33.66
C ILE Q 48 -12.61 34.59 -33.47
N GLY Q 49 -12.71 33.31 -33.14
CA GLY Q 49 -11.54 32.56 -32.77
C GLY Q 49 -11.83 31.09 -32.66
N TRP Q 50 -10.91 30.39 -31.99
CA TRP Q 50 -10.83 28.94 -32.04
C TRP Q 50 -9.95 28.47 -30.91
N ILE Q 51 -10.49 27.65 -30.00
CA ILE Q 51 -9.67 27.12 -28.91
C ILE Q 51 -9.72 25.60 -28.95
N LYS Q 52 -8.57 25.00 -28.77
CA LYS Q 52 -8.41 23.57 -28.67
C LYS Q 52 -8.07 23.18 -27.26
N PRO Q 53 -8.91 22.44 -26.55
CA PRO Q 53 -8.52 21.95 -25.22
C PRO Q 53 -7.44 20.89 -25.28
N LEU Q 54 -7.15 20.32 -24.11
CA LEU Q 54 -6.08 19.40 -23.68
C LEU Q 54 -4.74 20.12 -23.53
N TRP Q 55 -4.55 21.25 -24.20
CA TRP Q 55 -3.39 22.08 -23.93
C TRP Q 55 -3.72 23.56 -23.92
N GLY Q 56 -4.79 23.96 -24.59
CA GLY Q 56 -5.18 25.35 -24.58
C GLY Q 56 -4.65 26.17 -25.73
N ALA Q 57 -4.29 25.53 -26.85
CA ALA Q 57 -3.74 26.29 -27.97
C ALA Q 57 -4.83 27.06 -28.69
N VAL Q 58 -4.57 28.33 -28.97
CA VAL Q 58 -5.59 29.22 -29.51
C VAL Q 58 -5.14 29.86 -30.82
N SER Q 59 -6.12 30.25 -31.63
CA SER Q 59 -5.87 31.15 -32.75
C SER Q 59 -7.07 32.04 -32.96
N TYR Q 60 -6.83 33.22 -33.52
CA TYR Q 60 -7.85 34.24 -33.63
C TYR Q 60 -8.02 34.65 -35.08
N ALA Q 61 -8.96 35.55 -35.32
CA ALA Q 61 -9.01 36.27 -36.57
C ALA Q 61 -7.88 37.29 -36.62
N ARG Q 62 -7.65 37.86 -37.80
CA ARG Q 62 -6.59 38.85 -37.90
C ARG Q 62 -7.14 40.26 -37.84
N GLN Q 63 -8.45 40.43 -37.90
CA GLN Q 63 -9.01 41.75 -37.65
C GLN Q 63 -9.32 41.96 -36.18
N LEU Q 64 -9.24 40.91 -35.37
CA LEU Q 64 -9.50 41.00 -33.95
C LEU Q 64 -8.24 40.77 -33.13
N GLN Q 65 -7.08 41.05 -33.70
CA GLN Q 65 -5.82 40.95 -32.96
C GLN Q 65 -5.79 41.99 -31.85
N GLY Q 66 -5.08 41.67 -30.76
CA GLY Q 66 -4.83 42.60 -29.69
C GLY Q 66 -6.01 42.90 -28.80
N ARG Q 67 -7.14 42.22 -28.97
CA ARG Q 67 -8.33 42.48 -28.19
C ARG Q 67 -8.94 41.24 -27.56
N VAL Q 68 -8.94 40.12 -28.26
CA VAL Q 68 -9.63 38.92 -27.80
C VAL Q 68 -8.60 38.04 -27.11
N SER Q 69 -9.07 37.14 -26.25
CA SER Q 69 -8.25 36.20 -25.51
C SER Q 69 -9.18 35.16 -24.92
N MET Q 70 -8.82 33.88 -24.99
CA MET Q 70 -9.69 32.82 -24.50
C MET Q 70 -8.90 31.66 -23.94
N THR Q 71 -9.48 31.03 -22.92
CA THR Q 71 -8.86 29.93 -22.20
C THR Q 71 -9.96 28.99 -21.74
N ARG Q 72 -9.58 27.97 -20.97
CA ARG Q 72 -10.51 26.92 -20.60
C ARG Q 72 -10.24 26.47 -19.18
N GLN Q 73 -11.06 25.53 -18.71
CA GLN Q 73 -10.95 24.96 -17.37
C GLN Q 73 -11.23 23.47 -17.44
N LEU Q 74 -10.20 22.66 -17.24
CA LEU Q 74 -10.33 21.21 -17.41
C LEU Q 74 -10.82 20.59 -16.12
N SER Q 75 -11.83 19.73 -16.24
CA SER Q 75 -12.29 18.98 -15.09
C SER Q 75 -11.25 17.96 -14.67
N GLN Q 76 -10.90 17.97 -13.38
CA GLN Q 76 -9.96 17.03 -12.80
C GLN Q 76 -10.70 16.17 -11.80
N ASP Q 77 -11.34 15.12 -12.30
CA ASP Q 77 -11.99 14.13 -11.46
C ASP Q 77 -11.81 12.77 -12.13
N PRO Q 78 -11.16 11.81 -11.45
CA PRO Q 78 -11.00 10.47 -12.06
C PRO Q 78 -12.30 9.71 -12.24
N ASP Q 79 -13.39 10.20 -11.66
CA ASP Q 79 -14.69 9.54 -11.73
C ASP Q 79 -15.75 10.44 -12.37
N ASP Q 80 -15.32 11.48 -13.11
CA ASP Q 80 -16.22 12.35 -13.87
C ASP Q 80 -15.46 13.13 -14.94
N PRO Q 81 -15.19 12.57 -16.11
CA PRO Q 81 -14.39 13.27 -17.11
C PRO Q 81 -15.18 14.08 -18.13
N ASP Q 82 -16.51 14.05 -18.09
CA ASP Q 82 -17.31 14.40 -19.24
C ASP Q 82 -17.79 15.85 -19.26
N TRP Q 83 -17.30 16.71 -18.39
CA TRP Q 83 -17.72 18.10 -18.41
C TRP Q 83 -16.52 19.01 -18.51
N GLY Q 84 -16.79 20.31 -18.70
CA GLY Q 84 -15.74 21.30 -18.85
C GLY Q 84 -16.34 22.66 -19.09
N VAL Q 85 -15.52 23.68 -18.89
CA VAL Q 85 -15.95 25.08 -18.97
C VAL Q 85 -14.96 25.85 -19.85
N ALA Q 86 -15.48 26.53 -20.87
CA ALA Q 86 -14.66 27.43 -21.68
C ALA Q 86 -14.96 28.88 -21.32
N TYR Q 87 -14.06 29.78 -21.72
CA TYR Q 87 -14.17 31.21 -21.44
C TYR Q 87 -13.84 31.99 -22.70
N MET Q 88 -14.10 33.29 -22.69
CA MET Q 88 -13.67 34.22 -23.72
C MET Q 88 -13.72 35.62 -23.17
N GLU Q 89 -12.63 36.36 -23.31
CA GLU Q 89 -12.58 37.76 -22.91
C GLU Q 89 -12.41 38.62 -24.14
N PHE Q 90 -13.36 39.53 -24.37
CA PHE Q 90 -13.40 40.35 -25.56
C PHE Q 90 -13.27 41.80 -25.16
N SER Q 91 -12.05 42.30 -25.05
CA SER Q 91 -11.81 43.64 -24.53
C SER Q 91 -11.96 44.68 -25.63
N GLY Q 92 -11.82 45.94 -25.21
CA GLY Q 92 -11.89 47.07 -26.12
C GLY Q 92 -13.25 47.29 -26.75
N LEU Q 93 -14.31 47.26 -25.95
CA LEU Q 93 -15.65 47.36 -26.50
C LEU Q 93 -15.98 48.78 -26.95
N THR Q 94 -16.74 48.85 -28.04
CA THR Q 94 -17.28 50.06 -28.63
C THR Q 94 -18.74 49.75 -28.91
N PRO Q 95 -19.58 50.78 -29.17
CA PRO Q 95 -20.99 50.47 -29.48
C PRO Q 95 -21.21 49.64 -30.72
N ALA Q 96 -20.25 49.60 -31.65
CA ALA Q 96 -20.40 48.79 -32.86
C ALA Q 96 -20.06 47.33 -32.62
N ASP Q 97 -19.76 46.93 -31.39
CA ASP Q 97 -19.56 45.54 -31.05
C ASP Q 97 -20.83 44.90 -30.49
N THR Q 98 -21.97 45.59 -30.52
CA THR Q 98 -23.19 45.00 -29.99
C THR Q 98 -23.73 43.98 -30.98
N ALA Q 99 -23.77 42.73 -30.52
CA ALA Q 99 -24.33 41.61 -31.27
C ALA Q 99 -24.53 40.45 -30.30
N GLU Q 100 -24.70 39.27 -30.88
CA GLU Q 100 -25.09 38.07 -30.16
C GLU Q 100 -24.02 37.02 -30.35
N TYR Q 101 -23.43 36.56 -29.25
CA TYR Q 101 -22.23 35.73 -29.33
C TYR Q 101 -22.60 34.27 -29.15
N PHE Q 102 -21.92 33.39 -29.88
CA PHE Q 102 -22.21 31.97 -29.87
C PHE Q 102 -20.93 31.17 -29.63
N CYS Q 103 -21.10 29.94 -29.19
CA CYS Q 103 -20.02 29.08 -28.72
C CYS Q 103 -20.24 27.68 -29.28
N VAL Q 104 -19.67 27.41 -30.45
CA VAL Q 104 -20.19 26.41 -31.37
C VAL Q 104 -19.25 25.22 -31.48
N ARG Q 105 -19.79 24.02 -31.38
CA ARG Q 105 -19.04 22.78 -31.42
C ARG Q 105 -19.40 22.02 -32.70
N ARG Q 106 -18.47 21.22 -33.22
CA ARG Q 106 -18.79 20.38 -34.35
C ARG Q 106 -19.39 19.05 -33.92
N GLY Q 107 -19.63 18.18 -34.89
CA GLY Q 107 -20.18 16.87 -34.63
C GLY Q 107 -19.21 15.74 -34.93
N SER Q 108 -19.63 14.53 -34.56
CA SER Q 108 -18.83 13.35 -34.85
C SER Q 108 -18.88 13.02 -36.34
N CYS Q 109 -17.77 12.57 -36.88
CA CYS Q 109 -17.62 12.57 -38.33
C CYS Q 109 -16.63 11.50 -38.76
N ASP Q 110 -16.67 11.19 -40.06
CA ASP Q 110 -15.66 10.34 -40.67
C ASP Q 110 -15.00 11.03 -41.86
N TYR Q 111 -15.81 11.66 -42.72
CA TYR Q 111 -15.31 12.30 -43.93
C TYR Q 111 -15.92 13.69 -43.99
N CYS Q 112 -15.26 14.65 -43.32
CA CYS Q 112 -15.63 16.07 -43.35
C CYS Q 112 -14.50 16.92 -42.79
N GLY Q 113 -14.82 18.19 -42.50
CA GLY Q 113 -13.85 19.12 -41.95
C GLY Q 113 -14.21 19.58 -40.56
N ASP Q 114 -13.51 20.62 -40.12
CA ASP Q 114 -13.65 21.11 -38.76
C ASP Q 114 -14.76 22.13 -38.60
N PHE Q 115 -14.94 23.02 -39.54
CA PHE Q 115 -15.94 24.07 -39.43
C PHE Q 115 -17.43 23.73 -39.52
N PRO Q 116 -17.89 22.63 -40.14
CA PRO Q 116 -19.32 22.28 -40.03
C PRO Q 116 -19.80 22.15 -38.60
N TRP Q 117 -20.75 23.02 -38.24
CA TRP Q 117 -21.16 23.28 -36.87
C TRP Q 117 -22.50 22.64 -36.56
N GLN Q 118 -22.50 21.63 -35.71
CA GLN Q 118 -23.71 20.86 -35.42
C GLN Q 118 -24.41 21.28 -34.14
N TYR Q 119 -23.70 21.34 -33.02
CA TYR Q 119 -24.31 21.68 -31.74
C TYR Q 119 -24.13 23.16 -31.49
N TRP Q 120 -25.22 23.83 -31.18
CA TRP Q 120 -25.23 25.27 -31.00
C TRP Q 120 -25.75 25.62 -29.62
N CYS Q 121 -25.04 26.52 -28.97
CA CYS Q 121 -25.47 27.13 -27.74
C CYS Q 121 -26.59 28.13 -28.01
N GLN Q 122 -27.22 28.60 -26.93
CA GLN Q 122 -28.34 29.52 -27.11
C GLN Q 122 -27.89 30.93 -27.44
N GLY Q 123 -26.66 31.29 -27.14
CA GLY Q 123 -26.26 32.64 -27.48
C GLY Q 123 -26.52 33.62 -26.37
N THR Q 124 -25.81 34.75 -26.43
CA THR Q 124 -26.01 35.85 -25.50
C THR Q 124 -25.66 37.18 -26.16
N VAL Q 125 -26.42 38.19 -25.79
CA VAL Q 125 -26.36 39.51 -26.39
C VAL Q 125 -25.51 40.40 -25.50
N VAL Q 126 -24.52 41.06 -26.09
CA VAL Q 126 -23.64 41.98 -25.38
C VAL Q 126 -23.94 43.39 -25.91
N VAL Q 127 -24.57 44.22 -25.08
CA VAL Q 127 -24.97 45.56 -25.48
C VAL Q 127 -23.89 46.52 -25.01
N VAL Q 128 -23.46 47.42 -25.89
CA VAL Q 128 -22.51 48.46 -25.52
C VAL Q 128 -23.17 49.79 -25.82
N SER Q 129 -23.54 50.51 -24.77
CA SER Q 129 -24.32 51.73 -24.92
C SER Q 129 -23.98 52.65 -23.75
N SER Q 130 -23.72 53.91 -24.06
CA SER Q 130 -23.40 54.86 -23.00
C SER Q 130 -24.65 55.42 -22.31
N ALA Q 131 -25.84 55.04 -22.78
CA ALA Q 131 -27.06 55.50 -22.13
C ALA Q 131 -27.24 54.81 -20.78
N SER Q 132 -27.87 55.53 -19.86
CA SER Q 132 -28.19 54.97 -18.54
C SER Q 132 -29.66 54.60 -18.48
N THR Q 133 -30.00 53.79 -17.46
CA THR Q 133 -31.35 53.27 -17.28
C THR Q 133 -32.35 54.38 -17.02
N LYS Q 134 -33.42 54.41 -17.80
CA LYS Q 134 -34.38 55.50 -17.82
C LYS Q 134 -35.75 54.91 -18.13
N GLY Q 135 -36.78 55.43 -17.48
CA GLY Q 135 -38.11 54.93 -17.70
C GLY Q 135 -38.77 55.48 -18.96
N PRO Q 136 -39.78 54.78 -19.45
CA PRO Q 136 -40.58 55.32 -20.54
C PRO Q 136 -41.73 56.16 -20.03
N SER Q 137 -41.99 57.23 -20.76
CA SER Q 137 -43.24 57.97 -20.65
C SER Q 137 -44.27 57.34 -21.59
N VAL Q 138 -45.45 57.93 -21.66
CA VAL Q 138 -46.50 57.46 -22.54
C VAL Q 138 -47.35 58.63 -23.00
N PHE Q 139 -47.72 58.62 -24.28
CA PHE Q 139 -48.38 59.70 -24.99
C PHE Q 139 -49.48 59.13 -25.89
N PRO Q 140 -50.72 59.63 -25.78
CA PRO Q 140 -51.83 58.98 -26.47
C PRO Q 140 -51.86 59.27 -27.97
N LEU Q 141 -52.63 58.44 -28.69
CA LEU Q 141 -52.80 58.56 -30.13
C LEU Q 141 -54.22 58.14 -30.51
N ALA Q 142 -54.90 58.98 -31.31
CA ALA Q 142 -56.31 58.80 -31.65
C ALA Q 142 -56.67 59.74 -32.78
N PRO Q 143 -57.83 59.56 -33.43
CA PRO Q 143 -58.37 60.62 -34.29
C PRO Q 143 -59.24 61.58 -33.50
N SER Q 144 -59.77 62.57 -34.21
CA SER Q 144 -60.63 63.58 -33.58
C SER Q 144 -62.03 63.05 -33.26
N SER Q 145 -62.60 62.21 -34.11
CA SER Q 145 -63.93 61.66 -33.86
C SER Q 145 -63.96 60.17 -34.14
N GLY Q 150 -68.02 54.75 -38.73
CA GLY Q 150 -67.90 53.87 -39.87
C GLY Q 150 -66.58 53.14 -39.98
N GLY Q 151 -65.70 53.66 -40.84
CA GLY Q 151 -64.43 53.03 -41.12
C GLY Q 151 -63.50 53.04 -39.92
N THR Q 152 -62.66 52.00 -39.87
CA THR Q 152 -61.76 51.73 -38.75
C THR Q 152 -60.69 52.79 -38.63
N ALA Q 153 -60.22 52.97 -37.39
CA ALA Q 153 -59.24 54.02 -37.13
C ALA Q 153 -58.30 53.59 -36.02
N ALA Q 154 -57.08 54.13 -36.08
CA ALA Q 154 -55.99 53.72 -35.21
C ALA Q 154 -55.97 54.49 -33.90
N LEU Q 155 -56.30 53.79 -32.82
CA LEU Q 155 -55.97 54.25 -31.48
C LEU Q 155 -54.57 53.74 -31.20
N GLY Q 156 -53.86 54.37 -30.27
CA GLY Q 156 -52.55 53.86 -29.92
C GLY Q 156 -51.83 54.78 -28.96
N CYS Q 157 -50.63 54.37 -28.57
CA CYS Q 157 -49.80 55.22 -27.73
C CYS Q 157 -48.38 55.22 -28.25
N LEU Q 158 -47.58 56.12 -27.70
CA LEU Q 158 -46.17 56.27 -28.05
C LEU Q 158 -45.36 56.12 -26.76
N VAL Q 159 -44.41 55.20 -26.78
CA VAL Q 159 -43.59 54.90 -25.61
C VAL Q 159 -42.17 55.32 -25.95
N LYS Q 160 -41.80 56.56 -25.63
CA LYS Q 160 -40.62 57.22 -26.17
C LYS Q 160 -39.53 57.38 -25.11
N ASP Q 161 -38.28 57.22 -25.57
CA ASP Q 161 -37.05 57.56 -24.83
C ASP Q 161 -36.87 56.73 -23.55
N TYR Q 162 -36.68 55.43 -23.74
CA TYR Q 162 -36.34 54.56 -22.63
C TYR Q 162 -34.99 53.90 -22.85
N PHE Q 163 -34.49 53.29 -21.76
CA PHE Q 163 -33.32 52.44 -21.83
C PHE Q 163 -33.32 51.60 -20.56
N PRO Q 164 -32.94 50.32 -20.62
CA PRO Q 164 -32.77 49.55 -21.84
C PRO Q 164 -34.08 48.93 -22.25
N GLU Q 165 -34.02 47.99 -23.18
CA GLU Q 165 -35.19 47.23 -23.60
C GLU Q 165 -35.45 46.13 -22.56
N PRO Q 166 -36.55 45.36 -22.69
CA PRO Q 166 -37.80 45.36 -23.46
C PRO Q 166 -39.02 45.85 -22.70
N VAL Q 167 -39.92 46.51 -23.42
CA VAL Q 167 -41.17 47.02 -22.88
C VAL Q 167 -42.28 46.08 -23.30
N THR Q 168 -43.07 45.61 -22.33
CA THR Q 168 -44.22 44.77 -22.61
C THR Q 168 -45.50 45.59 -22.41
N VAL Q 169 -46.21 45.84 -23.51
CA VAL Q 169 -47.36 46.74 -23.51
C VAL Q 169 -48.65 45.97 -23.80
N SER Q 170 -49.60 46.04 -22.86
CA SER Q 170 -50.88 45.35 -22.98
C SER Q 170 -51.99 46.39 -23.03
N TRP Q 171 -53.20 45.93 -23.36
CA TRP Q 171 -54.29 46.82 -23.76
C TRP Q 171 -55.58 46.51 -23.01
N ASN Q 172 -56.05 47.49 -22.24
CA ASN Q 172 -57.20 47.42 -21.32
C ASN Q 172 -57.02 46.37 -20.22
N SER Q 173 -55.77 45.94 -20.00
CA SER Q 173 -55.37 45.00 -18.94
C SER Q 173 -56.18 43.69 -18.92
N GLY Q 174 -56.02 42.85 -19.95
CA GLY Q 174 -55.20 43.04 -21.15
C GLY Q 174 -55.88 42.34 -22.31
N ALA Q 175 -57.20 42.20 -22.20
CA ALA Q 175 -57.96 41.32 -23.08
C ALA Q 175 -58.11 41.86 -24.49
N LEU Q 176 -57.95 43.17 -24.70
CA LEU Q 176 -58.06 43.76 -26.04
C LEU Q 176 -56.78 43.40 -26.79
N THR Q 177 -56.82 42.27 -27.50
CA THR Q 177 -55.66 41.73 -28.20
C THR Q 177 -55.82 41.71 -29.71
N SER Q 178 -57.03 41.60 -30.25
CA SER Q 178 -57.26 41.58 -31.69
C SER Q 178 -57.09 43.00 -32.24
N GLY Q 179 -56.55 43.11 -33.44
CA GLY Q 179 -56.29 44.40 -34.04
C GLY Q 179 -55.11 45.15 -33.46
N VAL Q 180 -54.24 44.47 -32.71
CA VAL Q 180 -53.17 45.12 -31.97
C VAL Q 180 -51.86 44.92 -32.71
N HIS Q 181 -51.19 46.03 -33.03
CA HIS Q 181 -49.92 46.00 -33.74
C HIS Q 181 -48.86 46.59 -32.84
N THR Q 182 -47.67 45.98 -32.86
CA THR Q 182 -46.48 46.54 -32.25
C THR Q 182 -45.38 46.63 -33.30
N PHE Q 183 -44.55 47.64 -33.15
CA PHE Q 183 -43.34 47.86 -33.94
C PHE Q 183 -42.12 47.47 -33.13
N PRO Q 184 -41.04 47.04 -33.78
CA PRO Q 184 -39.75 46.93 -33.09
C PRO Q 184 -39.22 48.30 -32.68
N ALA Q 185 -38.33 48.27 -31.68
CA ALA Q 185 -37.86 49.48 -31.02
C ALA Q 185 -37.14 50.41 -31.98
N VAL Q 186 -37.64 51.64 -32.09
CA VAL Q 186 -37.07 52.66 -32.95
C VAL Q 186 -35.69 52.96 -32.42
N LEU Q 187 -34.73 53.15 -33.32
CA LEU Q 187 -33.33 53.16 -32.92
C LEU Q 187 -32.92 54.40 -32.13
N GLN Q 188 -31.64 54.48 -31.81
CA GLN Q 188 -31.15 55.42 -30.82
C GLN Q 188 -31.27 56.87 -31.26
N SER Q 189 -32.18 57.59 -30.63
CA SER Q 189 -32.23 59.04 -30.67
C SER Q 189 -31.48 59.53 -29.45
N SER Q 190 -30.20 59.90 -29.65
CA SER Q 190 -29.24 60.24 -28.60
C SER Q 190 -29.06 59.11 -27.58
N GLY Q 191 -29.26 57.88 -28.03
CA GLY Q 191 -29.04 56.72 -27.20
C GLY Q 191 -30.28 56.09 -26.62
N LEU Q 192 -31.47 56.48 -27.07
CA LEU Q 192 -32.72 56.02 -26.45
C LEU Q 192 -33.73 55.52 -27.49
N TYR Q 193 -34.44 54.46 -27.13
CA TYR Q 193 -35.38 53.75 -27.99
C TYR Q 193 -36.80 54.30 -27.83
N SER Q 194 -37.66 53.99 -28.80
CA SER Q 194 -39.08 54.24 -28.67
C SER Q 194 -39.88 53.09 -29.30
N LEU Q 195 -41.11 52.93 -28.84
CA LEU Q 195 -42.03 51.94 -29.37
C LEU Q 195 -43.35 52.59 -29.76
N SER Q 196 -43.78 52.28 -30.99
CA SER Q 196 -45.12 52.58 -31.48
C SER Q 196 -45.96 51.34 -31.26
N SER Q 197 -47.23 51.54 -30.90
CA SER Q 197 -48.15 50.45 -30.65
C SER Q 197 -49.56 50.97 -30.90
N VAL Q 198 -50.17 50.51 -31.99
CA VAL Q 198 -51.48 51.00 -32.43
C VAL Q 198 -52.47 49.85 -32.53
N VAL Q 199 -53.74 50.17 -32.28
CA VAL Q 199 -54.84 49.21 -32.25
C VAL Q 199 -55.98 49.74 -33.11
N THR Q 200 -56.44 48.94 -34.06
CA THR Q 200 -57.50 49.36 -34.98
C THR Q 200 -58.86 48.92 -34.44
N VAL Q 201 -59.77 49.87 -34.32
CA VAL Q 201 -61.13 49.68 -33.82
C VAL Q 201 -62.04 50.42 -34.80
N PRO Q 202 -63.24 49.92 -35.09
CA PRO Q 202 -64.23 50.73 -35.83
C PRO Q 202 -64.52 52.07 -35.15
N SER Q 203 -64.84 53.06 -35.97
CA SER Q 203 -64.85 54.44 -35.48
C SER Q 203 -66.10 54.80 -34.68
N SER Q 204 -67.04 53.87 -34.52
CA SER Q 204 -68.16 54.13 -33.62
C SER Q 204 -67.75 54.02 -32.16
N SER Q 205 -66.88 53.07 -31.84
CA SER Q 205 -66.52 52.77 -30.46
C SER Q 205 -65.50 53.75 -29.90
N LEU Q 206 -64.95 54.63 -30.75
CA LEU Q 206 -64.03 55.64 -30.26
C LEU Q 206 -64.72 56.60 -29.31
N GLY Q 207 -65.93 57.04 -29.67
CA GLY Q 207 -66.74 57.91 -28.84
C GLY Q 207 -67.46 57.25 -27.69
N THR Q 208 -67.26 55.94 -27.49
CA THR Q 208 -67.94 55.19 -26.44
C THR Q 208 -67.01 54.78 -25.31
N GLN Q 209 -65.89 54.14 -25.62
CA GLN Q 209 -65.03 53.50 -24.63
C GLN Q 209 -63.82 54.35 -24.30
N THR Q 210 -63.22 54.04 -23.14
CA THR Q 210 -61.95 54.61 -22.71
C THR Q 210 -60.86 53.54 -22.81
N TYR Q 211 -59.79 53.84 -23.54
CA TYR Q 211 -58.77 52.87 -23.87
C TYR Q 211 -57.47 53.15 -23.14
N ILE Q 212 -56.76 52.09 -22.77
CA ILE Q 212 -55.63 52.15 -21.83
C ILE Q 212 -54.42 51.47 -22.45
N CYS Q 213 -53.29 52.18 -22.44
CA CYS Q 213 -52.00 51.66 -22.85
C CYS Q 213 -51.15 51.37 -21.62
N ASN Q 214 -50.85 50.09 -21.37
CA ASN Q 214 -50.19 49.66 -20.14
C ASN Q 214 -48.70 49.39 -20.40
N VAL Q 215 -47.88 50.43 -20.26
CA VAL Q 215 -46.44 50.32 -20.41
C VAL Q 215 -45.89 49.59 -19.19
N ASN Q 216 -44.99 48.63 -19.41
CA ASN Q 216 -44.32 47.92 -18.33
C ASN Q 216 -42.85 47.83 -18.69
N HIS Q 217 -42.08 48.86 -18.35
CA HIS Q 217 -40.63 48.80 -18.44
C HIS Q 217 -40.14 48.16 -17.14
N LYS Q 218 -39.92 46.86 -17.18
CA LYS Q 218 -39.49 46.09 -16.01
C LYS Q 218 -38.10 46.42 -15.45
N PRO Q 219 -37.02 46.60 -16.24
CA PRO Q 219 -35.72 46.88 -15.60
C PRO Q 219 -35.63 48.19 -14.83
N SER Q 220 -36.58 49.11 -14.98
CA SER Q 220 -36.59 50.34 -14.19
C SER Q 220 -37.79 50.45 -13.27
N ASN Q 221 -38.68 49.44 -13.26
CA ASN Q 221 -39.92 49.41 -12.47
C ASN Q 221 -40.77 50.66 -12.76
N THR Q 222 -40.91 50.99 -14.04
CA THR Q 222 -41.77 52.09 -14.45
C THR Q 222 -43.07 51.53 -15.01
N LYS Q 223 -44.18 52.19 -14.69
CA LYS Q 223 -45.50 51.75 -15.13
C LYS Q 223 -46.39 52.98 -15.30
N VAL Q 224 -46.89 53.19 -16.51
CA VAL Q 224 -47.74 54.34 -16.81
C VAL Q 224 -48.96 53.88 -17.60
N ASP Q 225 -50.02 54.67 -17.51
CA ASP Q 225 -51.31 54.35 -18.11
C ASP Q 225 -51.95 55.62 -18.64
N LYS Q 226 -51.96 55.78 -19.95
CA LYS Q 226 -52.60 56.91 -20.60
C LYS Q 226 -53.96 56.46 -21.14
N LYS Q 227 -54.98 57.30 -20.95
CA LYS Q 227 -56.27 57.07 -21.56
C LYS Q 227 -56.26 57.59 -23.00
N VAL Q 228 -56.84 56.81 -23.91
CA VAL Q 228 -56.89 57.18 -25.32
C VAL Q 228 -58.36 57.33 -25.71
N GLU Q 229 -58.70 58.49 -26.28
CA GLU Q 229 -60.06 58.85 -26.59
C GLU Q 229 -60.01 59.87 -27.72
N PRO Q 230 -61.08 60.01 -28.50
CA PRO Q 230 -61.08 61.07 -29.51
C PRO Q 230 -61.20 62.45 -28.90
N LYS Q 231 -60.10 63.20 -29.03
CA LYS Q 231 -59.99 64.53 -28.46
C LYS Q 231 -60.62 65.60 -29.35
N GLU R 1 -8.63 35.50 -50.56
CA GLU R 1 -9.92 35.56 -49.91
C GLU R 1 -11.02 35.19 -50.89
N ILE R 2 -11.83 34.20 -50.53
CA ILE R 2 -13.01 33.84 -51.29
C ILE R 2 -14.15 34.74 -50.85
N VAL R 3 -14.97 35.19 -51.79
CA VAL R 3 -16.16 35.98 -51.51
C VAL R 3 -17.37 35.22 -52.02
N LEU R 4 -18.33 34.98 -51.13
CA LEU R 4 -19.54 34.22 -51.43
C LEU R 4 -20.67 35.17 -51.79
N THR R 5 -21.41 34.81 -52.82
CA THR R 5 -22.51 35.61 -53.34
C THR R 5 -23.78 34.76 -53.30
N GLN R 6 -24.91 35.37 -52.96
CA GLN R 6 -26.17 34.65 -53.00
C GLN R 6 -27.26 35.41 -53.73
N SER R 7 -28.15 34.64 -54.33
CA SER R 7 -29.23 35.15 -55.17
C SER R 7 -30.30 34.09 -55.23
N PRO R 8 -31.59 34.47 -55.17
CA PRO R 8 -32.15 35.81 -54.99
C PRO R 8 -32.08 36.27 -53.54
N GLY R 9 -32.29 37.56 -53.31
CA GLY R 9 -32.39 38.07 -51.96
C GLY R 9 -33.63 37.57 -51.26
N ILE R 10 -34.80 37.86 -51.83
CA ILE R 10 -36.07 37.37 -51.31
C ILE R 10 -36.73 36.54 -52.39
N LEU R 11 -37.10 35.31 -52.04
CA LEU R 11 -37.79 34.39 -52.93
C LEU R 11 -39.24 34.27 -52.46
N SER R 12 -40.16 34.87 -53.21
CA SER R 12 -41.58 34.81 -52.87
C SER R 12 -42.18 33.60 -53.56
N LEU R 13 -42.58 32.60 -52.79
CA LEU R 13 -42.92 31.32 -53.38
C LEU R 13 -43.96 30.63 -52.51
N SER R 14 -44.94 29.95 -53.17
CA SER R 14 -46.16 29.42 -52.58
C SER R 14 -45.97 27.98 -52.10
N PRO R 15 -46.70 27.55 -51.06
CA PRO R 15 -46.52 26.19 -50.54
C PRO R 15 -46.97 25.12 -51.53
N GLY R 16 -46.25 24.00 -51.51
CA GLY R 16 -46.51 22.89 -52.39
C GLY R 16 -45.58 22.81 -53.58
N GLU R 17 -44.79 23.85 -53.82
CA GLU R 17 -43.90 23.92 -54.97
C GLU R 17 -42.45 23.67 -54.57
N THR R 18 -41.56 23.84 -55.52
CA THR R 18 -40.13 23.76 -55.29
C THR R 18 -39.53 25.15 -55.13
N ALA R 19 -38.38 25.20 -54.47
CA ALA R 19 -37.66 26.44 -54.25
C ALA R 19 -36.18 26.15 -54.33
N THR R 20 -35.49 26.90 -55.19
CA THR R 20 -34.12 26.59 -55.54
C THR R 20 -33.24 27.79 -55.22
N LEU R 21 -32.35 27.63 -54.24
CA LEU R 21 -31.47 28.69 -53.78
C LEU R 21 -30.06 28.48 -54.32
N PHE R 22 -29.33 29.58 -54.46
CA PHE R 22 -28.08 29.64 -55.21
C PHE R 22 -27.03 30.32 -54.33
N CYS R 23 -25.81 29.79 -54.35
CA CYS R 23 -24.64 30.44 -53.76
C CYS R 23 -23.49 30.26 -54.74
N LYS R 24 -22.68 31.30 -54.93
CA LYS R 24 -21.61 31.28 -55.91
C LYS R 24 -20.26 31.50 -55.26
N ALA R 25 -19.38 30.51 -55.34
CA ALA R 25 -18.02 30.66 -54.86
C ALA R 25 -17.22 31.42 -55.89
N SER R 26 -16.08 31.98 -55.47
CA SER R 26 -15.25 32.70 -56.42
C SER R 26 -13.98 31.95 -56.78
N GLN R 27 -13.58 30.98 -55.98
CA GLN R 27 -12.41 30.18 -56.29
C GLN R 27 -12.82 28.73 -56.42
N GLY R 28 -12.30 28.07 -57.46
CA GLY R 28 -12.68 26.70 -57.71
C GLY R 28 -12.16 25.79 -56.63
N GLY R 29 -13.06 25.37 -55.77
CA GLY R 29 -12.69 24.65 -54.57
C GLY R 29 -13.30 23.30 -54.53
N ASN R 30 -13.74 22.89 -53.35
CA ASN R 30 -14.18 21.53 -53.11
C ASN R 30 -15.60 21.40 -52.58
N ALA R 31 -15.96 22.08 -51.48
CA ALA R 31 -17.20 21.71 -50.81
C ALA R 31 -17.88 22.95 -50.26
N MET R 32 -19.10 22.75 -49.75
CA MET R 32 -19.87 23.83 -49.14
C MET R 32 -20.82 23.27 -48.10
N THR R 33 -21.17 24.10 -47.10
CA THR R 33 -22.01 23.75 -45.97
C THR R 33 -23.08 24.80 -45.77
N TRP R 34 -24.33 24.37 -45.50
CA TRP R 34 -25.49 25.24 -45.41
C TRP R 34 -26.10 25.24 -44.01
N TYR R 35 -26.55 26.41 -43.54
CA TYR R 35 -27.23 26.54 -42.25
C TYR R 35 -28.62 27.11 -42.42
N GLN R 36 -29.46 26.81 -41.44
CA GLN R 36 -30.86 27.23 -41.38
C GLN R 36 -31.07 28.11 -40.15
N LYS R 37 -31.60 29.30 -40.35
CA LYS R 37 -31.98 30.17 -39.24
C LYS R 37 -33.47 30.49 -39.32
N ARG R 38 -34.24 30.04 -38.31
CA ARG R 38 -35.69 30.21 -38.28
C ARG R 38 -36.05 31.41 -37.43
N ARG R 39 -35.87 32.61 -37.99
CA ARG R 39 -36.39 33.87 -37.44
C ARG R 39 -35.96 34.11 -35.98
N GLY R 40 -34.72 33.74 -35.67
CA GLY R 40 -34.20 33.90 -34.33
C GLY R 40 -34.13 32.65 -33.49
N GLN R 41 -33.89 31.49 -34.09
CA GLN R 41 -33.96 30.25 -33.33
C GLN R 41 -32.68 29.42 -33.34
N VAL R 42 -31.52 30.03 -33.08
CA VAL R 42 -30.25 29.34 -32.78
C VAL R 42 -29.83 28.47 -33.96
N PRO R 43 -29.14 29.06 -34.95
CA PRO R 43 -29.04 28.47 -36.31
C PRO R 43 -28.53 27.03 -36.36
N ARG R 44 -29.22 26.20 -37.14
CA ARG R 44 -28.95 24.76 -37.19
C ARG R 44 -28.31 24.37 -38.51
N LEU R 45 -27.46 23.34 -38.44
CA LEU R 45 -26.79 22.83 -39.63
C LEU R 45 -27.74 22.04 -40.50
N LEU R 46 -27.70 22.30 -41.80
CA LEU R 46 -28.67 21.74 -42.72
C LEU R 46 -28.07 20.74 -43.69
N ILE R 47 -27.14 21.18 -44.52
CA ILE R 47 -26.47 20.35 -45.52
C ILE R 47 -24.98 20.45 -45.25
N TYR R 48 -24.25 19.40 -45.59
CA TYR R 48 -22.98 19.06 -44.97
C TYR R 48 -22.11 18.35 -45.97
N ASP R 49 -20.94 18.93 -46.24
CA ASP R 49 -20.00 18.47 -47.28
C ASP R 49 -20.68 18.41 -48.65
N THR R 50 -21.50 19.44 -48.91
CA THR R 50 -22.22 19.80 -50.14
C THR R 50 -23.37 18.86 -50.46
N SER R 51 -23.40 17.64 -49.93
CA SER R 51 -24.55 16.79 -50.22
C SER R 51 -24.95 15.84 -49.08
N ARG R 52 -24.29 15.86 -47.93
CA ARG R 52 -24.71 14.93 -46.89
C ARG R 52 -25.65 15.65 -45.94
N ARG R 53 -26.41 14.86 -45.19
CA ARG R 53 -27.34 15.42 -44.22
C ARG R 53 -26.73 15.39 -42.82
N ALA R 54 -27.06 16.40 -42.03
CA ALA R 54 -26.73 16.37 -40.61
C ALA R 54 -27.73 15.52 -39.86
N SER R 55 -27.52 15.40 -38.56
CA SER R 55 -28.43 14.58 -37.76
C SER R 55 -29.73 15.32 -37.50
N GLY R 56 -30.84 14.70 -37.89
CA GLY R 56 -32.15 15.28 -37.70
C GLY R 56 -32.62 16.14 -38.84
N VAL R 57 -31.91 16.16 -39.96
CA VAL R 57 -32.34 16.92 -41.13
C VAL R 57 -33.21 16.03 -41.99
N PRO R 58 -34.42 16.45 -42.36
CA PRO R 58 -35.29 15.58 -43.16
C PRO R 58 -34.81 15.48 -44.59
N ASP R 59 -35.44 14.57 -45.33
CA ASP R 59 -35.07 14.23 -46.69
C ASP R 59 -35.49 15.29 -47.71
N ARG R 60 -36.24 16.30 -47.30
CA ARG R 60 -36.70 17.32 -48.23
C ARG R 60 -35.62 18.34 -48.57
N PHE R 61 -34.46 18.25 -47.92
CA PHE R 61 -33.33 19.11 -48.22
C PHE R 61 -32.30 18.28 -48.96
N VAL R 62 -32.17 18.53 -50.26
CA VAL R 62 -31.23 17.78 -51.10
C VAL R 62 -30.13 18.73 -51.53
N GLY R 63 -28.89 18.39 -51.16
CA GLY R 63 -27.74 19.18 -51.53
C GLY R 63 -27.23 18.81 -52.91
N SER R 64 -26.67 19.81 -53.60
CA SER R 64 -26.17 19.62 -54.95
C SER R 64 -25.21 20.76 -55.28
N GLY R 65 -24.30 20.49 -56.20
CA GLY R 65 -23.40 21.51 -56.69
C GLY R 65 -22.05 20.93 -57.03
N SER R 66 -21.28 21.70 -57.79
CA SER R 66 -19.92 21.38 -58.16
C SER R 66 -19.23 22.63 -58.66
N GLY R 67 -17.90 22.66 -58.56
CA GLY R 67 -17.10 23.73 -59.12
C GLY R 67 -17.21 25.03 -58.36
N THR R 68 -17.71 26.08 -59.02
CA THR R 68 -17.91 27.36 -58.36
C THR R 68 -19.37 27.70 -58.09
N ASP R 69 -20.32 26.87 -58.53
CA ASP R 69 -21.74 27.14 -58.33
C ASP R 69 -22.36 26.00 -57.56
N PHE R 70 -23.09 26.33 -56.50
CA PHE R 70 -23.61 25.34 -55.56
C PHE R 70 -25.08 25.64 -55.30
N PHE R 71 -25.87 24.59 -55.13
CA PHE R 71 -27.32 24.70 -55.08
C PHE R 71 -27.88 24.17 -53.76
N LEU R 72 -29.07 24.62 -53.43
CA LEU R 72 -29.93 23.99 -52.45
C LEU R 72 -31.32 23.89 -53.06
N THR R 73 -32.08 22.85 -52.70
CA THR R 73 -33.44 22.67 -53.18
C THR R 73 -34.29 22.04 -52.09
N ILE R 74 -35.47 22.60 -51.86
CA ILE R 74 -36.51 21.99 -51.02
C ILE R 74 -37.61 21.52 -51.94
N ASN R 75 -37.85 20.21 -51.98
CA ASN R 75 -38.72 19.61 -52.98
C ASN R 75 -40.20 19.89 -52.75
N LYS R 76 -40.69 19.76 -51.52
CA LYS R 76 -42.06 20.13 -51.24
C LYS R 76 -42.05 21.19 -50.15
N LEU R 77 -42.23 22.44 -50.56
CA LEU R 77 -42.00 23.55 -49.65
C LEU R 77 -43.17 23.72 -48.70
N ASP R 78 -42.90 23.57 -47.41
CA ASP R 78 -43.92 23.55 -46.38
C ASP R 78 -44.11 24.96 -45.82
N ARG R 79 -44.81 25.07 -44.68
CA ARG R 79 -44.99 26.37 -44.05
C ARG R 79 -43.87 26.67 -43.07
N GLU R 80 -43.36 25.65 -42.39
CA GLU R 80 -42.27 25.80 -41.45
C GLU R 80 -40.90 25.86 -42.12
N ASP R 81 -40.80 25.50 -43.40
CA ASP R 81 -39.53 25.55 -44.11
C ASP R 81 -39.22 26.93 -44.67
N PHE R 82 -40.02 27.95 -44.30
CA PHE R 82 -39.69 29.36 -44.53
C PHE R 82 -38.70 29.80 -43.45
N ALA R 83 -37.51 30.23 -43.91
CA ALA R 83 -36.46 30.73 -43.04
C ALA R 83 -35.47 31.60 -43.80
N VAL R 84 -34.28 31.81 -43.24
CA VAL R 84 -33.19 32.52 -43.90
C VAL R 84 -31.98 31.58 -43.91
N TYR R 85 -31.34 31.43 -45.08
CA TYR R 85 -30.26 30.46 -45.22
C TYR R 85 -28.92 31.11 -45.51
N TYR R 86 -27.85 30.39 -45.16
CA TYR R 86 -26.47 30.87 -45.21
C TYR R 86 -25.57 29.76 -45.73
N CYS R 87 -24.54 30.13 -46.49
CA CYS R 87 -23.55 29.19 -46.99
C CYS R 87 -22.18 29.53 -46.42
N GLN R 88 -21.39 28.49 -46.14
CA GLN R 88 -20.08 28.67 -45.52
C GLN R 88 -19.03 27.82 -46.21
N GLN R 89 -17.92 28.46 -46.56
CA GLN R 89 -16.63 27.81 -46.71
C GLN R 89 -15.77 28.36 -45.59
N PHE R 90 -14.56 27.81 -45.43
CA PHE R 90 -13.80 27.61 -44.18
C PHE R 90 -14.13 28.68 -43.14
N GLU R 91 -13.82 29.95 -43.38
CA GLU R 91 -14.23 30.96 -42.43
C GLU R 91 -14.97 32.11 -43.09
N PHE R 92 -15.43 31.92 -44.31
CA PHE R 92 -16.03 33.00 -45.09
C PHE R 92 -17.51 32.70 -45.22
N PHE R 93 -18.33 33.74 -45.14
CA PHE R 93 -19.77 33.55 -45.13
C PHE R 93 -20.45 34.34 -46.22
N GLY R 94 -21.69 33.97 -46.50
CA GLY R 94 -22.53 34.73 -47.40
C GLY R 94 -23.23 35.85 -46.67
N LEU R 95 -24.31 36.33 -47.28
CA LEU R 95 -25.07 37.44 -46.73
C LEU R 95 -26.50 37.09 -46.40
N GLY R 96 -27.03 36.01 -46.99
CA GLY R 96 -28.35 35.54 -46.65
C GLY R 96 -29.29 35.36 -47.83
N SER R 97 -30.26 34.48 -47.62
CA SER R 97 -31.33 34.21 -48.57
C SER R 97 -32.62 33.98 -47.81
N GLU R 98 -33.55 34.92 -47.96
CA GLU R 98 -34.76 34.96 -47.15
C GLU R 98 -35.95 34.34 -47.88
N LEU R 99 -36.67 33.47 -47.18
CA LEU R 99 -37.90 32.92 -47.72
C LEU R 99 -39.10 33.57 -47.05
N GLU R 100 -40.04 34.03 -47.88
CA GLU R 100 -41.22 34.73 -47.40
C GLU R 100 -42.48 34.04 -47.90
N VAL R 101 -43.62 34.64 -47.59
CA VAL R 101 -44.92 34.06 -47.93
C VAL R 101 -45.49 34.84 -49.11
N HIS R 102 -45.85 34.13 -50.18
CA HIS R 102 -46.46 34.79 -51.32
C HIS R 102 -47.92 35.11 -51.05
N ARG R 103 -48.39 36.22 -51.61
CA ARG R 103 -49.77 36.66 -51.45
C ARG R 103 -50.06 37.61 -52.61
N THR R 104 -51.34 37.78 -52.92
CA THR R 104 -51.78 38.79 -53.86
C THR R 104 -51.59 40.18 -53.27
N VAL R 105 -51.71 41.20 -54.13
CA VAL R 105 -51.47 42.58 -53.74
C VAL R 105 -52.64 43.09 -52.91
N ALA R 106 -52.40 44.18 -52.16
CA ALA R 106 -53.41 44.84 -51.35
C ALA R 106 -53.06 46.30 -51.18
N ALA R 107 -53.93 47.03 -50.48
CA ALA R 107 -53.74 48.46 -50.31
C ALA R 107 -53.75 48.85 -48.82
N PRO R 108 -52.74 49.58 -48.36
CA PRO R 108 -52.74 50.05 -46.98
C PRO R 108 -53.64 51.26 -46.76
N SER R 109 -54.34 51.24 -45.62
CA SER R 109 -55.20 52.35 -45.24
C SER R 109 -54.38 53.46 -44.60
N VAL R 110 -54.20 54.55 -45.35
CA VAL R 110 -53.27 55.63 -45.03
C VAL R 110 -53.84 56.42 -43.86
N PHE R 111 -52.97 56.82 -42.93
CA PHE R 111 -53.32 57.75 -41.88
C PHE R 111 -52.37 58.92 -41.88
N ILE R 112 -52.68 59.90 -41.05
CA ILE R 112 -51.73 60.92 -40.61
C ILE R 112 -52.07 61.30 -39.18
N PHE R 113 -51.14 61.03 -38.27
CA PHE R 113 -51.38 61.39 -36.89
C PHE R 113 -50.83 62.77 -36.61
N PRO R 114 -51.67 63.70 -36.16
CA PRO R 114 -51.24 65.09 -35.98
C PRO R 114 -50.21 65.24 -34.88
N PRO R 115 -49.36 66.26 -34.96
CA PRO R 115 -48.43 66.58 -33.85
C PRO R 115 -49.19 67.11 -32.65
N SER R 116 -49.25 66.29 -31.59
CA SER R 116 -49.99 66.68 -30.41
C SER R 116 -49.22 67.73 -29.61
N ASP R 117 -49.94 68.43 -28.74
CA ASP R 117 -49.31 69.34 -27.80
C ASP R 117 -48.63 68.56 -26.67
N GLU R 118 -48.99 67.29 -26.52
CA GLU R 118 -48.40 66.40 -25.52
C GLU R 118 -46.91 66.20 -25.70
N GLN R 119 -46.43 66.23 -26.93
CA GLN R 119 -44.98 66.11 -27.07
C GLN R 119 -44.33 67.45 -27.38
N LEU R 120 -45.09 68.41 -27.93
CA LEU R 120 -44.51 69.72 -28.22
C LEU R 120 -44.29 70.53 -26.94
N LYS R 121 -44.94 70.13 -25.84
CA LYS R 121 -44.61 70.75 -24.55
C LYS R 121 -43.25 70.29 -24.04
N SER R 122 -42.71 69.21 -24.58
CA SER R 122 -41.37 68.76 -24.27
C SER R 122 -40.32 69.34 -25.24
N GLY R 123 -40.75 69.82 -26.42
CA GLY R 123 -39.89 70.49 -27.35
C GLY R 123 -39.69 69.77 -28.66
N THR R 124 -39.92 68.46 -28.68
CA THR R 124 -39.87 67.69 -29.92
C THR R 124 -41.17 66.93 -30.07
N ALA R 125 -41.85 67.15 -31.19
CA ALA R 125 -43.13 66.52 -31.45
C ALA R 125 -42.95 65.45 -32.53
N SER R 126 -44.00 64.65 -32.71
CA SER R 126 -43.95 63.51 -33.62
C SER R 126 -45.09 63.58 -34.64
N VAL R 127 -44.71 63.81 -35.90
CA VAL R 127 -45.64 63.65 -37.01
C VAL R 127 -45.49 62.24 -37.57
N VAL R 128 -46.54 61.44 -37.41
CA VAL R 128 -46.46 60.00 -37.58
C VAL R 128 -47.33 59.59 -38.76
N CYS R 129 -46.69 59.25 -39.87
CA CYS R 129 -47.35 58.57 -40.98
C CYS R 129 -47.52 57.12 -40.55
N LEU R 130 -48.58 56.46 -41.01
CA LEU R 130 -48.93 55.14 -40.50
C LEU R 130 -49.72 54.35 -41.52
N LEU R 131 -49.09 53.31 -42.08
CA LEU R 131 -49.72 52.41 -43.06
C LEU R 131 -49.94 51.06 -42.41
N ASN R 132 -51.04 50.41 -42.75
CA ASN R 132 -51.38 49.11 -42.16
C ASN R 132 -52.01 48.20 -43.20
N ASN R 133 -51.78 46.90 -43.04
CA ASN R 133 -52.42 45.81 -43.81
C ASN R 133 -52.16 45.92 -45.31
N PHE R 134 -50.89 45.76 -45.68
CA PHE R 134 -50.48 45.69 -47.08
C PHE R 134 -49.40 44.64 -47.27
N TYR R 135 -49.20 44.28 -48.55
CA TYR R 135 -48.17 43.41 -49.14
C TYR R 135 -48.09 43.87 -50.58
N PRO R 136 -46.88 43.98 -51.18
CA PRO R 136 -45.51 43.60 -50.79
C PRO R 136 -44.87 44.46 -49.71
N ARG R 137 -43.76 44.01 -49.13
CA ARG R 137 -43.15 44.72 -48.02
C ARG R 137 -42.51 46.04 -48.45
N GLU R 138 -42.07 46.14 -49.70
CA GLU R 138 -41.41 47.34 -50.19
C GLU R 138 -42.44 48.43 -50.43
N ALA R 139 -42.06 49.66 -50.10
CA ALA R 139 -42.92 50.83 -50.26
C ALA R 139 -42.03 52.06 -50.32
N LYS R 140 -42.52 53.11 -50.98
CA LYS R 140 -41.81 54.37 -51.09
C LYS R 140 -42.64 55.45 -50.41
N VAL R 141 -42.49 55.57 -49.10
CA VAL R 141 -43.35 56.43 -48.28
C VAL R 141 -42.59 57.72 -48.00
N GLN R 142 -43.02 58.80 -48.66
CA GLN R 142 -42.40 60.11 -48.50
C GLN R 142 -43.33 61.01 -47.72
N TRP R 143 -42.83 62.20 -47.41
CA TRP R 143 -43.52 63.16 -46.56
C TRP R 143 -43.09 64.57 -46.94
N LYS R 144 -43.83 65.57 -46.46
CA LYS R 144 -43.56 66.96 -46.79
C LYS R 144 -43.95 67.87 -45.65
N VAL R 145 -43.13 68.89 -45.43
CA VAL R 145 -43.35 69.92 -44.39
C VAL R 145 -43.52 71.26 -45.10
N ASP R 146 -44.72 71.83 -44.96
CA ASP R 146 -45.19 73.02 -45.68
C ASP R 146 -44.93 72.87 -47.19
N ASN R 147 -45.30 71.70 -47.71
CA ASN R 147 -45.15 71.29 -49.11
C ASN R 147 -43.69 71.30 -49.57
N ALA R 148 -42.75 70.94 -48.70
CA ALA R 148 -41.33 70.98 -49.01
C ALA R 148 -40.64 69.75 -48.44
N LEU R 149 -39.75 69.16 -49.24
CA LEU R 149 -39.16 67.87 -48.90
C LEU R 149 -38.09 68.04 -47.81
N GLN R 150 -38.18 67.22 -46.77
CA GLN R 150 -37.18 67.20 -45.71
C GLN R 150 -36.47 65.86 -45.67
N SER R 151 -35.43 65.81 -44.84
CA SER R 151 -34.62 64.62 -44.70
C SER R 151 -33.79 64.72 -43.42
N GLY R 152 -33.20 63.58 -43.04
CA GLY R 152 -32.28 63.53 -41.92
C GLY R 152 -32.93 63.66 -40.55
N ASN R 153 -34.25 63.66 -40.49
CA ASN R 153 -35.01 63.82 -39.26
C ASN R 153 -36.09 62.75 -39.15
N SER R 154 -35.80 61.56 -39.67
CA SER R 154 -36.79 60.50 -39.74
C SER R 154 -36.15 59.17 -39.34
N GLN R 155 -36.96 58.34 -38.72
CA GLN R 155 -36.60 56.98 -38.35
C GLN R 155 -37.78 56.09 -38.71
N GLU R 156 -37.61 55.28 -39.75
CA GLU R 156 -38.72 54.50 -40.23
C GLU R 156 -38.42 53.02 -40.07
N SER R 157 -39.44 52.32 -39.58
CA SER R 157 -39.34 50.92 -39.23
C SER R 157 -40.46 50.17 -39.93
N VAL R 158 -40.12 48.99 -40.43
CA VAL R 158 -41.09 48.07 -41.00
C VAL R 158 -41.33 46.97 -39.99
N THR R 159 -42.31 46.14 -40.29
CA THR R 159 -42.61 45.02 -39.41
C THR R 159 -42.43 43.70 -40.17
N GLU R 160 -42.84 42.61 -39.54
CA GLU R 160 -42.68 41.31 -40.16
C GLU R 160 -44.03 40.77 -40.66
N GLN R 161 -43.94 39.71 -41.47
CA GLN R 161 -45.13 39.18 -42.12
C GLN R 161 -45.92 38.31 -41.15
N ASP R 162 -47.20 38.62 -40.98
CA ASP R 162 -47.98 38.08 -39.89
C ASP R 162 -48.31 36.61 -40.11
N SER R 163 -48.65 35.90 -39.03
CA SER R 163 -48.95 34.48 -39.16
C SER R 163 -50.40 34.22 -39.51
N LYS R 164 -51.24 35.24 -39.48
CA LYS R 164 -52.67 35.06 -39.70
C LYS R 164 -53.16 35.75 -40.97
N ASP R 165 -52.67 36.95 -41.26
CA ASP R 165 -53.07 37.68 -42.46
C ASP R 165 -51.98 37.70 -43.52
N SER R 166 -50.73 37.44 -43.13
CA SER R 166 -49.54 37.61 -43.98
C SER R 166 -49.51 38.99 -44.64
N THR R 167 -49.49 40.03 -43.83
CA THR R 167 -49.41 41.40 -44.30
C THR R 167 -48.33 42.18 -43.53
N TYR R 168 -48.26 43.47 -43.83
CA TYR R 168 -47.22 44.36 -43.30
C TYR R 168 -47.80 45.68 -42.83
N SER R 169 -47.04 46.34 -41.95
CA SER R 169 -47.29 47.72 -41.55
C SER R 169 -46.05 48.57 -41.84
N LEU R 170 -46.16 49.87 -41.57
CA LEU R 170 -45.03 50.80 -41.63
C LEU R 170 -45.35 52.03 -40.80
N SER R 171 -44.33 52.55 -40.10
CA SER R 171 -44.49 53.78 -39.31
C SER R 171 -43.21 54.60 -39.42
N SER R 172 -43.34 55.79 -40.00
CA SER R 172 -42.27 56.77 -40.08
C SER R 172 -42.53 57.88 -39.07
N THR R 173 -41.48 58.64 -38.73
CA THR R 173 -41.61 59.79 -37.83
C THR R 173 -40.85 60.97 -38.42
N LEU R 174 -41.23 62.18 -38.00
CA LEU R 174 -40.60 63.41 -38.47
C LEU R 174 -40.32 64.32 -37.27
N THR R 175 -39.23 64.06 -36.55
CA THR R 175 -38.96 64.71 -35.28
C THR R 175 -38.17 66.01 -35.50
N LEU R 176 -38.79 67.14 -35.16
CA LEU R 176 -38.19 68.45 -35.36
C LEU R 176 -38.21 69.21 -34.04
N SER R 177 -37.70 70.44 -34.06
CA SER R 177 -37.74 71.27 -32.86
C SER R 177 -39.03 72.09 -32.82
N LYS R 178 -39.34 72.64 -31.63
CA LYS R 178 -40.63 73.28 -31.44
C LYS R 178 -40.76 74.58 -32.24
N ALA R 179 -39.63 75.20 -32.60
CA ALA R 179 -39.66 76.35 -33.48
C ALA R 179 -40.08 75.97 -34.89
N ASP R 180 -39.87 74.71 -35.28
CA ASP R 180 -40.00 74.30 -36.66
C ASP R 180 -41.42 73.86 -37.02
N TYR R 181 -42.21 73.41 -36.05
CA TYR R 181 -43.55 72.93 -36.37
C TYR R 181 -44.56 74.08 -36.46
N GLU R 182 -44.50 75.03 -35.54
CA GLU R 182 -45.39 76.18 -35.52
C GLU R 182 -45.03 77.19 -36.58
N LYS R 183 -43.83 77.09 -37.16
CA LYS R 183 -43.41 77.89 -38.29
C LYS R 183 -44.23 77.60 -39.54
N HIS R 184 -44.66 76.36 -39.72
CA HIS R 184 -45.27 75.92 -40.95
C HIS R 184 -46.73 75.56 -40.71
N LYS R 185 -47.48 75.36 -41.80
CA LYS R 185 -48.88 75.01 -41.71
C LYS R 185 -49.22 73.65 -42.33
N VAL R 186 -48.94 73.45 -43.62
CA VAL R 186 -49.46 72.33 -44.38
C VAL R 186 -48.58 71.11 -44.14
N TYR R 187 -49.10 70.13 -43.42
CA TYR R 187 -48.40 68.87 -43.18
C TYR R 187 -49.11 67.75 -43.91
N ALA R 188 -48.35 66.99 -44.69
CA ALA R 188 -48.89 65.88 -45.46
C ALA R 188 -47.80 64.84 -45.68
N CYS R 189 -48.23 63.61 -45.97
CA CYS R 189 -47.34 62.51 -46.30
C CYS R 189 -47.54 62.17 -47.77
N GLU R 190 -46.83 61.15 -48.26
CA GLU R 190 -47.00 60.60 -49.61
C GLU R 190 -46.84 59.08 -49.59
N VAL R 191 -47.72 58.38 -50.29
CA VAL R 191 -47.75 56.91 -50.31
C VAL R 191 -47.73 56.46 -51.77
N THR R 192 -46.88 55.46 -52.09
CA THR R 192 -46.68 55.03 -53.47
C THR R 192 -46.37 53.53 -53.53
N HIS R 193 -47.19 52.78 -54.25
CA HIS R 193 -47.06 51.32 -54.30
C HIS R 193 -47.18 50.82 -55.73
N GLN R 194 -46.73 49.58 -55.91
CA GLN R 194 -47.02 48.83 -57.13
C GLN R 194 -48.51 48.60 -57.30
N GLY R 195 -49.24 48.40 -56.20
CA GLY R 195 -50.66 48.14 -56.18
C GLY R 195 -51.55 49.36 -56.10
N LEU R 196 -51.00 50.56 -56.30
CA LEU R 196 -51.80 51.76 -56.39
C LEU R 196 -51.52 52.46 -57.70
N SER R 197 -52.59 52.82 -58.42
CA SER R 197 -52.45 53.47 -59.71
C SER R 197 -52.38 54.99 -59.58
N SER R 198 -52.42 55.51 -58.36
CA SER R 198 -52.39 56.95 -58.12
C SER R 198 -51.69 57.20 -56.80
N PRO R 199 -50.90 58.27 -56.70
CA PRO R 199 -50.32 58.63 -55.41
C PRO R 199 -51.39 59.16 -54.46
N VAL R 200 -51.38 58.63 -53.25
CA VAL R 200 -52.33 59.01 -52.21
C VAL R 200 -51.57 59.83 -51.17
N THR R 201 -52.14 60.98 -50.80
CA THR R 201 -51.68 61.78 -49.68
C THR R 201 -52.84 62.00 -48.74
N LYS R 202 -52.52 62.25 -47.47
CA LYS R 202 -53.49 62.78 -46.52
C LYS R 202 -52.83 63.95 -45.80
N SER R 203 -53.65 64.78 -45.17
CA SER R 203 -53.16 66.07 -44.70
C SER R 203 -53.60 66.32 -43.26
N PHE R 204 -52.86 67.21 -42.59
CA PHE R 204 -53.25 67.82 -41.34
C PHE R 204 -52.58 69.19 -41.24
N ASN R 205 -53.32 70.24 -41.59
CA ASN R 205 -52.81 71.60 -41.54
C ASN R 205 -52.73 72.01 -40.08
N ARG R 206 -51.61 72.61 -39.70
CA ARG R 206 -51.39 72.96 -38.30
C ARG R 206 -52.15 74.22 -37.94
N GLY R 207 -52.86 74.16 -36.81
CA GLY R 207 -53.74 75.23 -36.37
C GLY R 207 -55.12 75.19 -36.97
N GLU R 208 -55.36 74.30 -37.93
CA GLU R 208 -56.62 74.29 -38.67
C GLU R 208 -57.21 72.89 -38.76
C1 NAG S . -36.43 -40.00 -41.25
C2 NAG S . -36.86 -38.88 -42.21
C3 NAG S . -37.58 -39.46 -43.44
C4 NAG S . -36.76 -40.58 -44.07
C5 NAG S . -36.50 -41.64 -43.01
C6 NAG S . -35.68 -42.83 -43.49
C7 NAG S . -38.05 -36.72 -41.91
C8 NAG S . -38.96 -35.94 -41.00
N2 NAG S . -37.74 -37.96 -41.51
O3 NAG S . -37.79 -38.45 -44.42
O4 NAG S . -37.36 -41.09 -45.26
O5 NAG S . -35.74 -41.02 -41.97
O6 NAG S . -36.23 -44.05 -43.00
O7 NAG S . -37.63 -36.24 -42.95
C1 NAG S . -38.64 -41.72 -45.14
C2 NAG S . -39.57 -41.24 -46.26
C3 NAG S . -40.89 -42.01 -46.22
C4 NAG S . -40.64 -43.52 -46.24
C5 NAG S . -39.68 -43.90 -45.12
C6 NAG S . -39.26 -45.35 -45.17
C7 NAG S . -40.01 -39.03 -47.23
C8 NAG S . -40.24 -37.58 -46.94
N2 NAG S . -39.81 -39.81 -46.16
O3 NAG S . -41.69 -41.65 -47.34
O4 NAG S . -41.87 -44.23 -46.08
O5 NAG S . -38.47 -43.14 -45.23
O6 NAG S . -38.15 -45.52 -46.03
O7 NAG S . -40.01 -39.47 -48.37
C1 NAG T . -39.32 -36.89 -15.95
C2 NAG T . -39.80 -37.67 -14.73
C3 NAG T . -39.27 -39.10 -14.77
C4 NAG T . -39.58 -39.77 -16.11
C5 NAG T . -39.12 -38.89 -17.26
C6 NAG T . -39.53 -39.42 -18.61
C7 NAG T . -40.28 -36.78 -12.50
C8 NAG T . -39.71 -36.08 -11.30
N2 NAG T . -39.43 -37.01 -13.49
O3 NAG T . -39.83 -39.82 -13.68
O4 NAG T . -38.89 -41.01 -16.21
O5 NAG T . -39.69 -37.57 -17.13
O6 NAG T . -40.68 -38.75 -19.11
O7 NAG T . -41.45 -37.11 -12.55
C1 NAG T . -39.75 -42.14 -15.95
C2 NAG T . -39.34 -43.29 -16.88
C3 NAG T . -40.16 -44.54 -16.57
C4 NAG T . -40.13 -44.89 -15.08
C5 NAG T . -40.51 -43.66 -14.26
C6 NAG T . -40.38 -43.86 -12.76
C7 NAG T . -38.74 -43.37 -19.25
C8 NAG T . -39.06 -42.87 -20.63
N2 NAG T . -39.50 -42.90 -18.27
O3 NAG T . -39.62 -45.64 -17.31
O4 NAG T . -41.08 -45.92 -14.84
O5 NAG T . -39.64 -42.55 -14.60
O6 NAG T . -41.35 -44.77 -12.27
O7 NAG T . -37.85 -44.19 -19.05
C1 BMA T . -40.45 -47.14 -14.38
C2 BMA T . -41.55 -48.03 -13.74
C3 BMA T . -40.94 -49.33 -13.23
C4 BMA T . -40.06 -50.04 -14.29
C5 BMA T . -39.07 -49.03 -14.94
C6 BMA T . -38.31 -49.61 -16.13
O2 BMA T . -42.51 -48.40 -14.72
O3 BMA T . -41.94 -50.22 -12.75
O4 BMA T . -39.33 -51.09 -13.68
O5 BMA T . -39.81 -47.87 -15.42
O6 BMA T . -37.56 -48.57 -16.72
C1 NAG U . -43.86 -15.58 9.08
C2 NAG U . -44.60 -16.41 10.12
C3 NAG U . -44.57 -15.72 11.49
C4 NAG U . -43.16 -15.24 11.86
C5 NAG U . -42.46 -14.57 10.68
C6 NAG U . -40.98 -14.35 10.91
C7 NAG U . -47.00 -15.88 9.53
C8 NAG U . -48.30 -16.51 9.13
N2 NAG U . -45.97 -16.73 9.73
O3 NAG U . -45.05 -16.65 12.46
O4 NAG U . -43.25 -14.21 12.84
O5 NAG U . -42.56 -15.38 9.50
O6 NAG U . -40.24 -14.55 9.70
O7 NAG U . -46.89 -14.65 9.65
C1 NAG U . -43.29 -14.62 14.22
C2 NAG U . -42.58 -13.56 15.06
C3 NAG U . -42.70 -13.88 16.54
C4 NAG U . -44.16 -14.10 16.93
C5 NAG U . -44.76 -15.18 16.05
C6 NAG U . -46.23 -15.42 16.30
C7 NAG U . -40.54 -12.29 14.58
C8 NAG U . -39.11 -12.35 14.15
N2 NAG U . -41.18 -13.45 14.67
O3 NAG U . -42.15 -12.81 17.30
O4 NAG U . -44.25 -14.47 18.29
O5 NAG U . -44.63 -14.79 14.67
O6 NAG U . -46.58 -16.78 16.05
O7 NAG U . -41.10 -11.23 14.84
C1 NAG V . -42.17 -9.59 7.90
C2 NAG V . -41.52 -9.46 9.27
C3 NAG V . -42.42 -10.07 10.35
C4 NAG V . -43.80 -9.43 10.30
C5 NAG V . -44.39 -9.65 8.91
C6 NAG V . -45.73 -8.97 8.72
C7 NAG V . -39.22 -9.71 10.10
C8 NAG V . -37.94 -10.47 9.98
N2 NAG V . -40.21 -10.09 9.29
O3 NAG V . -41.84 -9.88 11.63
O4 NAG V . -44.66 -9.98 11.29
O5 NAG V . -43.50 -9.06 7.94
O6 NAG V . -46.00 -8.73 7.35
O7 NAG V . -39.36 -8.80 10.92
C1 NAG V . -44.93 -8.98 12.31
C2 NAG V . -46.36 -9.08 12.84
C3 NAG V . -46.58 -8.00 13.89
C4 NAG V . -45.55 -8.12 15.01
C5 NAG V . -44.12 -8.14 14.44
C6 NAG V . -43.07 -8.46 15.48
C7 NAG V . -48.33 -9.84 11.60
C8 NAG V . -49.25 -9.55 10.46
N2 NAG V . -47.33 -8.97 11.77
O3 NAG V . -47.88 -8.12 14.44
O4 NAG V . -45.68 -7.01 15.89
O5 NAG V . -43.99 -9.14 13.42
O6 NAG V . -43.67 -8.86 16.71
O7 NAG V . -48.47 -10.81 12.32
C1 NAG W . -41.95 -8.08 -18.58
C2 NAG W . -41.06 -8.13 -19.81
C3 NAG W . -41.63 -7.22 -20.88
C4 NAG W . -43.07 -7.59 -21.22
C5 NAG W . -43.91 -7.67 -19.96
C6 NAG W . -45.24 -8.34 -20.19
C7 NAG W . -38.63 -8.34 -20.08
C8 NAG W . -37.29 -7.86 -19.64
N2 NAG W . -39.69 -7.78 -19.48
O3 NAG W . -40.82 -7.30 -22.05
O4 NAG W . -43.58 -6.58 -22.09
O5 NAG W . -43.27 -8.47 -18.94
O6 NAG W . -45.07 -9.48 -21.02
O7 NAG W . -38.77 -9.18 -20.96
C1 NAG W . -44.23 -6.90 -23.37
C2 NAG W . -43.70 -8.18 -24.07
C3 NAG W . -44.59 -8.56 -25.27
C4 NAG W . -46.07 -8.58 -24.91
C5 NAG W . -46.45 -7.24 -24.30
C6 NAG W . -47.89 -7.18 -23.88
C7 NAG W . -41.76 -7.21 -25.34
C8 NAG W . -40.28 -7.35 -25.54
N2 NAG W . -42.30 -8.09 -24.46
O3 NAG W . -44.20 -9.85 -25.76
O4 NAG W . -46.85 -8.82 -26.07
O5 NAG W . -45.66 -7.02 -23.13
O6 NAG W . -48.64 -6.30 -24.70
O7 NAG W . -42.41 -6.37 -25.94
C1 NAG X . -46.47 -0.98 -12.06
C2 NAG X . -47.96 -1.26 -11.97
C3 NAG X . -48.66 -1.01 -13.31
C4 NAG X . -48.30 0.37 -13.87
C5 NAG X . -46.78 0.56 -13.90
C6 NAG X . -46.37 1.95 -14.32
C7 NAG X . -48.66 -2.94 -10.32
C8 NAG X . -48.81 -4.40 -10.04
N2 NAG X . -48.19 -2.62 -11.53
O3 NAG X . -50.06 -1.08 -13.11
O4 NAG X . -48.80 0.47 -15.19
O5 NAG X . -46.26 0.35 -12.58
O6 NAG X . -44.98 2.00 -14.61
O7 NAG X . -48.94 -2.10 -9.48
C1 NAG X . -49.91 1.39 -15.24
C2 NAG X . -50.14 1.80 -16.69
C3 NAG X . -51.33 2.76 -16.78
C4 NAG X . -52.56 2.17 -16.12
C5 NAG X . -52.25 1.71 -14.70
C6 NAG X . -53.40 0.95 -14.07
C7 NAG X . -48.52 2.10 -18.51
C8 NAG X . -47.27 2.79 -18.93
N2 NAG X . -48.95 2.38 -17.27
O3 NAG X . -51.59 3.04 -18.16
O4 NAG X . -53.59 3.15 -16.08
O5 NAG X . -51.13 0.81 -14.69
O6 NAG X . -53.68 -0.25 -14.78
O7 NAG X . -49.13 1.33 -19.25
C1 NAG Y . -34.04 15.17 -5.14
C2 NAG Y . -35.17 15.63 -6.05
C3 NAG Y . -34.61 16.47 -7.19
C4 NAG Y . -33.78 17.63 -6.65
C5 NAG Y . -32.69 17.10 -5.72
C6 NAG Y . -31.90 18.19 -5.03
C7 NAG Y . -37.20 14.30 -6.30
C8 NAG Y . -37.82 13.08 -6.91
N2 NAG Y . -35.91 14.51 -6.57
O3 NAG Y . -35.69 16.96 -7.98
O4 NAG Y . -33.18 18.32 -7.73
O5 NAG Y . -33.28 16.31 -4.68
O6 NAG Y . -30.83 17.66 -4.25
O7 NAG Y . -37.84 15.06 -5.58
C1 NAG Y . -33.69 19.67 -7.80
C2 NAG Y . -32.63 20.53 -8.51
C3 NAG Y . -33.11 21.97 -8.65
C4 NAG Y . -34.49 22.01 -9.30
C5 NAG Y . -35.46 21.08 -8.59
C6 NAG Y . -36.80 20.96 -9.29
C7 NAG Y . -30.26 19.91 -8.28
C8 NAG Y . -29.05 19.96 -7.40
N2 NAG Y . -31.37 20.48 -7.78
O3 NAG Y . -32.18 22.69 -9.45
O4 NAG Y . -34.99 23.34 -9.25
O5 NAG Y . -34.91 19.76 -8.53
O6 NAG Y . -36.63 20.51 -10.63
O7 NAG Y . -30.24 19.39 -9.38
C1 NAG Z . -47.75 0.48 -4.00
C2 NAG Z . -47.26 1.80 -4.52
C3 NAG Z . -47.57 2.89 -3.50
C4 NAG Z . -49.04 2.89 -3.11
C5 NAG Z . -49.51 1.48 -2.76
C6 NAG Z . -51.01 1.37 -2.62
C7 NAG Z . -45.33 1.65 -6.02
C8 NAG Z . -43.84 1.59 -6.11
N2 NAG Z . -45.84 1.76 -4.80
O3 NAG Z . -47.20 4.14 -4.08
O4 NAG Z . -49.25 3.67 -1.94
O5 NAG Z . -49.13 0.54 -3.79
O6 NAG Z . -51.59 0.74 -3.74
O7 NAG Z . -46.04 1.60 -7.02
C1 NAG Z . -49.78 4.97 -2.26
C2 NAG Z . -50.77 5.42 -1.20
C3 NAG Z . -51.25 6.84 -1.51
C4 NAG Z . -50.07 7.78 -1.66
C5 NAG Z . -49.06 7.23 -2.66
C6 NAG Z . -47.78 8.03 -2.71
C7 NAG Z . -52.22 3.89 0.06
C8 NAG Z . -53.41 3.01 0.02
N2 NAG Z . -51.90 4.52 -1.08
O3 NAG Z . -52.11 7.25 -0.46
O4 NAG Z . -50.50 9.04 -2.18
O5 NAG Z . -48.68 5.89 -2.31
O6 NAG Z . -46.97 7.64 -3.81
O7 NAG Z . -51.55 4.03 1.08
C1 BMA Z . -50.68 10.06 -1.18
C2 BMA Z . -50.40 11.41 -1.89
C3 BMA Z . -51.33 12.55 -1.42
C4 BMA Z . -52.76 12.07 -1.06
C5 BMA Z . -52.59 11.03 0.00
C6 BMA Z . -53.90 10.57 0.62
O2 BMA Z . -50.59 11.31 -3.28
O3 BMA Z . -51.36 13.55 -2.39
O4 BMA Z . -53.59 13.11 -0.55
O5 BMA Z . -52.00 9.91 -0.62
O6 BMA Z . -54.96 10.75 -0.30
C1 MAN Z . -51.08 14.82 -1.76
C2 MAN Z . -51.55 15.89 -2.74
C3 MAN Z . -50.55 15.98 -3.90
C4 MAN Z . -49.20 16.33 -3.40
C5 MAN Z . -48.72 15.19 -2.52
C6 MAN Z . -47.40 15.50 -1.88
O2 MAN Z . -51.51 17.12 -2.10
O3 MAN Z . -50.94 16.91 -4.89
O4 MAN Z . -48.34 16.44 -4.50
O5 MAN Z . -49.68 14.97 -1.44
O6 MAN Z . -47.67 16.25 -0.71
C1 MAN Z . -52.77 17.77 -2.31
C2 MAN Z . -52.39 19.15 -2.87
C3 MAN Z . -51.62 19.90 -1.79
C4 MAN Z . -52.40 19.97 -0.47
C5 MAN Z . -52.86 18.58 -0.04
C6 MAN Z . -53.85 18.66 1.09
O2 MAN Z . -53.56 19.89 -3.16
O3 MAN Z . -51.26 21.18 -2.20
O4 MAN Z . -51.53 20.46 0.54
O5 MAN Z . -53.51 17.91 -1.13
O6 MAN Z . -53.79 17.44 1.82
C1 MAN Z . -53.81 19.96 -4.59
C2 MAN Z . -54.87 21.01 -4.77
C3 MAN Z . -56.10 20.51 -4.01
C4 MAN Z . -56.66 19.21 -4.61
C5 MAN Z . -55.55 18.16 -4.67
C6 MAN Z . -55.90 16.99 -5.56
O2 MAN Z . -55.25 21.12 -6.12
O3 MAN Z . -57.11 21.50 -3.94
O4 MAN Z . -57.71 18.73 -3.81
O5 MAN Z . -54.26 18.73 -5.15
O6 MAN Z . -56.81 17.44 -6.57
C1 MAN Z . -56.14 11.23 0.39
C2 MAN Z . -56.95 10.00 0.79
C3 MAN Z . -57.43 9.29 -0.49
C4 MAN Z . -58.21 10.27 -1.40
C5 MAN Z . -57.28 11.44 -1.71
C6 MAN Z . -57.90 12.44 -2.62
O2 MAN Z . -58.13 10.39 1.47
O3 MAN Z . -58.21 8.13 -0.21
O4 MAN Z . -58.59 9.64 -2.61
O5 MAN Z . -56.90 12.06 -0.47
O6 MAN Z . -58.27 11.71 -3.78
C1 MAN Z . -58.06 12.50 -4.97
C2 MAN Z . -58.78 11.74 -6.12
C3 MAN Z . -58.02 10.45 -6.43
C4 MAN Z . -56.55 10.75 -6.75
C5 MAN Z . -55.89 11.52 -5.60
C6 MAN Z . -54.49 12.01 -5.95
O2 MAN Z . -58.75 12.49 -7.33
O3 MAN Z . -58.62 9.72 -7.48
O4 MAN Z . -55.82 9.54 -6.98
O5 MAN Z . -56.68 12.70 -5.25
O6 MAN Z . -54.51 13.43 -5.95
C1 NAG AA . -35.60 -6.64 -15.21
C2 NAG AA . -34.55 -5.86 -14.41
C3 NAG AA . -34.82 -4.35 -14.47
C4 NAG AA . -35.02 -3.89 -15.91
C5 NAG AA . -36.09 -4.75 -16.56
C6 NAG AA . -36.34 -4.41 -18.02
C7 NAG AA . -33.44 -6.34 -12.28
C8 NAG AA . -33.60 -6.82 -10.88
N2 NAG AA . -34.55 -6.31 -13.02
O3 NAG AA . -33.72 -3.67 -13.88
O4 NAG AA . -35.47 -2.54 -15.93
O5 NAG AA . -35.68 -6.12 -16.51
O6 NAG AA . -35.12 -4.06 -18.68
O7 NAG AA . -32.36 -5.98 -12.72
C1 NAG AA . -34.40 -1.71 -16.40
C2 NAG AA . -34.99 -0.54 -17.19
C3 NAG AA . -33.88 0.42 -17.62
C4 NAG AA . -33.07 0.86 -16.42
C5 NAG AA . -32.52 -0.36 -15.72
C6 NAG AA . -31.70 -0.05 -14.48
C7 NAG AA . -36.90 -0.54 -18.72
C8 NAG AA . -37.50 -1.15 -19.95
N2 NAG AA . -35.71 -1.02 -18.35
O3 NAG AA . -34.48 1.53 -18.26
O4 NAG AA . -32.00 1.69 -16.86
O5 NAG AA . -33.61 -1.20 -15.30
O6 NAG AA . -30.38 0.35 -14.84
O7 NAG AA . -37.47 0.33 -18.08
C1 BMA AA . -32.19 3.05 -16.39
C2 BMA AA . -30.98 3.82 -16.88
C3 BMA AA . -31.12 5.29 -16.49
C4 BMA AA . -32.49 5.87 -16.91
C5 BMA AA . -33.64 4.96 -16.44
C6 BMA AA . -34.99 5.39 -17.00
O2 BMA AA . -30.93 3.77 -18.30
O3 BMA AA . -30.06 6.07 -17.06
O4 BMA AA . -32.66 7.16 -16.32
O5 BMA AA . -33.39 3.61 -16.90
O6 BMA AA . -35.10 6.80 -16.86
C1 MAN AA . -29.01 6.26 -16.08
C2 MAN AA . -28.25 7.57 -16.46
C3 MAN AA . -26.76 7.30 -16.56
C4 MAN AA . -26.23 6.57 -15.31
C5 MAN AA . -27.02 5.27 -15.07
C6 MAN AA . -27.58 5.16 -13.66
O2 MAN AA . -28.37 8.56 -15.43
O3 MAN AA . -26.03 8.50 -16.78
O4 MAN AA . -24.85 6.27 -15.45
O5 MAN AA . -28.13 5.16 -16.02
O6 MAN AA . -26.73 5.87 -12.79
C1 NAG BA . -15.11 -8.55 16.64
C2 NAG BA . -16.42 -7.79 16.76
C3 NAG BA . -16.76 -7.57 18.23
C4 NAG BA . -16.79 -8.89 18.97
C5 NAG BA . -15.51 -9.70 18.72
C6 NAG BA . -15.58 -11.13 19.21
C7 NAG BA . -16.92 -6.29 14.87
C8 NAG BA . -16.67 -4.95 14.26
N2 NAG BA . -16.32 -6.52 16.05
O3 NAG BA . -18.01 -6.89 18.34
O4 NAG BA . -16.96 -8.60 20.36
O5 NAG BA . -15.24 -9.79 17.31
O6 NAG BA . -16.80 -11.75 18.81
O7 NAG BA . -17.62 -7.12 14.33
C1 NAG BA . -17.96 -9.28 21.18
C2 NAG BA . -19.13 -9.95 20.42
C3 NAG BA . -19.95 -10.84 21.36
C4 NAG BA . -19.06 -11.84 22.06
C5 NAG BA . -17.97 -11.09 22.82
C6 NAG BA . -16.99 -12.02 23.51
C7 NAG BA . -20.37 -8.99 18.52
C8 NAG BA . -21.25 -7.88 18.05
N2 NAG BA . -20.00 -8.94 19.80
O3 NAG BA . -20.95 -11.51 20.60
O4 NAG BA . -19.81 -12.63 22.97
O5 NAG BA . -17.22 -10.29 21.90
O6 NAG BA . -15.92 -12.38 22.64
O7 NAG BA . -20.00 -9.90 17.77
C1 NAG CA . -26.25 15.25 11.11
C2 NAG CA . -27.36 16.19 10.71
C3 NAG CA . -26.79 17.50 10.17
C4 NAG CA . -25.78 18.11 11.13
C5 NAG CA . -24.74 17.06 11.52
C6 NAG CA . -23.79 17.53 12.61
C7 NAG CA . -29.51 15.25 9.95
C8 NAG CA . -30.24 14.59 8.83
N2 NAG CA . -28.23 15.57 9.72
O3 NAG CA . -27.85 18.43 9.93
O4 NAG CA . -25.10 19.19 10.49
O5 NAG CA . -25.40 15.90 12.04
O6 NAG CA . -23.41 16.45 13.45
O7 NAG CA . -30.05 15.49 11.03
C1 NAG CA . -25.39 20.45 11.12
C2 NAG CA . -24.21 21.38 10.84
C3 NAG CA . -24.46 22.75 11.46
C4 NAG CA . -25.80 23.32 10.99
C5 NAG CA . -26.92 22.33 11.25
C6 NAG CA . -28.25 22.77 10.70
C7 NAG CA . -21.94 20.54 10.50
C8 NAG CA . -20.72 19.95 11.15
N2 NAG CA . -22.97 20.81 11.32
O3 NAG CA . -23.41 23.63 11.11
O4 NAG CA . -26.07 24.54 11.66
O5 NAG CA . -26.61 21.06 10.63
O6 NAG CA . -29.12 23.23 11.72
O7 NAG CA . -21.99 20.74 9.30
C1 NAG DA . -31.85 5.97 19.04
C2 NAG DA . -32.14 6.19 20.54
C3 NAG DA . -32.13 4.86 21.31
C4 NAG DA . -32.93 3.76 20.60
C5 NAG DA . -32.62 3.71 19.10
C6 NAG DA . -33.54 2.80 18.34
C7 NAG DA . -31.40 7.85 22.22
C8 NAG DA . -30.29 8.76 22.63
N2 NAG DA . -31.19 7.13 21.12
O3 NAG DA . -32.69 5.14 22.58
O4 NAG DA . -32.54 2.47 21.08
O5 NAG DA . -32.75 5.02 18.52
O6 NAG DA . -34.87 2.84 18.86
O7 NAG DA . -32.44 7.75 22.86
C1 NAG DA . -33.00 2.00 22.36
C2 NAG DA . -34.00 0.82 22.27
C3 NAG DA . -34.31 0.25 23.67
C4 NAG DA . -33.04 -0.03 24.45
C5 NAG DA . -32.14 1.21 24.47
C6 NAG DA . -30.81 0.98 25.14
C7 NAG DA . -36.14 2.09 21.89
C8 NAG DA . -37.30 2.23 20.95
N2 NAG DA . -35.23 1.17 21.55
O3 NAG DA . -35.08 -0.93 23.55
O4 NAG DA . -33.36 -0.35 25.80
O5 NAG DA . -31.85 1.60 23.12
O6 NAG DA . -30.81 -0.24 25.89
O7 NAG DA . -36.03 2.80 22.90
C1 NAG EA . 24.34 -53.38 -34.45
C2 NAG EA . 23.27 -54.38 -33.96
C3 NAG EA . 23.39 -55.72 -34.72
C4 NAG EA . 23.43 -55.49 -36.22
C5 NAG EA . 24.60 -54.56 -36.54
C6 NAG EA . 24.75 -54.23 -38.01
C7 NAG EA . 22.53 -55.13 -31.71
C8 NAG EA . 22.92 -55.21 -30.27
N2 NAG EA . 23.44 -54.59 -32.53
O3 NAG EA . 22.29 -56.56 -34.40
O4 NAG EA . 23.46 -56.72 -36.95
O5 NAG EA . 24.32 -53.32 -35.88
O6 NAG EA . 26.12 -54.27 -38.40
O7 NAG EA . 21.45 -55.54 -32.12
C1 NAG EA . 24.59 -57.58 -36.76
C2 NAG EA . 24.15 -59.02 -36.60
C3 NAG EA . 25.36 -59.95 -36.55
C4 NAG EA . 26.26 -59.73 -37.76
C5 NAG EA . 26.64 -58.26 -37.86
C6 NAG EA . 27.40 -57.93 -39.12
C7 NAG EA . 22.33 -60.07 -35.32
C8 NAG EA . 21.59 -60.09 -34.02
N2 NAG EA . 23.33 -59.18 -35.41
O3 NAG EA . 24.93 -61.31 -36.52
O4 NAG EA . 27.45 -60.51 -37.64
O5 NAG EA . 25.45 -57.46 -37.91
O6 NAG EA . 26.52 -57.68 -40.20
O7 NAG EA . 22.03 -60.82 -36.25
C1 NAG FA . 36.82 -38.71 -17.51
C2 NAG FA . 38.24 -38.24 -17.20
C3 NAG FA . 38.94 -37.81 -18.49
C4 NAG FA . 38.87 -38.92 -19.54
C5 NAG FA . 37.42 -39.38 -19.73
C6 NAG FA . 37.29 -40.56 -20.64
C7 NAG FA . 39.03 -37.12 -15.16
C8 NAG FA . 38.89 -35.93 -14.28
N2 NAG FA . 38.24 -37.15 -16.25
O3 NAG FA . 40.29 -37.49 -18.19
O4 NAG FA . 39.32 -38.44 -20.80
O5 NAG FA . 36.87 -39.77 -18.46
O6 NAG FA . 37.14 -41.78 -19.90
O7 NAG FA . 39.81 -38.02 -14.92
C1 NAG FA . 40.68 -38.87 -21.10
C2 NAG FA . 40.77 -39.15 -22.59
C3 NAG FA . 42.21 -39.51 -22.98
C4 NAG FA . 43.22 -38.50 -22.45
C5 NAG FA . 42.98 -38.26 -20.95
C6 NAG FA . 43.83 -37.15 -20.37
C7 NAG FA . 39.31 -40.29 -24.20
C8 NAG FA . 38.39 -41.46 -24.42
N2 NAG FA . 39.86 -40.21 -22.99
O3 NAG FA . 42.32 -39.58 -24.40
O4 NAG FA . 44.53 -38.99 -22.64
O5 NAG FA . 41.62 -37.87 -20.73
O6 NAG FA . 45.21 -37.51 -20.33
O7 NAG FA . 39.53 -39.47 -25.07
C1 BMA FA . 45.30 -38.18 -23.57
C2 BMA FA . 46.80 -38.56 -23.37
C3 BMA FA . 47.66 -37.70 -24.30
C4 BMA FA . 47.15 -37.74 -25.77
C5 BMA FA . 45.62 -37.47 -25.84
C6 BMA FA . 45.03 -37.69 -27.22
O2 BMA FA . 47.02 -39.90 -23.74
O3 BMA FA . 49.02 -38.10 -24.26
O4 BMA FA . 47.84 -36.75 -26.53
O5 BMA FA . 44.95 -38.38 -24.93
O6 BMA FA . 43.63 -37.55 -27.12
C1 NAG GA . 37.40 -26.03 13.16
C2 NAG GA . 38.88 -25.86 13.45
C3 NAG GA . 39.09 -24.93 14.65
C4 NAG GA . 38.25 -23.66 14.56
C5 NAG GA . 36.83 -23.95 14.10
C6 NAG GA . 36.05 -22.71 13.73
C7 NAG GA . 39.39 -28.06 14.58
C8 NAG GA . 40.27 -29.27 14.48
N2 NAG GA . 39.59 -27.13 13.61
O3 NAG GA . 40.48 -24.62 14.70
O4 NAG GA . 38.11 -23.10 15.87
O5 NAG GA . 36.82 -24.79 12.94
O6 NAG GA . 35.20 -22.96 12.61
O7 NAG GA . 38.56 -27.93 15.48
C1 NAG GA . 39.12 -22.20 16.31
C2 NAG GA . 38.48 -21.15 17.21
C3 NAG GA . 39.52 -20.23 17.82
C4 NAG GA . 40.60 -21.06 18.51
C5 NAG GA . 41.19 -22.06 17.54
C6 NAG GA . 42.23 -22.97 18.15
C7 NAG GA . 36.33 -20.00 16.97
C8 NAG GA . 35.44 -19.22 16.05
N2 NAG GA . 37.50 -20.38 16.46
O3 NAG GA . 38.91 -19.36 18.75
O4 NAG GA . 41.62 -20.19 19.02
O5 NAG GA . 40.15 -22.89 17.04
O6 NAG GA . 43.21 -23.35 17.20
O7 NAG GA . 36.01 -20.27 18.11
C1 NAG HA . 31.78 -25.75 16.09
C2 NAG HA . 32.09 -24.36 16.62
C3 NAG HA . 33.52 -24.29 17.15
C4 NAG HA . 33.74 -25.37 18.21
C5 NAG HA . 33.45 -26.73 17.58
C6 NAG HA . 33.56 -27.87 18.56
C7 NAG HA . 31.55 -22.08 15.86
C8 NAG HA . 31.37 -21.19 14.67
N2 NAG HA . 31.88 -23.35 15.59
O3 NAG HA . 33.76 -23.01 17.72
O4 NAG HA . 35.07 -25.33 18.72
O5 NAG HA . 32.10 -26.74 17.09
O6 NAG HA . 32.81 -29.00 18.13
O7 NAG HA . 31.41 -21.67 17.01
C1 NAG HA . 35.04 -24.87 20.10
C2 NAG HA . 36.10 -25.58 20.95
C3 NAG HA . 36.02 -25.08 22.38
C4 NAG HA . 36.16 -23.56 22.43
C5 NAG HA . 35.17 -22.88 21.48
C6 NAG HA . 35.41 -21.40 21.33
C7 NAG HA . 36.96 -27.85 20.62
C8 NAG HA . 36.62 -29.31 20.64
N2 NAG HA . 35.94 -27.03 20.90
O3 NAG HA . 37.03 -25.68 23.17
O4 NAG HA . 35.92 -23.11 23.76
O5 NAG HA . 35.26 -23.43 20.16
O6 NAG HA . 36.62 -21.01 21.96
O7 NAG HA . 38.08 -27.45 20.37
C1 NAG IA . 16.82 -43.34 3.04
C2 NAG IA . 15.78 -43.49 1.96
C3 NAG IA . 14.86 -44.67 2.29
C4 NAG IA . 15.66 -45.95 2.49
C5 NAG IA . 16.80 -45.73 3.49
C6 NAG IA . 17.81 -46.86 3.47
C7 NAG IA . 14.55 -41.87 0.59
C8 NAG IA . 13.79 -40.59 0.57
N2 NAG IA . 15.01 -42.27 1.78
O3 NAG IA . 13.90 -44.85 1.25
O4 NAG IA . 14.76 -46.94 2.99
O5 NAG IA . 17.55 -44.55 3.16
O6 NAG IA . 18.07 -47.24 2.13
O7 NAG IA . 14.75 -42.53 -0.44
C1 NAG IA . 14.64 -48.26 2.37
C2 NAG IA . 14.90 -48.31 0.84
C3 NAG IA . 14.98 -49.76 0.31
C4 NAG IA . 15.92 -50.60 1.16
C5 NAG IA . 15.50 -50.54 2.62
C6 NAG IA . 16.40 -51.33 3.53
C7 NAG IA . 12.60 -47.73 -0.01
C8 NAG IA . 11.85 -46.78 -0.87
N2 NAG IA . 13.93 -47.52 0.08
O3 NAG IA . 15.41 -49.76 -1.04
O4 NAG IA . 15.87 -51.96 0.73
O5 NAG IA . 15.56 -49.16 3.06
O6 NAG IA . 15.73 -52.45 4.07
O7 NAG IA . 12.03 -48.66 0.59
C1 NAG JA . 17.56 -42.56 13.64
C2 NAG JA . 18.54 -43.60 14.15
C3 NAG JA . 18.01 -45.01 13.93
C4 NAG JA . 16.59 -45.17 14.47
C5 NAG JA . 15.69 -44.07 13.92
C6 NAG JA . 14.31 -44.08 14.50
C7 NAG JA . 20.91 -42.97 14.11
C8 NAG JA . 22.14 -42.85 13.27
N2 NAG JA . 19.83 -43.45 13.50
O3 NAG JA . 18.87 -45.92 14.61
O4 NAG JA . 16.07 -46.43 14.06
O5 NAG JA . 16.27 -42.80 14.22
O6 NAG JA . 13.41 -43.25 13.77
O7 NAG JA . 20.90 -42.64 15.29
C1 NAG JA . 15.98 -47.32 15.20
C2 NAG JA . 15.06 -48.48 14.82
C3 NAG JA . 14.92 -49.45 16.00
C4 NAG JA . 16.29 -49.91 16.47
C5 NAG JA . 17.21 -48.72 16.75
C6 NAG JA . 18.62 -49.12 17.06
C7 NAG JA . 13.09 -48.49 13.36
C8 NAG JA . 11.76 -47.87 13.06
N2 NAG JA . 13.75 -47.99 14.40
O3 NAG JA . 14.16 -50.57 15.59
O4 NAG JA . 16.16 -50.68 17.65
O5 NAG JA . 17.27 -47.84 15.62
O6 NAG JA . 19.23 -49.75 15.94
O7 NAG JA . 13.54 -49.42 12.68
C1 NAG KA . 3.79 -29.20 23.40
C2 NAG KA . 3.56 -30.67 23.75
C3 NAG KA . 2.11 -31.04 23.51
C4 NAG KA . 1.17 -30.10 24.26
C5 NAG KA . 1.48 -28.66 23.88
C6 NAG KA . 0.69 -27.64 24.68
C7 NAG KA . 5.37 -32.31 23.57
C8 NAG KA . 6.20 -33.14 22.64
N2 NAG KA . 4.44 -31.54 23.00
O3 NAG KA . 1.90 -32.39 23.93
O4 NAG KA . -0.18 -30.41 23.91
O5 NAG KA . 2.87 -28.38 24.12
O6 NAG KA . 0.94 -26.31 24.24
O7 NAG KA . 5.53 -32.33 24.78
C1 NAG KA . -0.89 -30.88 25.08
C2 NAG KA . -2.38 -30.57 24.84
C3 NAG KA . -3.21 -31.08 26.02
C4 NAG KA . -2.90 -32.55 26.32
C5 NAG KA . -1.39 -32.75 26.47
C6 NAG KA . -1.01 -34.21 26.61
C7 NAG KA . -3.02 -28.65 23.47
C8 NAG KA . -3.19 -27.16 23.43
N2 NAG KA . -2.60 -29.16 24.63
O3 NAG KA . -4.59 -30.95 25.71
O4 NAG KA . -3.54 -32.93 27.53
O5 NAG KA . -0.71 -32.27 25.30
O6 NAG KA . -1.48 -34.97 25.49
O7 NAG KA . -3.24 -29.35 22.49
C1 NAG LA . 21.39 -38.17 19.53
C2 NAG LA . 19.96 -38.20 19.99
C3 NAG LA . 19.89 -37.78 21.45
C4 NAG LA . 20.83 -38.61 22.32
C5 NAG LA . 22.22 -38.69 21.69
C6 NAG LA . 23.12 -39.70 22.36
C7 NAG LA . 18.32 -37.77 18.22
C8 NAG LA . 17.57 -36.72 17.47
N2 NAG LA . 19.15 -37.32 19.18
O3 NAG LA . 18.53 -37.94 21.89
O4 NAG LA . 21.01 -38.01 23.59
O5 NAG LA . 22.15 -39.06 20.30
O6 NAG LA . 23.25 -40.87 21.57
O7 NAG LA . 18.19 -38.96 17.98
C1 NAG LA . 20.20 -38.65 24.60
C2 NAG LA . 20.94 -38.70 25.93
C3 NAG LA . 20.04 -39.32 27.00
C4 NAG LA . 18.71 -38.56 27.08
C5 NAG LA . 18.07 -38.46 25.69
C6 NAG LA . 16.86 -37.57 25.67
C7 NAG LA . 23.37 -38.88 26.13
C8 NAG LA . 24.57 -39.78 26.02
N2 NAG LA . 22.19 -39.44 25.84
O3 NAG LA . 20.72 -39.27 28.24
O4 NAG LA . 17.79 -39.27 27.90
O5 NAG LA . 19.00 -37.91 24.75
O6 NAG LA . 16.15 -37.70 24.45
O7 NAG LA . 23.47 -37.71 26.49
C1 BMA LA . 17.68 -38.78 29.24
C2 BMA LA . 16.25 -39.08 29.73
C3 BMA LA . 16.17 -39.48 31.21
C4 BMA LA . 17.40 -40.29 31.68
C5 BMA LA . 18.59 -39.44 31.42
C6 BMA LA . 19.89 -39.98 32.00
O2 BMA LA . 15.69 -40.14 28.98
O3 BMA LA . 14.98 -40.20 31.42
O4 BMA LA . 17.36 -40.60 33.07
O5 BMA LA . 18.74 -39.38 30.02
O6 BMA LA . 19.81 -41.38 32.12
C1 MAN LA . 14.30 -39.61 32.54
C2 MAN LA . 13.28 -40.64 33.00
C3 MAN LA . 12.11 -40.68 32.01
C4 MAN LA . 11.45 -39.35 31.93
C5 MAN LA . 12.45 -38.37 31.36
C6 MAN LA . 11.92 -36.97 31.34
O2 MAN LA . 12.73 -40.21 34.22
O3 MAN LA . 11.14 -41.66 32.33
O4 MAN LA . 10.37 -39.45 31.04
O5 MAN LA . 13.66 -38.35 32.20
O6 MAN LA . 12.15 -36.41 32.61
C1 MAN LA . 12.80 -41.32 35.13
C2 MAN LA . 11.37 -41.46 35.66
C3 MAN LA . 11.04 -40.18 36.43
C4 MAN LA . 12.05 -39.88 37.53
C5 MAN LA . 13.48 -39.90 36.96
C6 MAN LA . 14.50 -39.87 38.05
O2 MAN LA . 11.28 -42.54 36.57
O3 MAN LA . 9.76 -40.24 36.99
O4 MAN LA . 11.81 -38.58 38.04
O5 MAN LA . 13.70 -41.09 36.19
O6 MAN LA . 15.69 -39.31 37.54
C1 MAN LA . 10.62 -43.68 35.97
C2 MAN LA . 10.34 -44.63 37.10
C3 MAN LA . 11.68 -45.02 37.69
C4 MAN LA . 12.54 -45.79 36.68
C5 MAN LA . 12.70 -44.98 35.41
C6 MAN LA . 13.21 -45.80 34.24
O2 MAN LA . 9.73 -45.83 36.63
O3 MAN LA . 11.54 -45.75 38.89
O4 MAN LA . 13.83 -46.03 37.23
O5 MAN LA . 11.41 -44.35 34.98
O6 MAN LA . 12.83 -47.16 34.44
C1 MAN LA . 20.44 -41.82 33.35
C2 MAN LA . 21.89 -42.11 33.04
C3 MAN LA . 21.95 -43.29 32.07
C4 MAN LA . 21.18 -44.52 32.63
C5 MAN LA . 19.75 -44.07 32.89
C6 MAN LA . 18.89 -45.17 33.42
O2 MAN LA . 22.56 -42.55 34.22
O3 MAN LA . 23.29 -43.65 31.73
O4 MAN LA . 21.18 -45.59 31.71
O5 MAN LA . 19.78 -42.98 33.84
O6 MAN LA . 18.97 -46.20 32.44
C1 MAN LA . 17.71 -46.87 32.29
C2 MAN LA . 17.99 -48.15 31.45
C3 MAN LA . 18.34 -47.74 30.01
C4 MAN LA . 17.22 -46.88 29.40
C5 MAN LA . 16.96 -45.64 30.27
C6 MAN LA . 15.76 -44.85 29.81
O2 MAN LA . 16.82 -48.96 31.34
O3 MAN LA . 18.60 -48.88 29.20
O4 MAN LA . 17.59 -46.44 28.09
O5 MAN LA . 16.73 -46.03 31.66
O6 MAN LA . 14.78 -44.91 30.86
C1 NAG MA . 14.41 -36.41 3.04
C2 NAG MA . 13.78 -35.12 3.56
C3 NAG MA . 12.83 -35.41 4.72
C4 NAG MA . 11.85 -36.53 4.39
C5 NAG MA . 12.64 -37.75 3.90
C6 NAG MA . 11.78 -38.91 3.48
C7 NAG MA . 14.65 -32.86 3.83
C8 NAG MA . 15.80 -32.03 4.31
N2 NAG MA . 14.80 -34.18 3.95
O3 NAG MA . 12.11 -34.22 5.04
O4 NAG MA . 11.13 -36.92 5.54
O5 NAG MA . 13.41 -37.36 2.76
O6 NAG MA . 10.58 -38.46 2.85
O7 NAG MA . 13.64 -32.36 3.37
C1 NAG MA . 9.78 -36.47 5.42
C2 NAG MA . 8.85 -37.47 6.11
C3 NAG MA . 7.41 -36.97 6.08
C4 NAG MA . 7.33 -35.58 6.67
C5 NAG MA . 8.27 -34.65 5.92
C6 NAG MA . 8.28 -33.24 6.43
C7 NAG MA . 9.01 -39.92 6.15
C8 NAG MA . 9.09 -41.17 5.33
N2 NAG MA . 8.94 -38.78 5.46
O3 NAG MA . 6.60 -37.88 6.80
O4 NAG MA . 5.99 -35.10 6.56
O5 NAG MA . 9.61 -35.16 6.03
O6 NAG MA . 7.17 -32.51 5.95
O7 NAG MA . 9.02 -39.93 7.38
C1 BMA MA . 5.40 -34.97 7.86
C2 BMA MA . 4.00 -34.43 7.62
C3 BMA MA . 3.25 -34.32 8.95
C4 BMA MA . 3.31 -35.63 9.77
C5 BMA MA . 4.76 -36.15 9.86
C6 BMA MA . 4.85 -37.53 10.49
O2 BMA MA . 3.26 -35.34 6.83
O3 BMA MA . 1.89 -33.93 8.74
O4 BMA MA . 2.82 -35.41 11.08
O5 BMA MA . 5.33 -36.22 8.55
O6 BMA MA . 4.00 -37.57 11.62
C1 MAN MA . 1.74 -32.51 8.94
C2 MAN MA . 0.27 -32.23 9.34
C3 MAN MA . -0.36 -31.19 8.42
C4 MAN MA . 0.54 -29.92 8.33
C5 MAN MA . 1.96 -30.31 7.87
C6 MAN MA . 3.05 -29.79 8.78
O2 MAN MA . 0.17 -31.68 10.65
O3 MAN MA . -1.66 -30.83 8.85
O4 MAN MA . -0.01 -29.00 7.42
O5 MAN MA . 2.10 -31.77 7.78
O6 MAN MA . 2.60 -28.59 9.38
C1 NAG NA . 22.14 0.16 9.41
C2 NAG NA . 22.31 -0.76 10.60
C3 NAG NA . 23.10 -0.04 11.69
C4 NAG NA . 24.43 0.49 11.15
C5 NAG NA . 24.21 1.29 9.85
C6 NAG NA . 25.49 1.61 9.11
C7 NAG NA . 20.55 -2.44 10.90
C8 NAG NA . 19.18 -2.69 11.43
N2 NAG NA . 21.03 -1.20 11.10
O3 NAG NA . 23.32 -0.90 12.79
O4 NAG NA . 25.03 1.29 12.17
O5 NAG NA . 23.41 0.56 8.92
O6 NAG NA . 26.32 0.47 9.00
O7 NAG NA . 21.20 -3.30 10.32
C1 NAG NA . 26.42 1.10 12.55
C2 NAG NA . 27.07 -0.26 12.20
C3 NAG NA . 28.59 -0.21 12.41
C4 NAG NA . 29.20 0.96 11.67
C5 NAG NA . 28.55 2.25 12.13
C6 NAG NA . 29.05 3.47 11.38
C7 NAG NA . 26.04 -2.47 12.42
C8 NAG NA . 25.47 -3.48 13.37
N2 NAG NA . 26.50 -1.34 12.97
O3 NAG NA . 29.17 -1.44 11.97
O4 NAG NA . 30.61 1.03 11.92
O5 NAG NA . 27.14 2.17 11.88
O6 NAG NA . 28.32 3.69 10.19
O7 NAG NA . 26.09 -2.67 11.22
C1 NAG OA . 8.33 -12.56 28.59
C2 NAG OA . 8.02 -13.69 29.56
C3 NAG OA . 6.54 -13.66 29.97
C4 NAG OA . 6.12 -12.28 30.46
C5 NAG OA . 6.54 -11.21 29.45
C6 NAG OA . 6.31 -9.80 29.93
C7 NAG OA . 9.35 -15.75 29.44
C8 NAG OA . 9.58 -17.02 28.70
N2 NAG OA . 8.37 -14.98 28.98
O3 NAG OA . 6.31 -14.64 30.97
O4 NAG OA . 4.71 -12.25 30.59
O5 NAG OA . 7.93 -11.33 29.17
O6 NAG OA . 7.31 -8.92 29.43
O7 NAG OA . 10.01 -15.45 30.41
C1 NAG OA . 4.30 -12.08 31.97
C2 NAG OA . 2.93 -11.43 31.97
C3 NAG OA . 2.43 -11.23 33.40
C4 NAG OA . 2.44 -12.56 34.15
C5 NAG OA . 3.83 -13.19 34.07
C6 NAG OA . 3.91 -14.56 34.69
C7 NAG OA . 2.20 -9.94 30.16
C8 NAG OA . 2.34 -8.57 29.55
N2 NAG OA . 2.95 -10.16 31.25
O3 NAG OA . 1.10 -10.70 33.37
O4 NAG OA . 2.09 -12.36 35.51
O5 NAG OA . 4.24 -13.33 32.70
O6 NAG OA . 4.56 -14.54 35.95
O7 NAG OA . 1.46 -10.78 29.70
C1 NAG PA . 21.68 -11.13 28.61
C2 NAG PA . 22.46 -10.35 29.70
C3 NAG PA . 23.77 -9.79 29.14
C4 NAG PA . 24.56 -10.81 28.32
C5 NAG PA . 23.66 -11.59 27.36
C6 NAG PA . 24.36 -12.75 26.70
C7 NAG PA . 21.83 -8.74 31.45
C8 NAG PA . 20.85 -7.65 31.83
N2 NAG PA . 21.63 -9.29 30.25
O3 NAG PA . 24.52 -9.36 30.27
O4 NAG PA . 25.51 -10.17 27.47
O5 NAG PA . 22.52 -12.12 28.05
O6 NAG PA . 25.25 -13.39 27.60
O7 NAG PA . 22.75 -9.07 32.19
C1 NAG PA . 26.74 -9.64 28.02
C2 NAG PA . 28.00 -10.40 27.57
C3 NAG PA . 29.28 -9.69 28.05
C4 NAG PA . 29.25 -8.21 27.69
C5 NAG PA . 27.95 -7.57 28.19
C6 NAG PA . 27.81 -6.12 27.78
C7 NAG PA . 27.99 -12.29 29.24
C8 NAG PA . 27.99 -13.78 29.36
N2 NAG PA . 28.00 -11.81 27.99
O3 NAG PA . 30.42 -10.30 27.46
O4 NAG PA . 30.34 -7.54 28.32
O5 NAG PA . 26.84 -8.27 27.62
O6 NAG PA . 29.04 -5.59 27.30
O7 NAG PA . 27.97 -11.57 30.24
C1 NAG QA . 6.84 -3.26 -67.61
C2 NAG QA . 8.32 -3.69 -67.60
C3 NAG QA . 8.80 -4.07 -69.01
C4 NAG QA . 7.83 -5.05 -69.67
C5 NAG QA . 6.44 -4.43 -69.68
C6 NAG QA . 5.37 -5.29 -70.29
C7 NAG QA . 10.39 -2.72 -66.61
C8 NAG QA . 11.00 -1.46 -66.09
N2 NAG QA . 9.13 -2.59 -67.06
O3 NAG QA . 10.10 -4.65 -68.96
O4 NAG QA . 8.29 -5.47 -70.95
O5 NAG QA . 6.06 -4.22 -68.31
O6 NAG QA . 4.52 -4.53 -71.14
O7 NAG QA . 10.99 -3.78 -66.64
C1 NAG QA . 8.41 -4.48 -71.98
C2 NAG QA . 9.72 -4.65 -72.73
C3 NAG QA . 9.79 -3.68 -73.92
C4 NAG QA . 8.56 -3.83 -74.80
C5 NAG QA . 7.29 -3.66 -73.96
C6 NAG QA . 6.03 -3.95 -74.74
C7 NAG QA . 12.02 -5.12 -72.00
C8 NAG QA . 13.08 -4.79 -71.00
N2 NAG QA . 10.86 -4.46 -71.85
O3 NAG QA . 10.96 -3.96 -74.69
O4 NAG QA . 8.56 -2.84 -75.83
O5 NAG QA . 7.31 -4.61 -72.88
O6 NAG QA . 5.73 -5.34 -74.73
O7 NAG QA . 12.19 -5.93 -72.90
C1 NAG RA . -0.69 16.89 -53.62
C2 NAG RA . -1.57 18.14 -53.75
C3 NAG RA . -2.89 17.77 -54.45
C4 NAG RA . -2.63 17.05 -55.77
C5 NAG RA . -1.69 15.87 -55.55
C6 NAG RA . -1.28 15.19 -56.83
C7 NAG RA . -1.67 20.04 -52.22
C8 NAG RA . -1.97 20.49 -50.83
N2 NAG RA . -1.82 18.73 -52.46
O3 NAG RA . -3.63 18.96 -54.65
O4 NAG RA . -3.85 16.54 -56.30
O5 NAG RA . -0.49 16.31 -54.91
O6 NAG RA . 0.02 15.60 -57.25
O7 NAG RA . -1.31 20.82 -53.09
C1 NAG RA . -4.38 17.35 -57.36
C2 NAG RA . -5.03 16.43 -58.40
C3 NAG RA . -5.69 17.26 -59.51
C4 NAG RA . -6.61 18.33 -58.94
C5 NAG RA . -5.88 19.15 -57.87
C6 NAG RA . -6.76 20.14 -57.15
C7 NAG RA . -4.32 14.31 -59.41
C8 NAG RA . -3.18 13.52 -59.97
N2 NAG RA . -4.03 15.53 -58.97
O3 NAG RA . -6.43 16.39 -60.35
O4 NAG RA . -7.03 19.19 -60.00
O5 NAG RA . -5.35 18.27 -56.87
O6 NAG RA . -7.18 21.20 -57.99
O7 NAG RA . -5.47 13.86 -59.38
C1 BMA RA . -8.45 19.12 -60.24
C2 BMA RA . -8.84 20.38 -61.07
C3 BMA RA . -10.35 20.36 -61.33
C4 BMA RA . -10.84 19.01 -61.91
C5 BMA RA . -10.29 17.82 -61.08
C6 BMA RA . -10.58 16.47 -61.70
O2 BMA RA . -8.21 20.34 -62.33
O3 BMA RA . -10.73 21.43 -62.20
O4 BMA RA . -12.25 18.98 -61.91
O5 BMA RA . -8.85 17.95 -60.94
O6 BMA RA . -9.91 15.48 -60.91
C1 NAG SA . 6.24 37.41 -28.48
C2 NAG SA . 5.53 38.70 -28.86
C3 NAG SA . 5.42 39.63 -27.65
C4 NAG SA . 4.91 38.90 -26.40
C5 NAG SA . 5.58 37.55 -26.22
C6 NAG SA . 4.91 36.68 -25.18
C7 NAG SA . 7.38 39.91 -30.08
C8 NAG SA . 7.74 40.53 -31.39
N2 NAG SA . 6.14 39.37 -30.01
O3 NAG SA . 4.53 40.69 -28.03
O4 NAG SA . 5.28 39.66 -25.25
O5 NAG SA . 5.55 36.79 -27.44
O6 NAG SA . 4.92 35.32 -25.58
O7 NAG SA . 8.18 39.88 -29.14
C1 NAG SA . 4.37 40.68 -24.82
C2 NAG SA . 4.43 40.76 -23.29
C3 NAG SA . 3.59 41.93 -22.78
C4 NAG SA . 3.99 43.21 -23.48
C5 NAG SA . 3.87 43.03 -24.98
C6 NAG SA . 4.31 44.24 -25.78
C7 NAG SA . 4.58 38.97 -21.63
C8 NAG SA . 4.02 37.67 -21.16
N2 NAG SA . 4.00 39.51 -22.70
O3 NAG SA . 3.78 42.05 -21.38
O4 NAG SA . 3.15 44.28 -23.05
O5 NAG SA . 4.72 41.94 -25.38
O6 NAG SA . 3.60 44.34 -27.00
O7 NAG SA . 5.53 39.50 -21.07
C1 NAG TA . 10.37 35.19 -24.22
C2 NAG TA . 9.53 35.73 -23.07
C3 NAG TA . 9.06 37.14 -23.38
C4 NAG TA . 10.23 38.04 -23.69
C5 NAG TA . 11.00 37.45 -24.88
C6 NAG TA . 12.24 38.23 -25.23
C7 NAG TA . 7.83 34.74 -21.59
C8 NAG TA . 6.69 33.78 -21.49
N2 NAG TA . 8.40 34.85 -22.79
O3 NAG TA . 8.34 37.66 -22.26
O4 NAG TA . 9.82 39.38 -23.98
O5 NAG TA . 11.42 36.13 -24.54
O6 NAG TA . 13.17 37.43 -25.93
O7 NAG TA . 8.20 35.40 -20.62
C1 NAG TA . 10.23 40.25 -22.91
C2 NAG TA . 10.64 41.63 -23.44
C3 NAG TA . 11.08 42.52 -22.29
C4 NAG TA . 9.98 42.61 -21.23
C5 NAG TA . 9.51 41.21 -20.80
C6 NAG TA . 8.28 41.24 -19.91
C7 NAG TA . 11.62 42.13 -25.64
C8 NAG TA . 12.80 41.94 -26.53
N2 NAG TA . 11.69 41.53 -24.44
O3 NAG TA . 11.40 43.82 -22.75
O4 NAG TA . 10.48 43.30 -20.09
O5 NAG TA . 9.15 40.42 -21.95
O6 NAG TA . 7.73 42.55 -19.85
O7 NAG TA . 10.63 42.78 -25.98
C1 NAG UA . 23.20 15.90 -37.14
C2 NAG UA . 23.26 14.40 -37.35
C3 NAG UA . 24.71 13.99 -37.61
C4 NAG UA . 25.29 14.75 -38.79
C5 NAG UA . 25.10 16.26 -38.61
C6 NAG UA . 25.37 17.02 -39.88
C7 NAG UA . 22.03 12.53 -36.37
C8 NAG UA . 21.52 11.91 -35.11
N2 NAG UA . 22.71 13.68 -36.23
O3 NAG UA . 24.77 12.59 -37.87
O4 NAG UA . 26.69 14.44 -38.85
O5 NAG UA . 23.73 16.56 -38.27
O6 NAG UA . 24.81 16.34 -41.00
O7 NAG UA . 21.86 12.01 -37.48
C1 NAG UA . 27.35 13.99 -40.07
C2 NAG UA . 26.45 13.16 -41.04
C3 NAG UA . 27.15 12.92 -42.39
C4 NAG UA . 27.70 14.20 -42.97
C5 NAG UA . 28.61 14.86 -41.96
C6 NAG UA . 29.20 16.17 -42.44
C7 NAG UA . 26.76 10.87 -40.04
C8 NAG UA . 26.02 9.71 -39.47
N2 NAG UA . 26.00 11.90 -40.44
O3 NAG UA . 26.22 12.33 -43.30
O4 NAG UA . 28.43 13.92 -44.16
O5 NAG UA . 27.88 15.16 -40.77
O6 NAG UA . 30.60 16.06 -42.68
O7 NAG UA . 27.99 10.86 -40.13
C1 NAG VA . 27.83 23.50 -31.29
C2 NAG VA . 28.33 24.62 -32.21
C3 NAG VA . 29.45 24.12 -33.10
C4 NAG VA . 30.55 23.42 -32.30
C5 NAG VA . 29.94 22.35 -31.40
C6 NAG VA . 30.95 21.72 -30.48
C7 NAG VA . 26.68 26.34 -32.82
C8 NAG VA . 25.54 26.69 -33.73
N2 NAG VA . 27.23 25.13 -33.00
O3 NAG VA . 30.00 25.24 -33.78
O4 NAG VA . 31.46 22.81 -33.20
O5 NAG VA . 28.93 22.94 -30.57
O6 NAG VA . 30.44 20.54 -29.87
O7 NAG VA . 27.07 27.10 -31.96
C1 NAG VA . 32.73 23.53 -33.19
C2 NAG VA . 33.79 22.62 -33.81
C3 NAG VA . 35.13 23.34 -33.83
C4 NAG VA . 35.02 24.70 -34.52
C5 NAG VA . 33.88 25.53 -33.92
C6 NAG VA . 33.61 26.79 -34.68
C7 NAG VA . 34.02 20.19 -33.72
C8 NAG VA . 34.09 18.98 -32.84
N2 NAG VA . 33.87 21.36 -33.10
O3 NAG VA . 36.08 22.53 -34.51
O4 NAG VA . 36.23 25.41 -34.38
O5 NAG VA . 32.66 24.78 -33.92
O6 NAG VA . 33.17 26.52 -36.00
O7 NAG VA . 34.07 20.10 -34.94
C1 NAG WA . 30.53 19.39 -10.34
C2 NAG WA . 31.85 19.50 -11.10
C3 NAG WA . 32.71 18.25 -10.86
C4 NAG WA . 32.91 18.03 -9.37
C5 NAG WA . 31.56 17.96 -8.66
C6 NAG WA . 31.66 17.89 -7.15
C7 NAG WA . 31.99 20.76 -13.19
C8 NAG WA . 31.66 20.79 -14.66
N2 NAG WA . 31.62 19.67 -12.53
O3 NAG WA . 33.96 18.42 -11.52
O4 NAG WA . 33.61 16.82 -9.17
O5 NAG WA . 30.80 19.15 -8.95
O6 NAG WA . 30.40 17.73 -6.53
O7 NAG WA . 32.56 21.70 -12.64
C1 NAG WA . 34.90 17.07 -8.56
C2 NAG WA . 35.31 15.80 -7.81
C3 NAG WA . 36.69 15.99 -7.18
C4 NAG WA . 37.71 16.47 -8.21
C5 NAG WA . 37.18 17.69 -8.96
C6 NAG WA . 38.07 18.11 -10.11
C7 NAG WA . 33.58 14.35 -6.87
C8 NAG WA . 32.61 14.15 -5.74
N2 NAG WA . 34.33 15.45 -6.80
O3 NAG WA . 37.13 14.75 -6.64
O4 NAG WA . 38.92 16.82 -7.56
O5 NAG WA . 35.89 17.40 -9.53
O6 NAG WA . 38.25 17.04 -11.03
O7 NAG WA . 33.67 13.55 -7.79
C1 NAG XA . 25.94 30.15 -26.71
C2 NAG XA . 26.92 29.40 -25.85
C3 NAG XA . 27.44 30.31 -24.74
C4 NAG XA . 27.99 31.62 -25.30
C5 NAG XA . 27.02 32.23 -26.31
C6 NAG XA . 27.63 33.38 -27.08
C7 NAG XA . 26.52 26.98 -25.74
C8 NAG XA . 25.77 25.89 -25.05
N2 NAG XA . 26.29 28.22 -25.28
O3 NAG XA . 28.44 29.60 -24.02
O4 NAG XA . 28.15 32.58 -24.27
O5 NAG XA . 26.59 31.27 -27.27
O6 NAG XA . 27.94 32.99 -28.41
O7 NAG XA . 27.28 26.76 -26.67
C1 NAG XA . 29.52 32.67 -23.84
C2 NAG XA . 29.88 34.12 -23.50
C3 NAG XA . 31.30 34.17 -22.97
C4 NAG XA . 31.49 33.22 -21.79
C5 NAG XA . 31.02 31.81 -22.17
C6 NAG XA . 31.00 30.88 -20.99
C7 NAG XA . 28.90 36.06 -24.60
C8 NAG XA . 28.87 36.89 -25.84
N2 NAG XA . 29.72 35.00 -24.63
O3 NAG XA . 31.58 35.52 -22.59
O4 NAG XA . 32.87 33.11 -21.46
O5 NAG XA . 29.68 31.85 -22.69
O6 NAG XA . 30.80 29.54 -21.42
O7 NAG XA . 28.23 36.34 -23.62
C1 BMA XA . 33.28 33.92 -20.34
C2 BMA XA . 34.46 33.17 -19.66
C3 BMA XA . 35.55 34.12 -19.14
C4 BMA XA . 35.75 35.37 -20.01
C5 BMA XA . 34.42 36.06 -20.08
C6 BMA XA . 34.46 37.43 -20.72
O2 BMA XA . 35.09 32.30 -20.58
O3 BMA XA . 36.75 33.40 -19.01
O4 BMA XA . 36.70 36.29 -19.48
O5 BMA XA . 33.57 35.23 -20.84
O6 BMA XA . 35.53 37.50 -21.64
C1 MAN XA . 37.26 33.62 -17.68
C2 MAN XA . 38.72 33.21 -17.72
C3 MAN XA . 38.82 31.68 -17.76
C4 MAN XA . 38.19 31.09 -16.55
C5 MAN XA . 36.71 31.43 -16.60
C6 MAN XA . 36.00 30.97 -15.36
O2 MAN XA . 39.34 33.60 -16.54
O3 MAN XA . 40.15 31.20 -17.86
O4 MAN XA . 38.32 29.70 -16.61
O5 MAN XA . 36.53 32.89 -16.67
O6 MAN XA . 36.16 31.96 -14.38
C1 MAN XA . 40.55 34.30 -16.87
C2 MAN XA . 41.63 33.59 -16.05
C3 MAN XA . 41.32 33.82 -14.58
C4 MAN XA . 41.17 35.30 -14.24
C5 MAN XA . 40.18 35.98 -15.18
C6 MAN XA . 40.23 37.47 -15.05
O2 MAN XA . 42.90 34.17 -16.31
O3 MAN XA . 42.29 33.24 -13.74
O4 MAN XA . 40.67 35.42 -12.92
O5 MAN XA . 40.50 35.67 -16.55
O6 MAN XA . 38.97 37.99 -15.44
C1 MAN XA . 43.71 33.31 -17.16
C2 MAN XA . 45.09 33.89 -17.11
C3 MAN XA . 45.00 35.30 -17.68
C4 MAN XA . 44.58 35.29 -19.16
C5 MAN XA . 43.27 34.52 -19.33
C6 MAN XA . 42.98 34.15 -20.75
O2 MAN XA . 45.98 33.17 -17.96
O3 MAN XA . 46.21 36.02 -17.51
O4 MAN XA . 44.39 36.61 -19.62
O5 MAN XA . 43.27 33.26 -18.51
O6 MAN XA . 44.22 34.04 -21.46
C1 MAN XA . 36.16 38.79 -21.59
C2 MAN XA . 35.48 39.69 -22.61
C3 MAN XA . 35.76 39.12 -24.01
C4 MAN XA . 37.28 38.95 -24.24
C5 MAN XA . 37.83 38.06 -23.14
C6 MAN XA . 39.28 37.81 -23.28
O2 MAN XA . 36.06 40.98 -22.60
O3 MAN XA . 35.16 39.89 -25.04
O4 MAN XA . 37.54 38.37 -25.50
O5 MAN XA . 37.54 38.67 -21.87
O6 MAN XA . 39.44 37.25 -24.58
C1 MAN XA . 40.46 36.22 -24.58
C2 MAN XA . 40.76 35.91 -26.06
C3 MAN XA . 39.56 35.20 -26.69
C4 MAN XA . 39.20 33.94 -25.89
C5 MAN XA . 38.93 34.29 -24.42
C6 MAN XA . 38.75 33.05 -23.55
O2 MAN XA . 41.85 34.99 -26.18
O3 MAN XA . 39.79 34.89 -28.05
O4 MAN XA . 38.04 33.31 -26.44
O5 MAN XA . 40.04 35.05 -23.86
O6 MAN XA . 39.82 33.03 -22.61
C1 NAG YA . 19.60 13.89 -31.07
C2 NAG YA . 19.30 13.72 -29.59
C3 NAG YA . 20.58 13.80 -28.75
C4 NAG YA . 21.67 12.90 -29.30
C5 NAG YA . 21.86 13.19 -30.79
C6 NAG YA . 22.88 12.31 -31.46
C7 NAG YA . 17.44 14.49 -28.19
C8 NAG YA . 16.54 15.63 -27.86
N2 NAG YA . 18.34 14.72 -29.15
O3 NAG YA . 20.28 13.45 -27.41
O4 NAG YA . 22.90 13.14 -28.65
O5 NAG YA . 20.61 12.99 -31.46
O6 NAG YA . 22.83 10.98 -30.95
O7 NAG YA . 17.36 13.41 -27.62
C1 NAG YA . 23.20 12.04 -27.78
C2 NAG YA . 24.72 11.85 -27.73
C3 NAG YA . 25.07 10.74 -26.74
C4 NAG YA . 24.46 11.03 -25.38
C5 NAG YA . 22.95 11.19 -25.54
C6 NAG YA . 22.23 11.50 -24.26
C7 NAG YA . 26.35 12.06 -29.54
C8 NAG YA . 26.75 11.61 -30.91
N2 NAG YA . 25.23 11.52 -29.05
O3 NAG YA . 26.48 10.64 -26.65
O4 NAG YA . 24.73 9.95 -24.51
O5 NAG YA . 22.69 12.28 -26.44
O6 NAG YA . 22.04 10.32 -23.49
O7 NAG YA . 27.00 12.89 -28.90
C1 BMA YA . 25.63 10.37 -23.45
C2 BMA YA . 25.82 9.16 -22.56
C3 BMA YA . 26.81 9.48 -21.44
C4 BMA YA . 28.12 10.12 -21.98
C5 BMA YA . 27.80 11.28 -22.96
C6 BMA YA . 29.04 11.80 -23.66
O2 BMA YA . 26.39 8.09 -23.32
O3 BMA YA . 27.10 8.32 -20.67
O4 BMA YA . 28.88 10.61 -20.91
O5 BMA YA . 26.88 10.81 -23.96
O6 BMA YA . 30.08 11.93 -22.71
C1 MAN YA . 26.30 8.30 -19.47
C2 MAN YA . 27.06 7.46 -18.40
C3 MAN YA . 26.16 6.35 -17.86
C4 MAN YA . 24.80 6.91 -17.39
C5 MAN YA . 24.11 7.67 -18.57
C6 MAN YA . 23.68 9.08 -18.19
O2 MAN YA . 27.40 8.25 -17.27
O3 MAN YA . 26.78 5.66 -16.79
O4 MAN YA . 23.95 5.86 -16.97
O5 MAN YA . 25.00 7.77 -19.73
O6 MAN YA . 23.39 9.10 -16.79
C1 NAG ZA . -6.24 22.73 -4.77
C2 NAG ZA . -5.08 23.69 -4.88
C3 NAG ZA . -5.40 24.98 -4.14
C4 NAG ZA . -6.71 25.59 -4.64
C5 NAG ZA . -7.83 24.54 -4.65
C6 NAG ZA . -9.08 24.98 -5.38
C7 NAG ZA . -2.88 22.64 -5.14
C8 NAG ZA . -1.73 21.98 -4.44
N2 NAG ZA . -3.87 23.09 -4.36
O3 NAG ZA . -4.33 25.91 -4.28
O4 NAG ZA . -7.03 26.69 -3.79
O5 NAG ZA . -7.40 23.34 -5.32
O6 NAG ZA . -8.75 25.56 -6.64
O7 NAG ZA . -2.91 22.76 -6.36
C1 NAG ZA . -7.39 27.99 -4.35
C2 NAG ZA . -6.96 28.28 -5.81
C3 NAG ZA . -7.63 29.55 -6.32
C4 NAG ZA . -9.15 29.47 -6.16
C5 NAG ZA . -9.47 29.24 -4.69
C6 NAG ZA . -10.95 29.09 -4.43
C7 NAG ZA . -4.79 27.73 -6.82
C8 NAG ZA . -3.31 27.97 -6.78
N2 NAG ZA . -5.52 28.40 -5.92
O3 NAG ZA . -7.31 29.73 -7.70
O4 NAG ZA . -9.76 30.67 -6.59
O5 NAG ZA . -8.84 28.04 -4.25
O6 NAG ZA . -11.36 27.74 -4.58
O7 NAG ZA . -5.32 26.97 -7.62
C1 NAG AB . 19.46 25.69 2.39
C2 NAG AB . 20.90 26.15 2.22
C3 NAG AB . 21.84 25.32 3.11
C4 NAG AB . 21.34 25.30 4.56
C5 NAG AB . 19.87 24.89 4.62
C6 NAG AB . 19.25 25.00 5.99
C7 NAG AB . 21.61 27.13 0.08
C8 NAG AB . 21.98 26.84 -1.34
N2 NAG AB . 21.31 26.06 0.83
O3 NAG AB . 23.14 25.85 3.05
O4 NAG AB . 22.10 24.33 5.29
O5 NAG AB . 19.10 25.75 3.76
O6 NAG AB . 17.89 25.38 5.91
O7 NAG AB . 21.57 28.26 0.52
C1 NAG AB . 22.90 24.95 6.32
C2 NAG AB . 23.13 23.90 7.40
C3 NAG AB . 23.99 24.48 8.52
C4 NAG AB . 25.29 25.03 7.96
C5 NAG AB . 24.99 26.04 6.84
C6 NAG AB . 26.24 26.55 6.15
C7 NAG AB . 21.51 22.11 7.85
C8 NAG AB . 20.18 21.75 8.44
N2 NAG AB . 21.87 23.40 7.93
O3 NAG AB . 24.27 23.47 9.48
O4 NAG AB . 26.04 25.68 8.98
O5 NAG AB . 24.17 25.43 5.84
O6 NAG AB . 26.55 27.88 6.55
O7 NAG AB . 22.23 21.27 7.31
C1 NAG BB . 11.82 35.58 -2.54
C2 NAG BB . 11.46 36.87 -1.74
C3 NAG BB . 10.12 37.45 -2.21
C4 NAG BB . 10.02 37.53 -3.74
C5 NAG BB . 10.50 36.24 -4.40
C6 NAG BB . 10.62 36.35 -5.91
C7 NAG BB . 11.57 37.51 0.65
C8 NAG BB . 11.51 37.02 2.06
N2 NAG BB . 11.42 36.58 -0.31
O3 NAG BB . 10.03 38.75 -1.64
O4 NAG BB . 8.66 37.64 -4.16
O5 NAG BB . 11.80 35.86 -3.92
O6 NAG BB . 11.07 37.64 -6.29
O7 NAG BB . 11.73 38.70 0.38
C1 NAG BB . 7.96 38.91 -4.02
C2 NAG BB . 7.63 39.57 -5.37
C3 NAG BB . 6.73 40.81 -5.18
C4 NAG BB . 5.55 40.50 -4.29
C5 NAG BB . 6.01 39.85 -2.99
C6 NAG BB . 4.86 39.43 -2.09
C7 NAG BB . 9.81 40.73 -5.84
C8 NAG BB . 10.90 40.85 -6.86
N2 NAG BB . 8.81 39.88 -6.17
O3 NAG BB . 6.29 41.29 -6.44
O4 NAG BB . 4.87 41.71 -3.96
O5 NAG BB . 6.75 38.66 -3.30
O6 NAG BB . 3.63 40.01 -2.51
O7 NAG BB . 9.84 41.37 -4.79
C1 NAG CB . -33.18 -39.81 -7.95
C2 NAG CB . -32.50 -40.98 -7.21
C3 NAG CB . -31.34 -41.53 -8.05
C4 NAG CB . -31.77 -41.79 -9.49
C5 NAG CB . -32.47 -40.57 -10.07
C6 NAG CB . -32.98 -40.78 -11.48
C7 NAG CB . -32.35 -41.13 -4.75
C8 NAG CB . -31.76 -40.51 -3.52
N2 NAG CB . -32.03 -40.55 -5.91
O3 NAG CB . -30.91 -42.76 -7.47
O4 NAG CB . -30.64 -42.12 -10.31
O5 NAG CB . -33.59 -40.24 -9.24
O6 NAG CB . -31.96 -41.32 -12.31
O7 NAG CB . -33.07 -42.11 -4.69
C1 NAG DB . -56.42 -37.67 -10.12
C2 NAG DB . -56.81 -39.11 -10.44
C3 NAG DB . -56.40 -39.48 -11.86
C4 NAG DB . -56.94 -38.47 -12.87
C5 NAG DB . -56.55 -37.05 -12.47
C6 NAG DB . -57.16 -35.98 -13.34
C7 NAG DB . -56.91 -40.58 -8.48
C8 NAG DB . -56.14 -41.51 -7.59
N2 NAG DB . -56.23 -40.02 -9.48
O3 NAG DB . -56.86 -40.78 -12.17
O4 NAG DB . -56.44 -38.76 -14.16
O5 NAG DB . -56.99 -36.78 -11.12
O6 NAG DB . -57.47 -36.48 -14.64
O7 NAG DB . -58.11 -40.35 -8.31
C1 NAG EB . -57.71 -16.84 -3.95
C2 NAG EB . -58.17 -16.55 -2.52
C3 NAG EB . -58.84 -17.79 -1.89
C4 NAG EB . -59.91 -18.36 -2.80
C5 NAG EB . -59.35 -18.60 -4.20
C6 NAG EB . -60.39 -19.06 -5.20
C7 NAG EB . -55.99 -16.66 -1.30
C8 NAG EB . -55.06 -15.87 -0.42
N2 NAG EB . -57.11 -16.02 -1.66
O3 NAG EB . -59.40 -17.44 -0.63
O4 NAG EB . -60.39 -19.59 -2.27
O5 NAG EB . -58.79 -17.38 -4.72
O6 NAG EB . -61.24 -17.99 -5.59
O7 NAG EB . -55.70 -17.80 -1.65
C1 NAG FB . -51.10 -14.62 6.94
C2 NAG FB . -51.25 -13.11 6.82
C3 NAG FB . -52.32 -12.58 7.77
C4 NAG FB . -53.63 -13.33 7.60
C5 NAG FB . -53.37 -14.82 7.77
C6 NAG FB . -54.60 -15.68 7.55
C7 NAG FB . -49.55 -11.39 6.39
C8 NAG FB . -48.21 -10.85 6.79
N2 NAG FB . -49.98 -12.45 7.08
O3 NAG FB . -52.54 -11.20 7.49
O4 NAG FB . -54.58 -12.90 8.56
O5 NAG FB . -52.39 -15.24 6.81
O6 NAG FB . -55.12 -15.48 6.25
O7 NAG FB . -50.22 -10.86 5.51
C1 NAG GB . -17.70 -54.67 -27.12
C2 NAG GB . -18.79 -55.73 -27.38
C3 NAG GB . -19.24 -56.35 -26.07
C4 NAG GB . -18.05 -56.90 -25.30
C5 NAG GB . -16.98 -55.82 -25.11
C6 NAG GB . -15.72 -56.36 -24.49
C7 NAG GB . -20.08 -55.27 -29.42
C8 NAG GB . -21.29 -54.60 -30.00
N2 NAG GB . -19.91 -55.15 -28.10
O3 NAG GB . -20.17 -57.40 -26.34
O4 NAG GB . -18.48 -57.40 -24.03
O5 NAG GB . -16.62 -55.27 -26.39
O6 NAG GB . -15.31 -57.54 -25.17
O7 NAG GB . -19.29 -55.88 -30.14
C1 NAG HB . -11.50 -62.16 -38.31
C2 NAG HB . -10.13 -62.79 -38.67
C3 NAG HB . -9.72 -63.90 -37.67
C4 NAG HB . -9.84 -63.39 -36.24
C5 NAG HB . -11.23 -62.81 -36.00
C6 NAG HB . -11.36 -62.19 -34.63
C7 NAG HB . -10.51 -64.08 -40.91
C8 NAG HB . -11.55 -65.04 -40.37
N2 NAG HB . -9.94 -63.16 -40.08
O3 NAG HB . -8.39 -64.30 -37.94
O4 NAG HB . -9.60 -64.46 -35.33
O5 NAG HB . -11.50 -61.77 -36.93
O6 NAG HB . -11.34 -60.77 -34.71
O7 NAG HB . -10.16 -64.15 -42.08
C1 NAG IB . -29.21 -60.22 -46.04
C2 NAG IB . -30.05 -60.94 -47.11
C3 NAG IB . -31.54 -60.97 -46.74
C4 NAG IB . -31.73 -61.50 -45.33
C5 NAG IB . -30.82 -60.76 -44.33
C6 NAG IB . -30.89 -61.32 -42.93
C7 NAG IB . -29.94 -59.42 -49.23
C8 NAG IB . -30.48 -58.16 -48.55
N2 NAG IB . -29.79 -60.57 -48.52
O3 NAG IB . -32.26 -61.79 -47.67
O4 NAG IB . -33.08 -61.32 -44.92
O5 NAG IB . -29.44 -60.83 -44.75
O6 NAG IB . -29.67 -61.90 -42.52
O7 NAG IB . -29.63 -59.39 -50.42
C1 NAG JB . 39.95 -28.72 -18.11
C2 NAG JB . 40.82 -27.68 -18.87
C3 NAG JB . 40.18 -27.36 -20.23
C4 NAG JB . 39.82 -28.64 -20.98
C5 NAG JB . 39.01 -29.58 -20.09
C6 NAG JB . 38.68 -30.88 -20.77
C7 NAG JB . 42.13 -25.91 -17.74
C8 NAG JB . 42.04 -24.67 -16.90
N2 NAG JB . 40.96 -26.47 -18.07
O3 NAG JB . 41.11 -26.61 -21.00
O4 NAG JB . 39.07 -28.33 -22.16
O5 NAG JB . 39.78 -29.88 -18.93
O6 NAG JB . 38.12 -30.67 -22.06
O7 NAG JB . 43.20 -26.39 -18.09
C1 NAG KB . 48.92 -47.50 -7.35
C2 NAG KB . 49.96 -47.96 -8.38
C3 NAG KB . 49.26 -48.59 -9.59
C4 NAG KB . 48.31 -49.71 -9.15
C5 NAG KB . 47.35 -49.19 -8.09
C6 NAG KB . 46.46 -50.26 -7.51
C7 NAG KB . 52.04 -46.68 -8.36
C8 NAG KB . 52.76 -45.48 -8.89
N2 NAG KB . 50.79 -46.86 -8.80
O3 NAG KB . 50.24 -49.11 -10.48
O4 NAG KB . 47.58 -50.18 -10.27
O5 NAG KB . 48.08 -48.62 -6.99
O6 NAG KB . 46.28 -51.34 -8.42
O7 NAG KB . 52.57 -47.45 -7.56
C1 NAG LB . 38.37 -44.99 11.52
C2 NAG LB . 39.15 -44.39 12.69
C3 NAG LB . 40.67 -44.43 12.43
C4 NAG LB . 41.13 -45.82 12.00
C5 NAG LB . 40.28 -46.33 10.84
C6 NAG LB . 40.59 -47.76 10.46
C7 NAG LB . 38.77 -41.95 12.29
C8 NAG LB . 38.22 -40.70 12.92
N2 NAG LB . 38.71 -43.05 13.05
O3 NAG LB . 41.37 -44.01 13.59
O4 NAG LB . 42.49 -45.78 11.62
O5 NAG LB . 38.88 -46.30 11.20
O6 NAG LB . 40.07 -48.67 11.39
O7 NAG LB . 39.23 -41.93 11.15
C1 NAG MB . 39.22 -32.87 15.94
C2 NAG MB . 38.18 -33.11 17.03
C3 NAG MB . 38.84 -33.29 18.39
C4 NAG MB . 39.93 -34.36 18.34
C5 NAG MB . 40.93 -34.00 17.25
C6 NAG MB . 42.02 -35.03 17.06
C7 NAG MB . 35.92 -32.19 17.29
C8 NAG MB . 35.09 -30.95 17.29
N2 NAG MB . 37.23 -32.02 17.07
O3 NAG MB . 37.86 -33.68 19.35
O4 NAG MB . 40.60 -34.43 19.59
O5 NAG MB . 40.23 -33.90 16.00
O6 NAG MB . 41.46 -36.30 16.76
O7 NAG MB . 35.44 -33.30 17.50
C1 NAG NB . 32.53 -29.55 -45.89
C2 NAG NB . 33.65 -30.50 -46.31
C3 NAG NB . 35.00 -29.95 -45.87
C4 NAG NB . 35.19 -28.53 -46.38
C5 NAG NB . 34.01 -27.65 -45.97
C6 NAG NB . 34.07 -26.28 -46.61
C7 NAG NB . 32.92 -32.84 -46.48
C8 NAG NB . 32.76 -34.15 -45.77
N2 NAG NB . 33.45 -31.84 -45.78
O3 NAG NB . 36.05 -30.78 -46.35
O4 NAG NB . 36.41 -27.99 -45.87
O5 NAG NB . 32.78 -28.24 -46.42
O6 NAG NB . 34.34 -26.40 -48.00
O7 NAG NB . 32.59 -32.71 -47.66
C1 NAG OB . 28.78 -32.19 -60.00
C2 NAG OB . 28.35 -31.40 -61.25
C3 NAG OB . 29.43 -30.39 -61.71
C4 NAG OB . 29.88 -29.53 -60.53
C5 NAG OB . 30.30 -30.42 -59.36
C6 NAG OB . 30.65 -29.62 -58.12
C7 NAG OB . 28.26 -33.13 -63.20
C8 NAG OB . 29.73 -33.51 -63.13
N2 NAG OB . 27.77 -32.19 -62.35
O3 NAG OB . 28.91 -29.56 -62.73
O4 NAG OB . 30.98 -28.71 -60.91
O5 NAG OB . 29.23 -31.29 -58.98
O6 NAG OB . 29.62 -29.72 -57.15
O7 NAG OB . 27.51 -33.65 -64.02
C1 NAG PB . 32.24 -50.57 -54.80
C2 NAG PB . 32.60 -51.90 -55.51
C3 NAG PB . 33.55 -52.76 -54.66
C4 NAG PB . 34.74 -51.93 -54.20
C5 NAG PB . 34.30 -50.61 -53.55
C6 NAG PB . 35.46 -49.71 -53.18
C7 NAG PB . 30.38 -53.27 -55.58
C8 NAG PB . 30.13 -53.26 -54.08
N2 NAG PB . 31.49 -52.66 -56.10
O3 NAG PB . 33.99 -53.88 -55.42
O4 NAG PB . 35.51 -52.67 -53.26
O5 NAG PB . 33.46 -49.87 -54.45
O6 NAG PB . 35.46 -48.51 -53.93
O7 NAG PB . 29.58 -53.84 -56.32
C1 NAG QB . -9.50 18.50 -48.14
C2 NAG QB . -11.03 18.60 -48.17
C3 NAG QB . -11.64 17.21 -48.38
C4 NAG QB . -10.97 16.47 -49.54
C5 NAG QB . -9.47 16.50 -49.39
C6 NAG QB . -8.74 15.84 -50.55
C7 NAG QB . -12.32 20.27 -46.89
C8 NAG QB . -12.71 20.72 -45.51
N2 NAG QB . -11.52 19.19 -46.95
O3 NAG QB . -13.03 17.37 -48.67
O4 NAG QB . -11.43 15.12 -49.60
O5 NAG QB . -9.03 17.86 -49.33
O6 NAG QB . -9.28 14.55 -50.81
O7 NAG QB . -12.72 20.85 -47.89
C1 NAG RB . 4.66 32.94 -59.98
C2 NAG RB . 3.92 33.03 -61.31
C3 NAG RB . 4.08 31.73 -62.10
C4 NAG RB . 5.54 31.36 -62.24
C5 NAG RB . 6.23 31.33 -60.87
C6 NAG RB . 7.72 31.10 -60.94
C7 NAG RB . 2.00 34.56 -61.31
C8 NAG RB . 0.53 34.71 -61.05
N2 NAG RB . 2.52 33.34 -61.11
O3 NAG RB . 3.48 31.89 -63.37
O4 NAG RB . 5.65 30.08 -62.86
O5 NAG RB . 6.05 32.59 -60.22
O6 NAG RB . 8.08 30.38 -62.13
O7 NAG RB . 2.69 35.51 -61.68
C1 NAG SB . 18.02 37.63 -43.45
C2 NAG SB . 17.83 38.98 -42.74
C3 NAG SB . 16.97 39.93 -43.58
C4 NAG SB . 17.48 40.03 -45.01
C5 NAG SB . 17.65 38.64 -45.62
C6 NAG SB . 18.27 38.67 -47.00
C7 NAG SB . 16.12 38.34 -41.03
C8 NAG SB . 15.85 38.32 -39.56
N2 NAG SB . 17.32 38.85 -41.39
O3 NAG SB . 16.94 41.21 -42.98
O4 NAG SB . 16.57 40.79 -45.81
O5 NAG SB . 18.51 37.84 -44.79
O6 NAG SB . 19.67 38.94 -46.93
O7 NAG SB . 15.28 37.93 -41.82
C1 NAG TB . 11.52 40.84 -32.76
C2 NAG TB . 12.77 40.80 -31.88
C3 NAG TB . 13.28 42.22 -31.58
C4 NAG TB . 13.44 43.02 -32.86
C5 NAG TB . 12.13 43.01 -33.63
C6 NAG TB . 12.20 43.73 -34.95
C7 NAG TB . 13.40 39.27 -30.07
C8 NAG TB . 12.95 38.60 -28.80
N2 NAG TB . 12.51 40.09 -30.64
O3 NAG TB . 14.53 42.13 -30.92
O4 NAG TB . 13.81 44.36 -32.56
O5 NAG TB . 11.75 41.66 -33.91
O6 NAG TB . 13.20 43.16 -35.78
O7 NAG TB . 14.51 39.08 -30.54
C1 NAG UB . -19.70 -5.57 -60.15
C2 NAG UB . -19.83 -4.98 -61.56
C3 NAG UB . -20.64 -3.70 -61.53
C4 NAG UB . -22.00 -3.94 -60.86
C5 NAG UB . -21.81 -4.58 -59.48
C6 NAG UB . -23.12 -4.99 -58.86
C7 NAG UB . -17.93 -5.57 -63.02
C8 NAG UB . -16.57 -5.16 -63.51
N2 NAG UB . -18.52 -4.74 -62.14
O3 NAG UB . -20.84 -3.22 -62.85
O4 NAG UB . -22.72 -2.72 -60.74
O5 NAG UB . -21.01 -5.77 -59.61
O6 NAG UB . -23.89 -5.73 -59.79
O7 NAG UB . -18.47 -6.61 -63.39
C1 NAG VB . -23.37 -17.69 -67.85
C2 NAG VB . -24.36 -18.88 -67.76
C3 NAG VB . -25.83 -18.41 -67.76
C4 NAG VB . -26.04 -17.31 -66.72
C5 NAG VB . -25.02 -16.19 -66.92
C6 NAG VB . -25.10 -15.14 -65.84
C7 NAG VB . -24.12 -20.19 -70.00
C8 NAG VB . -24.56 -19.05 -70.90
N2 NAG VB . -24.10 -20.02 -68.66
O3 NAG VB . -26.67 -19.51 -67.47
O4 NAG VB . -27.35 -16.78 -66.82
O5 NAG VB . -23.69 -16.71 -66.87
O6 NAG VB . -24.01 -15.25 -64.94
O7 NAG VB . -23.82 -21.28 -70.49
C1 NAG WB . -9.65 -11.07 -79.89
C2 NAG WB . -9.29 -11.24 -81.39
C3 NAG WB . -8.72 -9.93 -81.99
C4 NAG WB . -9.65 -8.77 -81.69
C5 NAG WB . -10.00 -8.71 -80.19
C6 NAG WB . -11.01 -7.63 -79.86
C7 NAG WB . -7.26 -12.89 -81.43
C8 NAG WB . -6.36 -12.06 -80.51
N2 NAG WB . -8.51 -12.44 -81.75
O3 NAG WB . -8.56 -10.08 -83.40
O4 NAG WB . -9.03 -7.55 -82.06
O5 NAG WB . -10.56 -9.96 -79.74
O6 NAG WB . -12.23 -8.17 -79.39
O7 NAG WB . -6.86 -13.96 -81.89
#